data_1W8X
#
_entry.id   1W8X
#
_cell.length_a   903.000
_cell.length_b   920.600
_cell.length_c   926.200
_cell.angle_alpha   90.00
_cell.angle_beta   90.00
_cell.angle_gamma   90.00
#
_symmetry.space_group_name_H-M   'P 21 21 21'
#
loop_
_entity.id
_entity.type
_entity.pdbx_description
1 polymer 'MAJOR CAPSID PROTEIN (PROTEIN P3)'
2 polymer 'PROTEIN P30'
3 polymer 'PROTEIN P31'
4 polymer 'PROTEIN P16'
#
loop_
_entity_poly.entity_id
_entity_poly.type
_entity_poly.pdbx_seq_one_letter_code
_entity_poly.pdbx_strand_id
1 'polypeptide(L)'
;MAQVQQLTPAQQAALRNQQAMAANLQARQIVLQQSYPVIQQVETQTFDPANRSVFDVTPANVGIVKGFLVKVTAAITNNH
ATEAVALTDFGPANLVQRVIYYDPDNQRHTETSGWHLHFVNTAKQGAPFLSSMVTDSPIKYGDVMNVIDAPATIAAGATG
ELTMYYWVPLAYSETDLTGAVLANVPQSKQRLKLEFANNNTAFAAVGANPLEAIYQGAGAADCEFEEISYTVYQSYLDQL
PVGQNGYILPLIDLSTLYNLENSAQAGLTPNVDFVVQYANLYRYLSTIAVFDNGGSFNAGTDINYLSQRTANFSDTRKLD
PKTWAAQTRRRIATDFPKGVYYCDNRDKPIYTLQYGNVGFVVNPKTVNQNARLLMGYEYFTSRTELVNAGTISTT
;
A,B,C,D,E,F,G,H,I,J,K,L
2 'polypeptide(L)'
;ALINPQFPYAGPVPIPGPAPTETMPLLNYRVEGRIAGIQQARQFMPFLQGPHRAVAEQTYHAIGTGIQMGQTFNQPLINT
QEG
;
M
3 'polypeptide(L)'
;MNVNNPNQMTVTPVYNGCDSGEGPQSVRGYFDAVAGENVKYDLTYLADTQGFTGVQCIYIDNAENDGAFEIDVEETGQRI
KCPAGKQGYFPLLVPGRAKFVARHLGSGKKSVPLFFLNFTIAQGVW
;
N
4 'polypeptide(L)'
;MDKKKLLYWVGGGLVLILIWLWFRNRPAAQVASNWEGPPYMTYNQPQAGSVTLPVAGYTSPSPTLPNRNRSCGCNPAVSA
AMAQGADLASKLTDSITSQLNDYASSLNDYLASQAGV
;
P
#
# COMPACT_ATOMS: atom_id res chain seq x y z
N GLN A 11 -22.67 46.80 -6.80
CA GLN A 11 -22.00 45.85 -7.66
C GLN A 11 -20.68 46.43 -8.26
N GLN A 12 -20.56 47.78 -8.25
CA GLN A 12 -19.39 48.48 -8.84
C GLN A 12 -18.13 48.43 -7.95
N ALA A 13 -18.37 48.24 -6.62
CA ALA A 13 -17.27 48.36 -5.58
C ALA A 13 -15.97 47.62 -5.89
N ALA A 14 -16.10 46.32 -6.15
CA ALA A 14 -14.93 45.51 -6.41
C ALA A 14 -14.22 45.97 -7.65
N LEU A 15 -14.97 46.41 -8.67
CA LEU A 15 -14.33 46.83 -9.91
C LEU A 15 -13.52 48.12 -9.72
N ARG A 16 -14.13 49.00 -8.97
CA ARG A 16 -13.50 50.30 -8.64
C ARG A 16 -12.21 50.06 -7.91
N ASN A 17 -12.26 49.10 -7.01
CA ASN A 17 -11.07 48.70 -6.23
C ASN A 17 -9.99 48.10 -7.15
N GLN A 18 -10.39 47.15 -7.99
CA GLN A 18 -9.42 46.50 -8.91
C GLN A 18 -8.76 47.54 -9.80
N GLN A 19 -9.59 48.46 -10.36
CA GLN A 19 -9.06 49.52 -11.23
C GLN A 19 -8.10 50.45 -10.46
N ALA A 20 -8.51 50.82 -9.24
CA ALA A 20 -7.62 51.71 -8.44
C ALA A 20 -6.29 50.98 -8.18
N MET A 21 -6.36 49.69 -7.89
CA MET A 21 -5.13 48.90 -7.62
C MET A 21 -4.29 48.84 -8.88
N ALA A 22 -4.95 48.63 -10.01
CA ALA A 22 -4.20 48.56 -11.30
C ALA A 22 -3.50 49.86 -11.58
N ALA A 23 -4.04 50.99 -11.19
CA ALA A 23 -3.54 52.34 -11.39
C ALA A 23 -2.50 52.77 -10.37
N ASN A 24 -2.34 52.05 -9.28
CA ASN A 24 -1.41 52.48 -8.23
C ASN A 24 0.06 52.29 -8.59
N LEU A 25 -0.38 50.46 -9.18
CA LEU A 25 0.71 49.58 -9.57
C LEU A 25 1.54 50.13 -10.74
N GLN A 26 0.87 50.74 -11.72
CA GLN A 26 1.58 51.30 -12.86
C GLN A 26 2.44 52.47 -12.41
N ALA A 27 1.88 53.31 -11.54
CA ALA A 27 2.61 54.47 -11.02
C ALA A 27 3.83 54.01 -10.22
N ARG A 28 3.66 52.94 -9.45
CA ARG A 28 4.76 52.42 -8.64
C ARG A 28 5.91 52.02 -9.54
N GLN A 29 5.60 51.30 -10.61
CA GLN A 29 6.59 50.85 -11.56
C GLN A 29 7.31 52.01 -12.25
N ILE A 30 6.58 53.06 -12.58
CA ILE A 30 7.20 54.22 -13.22
C ILE A 30 8.16 54.88 -12.24
N VAL A 31 7.73 55.00 -10.98
CA VAL A 31 8.58 55.60 -9.97
C VAL A 31 9.86 54.80 -9.78
N LEU A 32 9.73 53.48 -9.66
CA LEU A 32 10.90 52.62 -9.47
C LEU A 32 11.83 52.69 -10.66
N GLN A 33 11.25 52.75 -11.86
CA GLN A 33 12.01 52.81 -13.10
C GLN A 33 12.69 54.15 -13.33
N GLN A 34 11.96 55.20 -13.14
CA GLN A 34 12.50 56.53 -13.42
C GLN A 34 13.36 57.22 -12.37
N SER A 35 13.09 57.00 -11.10
CA SER A 35 13.88 57.67 -10.06
C SER A 35 15.20 56.95 -9.85
N TYR A 36 16.07 57.53 -9.03
CA TYR A 36 17.35 56.90 -8.74
C TYR A 36 17.51 56.76 -7.23
N PRO A 37 17.86 55.56 -6.75
CA PRO A 37 18.05 55.25 -5.34
C PRO A 37 19.29 55.92 -4.77
N VAL A 38 19.16 56.46 -3.56
CA VAL A 38 20.27 57.11 -2.89
C VAL A 38 20.31 56.66 -1.43
N ILE A 39 21.50 56.40 -0.92
CA ILE A 39 21.65 56.07 0.49
C ILE A 39 22.65 57.13 0.92
N GLN A 40 22.28 57.91 1.92
CA GLN A 40 23.11 59.02 2.35
C GLN A 40 23.18 59.20 3.85
N GLN A 41 24.37 59.50 4.36
CA GLN A 41 24.53 59.71 5.79
C GLN A 41 23.80 60.99 6.16
N VAL A 42 23.02 60.95 7.23
CA VAL A 42 22.32 62.16 7.65
C VAL A 42 22.80 62.62 9.01
N GLU A 43 23.40 61.73 9.79
CA GLU A 43 23.88 62.10 11.11
C GLU A 43 24.76 61.06 11.78
N THR A 44 25.79 61.53 12.48
CA THR A 44 26.68 60.65 13.23
C THR A 44 26.90 61.31 14.58
N GLN A 45 27.05 60.52 15.62
CA GLN A 45 27.27 61.09 16.94
C GLN A 45 27.88 60.07 17.90
N THR A 46 28.76 60.55 18.77
CA THR A 46 29.42 59.70 19.74
C THR A 46 29.08 60.29 21.10
N PHE A 47 28.76 59.44 22.06
CA PHE A 47 28.37 59.94 23.36
C PHE A 47 28.63 58.91 24.46
N ASP A 48 28.43 59.35 25.71
CA ASP A 48 28.59 58.49 26.88
C ASP A 48 27.21 58.33 27.47
N PRO A 49 26.70 57.09 27.51
CA PRO A 49 25.38 56.75 28.05
C PRO A 49 25.13 57.28 29.47
N ALA A 50 26.20 57.59 30.18
CA ALA A 50 26.05 58.10 31.54
C ALA A 50 25.41 59.50 31.50
N ASN A 51 25.64 60.22 30.41
CA ASN A 51 25.11 61.57 30.23
C ASN A 51 23.80 61.65 29.46
N ARG A 52 23.66 60.81 28.45
CA ARG A 52 22.44 60.81 27.65
C ARG A 52 22.33 59.53 26.82
N SER A 53 21.11 59.14 26.50
CA SER A 53 20.89 57.93 25.73
C SER A 53 19.68 58.01 24.80
N VAL A 54 19.03 59.17 24.77
CA VAL A 54 17.87 59.37 23.89
C VAL A 54 18.20 60.47 22.89
N PHE A 55 18.05 60.16 21.60
CA PHE A 55 18.34 61.13 20.54
C PHE A 55 17.23 61.23 19.53
N ASP A 56 17.01 62.43 19.01
CA ASP A 56 15.98 62.66 18.01
C ASP A 56 16.72 63.07 16.75
N VAL A 57 16.78 62.17 15.76
CA VAL A 57 17.47 62.43 14.50
C VAL A 57 16.51 63.07 13.51
N THR A 58 16.99 64.08 12.80
CA THR A 58 16.14 64.75 11.82
C THR A 58 16.56 64.35 10.41
N PRO A 59 15.74 63.53 9.75
CA PRO A 59 16.00 63.07 8.39
C PRO A 59 15.94 64.23 7.41
N ALA A 60 16.44 64.02 6.21
CA ALA A 60 16.40 65.06 5.19
C ALA A 60 15.03 64.93 4.50
N ASN A 61 14.43 66.05 4.15
CA ASN A 61 13.14 66.03 3.47
C ASN A 61 13.40 66.04 1.96
N VAL A 62 13.63 64.86 1.40
CA VAL A 62 13.90 64.76 -0.04
C VAL A 62 13.29 63.52 -0.68
N GLY A 63 12.60 63.72 -1.79
CA GLY A 63 11.98 62.62 -2.51
C GLY A 63 11.10 61.68 -1.71
N ILE A 64 11.13 60.41 -2.05
CA ILE A 64 10.35 59.38 -1.36
C ILE A 64 11.32 58.62 -0.46
N VAL A 65 11.08 58.69 0.86
CA VAL A 65 11.95 58.02 1.82
C VAL A 65 11.51 56.57 2.03
N LYS A 66 12.46 55.66 1.91
CA LYS A 66 12.18 54.23 2.04
C LYS A 66 12.54 53.66 3.41
N GLY A 67 13.57 54.21 4.04
CA GLY A 67 13.97 53.70 5.33
C GLY A 67 15.27 54.27 5.82
N PHE A 68 15.71 53.79 6.99
CA PHE A 68 16.95 54.27 7.58
C PHE A 68 17.82 53.10 8.04
N LEU A 69 19.10 53.15 7.69
CA LEU A 69 20.02 52.11 8.13
C LEU A 69 20.75 52.74 9.31
N VAL A 70 20.63 52.15 10.49
CA VAL A 70 21.27 52.70 11.66
C VAL A 70 22.43 51.83 12.10
N LYS A 71 23.63 52.41 12.06
CA LYS A 71 24.86 51.73 12.47
C LYS A 71 25.17 52.16 13.90
N VAL A 72 25.40 51.19 14.78
CA VAL A 72 25.71 51.48 16.18
C VAL A 72 26.97 50.74 16.58
N THR A 73 27.94 51.46 17.15
CA THR A 73 29.17 50.83 17.63
C THR A 73 29.30 51.19 19.10
N ALA A 74 29.92 50.31 19.88
CA ALA A 74 30.06 50.60 21.30
C ALA A 74 31.27 49.87 21.87
N ALA A 75 31.84 50.46 22.92
CA ALA A 75 32.94 49.85 23.63
C ALA A 75 32.41 49.67 25.05
N ILE A 76 32.50 48.45 25.55
CA ILE A 76 32.02 48.10 26.87
C ILE A 76 33.21 47.62 27.71
N THR A 77 33.39 48.23 28.88
CA THR A 77 34.47 47.86 29.76
C THR A 77 33.97 47.13 31.00
N ASN A 78 34.55 45.95 31.25
CA ASN A 78 34.19 45.18 32.44
C ASN A 78 35.22 45.60 33.49
N ASN A 79 34.84 46.50 34.38
CA ASN A 79 35.76 46.98 35.42
C ASN A 79 35.77 46.10 36.66
N HIS A 80 35.07 44.97 36.60
CA HIS A 80 35.03 44.09 37.76
C HIS A 80 36.44 43.60 38.05
N ALA A 81 36.71 43.30 39.30
CA ALA A 81 38.03 42.82 39.69
C ALA A 81 38.37 41.44 39.15
N THR A 82 37.42 40.51 39.23
CA THR A 82 37.68 39.13 38.82
C THR A 82 36.60 38.37 38.04
N GLU A 83 35.39 38.91 37.94
CA GLU A 83 34.30 38.21 37.25
C GLU A 83 34.01 38.72 35.84
N ALA A 84 33.72 37.78 34.94
CA ALA A 84 33.42 38.12 33.55
C ALA A 84 31.91 38.20 33.34
N VAL A 85 31.52 38.57 32.12
CA VAL A 85 30.11 38.59 31.74
C VAL A 85 30.06 37.97 30.35
N ALA A 86 28.90 37.46 29.97
CA ALA A 86 28.73 36.85 28.66
C ALA A 86 27.49 37.39 27.98
N LEU A 87 27.50 37.37 26.66
CA LEU A 87 26.35 37.84 25.90
C LEU A 87 25.05 37.19 26.29
N THR A 88 23.98 37.97 26.32
CA THR A 88 22.64 37.44 26.56
C THR A 88 22.22 36.86 25.19
N ASP A 89 21.04 36.27 25.10
CA ASP A 89 20.57 35.73 23.82
C ASP A 89 20.40 36.81 22.75
N PHE A 90 19.99 38.03 23.16
CA PHE A 90 19.81 39.10 22.18
C PHE A 90 21.10 39.89 21.95
N GLY A 91 21.97 39.91 22.95
CA GLY A 91 23.25 40.58 22.80
C GLY A 91 23.25 41.97 22.21
N PRO A 92 24.02 42.21 21.13
CA PRO A 92 24.06 43.55 20.53
C PRO A 92 22.74 44.05 19.96
N ALA A 93 21.75 43.17 19.81
CA ALA A 93 20.46 43.63 19.30
C ALA A 93 19.79 44.53 20.35
N ASN A 94 20.33 44.53 21.57
CA ASN A 94 19.79 45.42 22.60
C ASN A 94 20.58 46.74 22.74
N LEU A 95 21.46 47.04 21.78
CA LEU A 95 22.20 48.29 21.81
C LEU A 95 21.22 49.46 21.63
N VAL A 96 20.12 49.20 20.91
CA VAL A 96 19.07 50.19 20.76
C VAL A 96 17.89 49.59 21.53
N GLN A 97 17.37 50.31 22.51
CA GLN A 97 16.24 49.80 23.29
C GLN A 97 14.91 50.03 22.57
N ARG A 98 14.75 51.21 21.98
CA ARG A 98 13.52 51.54 21.26
C ARG A 98 13.75 52.50 20.11
N VAL A 99 12.80 52.47 19.17
CA VAL A 99 12.82 53.35 18.03
C VAL A 99 11.39 53.87 17.77
N ILE A 100 11.26 55.13 17.37
CA ILE A 100 9.97 55.66 17.01
C ILE A 100 10.16 56.59 15.83
N TYR A 101 9.30 56.47 14.83
CA TYR A 101 9.40 57.35 13.66
C TYR A 101 8.10 58.15 13.46
N TYR A 102 8.24 59.46 13.27
CA TYR A 102 7.10 60.35 12.99
C TYR A 102 7.32 60.93 11.61
N ASP A 103 6.31 60.90 10.74
CA ASP A 103 6.47 61.48 9.41
C ASP A 103 6.19 62.99 9.42
N PRO A 104 6.34 63.67 8.27
CA PRO A 104 6.09 65.13 8.20
C PRO A 104 4.70 65.57 8.61
N ASP A 105 3.73 64.66 8.59
CA ASP A 105 2.36 64.96 8.96
C ASP A 105 2.08 64.60 10.42
N ASN A 106 3.15 64.41 11.20
CA ASN A 106 3.01 64.10 12.62
C ASN A 106 2.38 62.73 12.88
N GLN A 107 2.34 61.86 11.86
CA GLN A 107 1.78 60.53 12.05
C GLN A 107 2.90 59.54 12.37
N ARG A 108 2.71 58.72 13.40
CA ARG A 108 3.70 57.73 13.76
C ARG A 108 3.63 56.50 12.89
N HIS A 109 4.79 55.93 12.60
CA HIS A 109 4.81 54.68 11.87
C HIS A 109 5.32 53.68 12.89
N THR A 110 6.54 53.17 12.71
CA THR A 110 7.06 52.20 13.67
C THR A 110 7.32 52.77 15.07
N GLU A 111 6.93 51.99 16.08
CA GLU A 111 7.19 52.32 17.49
C GLU A 111 7.40 50.95 18.14
N THR A 112 8.66 50.54 18.23
CA THR A 112 8.93 49.22 18.79
C THR A 112 10.31 49.12 19.46
N SER A 113 10.63 47.94 19.96
CA SER A 113 11.91 47.71 20.62
C SER A 113 13.02 47.40 19.61
N GLY A 114 14.27 47.62 20.01
CA GLY A 114 15.36 47.30 19.11
C GLY A 114 15.39 45.80 18.78
N TRP A 115 15.16 44.95 19.78
CA TRP A 115 15.20 43.52 19.48
C TRP A 115 14.09 43.07 18.53
N HIS A 116 12.90 43.66 18.65
CA HIS A 116 11.81 43.26 17.74
C HIS A 116 12.16 43.73 16.33
N LEU A 117 12.63 44.98 16.22
CA LEU A 117 13.02 45.53 14.92
C LEU A 117 14.06 44.61 14.26
N HIS A 118 15.05 44.17 15.05
CA HIS A 118 16.08 43.28 14.54
C HIS A 118 15.50 41.94 14.06
N PHE A 119 14.60 41.36 14.84
CA PHE A 119 14.02 40.08 14.43
C PHE A 119 13.23 40.20 13.13
N VAL A 120 12.56 41.35 12.93
CA VAL A 120 11.82 41.56 11.69
C VAL A 120 12.83 41.74 10.53
N ASN A 121 13.95 42.43 10.80
CA ASN A 121 14.98 42.61 9.78
C ASN A 121 15.43 41.20 9.31
N THR A 122 15.60 40.30 10.27
CA THR A 122 15.98 38.92 9.97
C THR A 122 14.86 38.19 9.17
N ALA A 123 13.63 38.29 9.64
CA ALA A 123 12.51 37.64 8.94
C ALA A 123 12.42 38.12 7.49
N LYS A 124 12.61 39.42 7.26
CA LYS A 124 12.53 39.97 5.91
C LYS A 124 13.70 39.56 5.02
N GLN A 125 14.88 39.37 5.61
CA GLN A 125 16.03 38.94 4.82
C GLN A 125 15.95 37.44 4.49
N GLY A 126 15.34 36.66 5.38
CA GLY A 126 15.26 35.22 5.15
C GLY A 126 16.45 34.50 5.79
N ALA A 127 17.20 35.23 6.61
CA ALA A 127 18.37 34.70 7.32
C ALA A 127 18.78 35.74 8.37
N PRO A 128 19.55 35.33 9.39
CA PRO A 128 20.00 36.30 10.42
C PRO A 128 20.49 37.56 9.71
N PHE A 129 19.89 38.69 10.05
CA PHE A 129 20.21 39.96 9.40
C PHE A 129 21.67 40.31 9.29
N LEU A 130 22.11 40.60 8.06
CA LEU A 130 23.50 40.99 7.77
C LEU A 130 24.55 40.00 8.31
N SER A 131 24.18 38.73 8.40
CA SER A 131 25.11 37.71 8.88
C SER A 131 26.01 37.19 7.76
N SER A 132 27.06 36.51 8.17
CA SER A 132 28.00 35.88 7.25
C SER A 132 27.82 34.37 7.43
N MET A 133 27.33 33.72 6.38
CA MET A 133 27.08 32.28 6.38
C MET A 133 28.41 31.54 6.29
N VAL A 134 28.52 30.43 7.01
CA VAL A 134 29.74 29.64 6.97
C VAL A 134 29.65 28.58 5.88
N THR A 135 30.71 28.44 5.07
CA THR A 135 30.75 27.43 4.00
C THR A 135 32.15 26.80 3.99
N ASP A 136 32.30 25.75 3.17
CA ASP A 136 33.57 25.05 3.03
C ASP A 136 34.48 25.74 2.01
N SER A 137 34.11 26.93 1.53
CA SER A 137 34.96 27.53 0.50
C SER A 137 36.40 27.77 0.95
N PRO A 138 37.38 27.31 0.15
CA PRO A 138 38.79 27.51 0.50
C PRO A 138 39.18 28.98 0.27
N ILE A 139 38.44 29.67 -0.62
CA ILE A 139 38.70 31.08 -0.89
C ILE A 139 38.29 31.79 0.41
N LYS A 140 39.08 32.74 0.87
CA LYS A 140 38.78 33.32 2.17
C LYS A 140 37.65 34.31 2.37
N TYR A 141 36.45 33.88 1.95
CA TYR A 141 35.21 34.63 2.24
C TYR A 141 35.02 34.31 3.72
N GLY A 142 34.10 35.03 4.38
CA GLY A 142 33.85 34.73 5.78
C GLY A 142 33.53 35.99 6.54
N ASP A 143 33.70 35.93 7.85
CA ASP A 143 33.45 37.10 8.66
C ASP A 143 34.73 37.92 8.62
N VAL A 144 34.86 38.69 7.55
CA VAL A 144 36.01 39.53 7.29
C VAL A 144 35.82 40.93 7.85
N MET A 145 34.61 41.46 7.67
CA MET A 145 34.28 42.82 8.06
C MET A 145 33.52 43.03 9.37
N ASN A 146 33.19 41.95 10.07
CA ASN A 146 32.50 42.07 11.35
C ASN A 146 31.36 43.08 11.33
N VAL A 147 30.45 42.92 10.37
CA VAL A 147 29.33 43.83 10.21
C VAL A 147 28.42 43.91 11.43
N ILE A 148 28.01 42.77 11.97
CA ILE A 148 27.24 42.74 13.22
C ILE A 148 28.12 41.83 14.06
N ASP A 149 28.62 42.36 15.17
CA ASP A 149 29.62 41.63 15.92
C ASP A 149 29.65 42.01 17.39
N ALA A 150 29.97 41.05 18.25
CA ALA A 150 30.10 41.30 19.69
C ALA A 150 30.84 40.15 20.35
N PRO A 151 31.80 40.45 21.26
CA PRO A 151 32.56 39.42 21.95
C PRO A 151 31.62 38.51 22.75
N ALA A 152 31.83 37.20 22.67
CA ALA A 152 30.99 36.26 23.39
C ALA A 152 31.06 36.52 24.90
N THR A 153 32.23 36.94 25.35
CA THR A 153 32.41 37.25 26.76
C THR A 153 33.36 38.44 26.85
N ILE A 154 33.29 39.15 27.96
CA ILE A 154 34.20 40.26 28.21
C ILE A 154 34.73 39.92 29.60
N ALA A 155 36.00 39.57 29.68
CA ALA A 155 36.61 39.17 30.94
C ALA A 155 36.84 40.37 31.86
N ALA A 156 37.00 40.08 33.15
CA ALA A 156 37.26 41.11 34.15
C ALA A 156 38.43 41.94 33.70
N GLY A 157 38.22 43.25 33.63
CA GLY A 157 39.29 44.16 33.23
C GLY A 157 39.40 44.41 31.74
N ALA A 158 38.62 43.68 30.94
CA ALA A 158 38.69 43.83 29.49
C ALA A 158 37.68 44.81 28.90
N THR A 159 37.94 45.24 27.67
CA THR A 159 37.04 46.14 26.96
C THR A 159 36.68 45.45 25.64
N GLY A 160 35.38 45.33 25.38
CA GLY A 160 34.94 44.69 24.15
C GLY A 160 34.35 45.71 23.19
N GLU A 161 34.50 45.45 21.90
CA GLU A 161 34.00 46.33 20.85
C GLU A 161 32.83 45.65 20.12
N LEU A 162 31.73 46.36 19.99
CA LEU A 162 30.52 45.81 19.37
C LEU A 162 30.04 46.63 18.19
N THR A 163 29.39 45.97 17.23
CA THR A 163 28.84 46.66 16.07
C THR A 163 27.46 46.06 15.81
N MET A 164 26.48 46.92 15.60
CA MET A 164 25.10 46.47 15.35
C MET A 164 24.48 47.33 14.27
N TYR A 165 23.64 46.74 13.44
CA TYR A 165 22.93 47.48 12.40
C TYR A 165 21.44 47.17 12.50
N TYR A 166 20.62 48.18 12.25
CA TYR A 166 19.16 48.05 12.25
C TYR A 166 18.65 48.75 11.00
N TRP A 167 17.61 48.19 10.38
CA TRP A 167 17.00 48.85 9.25
C TRP A 167 15.61 49.25 9.73
N VAL A 168 15.35 50.56 9.75
CA VAL A 168 14.04 51.04 10.16
C VAL A 168 13.30 51.24 8.83
N PRO A 169 12.32 50.39 8.54
CA PRO A 169 11.59 50.50 7.28
C PRO A 169 10.42 51.48 7.28
N LEU A 170 10.20 52.11 6.13
CA LEU A 170 9.03 52.96 5.94
C LEU A 170 8.38 52.16 4.80
N ALA A 171 9.08 52.07 3.67
CA ALA A 171 8.60 51.28 2.54
C ALA A 171 8.70 49.81 2.96
N TYR A 172 7.79 48.98 2.47
CA TYR A 172 7.82 47.56 2.81
C TYR A 172 9.09 46.87 2.29
N SER A 173 9.51 47.17 1.07
CA SER A 173 10.71 46.56 0.49
C SER A 173 11.31 47.47 -0.58
N GLU A 174 12.32 46.97 -1.29
CA GLU A 174 12.94 47.76 -2.35
C GLU A 174 12.01 47.87 -3.57
N THR A 175 11.10 46.92 -3.72
CA THR A 175 10.19 46.91 -4.86
C THR A 175 8.73 47.22 -4.52
N ASP A 176 8.39 47.18 -3.24
CA ASP A 176 7.02 47.48 -2.79
C ASP A 176 7.09 48.74 -1.94
N LEU A 177 6.63 49.86 -2.50
CA LEU A 177 6.71 51.14 -1.79
C LEU A 177 5.59 51.42 -0.78
N THR A 178 4.77 50.42 -0.51
CA THR A 178 3.70 50.56 0.47
C THR A 178 4.36 51.01 1.78
N GLY A 179 3.89 52.10 2.34
CA GLY A 179 4.44 52.58 3.61
C GLY A 179 5.53 53.63 3.45
N ALA A 180 5.99 53.86 2.23
CA ALA A 180 7.02 54.86 2.01
C ALA A 180 6.45 56.26 2.31
N VAL A 181 7.35 57.21 2.53
CA VAL A 181 6.97 58.58 2.87
C VAL A 181 7.45 59.64 1.87
N LEU A 182 6.52 60.45 1.37
CA LEU A 182 6.87 61.52 0.43
C LEU A 182 7.34 62.69 1.31
N ALA A 183 8.63 63.05 1.20
CA ALA A 183 9.20 64.10 2.02
C ALA A 183 9.73 65.34 1.28
N ASN A 184 9.61 65.32 0.26
CA ASN A 184 9.84 66.54 -0.56
C ASN A 184 8.58 67.43 -0.63
N VAL A 185 7.48 67.10 0.01
CA VAL A 185 6.24 67.88 -0.05
C VAL A 185 6.03 68.90 1.08
N PRO A 186 6.84 68.85 2.11
CA PRO A 186 6.66 69.76 3.30
C PRO A 186 7.99 70.23 3.83
N GLN A 187 8.00 71.37 4.58
CA GLN A 187 9.15 71.86 5.35
C GLN A 187 9.15 71.26 6.75
N SER A 188 7.96 70.74 7.07
CA SER A 188 7.71 70.06 8.34
C SER A 188 8.67 68.88 8.49
N LYS A 189 9.37 68.83 9.61
CA LYS A 189 10.37 67.80 9.85
C LYS A 189 9.91 66.40 10.25
N GLN A 190 10.76 65.43 9.90
CA GLN A 190 10.53 64.05 10.24
C GLN A 190 11.23 63.90 11.57
N ARG A 191 10.87 62.88 12.32
CA ARG A 191 11.51 62.63 13.59
C ARG A 191 11.84 61.14 13.69
N LEU A 192 13.12 60.81 13.82
CA LEU A 192 13.52 59.40 14.01
C LEU A 192 14.08 59.41 15.44
N LYS A 193 13.29 58.90 16.38
CA LYS A 193 13.72 58.87 17.78
C LYS A 193 14.40 57.55 18.12
N LEU A 194 15.57 57.65 18.74
CA LEU A 194 16.32 56.46 19.12
C LEU A 194 16.69 56.48 20.58
N GLU A 195 16.35 55.42 21.30
CA GLU A 195 16.73 55.32 22.70
C GLU A 195 17.73 54.18 22.81
N PHE A 196 18.96 54.52 23.19
CA PHE A 196 20.02 53.53 23.32
C PHE A 196 20.13 52.86 24.68
N ALA A 197 20.83 51.73 24.71
CA ALA A 197 21.08 51.02 25.94
C ALA A 197 21.91 51.99 26.80
N ASN A 198 21.89 51.78 28.10
CA ASN A 198 22.68 52.61 29.01
C ASN A 198 23.30 51.70 30.09
N ASN A 199 23.98 52.29 31.06
CA ASN A 199 24.61 51.48 32.09
C ASN A 199 23.63 50.77 33.00
N ASN A 200 22.36 51.13 32.90
CA ASN A 200 21.33 50.50 33.70
C ASN A 200 20.58 49.39 32.94
N THR A 201 20.61 49.41 31.62
CA THR A 201 19.89 48.37 30.88
C THR A 201 20.77 47.30 30.22
N ALA A 202 22.00 47.67 29.89
CA ALA A 202 22.91 46.75 29.19
C ALA A 202 23.49 45.59 29.96
N PHE A 203 23.51 45.66 31.28
CA PHE A 203 24.15 44.61 32.07
C PHE A 203 23.25 43.98 33.12
N ALA A 204 23.12 42.66 33.05
CA ALA A 204 22.28 41.93 33.97
C ALA A 204 23.08 41.07 34.94
N ALA A 205 22.74 41.17 36.21
CA ALA A 205 23.40 40.38 37.24
C ALA A 205 22.93 38.93 37.11
N VAL A 206 23.73 37.99 37.62
CA VAL A 206 23.34 36.59 37.58
C VAL A 206 21.99 36.52 38.29
N GLY A 207 21.06 35.77 37.72
CA GLY A 207 19.75 35.65 38.35
C GLY A 207 18.75 36.74 37.98
N ALA A 208 19.22 37.79 37.31
CA ALA A 208 18.32 38.86 36.90
C ALA A 208 17.79 38.56 35.48
N ASN A 209 16.71 39.21 35.09
CA ASN A 209 16.11 38.99 33.77
C ASN A 209 17.05 39.56 32.70
N PRO A 210 17.51 38.74 31.75
CA PRO A 210 18.42 39.23 30.71
C PRO A 210 17.74 39.74 29.43
N LEU A 211 16.41 39.75 29.42
CA LEU A 211 15.65 40.18 28.23
C LEU A 211 16.16 41.42 27.50
N GLU A 212 16.32 42.53 28.23
CA GLU A 212 16.74 43.79 27.63
C GLU A 212 18.24 44.07 27.70
N ALA A 213 19.00 43.14 28.28
CA ALA A 213 20.43 43.34 28.44
C ALA A 213 21.28 42.84 27.28
N ILE A 214 22.53 43.29 27.26
CA ILE A 214 23.50 42.90 26.24
C ILE A 214 24.43 41.83 26.84
N TYR A 215 24.85 42.02 28.08
CA TYR A 215 25.71 41.07 28.77
C TYR A 215 25.15 40.72 30.14
N GLN A 216 25.41 39.49 30.59
CA GLN A 216 24.94 39.05 31.90
C GLN A 216 26.07 38.25 32.53
N GLY A 217 26.21 38.36 33.85
CA GLY A 217 27.26 37.61 34.51
C GLY A 217 27.64 38.20 35.84
N ALA A 218 28.51 37.49 36.55
CA ALA A 218 28.97 37.90 37.88
C ALA A 218 29.62 39.27 37.98
N GLY A 219 30.21 39.73 36.87
CA GLY A 219 30.85 41.03 36.89
C GLY A 219 29.99 42.18 36.37
N ALA A 220 28.72 41.89 36.13
CA ALA A 220 27.80 42.89 35.57
C ALA A 220 27.71 44.24 36.29
N ALA A 221 27.62 44.21 37.61
CA ALA A 221 27.50 45.44 38.40
C ALA A 221 28.63 46.45 38.11
N ASP A 222 29.80 45.94 37.69
CA ASP A 222 30.93 46.80 37.39
C ASP A 222 31.23 46.99 35.91
N CYS A 223 30.26 46.69 35.06
CA CYS A 223 30.44 46.90 33.63
C CYS A 223 29.91 48.28 33.30
N GLU A 224 30.45 48.90 32.26
CA GLU A 224 29.99 50.21 31.86
C GLU A 224 30.36 50.48 30.42
N PHE A 225 29.66 51.41 29.81
CA PHE A 225 29.97 51.79 28.44
C PHE A 225 31.11 52.80 28.46
N GLU A 226 32.10 52.58 27.60
CA GLU A 226 33.21 53.53 27.49
C GLU A 226 32.59 54.63 26.62
N GLU A 227 31.84 54.21 25.61
CA GLU A 227 31.13 55.13 24.71
C GLU A 227 30.31 54.38 23.68
N ILE A 228 29.39 55.10 23.05
CA ILE A 228 28.53 54.57 22.01
C ILE A 228 28.52 55.58 20.88
N SER A 229 28.45 55.08 19.65
CA SER A 229 28.41 55.95 18.49
C SER A 229 27.36 55.40 17.52
N TYR A 230 26.72 56.28 16.79
CA TYR A 230 25.71 55.86 15.84
C TYR A 230 25.85 56.70 14.60
N THR A 231 25.46 56.12 13.48
CA THR A 231 25.47 56.82 12.21
C THR A 231 24.17 56.38 11.54
N VAL A 232 23.39 57.34 11.10
CA VAL A 232 22.13 57.04 10.44
C VAL A 232 22.29 57.32 8.96
N TYR A 233 21.92 56.35 8.13
CA TYR A 233 21.97 56.52 6.68
C TYR A 233 20.52 56.52 6.21
N GLN A 234 20.16 57.49 5.38
CA GLN A 234 18.79 57.57 4.87
C GLN A 234 18.72 57.05 3.44
N SER A 235 17.77 56.16 3.19
CA SER A 235 17.58 55.59 1.85
C SER A 235 16.34 56.20 1.23
N TYR A 236 16.50 56.80 0.06
CA TYR A 236 15.35 57.42 -0.60
C TYR A 236 15.47 57.37 -2.11
N LEU A 237 14.40 57.78 -2.77
CA LEU A 237 14.37 57.81 -4.22
C LEU A 237 14.35 59.28 -4.62
N ASP A 238 15.27 59.64 -5.51
CA ASP A 238 15.36 61.01 -5.97
C ASP A 238 15.01 61.07 -7.46
N GLN A 239 14.88 62.29 -8.00
CA GLN A 239 14.55 62.47 -9.41
C GLN A 239 13.22 61.83 -9.74
N LEU A 240 12.21 62.13 -8.93
CA LEU A 240 10.89 61.55 -9.14
C LEU A 240 10.32 61.93 -10.51
N PRO A 241 9.67 60.97 -11.19
CA PRO A 241 9.09 61.22 -12.51
C PRO A 241 7.88 62.15 -12.48
N VAL A 242 7.83 63.04 -13.47
CA VAL A 242 6.73 63.99 -13.58
C VAL A 242 5.92 63.71 -14.85
N GLY A 243 4.62 63.96 -14.78
CA GLY A 243 3.76 63.74 -15.93
C GLY A 243 2.89 64.95 -16.21
N GLN A 244 2.15 65.01 -16.74
CA GLN A 244 0.98 65.80 -17.03
C GLN A 244 0.43 66.56 -15.86
N ASN A 245 -0.44 66.23 -14.99
CA ASN A 245 -0.95 66.74 -13.81
C ASN A 245 0.30 66.97 -13.11
N GLY A 246 1.56 66.27 -13.05
CA GLY A 246 2.71 66.48 -12.19
C GLY A 246 3.36 65.18 -11.77
N TYR A 247 3.85 65.13 -10.52
CA TYR A 247 4.51 63.94 -10.00
C TYR A 247 3.66 62.68 -10.15
N ILE A 248 4.24 61.66 -10.77
CA ILE A 248 3.56 60.38 -10.95
C ILE A 248 3.83 59.62 -9.65
N LEU A 249 2.81 59.45 -8.82
CA LEU A 249 2.97 58.79 -7.53
C LEU A 249 1.95 57.72 -7.17
N PRO A 250 2.40 56.65 -6.50
CA PRO A 250 1.50 55.56 -6.08
C PRO A 250 0.77 56.07 -4.84
N LEU A 251 -0.43 56.60 -5.04
CA LEU A 251 -1.23 57.16 -3.96
C LEU A 251 -1.63 56.20 -2.85
N ILE A 252 -1.84 54.93 -3.18
CA ILE A 252 -2.20 53.94 -2.18
C ILE A 252 -0.94 53.66 -1.34
N ASP A 253 0.18 53.41 -2.01
CA ASP A 253 1.44 53.14 -1.33
C ASP A 253 1.73 54.24 -0.30
N LEU A 254 1.70 55.48 -0.76
CA LEU A 254 2.01 56.62 0.09
C LEU A 254 0.96 57.01 1.14
N SER A 255 -0.23 56.42 1.06
CA SER A 255 -1.28 56.71 2.03
C SER A 255 -1.49 55.52 2.96
N THR A 256 -0.57 54.56 2.89
CA THR A 256 -0.64 53.37 3.72
C THR A 256 0.55 53.40 4.68
N LEU A 257 0.34 52.94 5.90
CA LEU A 257 1.43 52.91 6.88
C LEU A 257 1.90 51.48 7.03
N TYR A 258 3.22 51.29 7.03
CA TYR A 258 3.80 49.97 7.24
C TYR A 258 4.56 50.19 8.54
N ASN A 259 4.04 49.61 9.61
CA ASN A 259 4.60 49.78 10.95
C ASN A 259 4.93 48.51 11.69
N LEU A 260 5.88 48.64 12.63
CA LEU A 260 6.19 47.54 13.53
C LEU A 260 5.80 48.13 14.89
N GLU A 261 5.18 47.31 15.74
CA GLU A 261 4.79 47.75 17.09
C GLU A 261 4.92 46.59 18.07
N ASN A 262 5.16 46.90 19.34
CA ASN A 262 5.26 45.83 20.33
C ASN A 262 4.26 46.05 21.46
N SER A 263 4.04 45.02 22.26
CA SER A 263 3.13 45.13 23.40
C SER A 263 3.51 44.02 24.38
N ALA A 264 2.96 44.08 25.58
CA ALA A 264 3.23 43.07 26.60
C ALA A 264 1.91 42.61 27.17
N GLN A 265 1.80 41.31 27.43
CA GLN A 265 0.59 40.73 27.98
C GLN A 265 0.97 39.78 29.11
N ALA A 266 0.17 39.75 30.17
CA ALA A 266 0.44 38.85 31.29
C ALA A 266 -0.86 38.14 31.71
N GLY A 267 -0.73 37.16 32.59
CA GLY A 267 -1.91 36.43 33.04
C GLY A 267 -1.92 34.99 32.57
N LEU A 268 -0.73 34.43 32.35
CA LEU A 268 -0.61 33.05 31.88
C LEU A 268 -0.78 32.04 33.03
N THR A 269 -1.42 30.92 32.72
CA THR A 269 -1.65 29.87 33.70
C THR A 269 -1.39 28.51 33.05
N PRO A 270 -0.69 27.61 33.74
CA PRO A 270 -0.40 26.30 33.18
C PRO A 270 -1.60 25.59 32.55
N ASN A 271 -1.37 25.06 31.35
CA ASN A 271 -2.37 24.32 30.59
C ASN A 271 -3.63 25.04 30.17
N VAL A 272 -3.63 26.37 30.25
CA VAL A 272 -4.79 27.16 29.85
C VAL A 272 -4.42 28.02 28.64
N ASP A 273 -5.30 28.08 27.65
CA ASP A 273 -5.04 28.90 26.47
C ASP A 273 -4.91 30.38 26.84
N PHE A 274 -3.78 30.98 26.51
CA PHE A 274 -3.54 32.41 26.73
C PHE A 274 -3.70 33.00 25.33
N VAL A 275 -4.72 33.84 25.18
CA VAL A 275 -5.03 34.45 23.88
C VAL A 275 -4.77 35.94 23.81
N VAL A 276 -3.97 36.34 22.82
CA VAL A 276 -3.69 37.76 22.61
C VAL A 276 -4.47 38.15 21.36
N GLN A 277 -5.50 38.96 21.54
CA GLN A 277 -6.34 39.37 20.42
C GLN A 277 -5.66 40.34 19.47
N TYR A 278 -5.95 40.20 18.18
CA TYR A 278 -5.42 41.10 17.16
C TYR A 278 -6.49 42.18 17.05
N ALA A 279 -6.09 43.41 16.74
CA ALA A 279 -7.04 44.51 16.61
C ALA A 279 -7.63 44.47 15.20
N ASN A 280 -8.71 45.21 14.96
CA ASN A 280 -9.27 45.24 13.63
C ASN A 280 -8.63 46.40 12.88
N LEU A 281 -8.88 46.49 11.57
CA LEU A 281 -8.33 47.56 10.74
C LEU A 281 -6.91 47.29 10.26
N TYR A 282 -6.09 46.68 11.12
CA TYR A 282 -4.71 46.40 10.74
C TYR A 282 -4.58 45.09 9.97
N ARG A 283 -3.70 45.07 8.98
CA ARG A 283 -3.45 43.86 8.20
C ARG A 283 -2.10 43.37 8.74
N TYR A 284 -2.15 42.40 9.65
CA TYR A 284 -0.94 41.88 10.27
C TYR A 284 -0.16 40.91 9.40
N LEU A 285 1.04 41.33 9.01
CA LEU A 285 1.93 40.54 8.15
C LEU A 285 2.73 39.50 8.92
N SER A 286 3.14 39.81 10.15
CA SER A 286 3.87 38.85 10.96
C SER A 286 3.63 39.09 12.43
N THR A 287 3.83 38.05 13.23
CA THR A 287 3.68 38.11 14.66
C THR A 287 4.87 37.43 15.33
N ILE A 288 5.41 38.09 16.34
CA ILE A 288 6.49 37.54 17.12
C ILE A 288 6.01 37.53 18.56
N ALA A 289 6.21 36.41 19.23
CA ALA A 289 5.82 36.29 20.63
C ALA A 289 7.00 35.78 21.41
N VAL A 290 7.42 36.52 22.42
CA VAL A 290 8.54 36.11 23.24
C VAL A 290 8.01 35.70 24.60
N PHE A 291 8.28 34.46 25.00
CA PHE A 291 7.81 33.96 26.29
C PHE A 291 8.86 34.22 27.36
N ASP A 292 8.74 35.39 27.99
CA ASP A 292 9.64 35.77 29.06
C ASP A 292 9.04 35.08 30.28
N ASN A 293 9.50 33.85 30.54
CA ASN A 293 8.97 33.07 31.65
C ASN A 293 9.62 33.46 32.97
N GLY A 294 9.31 34.66 33.45
CA GLY A 294 9.88 35.13 34.69
C GLY A 294 11.39 35.23 34.64
N GLY A 295 11.92 35.70 33.50
CA GLY A 295 13.36 35.83 33.36
C GLY A 295 14.06 34.63 32.76
N SER A 296 13.32 33.53 32.60
CA SER A 296 13.87 32.32 32.01
C SER A 296 13.38 32.24 30.57
N PHE A 297 14.27 31.87 29.67
CA PHE A 297 13.90 31.73 28.27
C PHE A 297 14.23 30.29 27.87
N ASN A 298 13.17 29.53 27.58
CA ASN A 298 13.33 28.13 27.24
C ASN A 298 13.06 27.80 25.79
N ALA A 299 13.70 26.73 25.33
CA ALA A 299 13.54 26.27 23.95
C ALA A 299 12.30 25.39 23.82
N GLY A 300 11.14 26.02 23.92
CA GLY A 300 9.86 25.34 23.79
C GLY A 300 9.41 24.37 24.87
N THR A 301 10.31 23.99 25.79
CA THR A 301 9.94 23.04 26.83
C THR A 301 8.90 23.50 27.85
N ASP A 302 8.65 24.81 27.90
CA ASP A 302 7.64 25.35 28.83
C ASP A 302 6.33 25.65 28.10
N ILE A 303 6.19 25.17 26.87
CA ILE A 303 4.97 25.39 26.08
C ILE A 303 4.37 24.10 25.56
N ASN A 304 3.04 23.99 25.62
CA ASN A 304 2.31 22.83 25.12
C ASN A 304 2.12 23.02 23.63
N TYR A 305 1.60 24.18 23.24
CA TYR A 305 1.41 24.51 21.83
C TYR A 305 1.16 25.99 21.62
N LEU A 306 1.27 26.41 20.36
CA LEU A 306 1.01 27.79 19.96
C LEU A 306 0.02 27.68 18.81
N SER A 307 -0.72 28.74 18.55
CA SER A 307 -1.68 28.70 17.45
C SER A 307 -2.19 30.09 17.11
N GLN A 308 -2.98 30.17 16.04
CA GLN A 308 -3.66 31.40 15.65
C GLN A 308 -5.08 30.89 15.53
N ARG A 309 -6.02 31.58 16.17
CA ARG A 309 -7.40 31.12 16.17
C ARG A 309 -8.44 32.19 15.88
N THR A 310 -9.79 31.69 15.55
CA THR A 310 -11.11 32.47 15.79
C THR A 310 -11.36 31.93 17.20
N ALA A 311 -11.36 32.87 18.11
CA ALA A 311 -11.51 32.56 19.45
C ALA A 311 -12.37 31.36 19.71
N ASN A 312 -12.27 30.40 20.65
CA ASN A 312 -12.97 29.20 20.98
C ASN A 312 -13.01 28.24 19.86
N PHE A 313 -12.54 28.68 18.71
CA PHE A 313 -12.67 27.84 17.55
C PHE A 313 -11.36 27.36 17.13
N SER A 314 -11.11 27.25 16.70
CA SER A 314 -10.02 26.96 16.10
C SER A 314 -9.51 27.53 15.02
N ASP A 315 -8.69 26.72 15.43
CA ASP A 315 -7.31 27.04 15.06
C ASP A 315 -6.94 26.74 13.61
N THR A 316 -6.15 27.64 13.01
CA THR A 316 -5.70 27.45 11.64
C THR A 316 -4.29 26.88 11.63
N ARG A 317 -3.65 26.84 12.80
CA ARG A 317 -2.30 26.28 12.92
C ARG A 317 -1.87 26.01 14.36
N LYS A 318 -2.58 25.10 15.02
CA LYS A 318 -2.26 24.72 16.39
C LYS A 318 -1.13 23.70 16.28
N LEU A 319 0.06 24.08 16.73
CA LEU A 319 1.24 23.22 16.60
C LEU A 319 2.10 23.08 17.85
N ASP A 320 2.75 21.92 18.00
CA ASP A 320 3.65 21.72 19.13
C ASP A 320 4.82 22.69 18.85
N PRO A 321 5.59 23.07 19.89
CA PRO A 321 6.71 24.00 19.69
C PRO A 321 7.74 23.63 18.63
N LYS A 322 8.13 22.36 18.53
CA LYS A 322 9.11 21.99 17.50
C LYS A 322 8.55 22.13 16.10
N THR A 323 7.28 21.75 15.91
CA THR A 323 6.68 21.87 14.58
C THR A 323 6.46 23.34 14.23
N TRP A 324 6.18 24.15 15.24
CA TRP A 324 6.04 25.59 15.00
C TRP A 324 7.41 26.10 14.56
N ALA A 325 8.46 25.65 15.24
CA ALA A 325 9.83 26.06 14.90
C ALA A 325 10.21 25.59 13.49
N ALA A 326 9.70 24.44 13.08
CA ALA A 326 9.99 23.92 11.74
C ALA A 326 9.49 24.92 10.70
N GLN A 327 8.29 25.47 10.88
CA GLN A 327 7.78 26.45 9.92
C GLN A 327 8.71 27.66 9.87
N THR A 328 9.21 28.08 11.04
CA THR A 328 10.12 29.21 11.07
C THR A 328 11.44 28.89 10.36
N ARG A 329 11.94 27.66 10.50
CA ARG A 329 13.18 27.31 9.82
C ARG A 329 13.09 27.47 8.29
N ARG A 330 11.87 27.32 7.76
CA ARG A 330 11.64 27.50 6.33
C ARG A 330 11.69 28.98 5.95
N ARG A 331 11.52 29.86 6.94
CA ARG A 331 11.51 31.29 6.68
C ARG A 331 12.84 31.99 6.89
N ILE A 332 13.60 31.58 7.92
CA ILE A 332 14.88 32.23 8.18
C ILE A 332 16.09 31.30 8.20
N ALA A 333 15.88 30.06 7.78
CA ALA A 333 16.96 29.07 7.67
C ALA A 333 17.65 28.69 8.98
N THR A 334 16.99 28.98 10.10
CA THR A 334 17.53 28.66 11.42
C THR A 334 16.42 28.97 12.44
N ASP A 335 16.72 28.83 13.72
CA ASP A 335 15.73 29.13 14.77
C ASP A 335 16.01 30.52 15.35
N PHE A 336 14.97 31.20 15.80
CA PHE A 336 15.18 32.47 16.50
C PHE A 336 15.67 32.03 17.87
N PRO A 337 16.19 32.97 18.69
CA PRO A 337 16.70 32.61 20.03
C PRO A 337 15.67 31.96 20.94
N LYS A 338 16.13 31.31 22.02
CA LYS A 338 15.24 30.64 22.96
C LYS A 338 14.07 31.49 23.43
N GLY A 339 12.87 30.92 23.35
CA GLY A 339 11.68 31.60 23.81
C GLY A 339 11.08 32.61 22.84
N VAL A 340 11.71 32.75 21.67
CA VAL A 340 11.22 33.67 20.64
C VAL A 340 10.51 32.88 19.55
N TYR A 341 9.24 33.20 19.33
CA TYR A 341 8.43 32.50 18.33
C TYR A 341 7.90 33.42 17.24
N TYR A 342 8.05 32.96 16.01
CA TYR A 342 7.66 33.75 14.85
C TYR A 342 6.53 33.12 14.06
N CYS A 343 5.73 33.98 13.44
CA CYS A 343 4.60 33.55 12.63
C CYS A 343 4.49 34.44 11.40
N ASP A 344 4.59 33.83 10.21
CA ASP A 344 4.51 34.56 8.94
C ASP A 344 3.08 34.48 8.39
N ASN A 345 2.46 35.65 8.15
CA ASN A 345 1.11 35.73 7.57
C ASN A 345 1.17 36.75 6.42
N ARG A 346 2.32 36.83 5.75
CA ARG A 346 2.52 37.79 4.68
C ARG A 346 1.61 37.66 3.46
N ASP A 347 1.40 36.43 3.01
CA ASP A 347 0.56 36.22 1.83
C ASP A 347 -0.92 36.43 2.09
N LYS A 348 -1.34 36.17 3.33
CA LYS A 348 -2.74 36.36 3.73
C LYS A 348 -2.72 36.96 5.14
N PRO A 349 -2.52 38.29 5.22
CA PRO A 349 -2.47 39.03 6.48
C PRO A 349 -3.70 38.84 7.36
N ILE A 350 -3.47 38.76 8.67
CA ILE A 350 -4.56 38.63 9.63
C ILE A 350 -5.29 39.97 9.55
N TYR A 351 -6.58 39.93 9.24
CA TYR A 351 -7.41 41.13 9.11
C TYR A 351 -8.81 40.74 9.59
N THR A 352 -9.13 41.12 10.82
CA THR A 352 -10.40 40.77 11.45
C THR A 352 -11.66 41.47 10.99
N LEU A 353 -12.37 42.67 10.57
CA LEU A 353 -13.05 43.75 10.62
C LEU A 353 -13.45 43.89 12.08
N GLN A 354 -13.65 42.79 12.71
CA GLN A 354 -14.06 42.83 14.11
C GLN A 354 -12.90 42.84 15.03
N TYR A 355 -12.82 43.63 16.05
CA TYR A 355 -11.77 43.48 17.06
C TYR A 355 -11.75 42.14 17.80
N GLY A 356 -10.66 41.39 17.63
CA GLY A 356 -10.52 40.11 18.30
C GLY A 356 -11.14 38.90 17.60
N ASN A 357 -11.50 39.03 16.58
CA ASN A 357 -11.94 37.76 15.96
C ASN A 357 -10.80 36.73 15.82
N VAL A 358 -9.77 37.35 15.63
CA VAL A 358 -8.60 36.48 15.56
C VAL A 358 -7.63 36.73 16.72
N GLY A 359 -7.06 35.66 17.25
CA GLY A 359 -6.12 35.79 18.35
C GLY A 359 -4.90 34.89 18.18
N PHE A 360 -3.81 35.28 18.85
CA PHE A 360 -2.58 34.50 18.85
C PHE A 360 -2.62 33.71 20.15
N VAL A 361 -2.42 32.40 20.07
CA VAL A 361 -2.53 31.57 21.24
C VAL A 361 -1.28 30.87 21.71
N VAL A 362 -1.09 30.87 23.02
CA VAL A 362 0.00 30.17 23.66
C VAL A 362 -0.57 29.43 24.86
N ASN A 363 -0.46 28.10 24.85
CA ASN A 363 -0.91 27.30 25.99
C ASN A 363 0.39 26.84 26.65
N PRO A 364 0.74 27.47 27.77
CA PRO A 364 1.97 27.18 28.53
C PRO A 364 1.94 25.90 29.35
N LYS A 365 3.09 25.22 29.40
CA LYS A 365 3.20 23.99 30.17
C LYS A 365 3.60 24.37 31.59
N THR A 366 4.52 25.31 31.72
CA THR A 366 4.97 25.78 33.03
C THR A 366 5.02 27.30 33.04
N VAL A 367 4.53 27.90 34.12
CA VAL A 367 4.49 29.35 34.25
C VAL A 367 5.18 29.80 35.53
N ASN A 368 6.28 30.53 35.38
CA ASN A 368 7.02 31.04 36.53
C ASN A 368 6.43 32.38 36.98
N GLN A 369 6.94 32.88 38.10
CA GLN A 369 6.49 34.16 38.63
C GLN A 369 6.89 35.27 37.66
N ASN A 370 5.98 36.23 37.44
CA ASN A 370 6.24 37.35 36.55
C ASN A 370 6.37 36.95 35.09
N ALA A 371 5.62 35.93 34.69
CA ALA A 371 5.66 35.49 33.30
C ALA A 371 4.85 36.43 32.43
N ARG A 372 5.24 36.55 31.17
CA ARG A 372 4.51 37.41 30.27
C ARG A 372 4.96 37.13 28.84
N LEU A 373 4.12 37.52 27.90
CA LEU A 373 4.41 37.37 26.49
C LEU A 373 4.67 38.77 25.96
N LEU A 374 5.81 38.95 25.32
CA LEU A 374 6.15 40.22 24.70
C LEU A 374 5.85 40.01 23.22
N MET A 375 4.85 40.74 22.73
CA MET A 375 4.40 40.62 21.34
C MET A 375 5.02 41.65 20.44
N GLY A 376 5.26 41.25 19.18
CA GLY A 376 5.80 42.17 18.19
C GLY A 376 5.00 41.98 16.92
N TYR A 377 4.56 43.07 16.30
CA TYR A 377 3.76 42.99 15.08
C TYR A 377 4.27 43.83 13.91
N GLU A 378 4.05 43.32 12.71
CA GLU A 378 4.36 44.01 11.45
C GLU A 378 2.97 44.16 10.83
N TYR A 379 2.55 45.35 10.44
CA TYR A 379 1.23 45.47 9.83
C TYR A 379 1.12 46.65 8.89
N PHE A 380 0.06 46.63 8.08
CA PHE A 380 -0.27 47.69 7.13
C PHE A 380 -1.58 48.26 7.64
N THR A 381 -1.77 49.56 7.48
CA THR A 381 -3.04 50.18 7.84
C THR A 381 -3.13 51.51 7.11
N SER A 382 -3.73 52.14 7.44
CA SER A 382 -4.63 52.63 6.39
C SER A 382 -4.81 54.15 6.59
N ARG A 383 -4.54 54.90 5.54
CA ARG A 383 -4.68 56.34 5.57
C ARG A 383 -6.13 56.73 5.27
N THR A 384 -6.62 57.69 6.08
CA THR A 384 -7.99 58.24 5.89
C THR A 384 -7.73 59.55 5.14
N GLU A 385 -7.91 59.43 3.81
CA GLU A 385 -7.57 60.57 2.95
C GLU A 385 -6.22 60.34 2.26
N LEU A 386 -6.03 60.75 1.07
CA LEU A 386 -4.84 60.72 0.24
C LEU A 386 -3.82 61.79 0.61
N VAL A 387 -2.66 61.80 -0.01
CA VAL A 387 -1.56 62.71 0.19
C VAL A 387 -1.88 64.07 -0.45
N ASN A 388 -0.99 65.01 -0.02
CA ASN A 388 -1.11 66.38 -0.61
C ASN A 388 -0.38 66.30 -1.98
N ALA A 389 -1.05 66.66 -3.07
CA ALA A 389 -0.44 66.65 -4.43
C ALA A 389 -0.44 68.07 -4.99
N GLY A 390 0.41 68.30 -5.96
CA GLY A 390 0.51 69.58 -6.66
C GLY A 390 0.02 69.47 -8.09
N VAL B 4 17.35 18.07 -29.07
CA VAL B 4 16.60 17.26 -30.36
C VAL B 4 16.66 15.75 -29.54
N GLN B 5 16.43 15.96 -28.21
CA GLN B 5 15.81 14.74 -27.74
C GLN B 5 14.34 14.81 -28.14
N GLN B 6 13.81 13.67 -28.45
CA GLN B 6 12.48 13.66 -28.98
C GLN B 6 11.59 12.70 -28.26
N LEU B 7 9.33 13.91 -27.93
CA LEU B 7 8.82 14.70 -29.00
C LEU B 7 8.91 16.19 -28.81
N THR B 8 8.86 17.04 -28.65
CA THR B 8 9.10 18.47 -28.38
C THR B 8 7.93 19.14 -27.57
N PRO B 9 7.90 20.62 -28.37
CA PRO B 9 6.78 21.35 -27.73
C PRO B 9 5.38 21.02 -28.32
N ALA B 10 5.29 20.09 -29.30
CA ALA B 10 4.07 19.50 -29.86
C ALA B 10 3.25 18.74 -28.79
N GLN B 11 3.89 18.32 -27.67
CA GLN B 11 3.16 17.69 -26.54
C GLN B 11 2.02 18.65 -26.01
N GLN B 12 2.27 19.95 -26.04
CA GLN B 12 1.29 21.00 -25.64
C GLN B 12 0.15 21.16 -26.64
N ALA B 13 0.45 21.11 -27.94
CA ALA B 13 -0.56 21.14 -29.05
C ALA B 13 -1.46 19.92 -28.90
N ALA B 14 -0.81 18.96 -28.15
CA ALA B 14 -1.65 17.78 -28.22
C ALA B 14 -2.70 17.84 -27.09
N LEU B 15 -2.29 18.36 -25.91
CA LEU B 15 -3.25 18.38 -24.73
C LEU B 15 -4.43 19.30 -25.07
N ARG B 16 -4.04 20.48 -25.47
CA ARG B 16 -4.93 21.38 -26.07
C ARG B 16 -5.72 22.17 -25.16
N ASN B 17 -6.39 22.61 -24.65
CA ASN B 17 -7.35 23.22 -23.82
C ASN B 17 -6.75 23.85 -22.65
N GLN B 18 -5.45 24.96 -24.59
CA GLN B 18 -5.18 26.29 -24.05
C GLN B 18 -6.28 26.84 -23.19
N GLN B 19 -7.61 26.65 -23.59
CA GLN B 19 -8.80 26.98 -22.80
C GLN B 19 -8.81 26.22 -21.48
N ALA B 20 -8.43 24.94 -21.54
CA ALA B 20 -8.37 24.08 -20.38
C ALA B 20 -7.34 24.59 -19.38
N MET B 21 -6.14 24.90 -19.88
CA MET B 21 -5.06 25.40 -19.05
C MET B 21 -5.39 26.77 -18.49
N ALA B 22 -5.98 27.62 -19.33
CA ALA B 22 -6.36 28.96 -18.93
C ALA B 22 -7.35 28.88 -17.79
N ALA B 23 -8.32 27.98 -17.92
CA ALA B 23 -9.34 27.79 -16.91
C ALA B 23 -8.72 27.21 -15.63
N ASN B 24 -7.92 26.16 -15.80
CA ASN B 24 -7.26 25.50 -14.67
C ASN B 24 -6.52 26.52 -13.83
N LEU B 25 -5.75 27.28 -14.51
CA LEU B 25 -4.90 28.25 -13.82
C LEU B 25 -5.70 29.35 -13.13
N GLN B 26 -6.77 29.82 -13.77
CA GLN B 26 -7.59 30.88 -13.18
C GLN B 26 -8.29 30.34 -11.93
N ALA B 27 -8.80 29.12 -12.03
CA ALA B 27 -9.49 28.49 -10.92
C ALA B 27 -8.52 28.29 -9.74
N ARG B 28 -7.30 27.90 -10.05
CA ARG B 28 -6.29 27.68 -9.01
C ARG B 28 -6.07 28.97 -8.23
N GLN B 29 -5.91 30.06 -8.97
CA GLN B 29 -5.68 31.36 -8.36
C GLN B 29 -6.85 31.81 -7.49
N ILE B 30 -8.07 31.54 -7.93
CA ILE B 30 -9.24 31.92 -7.15
C ILE B 30 -9.26 31.10 -5.85
N VAL B 31 -8.95 29.82 -5.96
CA VAL B 31 -8.92 28.96 -4.79
C VAL B 31 -7.88 29.44 -3.79
N LEU B 32 -6.67 29.73 -4.27
CA LEU B 32 -5.60 30.19 -3.39
C LEU B 32 -5.95 31.53 -2.75
N GLN B 33 -6.59 32.39 -3.52
CA GLN B 33 -6.98 33.71 -3.05
C GLN B 33 -8.15 33.69 -2.05
N GLN B 34 -9.13 32.83 -2.32
CA GLN B 34 -10.32 32.75 -1.49
C GLN B 34 -10.34 31.78 -0.30
N SER B 35 -9.68 30.64 -0.42
CA SER B 35 -9.70 29.67 0.68
C SER B 35 -8.71 30.08 1.76
N TYR B 36 -8.73 29.36 2.88
CA TYR B 36 -7.79 29.66 3.96
C TYR B 36 -7.03 28.39 4.30
N PRO B 37 -5.69 28.48 4.38
CA PRO B 37 -4.80 27.36 4.70
C PRO B 37 -4.91 26.93 6.15
N VAL B 38 -4.93 25.62 6.37
CA VAL B 38 -5.01 25.07 7.71
C VAL B 38 -4.02 23.93 7.85
N ILE B 39 -3.34 23.87 8.99
CA ILE B 39 -2.45 22.76 9.26
C ILE B 39 -3.00 22.25 10.58
N GLN B 40 -3.36 20.98 10.60
CA GLN B 40 -4.02 20.41 11.77
C GLN B 40 -3.54 19.02 12.13
N GLN B 41 -3.38 18.77 13.42
CA GLN B 41 -2.95 17.44 13.86
C GLN B 41 -4.08 16.46 13.57
N VAL B 42 -3.77 15.31 12.99
CA VAL B 42 -4.80 14.33 12.74
C VAL B 42 -4.57 13.07 13.55
N GLU B 43 -3.34 12.84 13.99
CA GLU B 43 -3.04 11.64 14.76
C GLU B 43 -1.66 11.63 15.40
N THR B 44 -1.59 11.11 16.62
CA THR B 44 -0.32 10.97 17.34
C THR B 44 -0.33 9.57 17.95
N GLN B 45 0.84 8.95 18.03
CA GLN B 45 0.92 7.62 18.61
C GLN B 45 2.33 7.29 19.05
N THR B 46 2.43 6.57 20.15
CA THR B 46 3.71 6.15 20.70
C THR B 46 3.68 4.63 20.76
N PHE B 47 4.78 4.00 20.37
CA PHE B 47 4.79 2.55 20.35
C PHE B 47 6.19 1.99 20.48
N ASP B 48 6.28 0.67 20.61
CA ASP B 48 7.55 -0.04 20.71
C ASP B 48 7.67 -0.87 19.45
N PRO B 49 8.69 -0.59 18.62
CA PRO B 49 8.95 -1.29 17.36
C PRO B 49 9.01 -2.82 17.49
N ALA B 50 9.24 -3.31 18.72
CA ALA B 50 9.30 -4.74 18.93
C ALA B 50 7.92 -5.37 18.71
N ASN B 51 6.87 -4.59 18.96
CA ASN B 51 5.49 -5.04 18.81
C ASN B 51 4.85 -4.73 17.47
N ARG B 52 5.16 -3.54 16.94
CA ARG B 52 4.59 -3.13 15.66
C ARG B 52 5.37 -1.97 15.07
N SER B 53 5.34 -1.86 13.75
CA SER B 53 6.07 -0.78 13.07
C SER B 53 5.37 -0.29 11.81
N VAL B 54 4.20 -0.85 11.51
CA VAL B 54 3.44 -0.42 10.33
C VAL B 54 2.12 0.17 10.79
N PHE B 55 1.83 1.40 10.36
CA PHE B 55 0.59 2.07 10.74
C PHE B 55 -0.13 2.67 9.55
N ASP B 56 -1.45 2.65 9.60
CA ASP B 56 -2.27 3.22 8.53
C ASP B 56 -3.01 4.39 9.15
N VAL B 57 -2.59 5.61 8.79
CA VAL B 57 -3.20 6.82 9.32
C VAL B 57 -4.37 7.25 8.44
N THR B 58 -5.46 7.65 9.06
CA THR B 58 -6.64 8.07 8.30
C THR B 58 -6.77 9.59 8.36
N PRO B 59 -6.47 10.25 7.24
CA PRO B 59 -6.56 11.72 7.14
C PRO B 59 -8.01 12.17 7.26
N ALA B 60 -8.21 13.45 7.49
CA ALA B 60 -9.55 13.99 7.56
C ALA B 60 -9.98 14.30 6.12
N ASN B 61 -11.26 14.06 5.82
CA ASN B 61 -11.77 14.35 4.49
C ASN B 61 -12.34 15.77 4.49
N VAL B 62 -11.49 16.76 4.29
CA VAL B 62 -11.92 18.15 4.29
C VAL B 62 -11.19 19.01 3.27
N GLY B 63 -11.96 19.75 2.49
CA GLY B 63 -11.40 20.64 1.47
C GLY B 63 -10.42 20.02 0.50
N ILE B 64 -9.41 20.80 0.12
CA ILE B 64 -8.37 20.34 -0.79
C ILE B 64 -7.14 20.05 0.05
N VAL B 65 -6.70 18.79 0.05
CA VAL B 65 -5.54 18.38 0.84
C VAL B 65 -4.25 18.58 0.04
N LYS B 66 -3.30 19.27 0.67
CA LYS B 66 -2.02 19.59 0.02
C LYS B 66 -0.89 18.66 0.42
N GLY B 67 -0.92 18.16 1.65
CA GLY B 67 0.14 17.27 2.09
C GLY B 67 0.10 16.97 3.56
N PHE B 68 1.09 16.20 4.03
CA PHE B 68 1.15 15.82 5.44
C PHE B 68 2.54 16.04 6.00
N LEU B 69 2.61 16.67 7.17
CA LEU B 69 3.89 16.87 7.82
C LEU B 69 3.96 15.78 8.88
N VAL B 70 4.94 14.91 8.78
CA VAL B 70 5.05 13.83 9.73
C VAL B 70 6.24 14.03 10.66
N LYS B 71 5.94 14.17 11.95
CA LYS B 71 6.96 14.36 12.98
C LYS B 71 7.22 13.00 13.63
N VAL B 72 8.49 12.61 13.71
CA VAL B 72 8.86 11.33 14.31
C VAL B 72 9.93 11.55 15.35
N THR B 73 9.72 11.03 16.56
CA THR B 73 10.72 11.14 17.62
C THR B 73 11.02 9.72 18.08
N ALA B 74 12.24 9.49 18.55
CA ALA B 74 12.60 8.17 18.99
C ALA B 74 13.72 8.21 20.02
N ALA B 75 13.73 7.20 20.89
CA ALA B 75 14.78 7.07 21.88
C ALA B 75 15.42 5.72 21.54
N ILE B 76 16.73 5.73 21.36
CA ILE B 76 17.49 4.53 21.03
C ILE B 76 18.48 4.26 22.15
N THR B 77 18.44 3.04 22.67
CA THR B 77 19.36 2.65 23.74
C THR B 77 20.42 1.67 23.25
N ASN B 78 21.69 2.01 23.50
CA ASN B 78 22.78 1.13 23.14
C ASN B 78 23.04 0.30 24.40
N ASN B 79 22.53 -0.92 24.43
CA ASN B 79 22.70 -1.79 25.60
C ASN B 79 24.00 -2.59 25.56
N HIS B 80 24.84 -2.31 24.58
CA HIS B 80 26.10 -3.06 24.48
C HIS B 80 26.92 -2.76 25.71
N ALA B 81 27.76 -3.72 26.09
CA ALA B 81 28.60 -3.56 27.26
C ALA B 81 29.69 -2.51 27.11
N THR B 82 30.36 -2.49 25.97
CA THR B 82 31.47 -1.56 25.76
C THR B 82 31.62 -0.87 24.39
N GLU B 83 30.86 -1.28 23.38
CA GLU B 83 30.98 -0.69 22.05
C GLU B 83 29.90 0.32 21.69
N ALA B 84 30.31 1.38 21.02
CA ALA B 84 29.38 2.44 20.61
C ALA B 84 28.94 2.21 19.16
N VAL B 85 28.03 3.08 18.70
CA VAL B 85 27.57 3.05 17.32
C VAL B 85 27.55 4.51 16.87
N ALA B 86 27.62 4.73 15.57
CA ALA B 86 27.60 6.08 15.03
C ALA B 86 26.59 6.18 13.90
N LEU B 87 26.07 7.38 13.69
CA LEU B 87 25.11 7.60 12.61
C LEU B 87 25.61 7.15 11.26
N THR B 88 24.71 6.57 10.48
CA THR B 88 25.01 6.19 9.11
C THR B 88 24.88 7.53 8.33
N ASP B 89 25.14 7.52 7.02
CA ASP B 89 25.02 8.73 6.21
C ASP B 89 23.58 9.27 6.19
N PHE B 90 22.58 8.37 6.22
CA PHE B 90 21.19 8.82 6.18
C PHE B 90 20.65 9.08 7.59
N GLY B 91 21.21 8.39 8.58
CA GLY B 91 20.80 8.62 9.96
C GLY B 91 19.32 8.65 10.26
N PRO B 92 18.82 9.74 10.89
CA PRO B 92 17.39 9.82 11.21
C PRO B 92 16.44 9.80 10.00
N ALA B 93 16.97 9.99 8.79
CA ALA B 93 16.12 9.96 7.62
C ALA B 93 15.59 8.53 7.42
N ASN B 94 16.20 7.57 8.12
CA ASN B 94 15.72 6.19 8.02
C ASN B 94 14.76 5.81 9.16
N LEU B 95 14.27 6.79 9.91
CA LEU B 95 13.31 6.50 10.99
C LEU B 95 12.00 6.00 10.34
N VAL B 96 11.73 6.45 9.13
CA VAL B 96 10.57 5.97 8.38
C VAL B 96 11.20 5.18 7.22
N GLN B 97 10.85 3.91 7.09
CA GLN B 97 11.41 3.10 6.01
C GLN B 97 10.65 3.32 4.70
N ARG B 98 9.32 3.40 4.78
CA ARG B 98 8.49 3.62 3.60
C ARG B 98 7.20 4.36 3.90
N VAL B 99 6.67 4.97 2.84
CA VAL B 99 5.41 5.70 2.92
C VAL B 99 4.57 5.37 1.67
N ILE B 100 3.26 5.25 1.85
CA ILE B 100 2.38 5.05 0.71
C ILE B 100 1.11 5.83 0.97
N TYR B 101 0.64 6.56 -0.03
CA TYR B 101 -0.60 7.31 0.12
C TYR B 101 -1.65 6.88 -0.91
N TYR B 102 -2.88 6.62 -0.45
CA TYR B 102 -4.00 6.26 -1.32
C TYR B 102 -5.05 7.36 -1.16
N ASP B 103 -5.57 7.88 -2.27
CA ASP B 103 -6.60 8.93 -2.17
C ASP B 103 -8.00 8.31 -2.01
N PRO B 104 -9.05 9.13 -1.85
CA PRO B 104 -10.42 8.61 -1.69
C PRO B 104 -10.92 7.72 -2.81
N ASP B 105 -10.31 7.84 -3.98
CA ASP B 105 -10.69 7.03 -5.15
C ASP B 105 -9.83 5.77 -5.28
N ASN B 106 -9.14 5.41 -4.20
CA ASN B 106 -8.31 4.21 -4.19
C ASN B 106 -7.10 4.31 -5.13
N GLN B 107 -6.75 5.52 -5.57
CA GLN B 107 -5.59 5.69 -6.45
C GLN B 107 -4.36 6.03 -5.62
N ARG B 108 -3.24 5.35 -5.87
CA ARG B 108 -2.02 5.63 -5.16
C ARG B 108 -1.29 6.83 -5.71
N HIS B 109 -0.67 7.59 -4.80
CA HIS B 109 0.14 8.70 -5.27
C HIS B 109 1.56 8.28 -4.89
N THR B 110 2.17 8.93 -3.91
CA THR B 110 3.53 8.55 -3.53
C THR B 110 3.64 7.15 -2.91
N GLU B 111 4.67 6.42 -3.33
CA GLU B 111 5.02 5.10 -2.79
C GLU B 111 6.53 5.06 -2.85
N THR B 112 7.19 5.44 -1.77
CA THR B 112 8.64 5.47 -1.79
C THR B 112 9.28 5.27 -0.41
N SER B 113 10.60 5.31 -0.36
CA SER B 113 11.32 5.14 0.89
C SER B 113 11.41 6.45 1.69
N GLY B 114 11.62 6.32 2.99
CA GLY B 114 11.75 7.52 3.80
C GLY B 114 12.96 8.35 3.36
N TRP B 115 14.08 7.71 3.05
CA TRP B 115 15.24 8.49 2.65
C TRP B 115 15.03 9.22 1.32
N HIS B 116 14.32 8.59 0.37
CA HIS B 116 14.10 9.28 -0.90
C HIS B 116 13.16 10.47 -0.67
N LEU B 117 12.10 10.24 0.11
CA LEU B 117 11.16 11.32 0.42
C LEU B 117 11.91 12.50 1.04
N HIS B 118 12.82 12.20 1.98
CA HIS B 118 13.61 13.24 2.63
C HIS B 118 14.50 14.00 1.63
N PHE B 119 15.15 13.28 0.72
CA PHE B 119 16.02 13.95 -0.24
C PHE B 119 15.21 14.87 -1.16
N VAL B 120 13.98 14.46 -1.51
CA VAL B 120 13.14 15.32 -2.35
C VAL B 120 12.71 16.56 -1.52
N ASN B 121 12.41 16.36 -0.23
CA ASN B 121 12.05 17.48 0.65
C ASN B 121 13.19 18.51 0.60
N THR B 122 14.42 18.02 0.65
CA THR B 122 15.61 18.88 0.57
C THR B 122 15.71 19.56 -0.80
N ALA B 123 15.57 18.79 -1.88
CA ALA B 123 15.64 19.36 -3.23
C ALA B 123 14.61 20.47 -3.42
N LYS B 124 13.39 20.27 -2.91
CA LYS B 124 12.33 21.27 -3.04
C LYS B 124 12.57 22.51 -2.19
N GLN B 125 13.21 22.35 -1.03
CA GLN B 125 13.51 23.50 -0.19
C GLN B 125 14.68 24.31 -0.74
N GLY B 126 15.62 23.64 -1.40
CA GLY B 126 16.80 24.33 -1.92
C GLY B 126 17.93 24.33 -0.89
N ALA B 127 17.76 23.52 0.15
CA ALA B 127 18.76 23.36 1.23
C ALA B 127 18.35 22.16 2.07
N PRO B 128 19.27 21.59 2.85
CA PRO B 128 18.92 20.43 3.71
C PRO B 128 17.61 20.75 4.43
N PHE B 129 16.62 19.89 4.22
CA PHE B 129 15.27 20.10 4.77
C PHE B 129 15.20 20.45 6.25
N LEU B 130 14.54 21.56 6.55
CA LEU B 130 14.35 22.05 7.92
C LEU B 130 15.65 22.18 8.71
N SER B 131 16.75 22.45 8.03
CA SER B 131 18.03 22.61 8.70
C SER B 131 18.21 24.04 9.23
N SER B 132 19.20 24.19 10.10
CA SER B 132 19.57 25.48 10.67
C SER B 132 20.95 25.81 10.09
N MET B 133 21.00 26.86 9.28
CA MET B 133 22.24 27.31 8.64
C MET B 133 23.13 27.99 9.68
N VAL B 134 24.43 27.76 9.58
CA VAL B 134 25.37 28.40 10.51
C VAL B 134 25.85 29.74 9.95
N THR B 135 25.84 30.78 10.79
CA THR B 135 26.32 32.11 10.37
C THR B 135 27.14 32.71 11.50
N ASP B 136 27.77 33.85 11.23
CA ASP B 136 28.59 34.56 12.21
C ASP B 136 27.73 35.46 13.10
N SER B 137 26.42 35.37 13.02
CA SER B 137 25.61 36.31 13.82
C SER B 137 25.87 36.19 15.32
N PRO B 138 26.14 37.32 16.00
CA PRO B 138 26.39 37.30 17.44
C PRO B 138 25.07 37.09 18.19
N ILE B 139 23.95 37.45 17.54
CA ILE B 139 22.62 37.26 18.14
C ILE B 139 22.45 35.74 18.16
N LYS B 140 21.93 35.19 19.25
CA LYS B 140 21.89 33.74 19.34
C LYS B 140 20.87 32.90 18.57
N TYR B 141 20.85 33.12 17.25
CA TYR B 141 20.06 32.29 16.34
C TYR B 141 20.90 31.01 16.30
N GLY B 142 20.36 29.94 15.75
CA GLY B 142 21.14 28.72 15.65
C GLY B 142 20.26 27.50 15.80
N ASP B 143 20.89 26.39 16.16
CA ASP B 143 20.13 25.18 16.38
C ASP B 143 19.63 25.26 17.82
N VAL B 144 18.52 25.98 17.98
CA VAL B 144 17.90 26.20 19.27
C VAL B 144 16.85 25.16 19.58
N MET B 145 16.07 24.81 18.56
CA MET B 145 14.95 23.90 18.68
C MET B 145 15.14 22.45 18.23
N ASN B 146 16.32 22.13 17.72
CA ASN B 146 16.61 20.75 17.31
C ASN B 146 15.47 20.12 16.51
N VAL B 147 15.05 20.81 15.45
CA VAL B 147 13.95 20.34 14.63
C VAL B 147 14.20 18.98 13.99
N ILE B 148 15.37 18.79 13.37
CA ILE B 148 15.74 17.49 12.82
C ILE B 148 17.07 17.28 13.53
N ASP B 149 17.15 16.23 14.33
CA ASP B 149 18.32 16.07 15.19
C ASP B 149 18.57 14.61 15.56
N ALA B 150 19.85 14.27 15.73
CA ALA B 150 20.23 12.91 16.15
C ALA B 150 21.68 12.92 16.64
N PRO B 151 21.96 12.24 17.77
CA PRO B 151 23.32 12.19 18.31
C PRO B 151 24.26 11.54 17.29
N ALA B 152 25.44 12.13 17.10
CA ALA B 152 26.42 11.61 16.16
C ALA B 152 26.81 10.18 16.54
N THR B 153 26.85 9.93 17.84
CA THR B 153 27.18 8.60 18.33
C THR B 153 26.36 8.33 19.56
N ILE B 154 26.16 7.07 19.89
CA ILE B 154 25.44 6.68 21.10
C ILE B 154 26.42 5.69 21.71
N ALA B 155 27.02 6.08 22.84
CA ALA B 155 28.00 5.23 23.50
C ALA B 155 27.35 4.04 24.20
N ALA B 156 28.18 3.03 24.47
CA ALA B 156 27.71 1.83 25.16
C ALA B 156 27.02 2.24 26.44
N GLY B 157 25.78 1.78 26.61
CA GLY B 157 25.01 2.09 27.80
C GLY B 157 24.21 3.37 27.75
N ALA B 158 24.38 4.15 26.67
CA ALA B 158 23.68 5.41 26.55
C ALA B 158 22.36 5.34 25.78
N THR B 159 21.52 6.35 25.96
CA THR B 159 20.27 6.44 25.24
C THR B 159 20.26 7.78 24.49
N GLY B 160 20.01 7.73 23.19
CA GLY B 160 19.98 8.95 22.39
C GLY B 160 18.57 9.30 21.96
N GLU B 161 18.30 10.58 21.84
CA GLU B 161 16.98 11.09 21.44
C GLU B 161 17.08 11.68 20.03
N LEU B 162 16.17 11.26 19.16
CA LEU B 162 16.16 11.70 17.78
C LEU B 162 14.85 12.36 17.36
N THR B 163 14.93 13.28 16.40
CA THR B 163 13.73 13.94 15.89
C THR B 163 13.89 14.03 14.39
N MET B 164 12.85 13.66 13.65
CA MET B 164 12.87 13.70 12.19
C MET B 164 11.53 14.20 11.68
N TYR B 165 11.56 14.95 10.57
CA TYR B 165 10.34 15.43 9.95
C TYR B 165 10.36 15.07 8.47
N TYR B 166 9.19 14.73 7.94
CA TYR B 166 9.03 14.40 6.51
C TYR B 166 7.80 15.14 6.03
N TRP B 167 7.83 15.63 4.79
CA TRP B 167 6.67 16.26 4.22
C TRP B 167 6.23 15.32 3.10
N VAL B 168 5.02 14.77 3.22
CA VAL B 168 4.49 13.89 2.18
C VAL B 168 3.64 14.84 1.32
N PRO B 169 4.09 15.15 0.12
CA PRO B 169 3.32 16.05 -0.74
C PRO B 169 2.22 15.40 -1.57
N LEU B 170 1.15 16.14 -1.79
CA LEU B 170 0.08 15.72 -2.69
C LEU B 170 0.19 16.86 -3.70
N ALA B 171 -0.04 18.09 -3.25
CA ALA B 171 0.10 19.26 -4.12
C ALA B 171 1.61 19.44 -4.37
N TYR B 172 1.97 19.94 -5.53
CA TYR B 172 3.38 20.14 -5.86
C TYR B 172 4.04 21.18 -4.92
N SER B 173 3.34 22.28 -4.65
CA SER B 173 3.88 23.32 -3.78
C SER B 173 2.77 24.12 -3.12
N GLU B 174 3.12 25.19 -2.41
CA GLU B 174 2.09 26.03 -1.77
C GLU B 174 1.32 26.85 -2.81
N THR B 175 1.93 27.09 -3.96
CA THR B 175 1.29 27.88 -5.01
C THR B 175 0.86 27.08 -6.26
N ASP B 176 1.35 25.86 -6.39
CA ASP B 176 1.01 25.00 -7.53
C ASP B 176 0.24 23.81 -6.98
N LEU B 177 -1.07 23.79 -7.18
CA LEU B 177 -1.90 22.72 -6.63
C LEU B 177 -1.97 21.44 -7.45
N THR B 178 -1.12 21.33 -8.46
CA THR B 178 -1.06 20.13 -9.28
C THR B 178 -0.79 18.96 -8.32
N GLY B 179 -1.64 17.93 -8.37
CA GLY B 179 -1.43 16.78 -7.51
C GLY B 179 -2.22 16.82 -6.21
N ALA B 180 -2.83 17.96 -5.91
CA ALA B 180 -3.62 18.07 -4.69
C ALA B 180 -4.85 17.14 -4.78
N VAL B 181 -5.44 16.84 -3.63
CA VAL B 181 -6.59 15.96 -3.54
C VAL B 181 -7.86 16.60 -2.96
N LEU B 182 -8.96 16.52 -3.69
CA LEU B 182 -10.23 17.07 -3.20
C LEU B 182 -10.81 16.00 -2.28
N ALA B 183 -10.93 16.30 -0.99
CA ALA B 183 -11.43 15.34 -0.01
C ALA B 183 -12.72 15.70 0.71
N ASN B 184 -13.13 16.75 0.31
CA ASN B 184 -14.50 17.10 0.70
C ASN B 184 -15.61 16.28 0.08
N VAL B 185 -15.32 15.52 -0.94
CA VAL B 185 -16.37 14.98 -1.78
C VAL B 185 -16.69 13.59 -1.64
N PRO B 186 -16.55 12.82 -0.94
CA PRO B 186 -16.72 11.43 -0.69
C PRO B 186 -16.37 11.14 0.71
N GLN B 187 -17.21 10.26 1.38
CA GLN B 187 -17.03 9.65 2.69
C GLN B 187 -15.95 8.63 2.72
N SER B 188 -15.51 8.12 1.48
CA SER B 188 -14.43 7.16 1.25
C SER B 188 -13.14 7.69 1.85
N LYS B 189 -12.49 6.87 2.68
CA LYS B 189 -11.28 7.28 3.37
C LYS B 189 -9.97 7.30 2.61
N GLN B 190 -9.09 8.18 3.09
CA GLN B 190 -7.75 8.30 2.53
C GLN B 190 -6.94 7.35 3.37
N ARG B 191 -5.79 6.94 2.86
CA ARG B 191 -4.92 6.04 3.60
C ARG B 191 -3.49 6.57 3.50
N LEU B 192 -2.89 6.90 4.65
CA LEU B 192 -1.48 7.32 4.65
C LEU B 192 -0.79 6.19 5.41
N LYS B 193 -0.11 5.33 4.67
CA LYS B 193 0.57 4.19 5.29
C LYS B 193 2.02 4.52 5.61
N LEU B 194 2.42 4.23 6.85
CA LEU B 194 3.78 4.51 7.29
C LEU B 194 4.44 3.28 7.88
N GLU B 195 5.61 2.93 7.37
CA GLU B 195 6.34 1.80 7.93
C GLU B 195 7.59 2.36 8.57
N PHE B 196 7.69 2.21 9.88
CA PHE B 196 8.83 2.72 10.63
C PHE B 196 10.01 1.76 10.76
N ALA B 197 11.16 2.32 11.11
CA ALA B 197 12.35 1.52 11.35
C ALA B 197 12.00 0.63 12.54
N ASN B 198 12.72 -0.48 12.67
CA ASN B 198 12.50 -1.38 13.80
C ASN B 198 13.87 -1.88 14.30
N ASN B 199 13.88 -2.78 15.26
CA ASN B 199 15.15 -3.25 15.80
C ASN B 199 15.96 -4.07 14.81
N ASN B 200 15.35 -4.43 13.69
CA ASN B 200 16.03 -5.20 12.67
C ASN B 200 16.56 -4.31 11.53
N THR B 201 16.02 -3.11 11.34
CA THR B 201 16.49 -2.27 10.25
C THR B 201 17.35 -1.08 10.68
N ALA B 202 17.14 -0.59 11.90
CA ALA B 202 17.84 0.60 12.39
C ALA B 202 19.31 0.47 12.74
N PHE B 203 19.79 -0.75 12.99
CA PHE B 203 21.17 -0.92 13.42
C PHE B 203 21.98 -1.87 12.57
N ALA B 204 23.10 -1.37 12.05
CA ALA B 204 23.97 -2.15 11.20
C ALA B 204 25.29 -2.50 11.87
N ALA B 205 25.65 -3.77 11.78
CA ALA B 205 26.91 -4.25 12.35
C ALA B 205 28.06 -3.74 11.47
N VAL B 206 29.25 -3.66 12.04
CA VAL B 206 30.40 -3.23 11.27
C VAL B 206 30.49 -4.19 10.09
N GLY B 207 30.74 -3.65 8.89
CA GLY B 207 30.86 -4.50 7.73
C GLY B 207 29.54 -4.81 7.03
N ALA B 208 28.42 -4.46 7.67
CA ALA B 208 27.12 -4.70 7.06
C ALA B 208 26.72 -3.46 6.25
N ASN B 209 25.75 -3.63 5.34
CA ASN B 209 25.29 -2.51 4.50
C ASN B 209 24.53 -1.51 5.39
N PRO B 210 24.97 -0.25 5.43
CA PRO B 210 24.29 0.75 6.27
C PRO B 210 23.18 1.54 5.57
N LEU B 211 22.90 1.20 4.31
CA LEU B 211 21.88 1.93 3.53
C LEU B 211 20.57 2.28 4.23
N GLU B 212 19.92 1.26 4.81
CA GLU B 212 18.63 1.47 5.48
C GLU B 212 18.71 1.69 6.98
N ALA B 213 19.91 1.69 7.53
CA ALA B 213 20.09 1.85 8.97
C ALA B 213 20.22 3.29 9.45
N ILE B 214 20.05 3.46 10.75
CA ILE B 214 20.18 4.76 11.39
C ILE B 214 21.57 4.86 12.06
N TYR B 215 21.98 3.77 12.73
CA TYR B 215 23.29 3.71 13.37
C TYR B 215 24.05 2.46 12.96
N GLN B 216 25.37 2.56 12.93
CA GLN B 216 26.21 1.43 12.58
C GLN B 216 27.41 1.42 13.52
N GLY B 217 27.88 0.24 13.88
CA GLY B 217 29.02 0.17 14.77
C GLY B 217 29.12 -1.14 15.52
N ALA B 218 30.20 -1.30 16.26
CA ALA B 218 30.48 -2.52 17.02
C ALA B 218 29.42 -2.91 18.04
N GLY B 219 28.67 -1.94 18.54
CA GLY B 219 27.65 -2.25 19.52
C GLY B 219 26.25 -2.41 18.95
N ALA B 220 26.15 -2.44 17.62
CA ALA B 220 24.85 -2.51 16.94
C ALA B 220 23.92 -3.66 17.35
N ALA B 221 24.47 -4.87 17.47
CA ALA B 221 23.68 -6.04 17.84
C ALA B 221 22.88 -5.84 19.14
N ASP B 222 23.39 -5.00 20.02
CA ASP B 222 22.73 -4.74 21.29
C ASP B 222 22.01 -3.40 21.40
N CYS B 223 21.74 -2.77 20.26
CA CYS B 223 21.00 -1.51 20.27
C CYS B 223 19.54 -1.85 20.10
N GLU B 224 18.66 -1.00 20.62
CA GLU B 224 17.24 -1.22 20.49
C GLU B 224 16.48 0.08 20.69
N PHE B 225 15.26 0.12 20.18
CA PHE B 225 14.42 1.28 20.37
C PHE B 225 13.76 1.21 21.74
N GLU B 226 13.79 2.31 22.48
CA GLU B 226 13.13 2.36 23.78
C GLU B 226 11.67 2.59 23.36
N GLU B 227 11.49 3.46 22.37
CA GLU B 227 10.17 3.75 21.82
C GLU B 227 10.25 4.75 20.67
N ILE B 228 9.17 4.81 19.90
CA ILE B 228 9.05 5.71 18.77
C ILE B 228 7.68 6.37 18.87
N SER B 229 7.61 7.63 18.47
CA SER B 229 6.35 8.36 18.49
C SER B 229 6.25 9.15 17.19
N TYR B 230 5.03 9.33 16.71
CA TYR B 230 4.83 10.08 15.48
C TYR B 230 3.59 10.93 15.66
N THR B 231 3.57 12.04 14.95
CA THR B 231 2.43 12.94 14.95
C THR B 231 2.30 13.36 13.49
N VAL B 232 1.10 13.22 12.95
CA VAL B 232 0.86 13.59 11.57
C VAL B 232 0.03 14.86 11.57
N TYR B 233 0.49 15.85 10.81
CA TYR B 233 -0.25 17.11 10.67
C TYR B 233 -0.72 17.16 9.23
N GLN B 234 -2.01 17.48 9.02
CA GLN B 234 -2.55 17.55 7.67
C GLN B 234 -2.67 19.01 7.23
N SER B 235 -2.18 19.31 6.05
CA SER B 235 -2.25 20.67 5.50
C SER B 235 -3.30 20.68 4.39
N TYR B 236 -4.27 21.57 4.52
CA TYR B 236 -5.32 21.63 3.52
C TYR B 236 -5.87 23.04 3.36
N LEU B 237 -6.72 23.22 2.36
CA LEU B 237 -7.35 24.51 2.12
C LEU B 237 -8.81 24.34 2.44
N ASP B 238 -9.33 25.24 3.27
CA ASP B 238 -10.72 25.20 3.67
C ASP B 238 -11.46 26.41 3.12
N GLN B 239 -12.78 26.44 3.25
CA GLN B 239 -13.58 27.57 2.78
C GLN B 239 -13.40 27.74 1.28
N LEU B 240 -13.55 26.65 0.53
CA LEU B 240 -13.37 26.70 -0.91
C LEU B 240 -14.38 27.66 -1.56
N PRO B 241 -13.93 28.44 -2.55
CA PRO B 241 -14.80 29.39 -3.24
C PRO B 241 -15.86 28.72 -4.12
N VAL B 242 -17.07 29.27 -4.07
CA VAL B 242 -18.18 28.76 -4.86
C VAL B 242 -18.60 29.78 -5.92
N GLY B 243 -19.07 29.30 -7.06
CA GLY B 243 -19.49 30.19 -8.12
C GLY B 243 -20.86 29.80 -8.64
N GLN B 244 -21.40 30.18 -9.84
CA GLN B 244 -22.65 29.71 -10.46
C GLN B 244 -22.67 28.26 -10.89
N ASN B 245 -21.57 27.67 -10.82
CA ASN B 245 -21.29 26.29 -11.09
C ASN B 245 -21.22 25.42 -9.85
N GLY B 246 -21.01 26.15 -9.04
CA GLY B 246 -20.62 25.58 -7.75
C GLY B 246 -19.16 25.84 -7.43
N TYR B 247 -18.51 24.87 -6.79
CA TYR B 247 -17.10 24.98 -6.42
C TYR B 247 -16.21 25.35 -7.59
N ILE B 248 -15.44 26.42 -7.43
CA ILE B 248 -14.50 26.86 -8.46
C ILE B 248 -13.24 26.02 -8.21
N LEU B 249 -12.95 25.09 -9.11
CA LEU B 249 -11.81 24.20 -8.93
C LEU B 249 -10.91 24.00 -10.14
N PRO B 250 -9.59 23.88 -9.90
CA PRO B 250 -8.63 23.69 -10.99
C PRO B 250 -8.71 22.19 -11.35
N LEU B 251 -9.50 21.87 -12.37
CA LEU B 251 -9.72 20.50 -12.79
C LEU B 251 -8.49 19.74 -13.26
N ILE B 252 -7.54 20.43 -13.88
CA ILE B 252 -6.31 19.78 -14.33
C ILE B 252 -5.48 19.46 -13.10
N ASP B 253 -5.31 20.44 -12.20
CA ASP B 253 -4.53 20.24 -10.98
C ASP B 253 -5.04 19.00 -10.22
N LEU B 254 -6.35 18.96 -9.98
CA LEU B 254 -6.95 17.88 -9.24
C LEU B 254 -7.08 16.52 -9.95
N SER B 255 -6.82 16.51 -11.25
CA SER B 255 -6.89 15.25 -12.01
C SER B 255 -5.48 14.79 -12.40
N THR B 256 -4.48 15.43 -11.81
CA THR B 256 -3.09 15.10 -12.07
C THR B 256 -2.48 14.53 -10.80
N LEU B 257 -1.63 13.54 -10.92
CA LEU B 257 -0.98 12.94 -9.76
C LEU B 257 0.45 13.44 -9.68
N TYR B 258 0.88 13.85 -8.49
CA TYR B 258 2.25 14.28 -8.27
C TYR B 258 2.73 13.22 -7.29
N ASN B 259 3.59 12.34 -7.77
CA ASN B 259 4.09 11.21 -6.98
C ASN B 259 5.59 11.08 -6.91
N LEU B 260 6.05 10.44 -5.82
CA LEU B 260 7.46 10.10 -5.69
C LEU B 260 7.41 8.57 -5.69
N GLU B 261 8.36 7.93 -6.36
CA GLU B 261 8.45 6.47 -6.40
C GLU B 261 9.90 6.03 -6.44
N ASN B 262 10.21 4.84 -5.93
CA ASN B 262 11.57 4.35 -5.97
C ASN B 262 11.65 3.01 -6.68
N SER B 263 12.85 2.59 -7.06
CA SER B 263 13.04 1.30 -7.71
C SER B 263 14.50 0.91 -7.50
N ALA B 264 14.83 -0.34 -7.82
CA ALA B 264 16.20 -0.82 -7.67
C ALA B 264 16.58 -1.51 -8.97
N GLN B 265 17.83 -1.31 -9.39
CA GLN B 265 18.33 -1.90 -10.62
C GLN B 265 19.72 -2.49 -10.34
N ALA B 266 20.02 -3.64 -10.94
CA ALA B 266 21.34 -4.25 -10.75
C ALA B 266 21.88 -4.71 -12.11
N GLY B 267 23.14 -5.12 -12.14
CA GLY B 267 23.73 -5.57 -13.38
C GLY B 267 24.83 -4.64 -13.87
N LEU B 268 25.47 -3.93 -12.95
CA LEU B 268 26.54 -3.00 -13.29
C LEU B 268 27.86 -3.71 -13.56
N THR B 269 28.61 -3.20 -14.53
CA THR B 269 29.90 -3.76 -14.89
C THR B 269 30.90 -2.63 -15.13
N PRO B 270 32.13 -2.76 -14.60
CA PRO B 270 33.12 -1.71 -14.79
C PRO B 270 33.25 -1.20 -16.22
N ASN B 271 33.29 0.13 -16.34
CA ASN B 271 33.44 0.82 -17.62
C ASN B 271 32.37 0.61 -18.68
N VAL B 272 31.22 0.07 -18.29
CA VAL B 272 30.13 -0.14 -19.23
C VAL B 272 28.95 0.72 -18.83
N ASP B 273 28.32 1.37 -19.80
CA ASP B 273 27.15 2.20 -19.51
C ASP B 273 26.00 1.38 -18.92
N PHE B 274 25.56 1.76 -17.72
CA PHE B 274 24.42 1.11 -17.07
C PHE B 274 23.29 2.12 -17.28
N VAL B 275 22.27 1.70 -18.02
CA VAL B 275 21.15 2.57 -18.36
C VAL B 275 19.84 2.17 -17.70
N VAL B 276 19.24 3.12 -16.98
CA VAL B 276 17.94 2.88 -16.36
C VAL B 276 16.93 3.66 -17.19
N GLN B 277 16.08 2.94 -17.90
CA GLN B 277 15.09 3.59 -18.75
C GLN B 277 13.96 4.27 -17.98
N TYR B 278 13.51 5.41 -18.51
CA TYR B 278 12.40 6.15 -17.93
C TYR B 278 11.17 5.59 -18.64
N ALA B 279 10.04 5.52 -17.97
CA ALA B 279 8.82 5.01 -18.59
C ALA B 279 8.16 6.15 -19.37
N ASN B 280 7.19 5.81 -20.22
CA ASN B 280 6.51 6.86 -20.96
C ASN B 280 5.29 7.28 -20.15
N LEU B 281 4.63 8.36 -20.57
CA LEU B 281 3.32 9.00 -19.93
C LEU B 281 3.77 9.76 -18.69
N TYR B 282 4.81 9.42 -17.94
CA TYR B 282 5.20 10.21 -16.78
C TYR B 282 6.07 11.41 -17.15
N ARG B 283 5.85 12.53 -16.48
CA ARG B 283 6.66 13.72 -16.70
C ARG B 283 7.58 13.75 -15.48
N TYR B 284 8.81 13.28 -15.66
CA TYR B 284 9.77 13.21 -14.56
C TYR B 284 10.44 14.53 -14.23
N LEU B 285 10.13 15.05 -13.04
CA LEU B 285 10.66 16.33 -12.55
C LEU B 285 12.06 16.21 -11.97
N SER B 286 12.36 15.09 -11.30
CA SER B 286 13.69 14.91 -10.75
C SER B 286 14.03 13.42 -10.67
N THR B 287 15.33 13.15 -10.65
CA THR B 287 15.82 11.79 -10.54
C THR B 287 16.93 11.73 -9.51
N ILE B 288 16.87 10.73 -8.65
CA ILE B 288 17.89 10.51 -7.65
C ILE B 288 18.40 9.09 -7.88
N ALA B 289 19.71 8.93 -7.90
CA ALA B 289 20.31 7.62 -8.10
C ALA B 289 21.32 7.40 -7.00
N VAL B 290 21.15 6.34 -6.22
CA VAL B 290 22.07 6.03 -5.15
C VAL B 290 22.90 4.82 -5.55
N PHE B 291 24.21 4.97 -5.57
CA PHE B 291 25.08 3.87 -5.96
C PHE B 291 25.50 3.08 -4.71
N ASP B 292 24.69 2.07 -4.40
CA ASP B 292 24.97 1.21 -3.27
C ASP B 292 25.96 0.21 -3.84
N ASN B 293 27.25 0.53 -3.71
CA ASN B 293 28.30 -0.33 -4.25
C ASN B 293 28.62 -1.50 -3.32
N GLY B 294 27.68 -2.43 -3.21
CA GLY B 294 27.88 -3.57 -2.33
C GLY B 294 28.07 -3.15 -0.89
N GLY B 295 27.28 -2.18 -0.43
CA GLY B 295 27.40 -1.72 0.94
C GLY B 295 28.37 -0.57 1.17
N SER B 296 29.13 -0.24 0.14
CA SER B 296 30.08 0.86 0.22
C SER B 296 29.47 2.06 -0.50
N PHE B 297 29.61 3.23 0.11
CA PHE B 297 29.09 4.45 -0.51
C PHE B 297 30.26 5.41 -0.67
N ASN B 298 30.62 5.67 -1.92
CA ASN B 298 31.77 6.50 -2.23
C ASN B 298 31.42 7.86 -2.81
N ALA B 299 32.30 8.82 -2.58
CA ALA B 299 32.11 10.18 -3.06
C ALA B 299 32.61 10.29 -4.52
N GLY B 300 31.85 9.67 -5.42
CA GLY B 300 32.16 9.71 -6.84
C GLY B 300 33.36 8.96 -7.36
N THR B 301 34.25 8.51 -6.49
CA THR B 301 35.46 7.82 -6.93
C THR B 301 35.26 6.47 -7.62
N ASP B 302 34.08 5.89 -7.49
CA ASP B 302 33.77 4.61 -8.14
C ASP B 302 32.95 4.82 -9.41
N ILE B 303 32.84 6.07 -9.87
CA ILE B 303 32.09 6.37 -11.09
C ILE B 303 32.91 7.15 -12.10
N ASN B 304 32.77 6.78 -13.39
CA ASN B 304 33.46 7.46 -14.48
C ASN B 304 32.63 8.70 -14.85
N TYR B 305 31.35 8.49 -15.07
CA TYR B 305 30.44 9.59 -15.38
C TYR B 305 28.98 9.20 -15.24
N LEU B 306 28.12 10.21 -15.21
CA LEU B 306 26.68 10.00 -15.14
C LEU B 306 26.10 10.82 -16.29
N SER B 307 24.90 10.50 -16.74
CA SER B 307 24.30 11.24 -17.83
C SER B 307 22.82 10.93 -17.96
N GLN B 308 22.17 11.65 -18.86
CA GLN B 308 20.77 11.40 -19.21
C GLN B 308 20.90 11.33 -20.73
N ARG B 309 20.37 10.26 -21.32
CA ARG B 309 20.50 10.07 -22.76
C ARG B 309 19.22 9.69 -23.48
N THR B 310 19.07 10.20 -24.70
CA THR B 310 17.92 9.89 -25.53
C THR B 310 18.41 8.99 -26.66
N ALA B 311 17.71 7.90 -26.93
CA ALA B 311 18.11 6.99 -28.00
C ALA B 311 18.25 7.74 -29.31
N ASN B 312 18.87 7.94 -29.94
CA ASN B 312 19.27 8.46 -31.23
C ASN B 312 20.22 9.63 -31.07
N PHE B 313 20.02 10.78 -30.39
CA PHE B 313 20.88 11.90 -30.10
C PHE B 313 21.89 11.39 -29.18
N SER B 314 22.21 10.93 -28.48
CA SER B 314 23.23 10.96 -27.43
C SER B 314 22.84 11.61 -26.10
N ASP B 315 23.87 11.97 -25.33
CA ASP B 315 23.70 12.54 -24.00
C ASP B 315 23.45 14.06 -23.96
N THR B 316 22.56 14.47 -23.06
CA THR B 316 22.26 15.89 -22.89
C THR B 316 23.03 16.46 -21.72
N ARG B 317 23.67 15.59 -20.95
CA ARG B 317 24.49 16.02 -19.81
C ARG B 317 25.40 14.93 -19.25
N LYS B 318 26.34 14.48 -20.08
CA LYS B 318 27.30 13.47 -19.66
C LYS B 318 28.40 14.22 -18.90
N LEU B 319 28.47 13.99 -17.59
CA LEU B 319 29.42 14.71 -16.74
C LEU B 319 30.23 13.86 -15.77
N ASP B 320 31.44 14.30 -15.45
CA ASP B 320 32.25 13.59 -14.48
C ASP B 320 31.51 13.79 -13.14
N PRO B 321 31.75 12.92 -12.15
CA PRO B 321 31.06 13.06 -10.86
C PRO B 321 31.15 14.42 -10.16
N LYS B 322 32.33 15.04 -10.16
CA LYS B 322 32.43 16.36 -9.50
C LYS B 322 31.62 17.43 -10.22
N THR B 323 31.62 17.41 -11.54
CA THR B 323 30.87 18.41 -12.30
C THR B 323 29.37 18.15 -12.15
N TRP B 324 29.00 16.88 -12.01
CA TRP B 324 27.60 16.53 -11.79
C TRP B 324 27.22 17.10 -10.42
N ALA B 325 28.11 16.92 -9.44
CA ALA B 325 27.87 17.43 -8.09
C ALA B 325 27.79 18.97 -8.08
N ALA B 326 28.56 19.61 -8.96
CA ALA B 326 28.52 21.07 -9.03
C ALA B 326 27.11 21.53 -9.39
N GLN B 327 26.45 20.86 -10.34
CA GLN B 327 25.09 21.25 -10.71
C GLN B 327 24.18 21.10 -9.49
N THR B 328 24.37 20.03 -8.72
CA THR B 328 23.56 19.83 -7.53
C THR B 328 23.82 20.91 -6.49
N ARG B 329 25.07 21.36 -6.34
CA ARG B 329 25.35 22.42 -5.36
C ARG B 329 24.56 23.70 -5.66
N ARG B 330 24.23 23.92 -6.93
CA ARG B 330 23.44 25.08 -7.33
C ARG B 330 21.98 24.91 -6.93
N ARG B 331 21.57 23.67 -6.69
CA ARG B 331 20.19 23.39 -6.33
C ARG B 331 19.91 23.29 -4.83
N ILE B 332 20.85 22.72 -4.08
CA ILE B 332 20.62 22.57 -2.63
C ILE B 332 21.70 23.19 -1.75
N ALA B 333 22.60 23.97 -2.37
CA ALA B 333 23.64 24.69 -1.65
C ALA B 333 24.65 23.83 -0.89
N THR B 334 24.73 22.55 -1.25
CA THR B 334 25.65 21.62 -0.61
C THR B 334 25.58 20.31 -1.42
N ASP B 335 26.28 19.27 -0.96
CA ASP B 335 26.25 17.98 -1.65
C ASP B 335 25.30 17.04 -0.91
N PHE B 336 24.67 16.12 -1.63
CA PHE B 336 23.87 15.09 -0.96
C PHE B 336 24.92 14.13 -0.40
N PRO B 337 24.51 13.20 0.49
CA PRO B 337 25.48 12.26 1.07
C PRO B 337 26.24 11.40 0.07
N LYS B 338 27.34 10.79 0.50
CA LYS B 338 28.15 9.95 -0.40
C LYS B 338 27.35 8.93 -1.18
N GLY B 339 27.60 8.89 -2.49
CA GLY B 339 26.94 7.92 -3.35
C GLY B 339 25.54 8.29 -3.79
N VAL B 340 25.06 9.45 -3.35
CA VAL B 340 23.71 9.92 -3.71
C VAL B 340 23.83 11.00 -4.79
N TYR B 341 23.20 10.77 -5.93
CA TYR B 341 23.26 11.71 -7.05
C TYR B 341 21.90 12.21 -7.46
N TYR B 342 21.83 13.53 -7.65
CA TYR B 342 20.58 14.19 -7.98
C TYR B 342 20.59 14.84 -9.35
N CYS B 343 19.42 14.88 -9.96
CA CYS B 343 19.24 15.46 -11.28
C CYS B 343 17.92 16.23 -11.33
N ASP B 344 18.01 17.54 -11.60
CA ASP B 344 16.82 18.41 -11.68
C ASP B 344 16.38 18.56 -13.14
N ASN B 345 15.13 18.20 -13.43
CA ASN B 345 14.54 18.35 -14.77
C ASN B 345 13.19 19.04 -14.61
N ARG B 346 13.07 19.90 -13.61
CA ARG B 346 11.81 20.57 -13.33
C ARG B 346 11.25 21.49 -14.41
N ASP B 347 12.12 22.28 -15.03
CA ASP B 347 11.66 23.19 -16.07
C ASP B 347 11.29 22.49 -17.37
N LYS B 348 11.95 21.37 -17.65
CA LYS B 348 11.67 20.58 -18.84
C LYS B 348 11.71 19.12 -18.44
N PRO B 349 10.60 18.62 -17.87
CA PRO B 349 10.46 17.24 -17.41
C PRO B 349 10.75 16.19 -18.48
N ILE B 350 11.40 15.11 -18.09
CA ILE B 350 11.69 14.01 -19.00
C ILE B 350 10.32 13.42 -19.32
N TYR B 351 9.98 13.39 -20.61
CA TYR B 351 8.70 12.86 -21.07
C TYR B 351 8.96 12.20 -22.43
N THR B 352 9.06 10.88 -22.43
CA THR B 352 9.38 10.12 -23.64
C THR B 352 8.31 9.96 -24.70
N LEU B 353 7.33 9.94 -24.84
CA LEU B 353 6.04 9.37 -25.33
C LEU B 353 6.20 7.87 -25.65
N GLN B 354 7.37 7.40 -25.94
CA GLN B 354 7.64 5.99 -26.17
C GLN B 354 8.50 5.53 -24.97
N TYR B 355 8.23 4.34 -24.38
CA TYR B 355 8.99 3.74 -23.28
C TYR B 355 10.49 3.57 -23.51
N GLY B 356 11.30 4.28 -22.72
CA GLY B 356 12.73 4.16 -22.85
C GLY B 356 13.41 5.06 -23.87
N ASN B 357 12.71 5.95 -24.33
CA ASN B 357 13.26 7.03 -25.15
C ASN B 357 14.27 7.85 -24.40
N VAL B 358 14.26 7.74 -23.34
CA VAL B 358 14.91 9.01 -22.27
C VAL B 358 15.67 7.53 -21.31
N GLY B 359 16.96 7.58 -20.99
CA GLY B 359 17.47 6.78 -19.90
C GLY B 359 18.45 7.56 -19.01
N PHE B 360 18.59 7.10 -17.77
CA PHE B 360 19.53 7.70 -16.82
C PHE B 360 20.75 6.80 -16.88
N VAL B 361 21.92 7.39 -17.07
CA VAL B 361 23.13 6.61 -17.22
C VAL B 361 24.19 6.75 -16.16
N VAL B 362 24.76 5.61 -15.77
CA VAL B 362 25.86 5.58 -14.83
C VAL B 362 26.91 4.62 -15.39
N ASN B 363 28.10 5.12 -15.67
CA ASN B 363 29.19 4.28 -16.13
C ASN B 363 30.12 4.17 -14.93
N PRO B 364 30.09 3.03 -14.24
CA PRO B 364 30.90 2.76 -13.04
C PRO B 364 32.38 2.48 -13.29
N LYS B 365 33.22 2.97 -12.40
CA LYS B 365 34.66 2.75 -12.50
C LYS B 365 34.98 1.43 -11.81
N THR B 366 34.38 1.22 -10.64
CA THR B 366 34.58 -0.01 -9.87
C THR B 366 33.23 -0.55 -9.40
N VAL B 367 33.05 -1.86 -9.53
CA VAL B 367 31.81 -2.50 -9.13
C VAL B 367 32.05 -3.64 -8.15
N ASN B 368 31.56 -3.48 -6.92
CA ASN B 368 31.72 -4.50 -5.91
C ASN B 368 30.60 -5.53 -6.01
N GLN B 369 30.70 -6.59 -5.21
CA GLN B 369 29.69 -7.63 -5.19
C GLN B 369 28.38 -7.05 -4.66
N ASN B 370 27.27 -7.43 -5.27
CA ASN B 370 25.94 -6.97 -4.85
C ASN B 370 25.74 -5.46 -5.07
N ALA B 371 26.33 -4.93 -6.13
CA ALA B 371 26.18 -3.52 -6.44
C ALA B 371 24.81 -3.29 -7.09
N ARG B 372 24.27 -2.10 -6.89
CA ARG B 372 22.99 -1.77 -7.47
C ARG B 372 22.75 -0.28 -7.36
N LEU B 373 21.85 0.21 -8.20
CA LEU B 373 21.47 1.61 -8.18
C LEU B 373 20.06 1.65 -7.63
N LEU B 374 19.85 2.46 -6.60
CA LEU B 374 18.54 2.65 -6.03
C LEU B 374 18.05 3.98 -6.59
N MET B 375 17.01 3.91 -7.43
CA MET B 375 16.47 5.09 -8.09
C MET B 375 15.30 5.69 -7.36
N GLY B 376 15.18 7.01 -7.45
CA GLY B 376 14.07 7.72 -6.83
C GLY B 376 13.56 8.73 -7.85
N TYR B 377 12.25 8.77 -8.06
CA TYR B 377 11.66 9.69 -9.03
C TYR B 377 10.54 10.58 -8.50
N GLU B 378 10.47 11.79 -9.04
CA GLU B 378 9.39 12.75 -8.76
C GLU B 378 8.74 12.90 -10.13
N TYR B 379 7.43 12.72 -10.25
CA TYR B 379 6.82 12.88 -11.56
C TYR B 379 5.36 13.30 -11.48
N PHE B 380 4.90 13.74 -12.65
CA PHE B 380 3.50 14.11 -12.83
C PHE B 380 3.00 13.13 -13.88
N THR B 381 1.65 13.04 -13.39
CA THR B 381 1.01 12.19 -14.39
C THR B 381 -0.49 12.42 -14.30
N SER B 382 -0.65 11.97 -15.78
CA SER B 382 -2.13 12.09 -15.98
C SER B 382 -2.79 10.85 -15.37
N ARG B 383 -3.63 11.10 -14.41
CA ARG B 383 -4.13 10.00 -13.57
C ARG B 383 -4.65 8.83 -14.39
N THR B 384 -5.23 9.06 -15.52
CA THR B 384 -5.77 8.04 -16.42
C THR B 384 -4.71 7.24 -17.12
N GLU B 385 -3.61 7.95 -17.55
CA GLU B 385 -2.37 7.37 -18.23
C GLU B 385 -1.65 6.37 -17.27
N LEU B 386 -1.49 6.80 -16.03
CA LEU B 386 -0.90 5.89 -14.98
C LEU B 386 -1.79 4.69 -14.70
N VAL B 387 -3.09 4.92 -14.70
CA VAL B 387 -4.04 3.83 -14.54
C VAL B 387 -3.92 2.77 -15.65
N ASN B 388 -3.82 3.27 -16.97
CA ASN B 388 -3.90 2.30 -18.01
C ASN B 388 -2.57 1.99 -18.72
N ALA B 389 -1.62 2.85 -18.87
CA ALA B 389 -0.39 2.66 -19.71
C ALA B 389 0.91 2.93 -19.03
N GLY B 390 1.34 2.62 -18.01
CA GLY B 390 2.60 2.93 -17.29
C GLY B 390 3.43 1.69 -16.72
N THR B 391 4.96 1.53 -16.80
CA THR B 391 5.87 0.77 -15.92
C THR B 391 7.06 1.67 -15.68
N ILE B 392 7.97 1.20 -14.85
CA ILE B 392 9.23 1.94 -14.66
C ILE B 392 10.40 1.15 -15.26
N SER B 393 11.83 1.15 -14.53
CA SER B 393 12.37 -0.17 -14.83
C SER B 393 12.33 -0.50 -16.22
N THR B 394 13.70 -0.73 -16.78
CA THR B 394 14.09 -1.05 -18.16
C THR B 394 14.86 -2.36 -18.10
N THR B 395 14.94 -3.08 -17.41
CA THR B 395 15.74 -4.32 -17.25
C THR B 395 17.22 -4.12 -17.63
N GLN C 5 1.70 63.79 -36.94
CA GLN C 5 2.06 64.62 -35.77
C GLN C 5 3.57 64.83 -35.66
N GLN C 6 4.22 64.81 -36.81
CA GLN C 6 5.61 65.26 -36.97
C GLN C 6 6.61 64.60 -36.02
N LEU C 7 6.57 63.28 -35.89
CA LEU C 7 7.56 62.59 -35.03
C LEU C 7 8.96 62.84 -35.57
N THR C 8 9.85 63.10 -34.62
CA THR C 8 11.23 63.47 -34.91
C THR C 8 12.03 62.27 -35.29
N PRO C 9 13.22 62.53 -35.74
CA PRO C 9 14.16 61.41 -36.00
C PRO C 9 14.36 60.63 -34.72
N ALA C 10 14.53 61.31 -33.61
CA ALA C 10 14.73 60.67 -32.32
C ALA C 10 13.53 59.78 -31.94
N GLN C 11 12.35 60.37 -32.10
CA GLN C 11 11.13 59.68 -31.74
C GLN C 11 10.87 58.42 -32.58
N GLN C 12 11.14 58.62 -33.88
CA GLN C 12 10.96 57.49 -34.82
C GLN C 12 11.91 56.37 -34.49
N ALA C 13 13.17 56.74 -34.29
CA ALA C 13 14.18 55.67 -33.97
C ALA C 13 13.76 54.96 -32.71
N ALA C 14 13.35 55.72 -31.71
CA ALA C 14 12.94 55.16 -30.40
C ALA C 14 11.86 54.09 -30.58
N LEU C 15 10.86 54.49 -31.32
CA LEU C 15 9.66 53.74 -31.67
C LEU C 15 10.06 52.45 -32.37
N ARG C 16 11.06 52.53 -33.24
CA ARG C 16 11.52 51.42 -34.06
C ARG C 16 12.55 50.53 -33.40
N ASN C 17 12.72 51.02 -31.96
CA ASN C 17 13.50 50.20 -31.05
C ASN C 17 12.57 49.51 -30.05
N GLN C 18 11.48 50.20 -29.69
CA GLN C 18 10.52 49.64 -28.76
C GLN C 18 9.97 48.35 -29.33
N GLN C 19 9.79 48.34 -30.65
CA GLN C 19 9.29 47.17 -31.36
C GLN C 19 10.44 46.16 -31.47
N ALA C 20 11.66 46.69 -31.58
CA ALA C 20 12.85 45.85 -31.68
C ALA C 20 13.06 45.12 -30.36
N MET C 21 12.88 45.82 -29.25
CA MET C 21 13.03 45.25 -27.92
C MET C 21 12.01 44.14 -27.71
N ALA C 22 10.77 44.41 -28.10
CA ALA C 22 9.69 43.44 -27.95
C ALA C 22 9.94 42.20 -28.80
N ALA C 23 10.41 42.41 -30.03
CA ALA C 23 10.69 41.31 -30.94
C ALA C 23 11.81 40.44 -30.36
N ASN C 24 12.84 41.10 -29.82
CA ASN C 24 13.97 40.41 -29.23
C ASN C 24 13.51 39.53 -28.07
N LEU C 25 12.81 40.12 -27.11
CA LEU C 25 12.32 39.36 -25.97
C LEU C 25 11.47 38.16 -26.39
N GLN C 26 10.58 38.35 -27.35
CA GLN C 26 9.73 37.25 -27.82
C GLN C 26 10.60 36.14 -28.42
N ALA C 27 11.57 36.54 -29.23
CA ALA C 27 12.45 35.57 -29.86
C ALA C 27 13.22 34.80 -28.77
N ARG C 28 13.67 35.52 -27.75
CA ARG C 28 14.40 34.89 -26.65
C ARG C 28 13.50 33.86 -25.95
N GLN C 29 12.28 34.28 -25.62
CA GLN C 29 11.34 33.39 -24.96
C GLN C 29 11.06 32.13 -25.76
N ILE C 30 10.94 32.28 -27.08
CA ILE C 30 10.68 31.14 -27.96
C ILE C 30 11.90 30.21 -28.01
N VAL C 31 13.09 30.78 -28.13
CA VAL C 31 14.30 29.97 -28.17
C VAL C 31 14.40 29.15 -26.88
N LEU C 32 14.20 29.80 -25.75
CA LEU C 32 14.30 29.12 -24.45
C LEU C 32 13.27 27.99 -24.31
N GLN C 33 12.06 28.22 -24.80
CA GLN C 33 11.02 27.21 -24.67
C GLN C 33 11.14 26.08 -25.67
N GLN C 34 11.59 26.37 -26.89
CA GLN C 34 11.72 25.36 -27.94
C GLN C 34 13.02 24.56 -28.00
N SER C 35 14.15 25.20 -27.69
CA SER C 35 15.44 24.52 -27.73
C SER C 35 15.65 23.71 -26.46
N TYR C 36 16.67 22.86 -26.45
CA TYR C 36 16.96 22.07 -25.26
C TYR C 36 18.41 22.33 -24.84
N PRO C 37 18.63 22.64 -23.55
CA PRO C 37 19.99 22.91 -23.08
C PRO C 37 20.86 21.65 -23.06
N VAL C 38 22.14 21.84 -23.37
CA VAL C 38 23.10 20.75 -23.38
C VAL C 38 24.40 21.25 -22.77
N ILE C 39 25.08 20.39 -22.04
CA ILE C 39 26.38 20.74 -21.49
C ILE C 39 27.22 19.52 -21.83
N GLN C 40 28.30 19.73 -22.58
CA GLN C 40 29.14 18.60 -23.00
C GLN C 40 30.61 18.95 -22.95
N GLN C 41 31.42 17.95 -22.62
CA GLN C 41 32.86 18.14 -22.56
C GLN C 41 33.40 18.48 -23.94
N VAL C 42 34.31 19.46 -23.96
CA VAL C 42 34.95 19.91 -25.20
C VAL C 42 36.39 19.43 -25.25
N GLU C 43 37.08 19.49 -24.12
CA GLU C 43 38.48 19.12 -24.09
C GLU C 43 39.00 18.92 -22.68
N THR C 44 39.92 17.98 -22.51
CA THR C 44 40.55 17.75 -21.21
C THR C 44 42.05 17.59 -21.47
N GLN C 45 42.87 18.13 -20.58
CA GLN C 45 44.31 17.95 -20.71
C GLN C 45 44.97 18.00 -19.35
N THR C 46 46.01 17.20 -19.19
CA THR C 46 46.78 17.13 -17.95
C THR C 46 48.20 17.49 -18.35
N PHE C 47 48.83 18.38 -17.60
CA PHE C 47 50.16 18.86 -17.93
C PHE C 47 50.89 19.37 -16.70
N ASP C 48 52.17 19.68 -16.90
CA ASP C 48 53.01 20.25 -15.84
C ASP C 48 53.21 21.68 -16.33
N PRO C 49 52.78 22.68 -15.54
CA PRO C 49 52.94 24.06 -15.99
C PRO C 49 54.39 24.50 -16.17
N ALA C 50 55.34 23.67 -15.72
CA ALA C 50 56.75 23.99 -15.90
C ALA C 50 57.07 23.79 -17.40
N ASN C 51 56.24 22.99 -18.05
CA ASN C 51 56.39 22.69 -19.47
C ASN C 51 55.59 23.65 -20.33
N ARG C 52 54.33 23.86 -19.95
CA ARG C 52 53.46 24.74 -20.72
C ARG C 52 52.32 25.23 -19.80
N SER C 53 51.98 26.51 -19.88
CA SER C 53 50.90 27.02 -19.04
C SER C 53 49.79 27.76 -19.79
N VAL C 54 49.94 27.95 -21.10
CA VAL C 54 48.92 28.63 -21.89
C VAL C 54 48.28 27.67 -22.89
N PHE C 55 46.95 27.61 -22.89
CA PHE C 55 46.24 26.71 -23.77
C PHE C 55 45.10 27.40 -24.52
N ASP C 56 45.00 27.11 -25.81
CA ASP C 56 43.94 27.68 -26.63
C ASP C 56 42.97 26.54 -26.91
N VAL C 57 41.82 26.59 -26.23
CA VAL C 57 40.79 25.56 -26.39
C VAL C 57 39.84 25.99 -27.52
N THR C 58 39.45 25.03 -28.35
CA THR C 58 38.56 25.30 -29.46
C THR C 58 37.16 24.75 -29.23
N PRO C 59 36.22 25.61 -28.81
CA PRO C 59 34.84 25.19 -28.57
C PRO C 59 34.20 24.65 -29.84
N ALA C 60 33.21 23.79 -29.67
CA ALA C 60 32.49 23.21 -30.81
C ALA C 60 31.52 24.26 -31.33
N ASN C 61 31.31 24.32 -32.65
CA ASN C 61 30.38 25.29 -33.20
C ASN C 61 29.01 24.66 -33.29
N VAL C 62 28.18 24.87 -32.27
CA VAL C 62 26.82 24.32 -32.29
C VAL C 62 25.83 25.23 -31.58
N GLY C 63 24.74 25.53 -32.27
CA GLY C 63 23.70 26.36 -31.71
C GLY C 63 24.14 27.65 -31.04
N ILE C 64 23.38 28.04 -30.03
CA ILE C 64 23.67 29.26 -29.28
C ILE C 64 24.49 28.84 -28.06
N VAL C 65 25.70 29.41 -27.93
CA VAL C 65 26.58 29.08 -26.81
C VAL C 65 26.35 30.05 -25.65
N LYS C 66 26.13 29.50 -24.45
CA LYS C 66 25.85 30.32 -23.26
C LYS C 66 27.06 30.55 -22.38
N GLY C 67 27.99 29.60 -22.37
CA GLY C 67 29.18 29.75 -21.55
C GLY C 67 29.95 28.45 -21.39
N PHE C 68 31.01 28.51 -20.58
CA PHE C 68 31.83 27.35 -20.35
C PHE C 68 32.13 27.12 -18.88
N LEU C 69 31.99 25.86 -18.45
CA LEU C 69 32.31 25.52 -17.07
C LEU C 69 33.68 24.86 -17.18
N VAL C 70 34.65 25.43 -16.48
CA VAL C 70 36.02 24.92 -16.51
C VAL C 70 36.40 24.31 -15.17
N LYS C 71 36.65 23.01 -15.18
CA LYS C 71 37.07 22.27 -14.01
C LYS C 71 38.61 22.28 -14.04
N VAL C 72 39.24 22.64 -12.92
CA VAL C 72 40.70 22.66 -12.86
C VAL C 72 41.14 21.92 -11.60
N THR C 73 42.04 20.94 -11.75
CA THR C 73 42.56 20.25 -10.58
C THR C 73 44.08 20.42 -10.60
N ALA C 74 44.71 20.25 -9.44
CA ALA C 74 46.16 20.38 -9.39
C ALA C 74 46.71 19.68 -8.18
N ALA C 75 47.97 19.30 -8.27
CA ALA C 75 48.68 18.67 -7.16
C ALA C 75 49.91 19.56 -6.94
N ILE C 76 50.12 19.98 -5.70
CA ILE C 76 51.24 20.84 -5.36
C ILE C 76 52.07 20.20 -4.28
N THR C 77 53.40 20.24 -4.43
CA THR C 77 54.27 19.64 -3.43
C THR C 77 55.18 20.68 -2.80
N ASN C 78 55.28 20.63 -1.47
CA ASN C 78 56.13 21.55 -0.76
C ASN C 78 57.36 20.74 -0.38
N ASN C 79 58.48 20.98 -1.06
CA ASN C 79 59.69 20.23 -0.73
C ASN C 79 60.65 20.99 0.17
N HIS C 80 60.18 22.04 0.82
CA HIS C 80 61.06 22.79 1.71
C HIS C 80 61.48 21.82 2.82
N ALA C 81 62.67 22.01 3.35
CA ALA C 81 63.16 21.14 4.39
C ALA C 81 62.39 21.22 5.70
N THR C 82 61.88 22.41 6.03
CA THR C 82 61.18 22.56 7.31
C THR C 82 59.94 23.43 7.36
N GLU C 83 59.81 24.38 6.45
CA GLU C 83 58.70 25.33 6.49
C GLU C 83 57.47 25.02 5.65
N ALA C 84 56.30 25.40 6.16
CA ALA C 84 55.05 25.17 5.45
C ALA C 84 54.66 26.40 4.64
N VAL C 85 53.55 26.29 3.92
CA VAL C 85 53.00 27.42 3.18
C VAL C 85 51.51 27.34 3.50
N ALA C 86 50.83 28.47 3.42
CA ALA C 86 49.42 28.55 3.72
C ALA C 86 48.69 29.23 2.58
N LEU C 87 47.42 28.89 2.40
CA LEU C 87 46.63 29.51 1.34
C LEU C 87 46.60 31.02 1.45
N THR C 88 46.62 31.69 0.32
CA THR C 88 46.50 33.14 0.27
C THR C 88 44.98 33.36 0.38
N ASP C 89 44.55 34.61 0.41
CA ASP C 89 43.11 34.90 0.48
C ASP C 89 42.35 34.39 -0.74
N PHE C 90 42.99 34.43 -1.92
CA PHE C 90 42.32 33.97 -3.14
C PHE C 90 42.53 32.46 -3.36
N GLY C 91 43.64 31.95 -2.87
CA GLY C 91 43.92 30.52 -2.98
C GLY C 91 43.73 29.88 -4.33
N PRO C 92 42.89 28.83 -4.41
CA PRO C 92 42.68 28.16 -5.68
C PRO C 92 42.07 28.99 -6.79
N ALA C 93 41.48 30.14 -6.46
CA ALA C 93 40.91 31.00 -7.50
C ALA C 93 42.05 31.51 -8.40
N ASN C 94 43.29 31.40 -7.91
CA ASN C 94 44.44 31.83 -8.71
C ASN C 94 45.07 30.70 -9.53
N LEU C 95 44.40 29.55 -9.63
CA LEU C 95 44.91 28.43 -10.45
C LEU C 95 44.89 28.86 -11.92
N VAL C 96 43.92 29.69 -12.28
CA VAL C 96 43.87 30.23 -13.64
C VAL C 96 44.22 31.72 -13.45
N GLN C 97 45.25 32.17 -14.14
CA GLN C 97 45.68 33.55 -14.05
C GLN C 97 44.86 34.46 -14.95
N ARG C 98 44.58 34.00 -16.17
CA ARG C 98 43.79 34.80 -17.11
C ARG C 98 42.97 33.95 -18.06
N VAL C 99 41.83 34.49 -18.48
CA VAL C 99 40.96 33.80 -19.42
C VAL C 99 40.54 34.83 -20.46
N ILE C 100 40.59 34.44 -21.74
CA ILE C 100 40.18 35.34 -22.82
C ILE C 100 39.35 34.54 -23.81
N TYR C 101 38.20 35.09 -24.22
CA TYR C 101 37.34 34.42 -25.19
C TYR C 101 37.15 35.27 -26.45
N TYR C 102 37.19 34.63 -27.62
CA TYR C 102 36.95 35.31 -28.89
C TYR C 102 35.85 34.51 -29.60
N ASP C 103 34.88 35.19 -30.19
CA ASP C 103 33.79 34.48 -30.88
C ASP C 103 34.17 34.15 -32.33
N PRO C 104 33.26 33.53 -33.10
CA PRO C 104 33.56 33.18 -34.50
C PRO C 104 33.99 34.35 -35.41
N ASP C 105 33.63 35.58 -35.06
CA ASP C 105 34.03 36.72 -35.86
C ASP C 105 35.31 37.33 -35.30
N ASN C 106 35.89 36.61 -34.35
CA ASN C 106 37.11 37.02 -33.66
C ASN C 106 36.93 38.28 -32.81
N GLN C 107 35.70 38.52 -32.38
CA GLN C 107 35.41 39.65 -31.51
C GLN C 107 35.68 39.13 -30.10
N ARG C 108 36.46 39.88 -29.35
CA ARG C 108 36.83 39.50 -27.99
C ARG C 108 35.67 39.81 -27.03
N HIS C 109 35.38 38.89 -26.11
CA HIS C 109 34.34 39.15 -25.12
C HIS C 109 35.12 39.31 -23.82
N THR C 110 34.91 38.41 -22.86
CA THR C 110 35.63 38.52 -21.61
C THR C 110 37.16 38.34 -21.73
N GLU C 111 37.88 39.12 -20.94
CA GLU C 111 39.33 39.03 -20.83
C GLU C 111 39.61 39.54 -19.41
N THR C 112 39.83 38.61 -18.48
CA THR C 112 40.07 38.99 -17.11
C THR C 112 40.84 37.95 -16.33
N SER C 113 41.08 38.24 -15.06
CA SER C 113 41.83 37.33 -14.20
C SER C 113 40.93 36.23 -13.63
N GLY C 114 41.54 35.12 -13.26
CA GLY C 114 40.78 34.04 -12.65
C GLY C 114 40.12 34.54 -11.37
N TRP C 115 40.81 35.33 -10.57
CA TRP C 115 40.19 35.79 -9.34
C TRP C 115 38.97 36.69 -9.58
N HIS C 116 39.03 37.56 -10.59
CA HIS C 116 37.89 38.43 -10.85
C HIS C 116 36.72 37.61 -11.36
N LEU C 117 36.98 36.68 -12.28
CA LEU C 117 35.92 35.85 -12.83
C LEU C 117 35.25 35.08 -11.70
N HIS C 118 36.06 34.55 -10.80
CA HIS C 118 35.53 33.81 -9.67
C HIS C 118 34.64 34.69 -8.77
N PHE C 119 35.07 35.92 -8.49
CA PHE C 119 34.25 36.79 -7.64
C PHE C 119 32.92 37.12 -8.32
N VAL C 120 32.91 37.26 -9.64
CA VAL C 120 31.65 37.51 -10.34
C VAL C 120 30.78 36.23 -10.28
N ASN C 121 31.40 35.06 -10.42
CA ASN C 121 30.63 33.80 -10.32
C ASN C 121 29.91 33.79 -8.96
N THR C 122 30.63 34.18 -7.91
CA THR C 122 30.04 34.24 -6.56
C THR C 122 28.92 35.28 -6.50
N ALA C 123 29.17 36.48 -7.02
CA ALA C 123 28.15 37.52 -6.98
C ALA C 123 26.87 37.06 -7.70
N LYS C 124 27.02 36.39 -8.83
CA LYS C 124 25.87 35.94 -9.60
C LYS C 124 25.14 34.78 -8.92
N GLN C 125 25.86 33.98 -8.13
CA GLN C 125 25.21 32.88 -7.41
C GLN C 125 24.47 33.39 -6.17
N GLY C 126 24.99 34.44 -5.55
CA GLY C 126 24.39 34.97 -4.34
C GLY C 126 25.01 34.32 -3.12
N ALA C 127 26.12 33.62 -3.33
CA ALA C 127 26.85 32.92 -2.26
C ALA C 127 28.19 32.45 -2.84
N PRO C 128 29.19 32.14 -1.98
CA PRO C 128 30.48 31.69 -2.50
C PRO C 128 30.24 30.60 -3.54
N PHE C 129 30.74 30.83 -4.75
CA PHE C 129 30.52 29.94 -5.88
C PHE C 129 30.78 28.46 -5.62
N LEU C 130 29.75 27.65 -5.89
CA LEU C 130 29.79 26.19 -5.74
C LEU C 130 30.27 25.75 -4.35
N SER C 131 30.01 26.56 -3.33
CA SER C 131 30.41 26.20 -1.97
C SER C 131 29.37 25.26 -1.32
N SER C 132 29.78 24.65 -0.21
CA SER C 132 28.89 23.79 0.57
C SER C 132 28.64 24.54 1.88
N MET C 133 27.37 24.90 2.12
CA MET C 133 26.97 25.62 3.33
C MET C 133 26.97 24.67 4.52
N VAL C 134 27.39 25.16 5.68
CA VAL C 134 27.42 24.34 6.89
C VAL C 134 26.07 24.48 7.64
N THR C 135 25.48 23.34 8.03
CA THR C 135 24.22 23.36 8.78
C THR C 135 24.29 22.34 9.90
N ASP C 136 23.25 22.32 10.73
CA ASP C 136 23.17 21.38 11.86
C ASP C 136 22.55 20.04 11.42
N SER C 137 22.33 19.83 10.13
CA SER C 137 21.67 18.59 9.73
C SER C 137 22.44 17.31 10.12
N PRO C 138 21.76 16.35 10.79
CA PRO C 138 22.43 15.11 11.17
C PRO C 138 22.61 14.17 9.96
N ILE C 139 21.81 14.38 8.91
CA ILE C 139 21.92 13.61 7.68
C ILE C 139 23.27 14.09 7.09
N LYS C 140 24.08 13.17 6.56
CA LYS C 140 25.41 13.57 6.12
C LYS C 140 25.65 14.31 4.82
N TYR C 141 24.96 15.45 4.71
CA TYR C 141 25.15 16.40 3.61
C TYR C 141 26.46 17.05 4.05
N GLY C 142 27.05 17.85 3.17
CA GLY C 142 28.26 18.54 3.55
C GLY C 142 29.26 18.56 2.42
N ASP C 143 30.52 18.77 2.74
CA ASP C 143 31.55 18.77 1.70
C ASP C 143 31.86 17.29 1.47
N VAL C 144 31.07 16.68 0.60
CA VAL C 144 31.20 15.27 0.28
C VAL C 144 32.05 15.08 -0.98
N MET C 145 31.81 15.92 -1.96
CA MET C 145 32.46 15.82 -3.26
C MET C 145 33.63 16.74 -3.56
N ASN C 146 33.96 17.61 -2.62
CA ASN C 146 35.08 18.55 -2.78
C ASN C 146 35.13 19.23 -4.14
N VAL C 147 34.02 19.85 -4.51
CA VAL C 147 33.87 20.52 -5.78
C VAL C 147 34.89 21.66 -5.94
N ILE C 148 34.99 22.53 -4.94
CA ILE C 148 36.04 23.56 -4.95
C ILE C 148 36.72 23.34 -3.60
N ASP C 149 38.01 23.03 -3.64
CA ASP C 149 38.71 22.65 -2.42
C ASP C 149 40.23 22.83 -2.52
N ALA C 150 40.87 23.12 -1.39
CA ALA C 150 42.33 23.26 -1.33
C ALA C 150 42.74 23.19 0.13
N PRO C 151 43.79 22.41 0.44
CA PRO C 151 44.20 22.33 1.85
C PRO C 151 44.63 23.70 2.38
N ALA C 152 44.25 24.00 3.63
CA ALA C 152 44.56 25.28 4.24
C ALA C 152 46.08 25.51 4.30
N THR C 153 46.83 24.43 4.48
CA THR C 153 48.28 24.51 4.52
C THR C 153 48.88 23.27 3.86
N ILE C 154 50.11 23.41 3.39
CA ILE C 154 50.83 22.26 2.83
C ILE C 154 52.16 22.29 3.59
N ALA C 155 52.34 21.30 4.46
CA ALA C 155 53.53 21.20 5.28
C ALA C 155 54.77 20.80 4.51
N ALA C 156 55.94 21.07 5.08
CA ALA C 156 57.20 20.69 4.43
C ALA C 156 57.12 19.19 4.15
N GLY C 157 57.43 18.81 2.91
CA GLY C 157 57.41 17.41 2.54
C GLY C 157 56.08 16.83 2.07
N ALA C 158 55.01 17.63 2.13
CA ALA C 158 53.69 17.16 1.75
C ALA C 158 53.23 17.58 0.36
N THR C 159 52.23 16.86 -0.14
CA THR C 159 51.62 17.15 -1.42
C THR C 159 50.11 17.40 -1.19
N GLY C 160 49.60 18.51 -1.70
CA GLY C 160 48.19 18.82 -1.52
C GLY C 160 47.47 18.75 -2.85
N GLU C 161 46.17 18.44 -2.82
CA GLU C 161 45.37 18.35 -4.03
C GLU C 161 44.34 19.46 -4.01
N LEU C 162 44.14 20.10 -5.17
CA LEU C 162 43.18 21.21 -5.25
C LEU C 162 42.20 21.00 -6.39
N THR C 163 41.01 21.55 -6.22
CA THR C 163 39.99 21.49 -7.26
C THR C 163 39.37 22.90 -7.32
N MET C 164 39.16 23.39 -8.52
CA MET C 164 38.60 24.71 -8.72
C MET C 164 37.69 24.70 -9.95
N TYR C 165 36.63 25.50 -9.90
CA TYR C 165 35.72 25.62 -11.05
C TYR C 165 35.50 27.08 -11.38
N TYR C 166 35.42 27.39 -12.68
CA TYR C 166 35.13 28.75 -13.14
C TYR C 166 34.02 28.65 -14.18
N TRP C 167 33.09 29.59 -14.16
CA TRP C 167 32.07 29.62 -15.21
C TRP C 167 32.44 30.84 -16.06
N VAL C 168 32.74 30.61 -17.33
CA VAL C 168 33.08 31.71 -18.26
C VAL C 168 31.77 32.01 -18.99
N PRO C 169 31.12 33.13 -18.68
CA PRO C 169 29.86 33.45 -19.33
C PRO C 169 29.91 34.15 -20.68
N LEU C 170 28.92 33.85 -21.52
CA LEU C 170 28.75 34.54 -22.79
C LEU C 170 27.37 35.15 -22.52
N ALA C 171 26.37 34.28 -22.32
CA ALA C 171 25.02 34.73 -21.99
C ALA C 171 25.06 35.27 -20.57
N TYR C 172 24.23 36.26 -20.28
CA TYR C 172 24.19 36.83 -18.94
C TYR C 172 23.71 35.81 -17.89
N SER C 173 22.69 35.04 -18.22
CA SER C 173 22.18 34.04 -17.29
C SER C 173 21.47 32.92 -18.04
N GLU C 174 20.87 32.00 -17.31
CA GLU C 174 20.15 30.90 -17.93
C GLU C 174 18.88 31.37 -18.65
N THR C 175 18.33 32.50 -18.21
CA THR C 175 17.10 33.02 -18.81
C THR C 175 17.28 34.29 -19.63
N ASP C 176 18.41 34.97 -19.46
CA ASP C 176 18.68 36.19 -20.21
C ASP C 176 19.85 35.87 -21.15
N LEU C 177 19.54 35.73 -22.45
CA LEU C 177 20.56 35.40 -23.44
C LEU C 177 21.40 36.56 -23.97
N THR C 178 21.32 37.72 -23.32
CA THR C 178 22.13 38.86 -23.72
C THR C 178 23.59 38.43 -23.60
N GLY C 179 24.35 38.58 -24.69
CA GLY C 179 25.75 38.21 -24.66
C GLY C 179 26.05 36.82 -25.21
N ALA C 180 25.01 36.02 -25.46
CA ALA C 180 25.22 34.68 -26.00
C ALA C 180 25.83 34.75 -27.40
N VAL C 181 26.39 33.64 -27.86
CA VAL C 181 27.03 33.59 -29.18
C VAL C 181 26.42 32.54 -30.08
N LEU C 182 27.85 31.81 -31.63
CA LEU C 182 26.59 31.38 -32.23
C LEU C 182 26.97 30.50 -33.41
N ALA C 183 26.68 29.20 -33.31
CA ALA C 183 27.02 28.28 -34.38
C ALA C 183 25.78 27.59 -34.93
N ASN C 184 24.92 28.17 -35.77
CA ASN C 184 23.61 27.58 -36.20
C ASN C 184 23.76 27.62 -37.61
N VAL C 185 24.57 26.78 -38.03
CA VAL C 185 24.85 27.61 -39.04
C VAL C 185 26.19 28.01 -38.54
N PRO C 186 26.91 27.36 -39.32
CA PRO C 186 28.29 27.26 -39.24
C PRO C 186 29.24 28.32 -39.42
N GLN C 187 29.93 28.47 -39.30
CA GLN C 187 30.87 29.02 -40.26
C GLN C 187 32.11 29.72 -39.81
N SER C 188 32.16 29.99 -38.31
CA SER C 188 33.04 31.09 -37.90
C SER C 188 33.73 30.62 -36.62
N LYS C 189 34.96 30.12 -36.74
CA LYS C 189 35.66 29.59 -35.58
C LYS C 189 36.59 30.52 -34.81
N GLN C 190 36.83 30.14 -33.56
CA GLN C 190 37.73 30.89 -32.69
C GLN C 190 39.09 30.24 -32.89
N ARG C 191 37.58 30.74 -29.73
CA ARG C 191 38.84 30.50 -29.04
C ARG C 191 38.65 30.82 -27.57
N LEU C 192 38.97 29.87 -26.71
CA LEU C 192 38.89 30.10 -25.28
C LEU C 192 40.33 29.90 -24.80
N LYS C 193 41.03 31.00 -24.51
CA LYS C 193 42.41 30.91 -24.06
C LYS C 193 42.49 30.89 -22.55
N LEU C 194 43.18 29.88 -22.03
CA LEU C 194 43.35 29.73 -20.59
C LEU C 194 44.83 29.85 -20.25
N GLU C 195 45.18 30.80 -19.39
CA GLU C 195 46.56 30.98 -18.97
C GLU C 195 46.61 30.56 -17.49
N PHE C 196 47.29 29.44 -17.24
CA PHE C 196 47.36 28.88 -15.88
C PHE C 196 48.49 29.38 -15.01
N ALA C 197 48.36 29.14 -13.72
CA ALA C 197 49.41 29.48 -12.77
C ALA C 197 50.61 28.57 -13.05
N ASN C 198 51.80 28.97 -12.61
CA ASN C 198 53.00 28.14 -12.71
C ASN C 198 53.75 28.34 -11.40
N ASN C 199 54.94 27.75 -11.26
CA ASN C 199 55.67 27.89 -10.00
C ASN C 199 56.00 29.33 -9.63
N ASN C 200 56.11 30.20 -10.63
CA ASN C 200 56.44 31.61 -10.39
C ASN C 200 55.28 32.42 -9.81
N THR C 201 54.08 32.20 -10.33
CA THR C 201 52.90 32.91 -9.85
C THR C 201 52.20 32.31 -8.65
N ALA C 202 52.27 31.00 -8.51
CA ALA C 202 51.52 30.34 -7.43
C ALA C 202 52.06 30.40 -6.01
N PHE C 203 53.37 30.62 -5.87
CA PHE C 203 53.98 30.62 -4.54
C PHE C 203 54.65 31.93 -4.16
N ALA C 204 54.20 32.54 -3.05
CA ALA C 204 54.76 33.80 -2.60
C ALA C 204 55.56 33.64 -1.31
N ALA C 205 56.74 34.23 -1.29
CA ALA C 205 57.60 34.17 -0.11
C ALA C 205 56.98 35.08 0.95
N VAL C 206 57.40 34.91 2.20
CA VAL C 206 56.89 35.75 3.27
C VAL C 206 57.25 37.19 2.91
N GLY C 207 56.32 38.12 3.08
CA GLY C 207 56.63 39.50 2.76
C GLY C 207 56.40 39.89 1.30
N ALA C 208 56.22 38.91 0.42
CA ALA C 208 55.97 39.20 -1.00
C ALA C 208 54.46 39.43 -1.17
N ASN C 209 54.06 40.06 -2.28
CA ASN C 209 52.65 40.34 -2.55
C ASN C 209 51.91 39.03 -2.87
N PRO C 210 50.89 38.66 -2.08
CA PRO C 210 50.14 37.41 -2.34
C PRO C 210 48.99 37.49 -3.34
N LEU C 211 48.77 38.67 -3.93
CA LEU C 211 47.67 38.87 -4.87
C LEU C 211 47.35 37.76 -5.87
N GLU C 212 48.37 37.34 -6.62
CA GLU C 212 48.22 36.35 -7.68
C GLU C 212 48.59 34.93 -7.29
N ALA C 213 49.04 34.78 -6.05
CA ALA C 213 49.51 33.49 -5.55
C ALA C 213 48.41 32.61 -4.95
N ILE C 214 48.71 31.31 -4.86
CA ILE C 214 47.80 30.33 -4.29
C ILE C 214 48.23 30.03 -2.86
N TYR C 215 49.55 29.92 -2.64
CA TYR C 215 50.10 29.65 -1.32
C TYR C 215 51.23 30.63 -0.99
N GLN C 216 51.35 30.99 0.28
CA GLN C 216 52.40 31.90 0.74
C GLN C 216 52.95 31.36 2.06
N GLY C 217 54.26 31.45 2.24
CA GLY C 217 54.86 30.96 3.46
C GLY C 217 56.37 30.80 3.34
N ALA C 218 57.01 30.49 4.46
CA ALA C 218 58.46 30.33 4.49
C ALA C 218 58.97 29.16 3.64
N GLY C 219 58.08 28.30 3.18
CA GLY C 219 58.51 27.18 2.36
C GLY C 219 58.29 27.40 0.87
N ALA C 220 57.81 28.58 0.50
CA ALA C 220 57.50 28.94 -0.89
C ALA C 220 58.53 28.63 -1.98
N ALA C 221 59.79 28.99 -1.74
CA ALA C 221 60.84 28.76 -2.73
C ALA C 221 60.96 27.31 -3.18
N ASP C 222 60.60 26.37 -2.33
CA ASP C 222 60.70 24.95 -2.68
C ASP C 222 59.38 24.27 -3.04
N CYS C 223 58.36 25.07 -3.33
CA CYS C 223 57.07 24.53 -3.73
C CYS C 223 57.06 24.40 -5.24
N GLU C 224 56.42 23.33 -5.72
CA GLU C 224 56.30 23.07 -7.15
C GLU C 224 54.97 22.38 -7.48
N PHE C 225 54.40 22.74 -8.62
CA PHE C 225 53.23 22.03 -9.09
C PHE C 225 53.77 20.68 -9.56
N GLU C 226 52.98 19.61 -9.42
CA GLU C 226 53.35 18.30 -9.92
C GLU C 226 52.59 18.18 -11.24
N GLU C 227 51.37 18.73 -11.24
CA GLU C 227 50.54 18.70 -12.43
C GLU C 227 49.28 19.55 -12.25
N ILE C 228 48.69 19.91 -13.38
CA ILE C 228 47.44 20.65 -13.40
C ILE C 228 46.63 19.95 -14.49
N SER C 229 45.32 19.86 -14.30
CA SER C 229 44.47 19.25 -15.30
C SER C 229 43.24 20.15 -15.45
N TYR C 230 42.69 20.22 -16.66
CA TYR C 230 41.51 21.02 -16.89
C TYR C 230 40.59 20.24 -17.78
N THR C 231 39.30 20.51 -17.63
CA THR C 231 38.26 19.90 -18.47
C THR C 231 37.31 21.04 -18.71
N VAL C 232 37.07 21.34 -19.98
CA VAL C 232 36.17 22.41 -20.35
C VAL C 232 34.87 21.81 -20.84
N TYR C 233 33.76 22.26 -20.25
CA TYR C 233 32.43 21.82 -20.64
C TYR C 233 31.75 23.02 -21.30
N GLN C 234 31.13 22.80 -22.45
CA GLN C 234 30.48 23.88 -23.16
C GLN C 234 28.98 23.75 -22.96
N SER C 235 28.35 24.85 -22.55
CA SER C 235 26.91 24.90 -22.32
C SER C 235 26.27 25.65 -23.49
N TYR C 236 25.31 25.01 -24.15
CA TYR C 236 24.66 25.65 -25.29
C TYR C 236 23.21 25.19 -25.46
N LEU C 237 22.53 25.79 -26.43
CA LEU C 237 21.14 25.45 -26.72
C LEU C 237 21.11 24.81 -28.11
N ASP C 238 20.53 23.62 -28.18
CA ASP C 238 20.44 22.88 -29.43
C ASP C 238 18.99 22.85 -29.92
N GLN C 239 18.79 22.39 -31.16
CA GLN C 239 17.45 22.31 -31.75
C GLN C 239 16.79 23.68 -31.73
N LEU C 240 17.47 24.66 -32.31
CA LEU C 240 16.95 26.02 -32.36
C LEU C 240 15.66 26.07 -33.17
N PRO C 241 14.63 26.75 -32.62
CA PRO C 241 13.33 26.87 -33.30
C PRO C 241 13.43 27.59 -34.65
N VAL C 242 12.74 27.05 -35.65
CA VAL C 242 12.72 27.63 -36.98
C VAL C 242 11.32 28.13 -37.30
N GLY C 243 11.24 29.29 -37.94
CA GLY C 243 9.94 29.85 -38.30
C GLY C 243 9.91 30.34 -39.74
N GLN C 244 9.39 30.90 -40.18
CA GLN C 244 9.18 31.65 -41.40
C GLN C 244 10.43 32.12 -42.08
N ASN C 245 11.13 33.16 -41.99
CA ASN C 245 12.33 33.67 -42.45
C ASN C 245 13.23 32.57 -42.07
N GLY C 246 13.53 31.46 -41.26
CA GLY C 246 14.63 30.69 -40.71
C GLY C 246 14.58 30.67 -39.19
N TYR C 247 15.75 30.63 -38.57
CA TYR C 247 15.85 30.62 -37.12
C TYR C 247 15.20 31.81 -36.43
N ILE C 248 14.45 31.54 -35.38
CA ILE C 248 13.83 32.57 -34.57
C ILE C 248 14.92 32.91 -33.57
N LEU C 249 15.54 34.08 -33.73
CA LEU C 249 16.64 34.48 -32.87
C LEU C 249 16.54 35.88 -32.26
N PRO C 250 16.93 36.03 -30.97
CA PRO C 250 16.87 37.35 -30.33
C PRO C 250 18.07 38.15 -30.85
N LEU C 251 17.83 38.96 -31.87
CA LEU C 251 18.87 39.75 -32.51
C LEU C 251 19.63 40.72 -31.61
N ILE C 252 18.95 41.35 -30.65
CA ILE C 252 19.66 42.26 -29.76
C ILE C 252 20.56 41.43 -28.82
N ASP C 253 19.99 40.37 -28.25
CA ASP C 253 20.76 39.49 -27.36
C ASP C 253 22.08 39.05 -28.00
N LEU C 254 21.99 38.49 -29.20
CA LEU C 254 23.14 37.97 -29.93
C LEU C 254 24.13 38.97 -30.53
N SER C 255 23.80 40.26 -30.49
CA SER C 255 24.70 41.28 -31.02
C SER C 255 25.18 42.17 -29.89
N THR C 256 24.97 41.72 -28.66
CA THR C 256 25.41 42.46 -27.48
C THR C 256 26.52 41.63 -26.85
N LEU C 257 27.54 42.29 -26.32
CA LEU C 257 28.62 41.57 -25.66
C LEU C 257 28.43 41.72 -24.15
N TYR C 258 28.55 40.62 -23.42
CA TYR C 258 28.47 40.65 -21.97
C TYR C 258 29.90 40.23 -21.61
N ASN C 259 30.68 41.18 -21.12
CA ASN C 259 32.09 40.94 -20.79
C ASN C 259 32.55 41.30 -19.39
N LEU C 260 33.64 40.66 -18.97
CA LEU C 260 34.30 40.96 -17.72
C LEU C 260 35.70 41.39 -18.14
N GLU C 261 36.23 42.41 -17.48
CA GLU C 261 37.57 42.93 -17.73
C GLU C 261 38.09 43.54 -16.44
N ASN C 262 39.40 43.63 -16.30
CA ASN C 262 39.96 44.22 -15.11
C ASN C 262 41.15 45.10 -15.48
N SER C 263 41.52 46.00 -14.59
CA SER C 263 42.64 46.90 -14.82
C SER C 263 43.19 47.33 -13.48
N ALA C 264 44.35 48.00 -13.49
CA ALA C 264 44.97 48.46 -12.26
C ALA C 264 45.13 49.97 -12.31
N GLN C 265 44.80 50.62 -11.19
CA GLN C 265 44.91 52.07 -11.10
C GLN C 265 45.78 52.42 -9.91
N ALA C 266 46.67 53.39 -10.09
CA ALA C 266 47.55 53.83 -9.00
C ALA C 266 47.46 55.35 -8.84
N GLY C 267 48.02 55.85 -7.74
CA GLY C 267 47.99 57.29 -7.48
C GLY C 267 47.21 57.67 -6.22
N LEU C 268 47.13 56.75 -5.27
CA LEU C 268 46.40 56.99 -4.03
C LEU C 268 47.24 57.74 -2.98
N THR C 269 46.59 58.66 -2.29
CA THR C 269 47.24 59.41 -1.22
C THR C 269 46.23 59.57 -0.10
N PRO C 270 46.68 59.45 1.16
CA PRO C 270 45.83 59.55 2.35
C PRO C 270 44.83 60.70 2.40
N ASN C 271 43.59 60.36 2.73
CA ASN C 271 42.51 61.31 2.90
C ASN C 271 42.09 62.08 1.65
N VAL C 272 42.55 61.63 0.49
CA VAL C 272 42.17 62.27 -0.74
C VAL C 272 41.33 61.30 -1.56
N ASP C 273 40.27 61.80 -2.19
CA ASP C 273 39.40 60.97 -3.00
C ASP C 273 40.12 60.45 -4.22
N PHE C 274 40.21 59.13 -4.34
CA PHE C 274 40.83 58.50 -5.49
C PHE C 274 39.63 58.13 -6.36
N VAL C 275 39.54 58.73 -7.53
CA VAL C 275 38.40 58.49 -8.42
C VAL C 275 38.76 57.74 -9.69
N VAL C 276 38.09 56.61 -9.93
CA VAL C 276 38.30 55.81 -11.12
C VAL C 276 37.08 56.03 -12.01
N GLN C 277 37.26 56.80 -13.07
CA GLN C 277 36.15 57.10 -13.97
C GLN C 277 35.67 55.89 -14.76
N TYR C 278 34.35 55.78 -14.92
CA TYR C 278 33.81 54.68 -15.71
C TYR C 278 34.03 55.06 -17.18
N ALA C 279 34.63 54.14 -17.93
CA ALA C 279 34.99 54.32 -19.33
C ALA C 279 33.85 54.37 -20.34
N ASN C 280 33.14 55.25 -20.71
CA ASN C 280 31.81 55.62 -21.18
C ASN C 280 31.35 54.70 -22.21
N LEU C 281 29.95 54.68 -22.32
CA LEU C 281 29.30 53.88 -23.34
C LEU C 281 28.95 52.46 -22.88
N TYR C 282 29.77 51.87 -22.01
CA TYR C 282 29.47 50.52 -21.50
C TYR C 282 28.37 50.64 -20.46
N ARG C 283 27.59 49.56 -20.31
CA ARG C 283 26.55 49.54 -19.29
C ARG C 283 27.15 48.63 -18.21
N TYR C 284 27.71 49.25 -17.17
CA TYR C 284 28.36 48.54 -16.08
C TYR C 284 27.41 47.94 -15.05
N LEU C 285 27.34 46.62 -15.04
CA LEU C 285 26.47 45.85 -14.16
C LEU C 285 27.04 45.70 -12.74
N SER C 286 28.36 45.55 -12.64
CA SER C 286 28.99 45.44 -11.33
C SER C 286 30.42 45.93 -11.39
N THR C 287 30.93 46.32 -10.23
CA THR C 287 32.29 46.80 -10.08
C THR C 287 32.91 46.17 -8.85
N ILE C 288 34.13 45.68 -9.03
CA ILE C 288 34.88 45.11 -7.94
C ILE C 288 36.13 45.94 -7.84
N ALA C 289 36.48 46.34 -6.61
CA ALA C 289 37.68 47.13 -6.37
C ALA C 289 38.50 46.40 -5.31
N VAL C 290 39.74 46.05 -5.65
CA VAL C 290 40.61 45.37 -4.72
C VAL C 290 41.69 46.35 -4.31
N PHE C 291 41.76 46.66 -3.01
CA PHE C 291 42.77 47.57 -2.53
C PHE C 291 44.06 46.82 -2.17
N ASP C 292 44.92 46.67 -3.16
CA ASP C 292 46.21 46.02 -2.95
C ASP C 292 47.08 47.13 -2.38
N ASN C 293 47.10 47.24 -1.06
CA ASN C 293 47.87 48.26 -0.39
C ASN C 293 49.33 47.86 -0.25
N GLY C 294 50.04 47.86 -1.37
CA GLY C 294 51.45 47.48 -1.34
C GLY C 294 51.68 46.07 -0.86
N GLY C 295 50.80 45.14 -1.24
CA GLY C 295 50.96 43.76 -0.84
C GLY C 295 50.19 43.44 0.43
N SER C 296 49.64 44.46 1.05
CA SER C 296 48.85 44.25 2.26
C SER C 296 47.37 44.33 1.88
N PHE C 297 46.58 43.40 2.41
CA PHE C 297 45.15 43.38 2.16
C PHE C 297 44.47 43.47 3.51
N ASN C 298 43.82 44.61 3.74
CA ASN C 298 43.18 44.90 5.01
C ASN C 298 41.66 44.87 4.98
N ALA C 299 41.08 44.52 6.13
CA ALA C 299 39.62 44.47 6.27
C ALA C 299 39.05 45.86 6.54
N GLY C 300 39.09 46.72 5.52
CA GLY C 300 38.53 48.06 5.62
C GLY C 300 39.22 49.11 6.47
N THR C 301 40.11 48.69 7.35
CA THR C 301 40.81 49.61 8.24
C THR C 301 41.70 50.65 7.58
N ASP C 302 42.03 50.47 6.30
CA ASP C 302 42.86 51.44 5.59
C ASP C 302 42.04 52.35 4.68
N ILE C 303 40.73 52.34 4.85
CA ILE C 303 39.81 53.14 4.04
C ILE C 303 38.85 54.00 4.89
N ASN C 304 38.65 55.24 4.48
CA ASN C 304 37.72 56.14 5.18
C ASN C 304 36.31 55.84 4.65
N TYR C 305 36.17 55.81 3.33
CA TYR C 305 34.89 55.51 2.69
C TYR C 305 35.05 55.14 1.23
N LEU C 306 34.00 54.58 0.65
CA LEU C 306 33.94 54.22 -0.77
C LEU C 306 32.65 54.84 -1.30
N SER C 307 32.57 55.05 -2.59
CA SER C 307 31.36 55.64 -3.14
C SER C 307 31.31 55.54 -4.65
N GLN C 308 30.15 55.89 -5.20
CA GLN C 308 29.96 55.97 -6.64
C GLN C 308 29.47 57.41 -6.73
N ARG C 309 30.09 58.19 -7.60
CA ARG C 309 29.78 59.62 -7.72
C ARG C 309 29.59 60.02 -9.17
N THR C 310 28.64 60.92 -9.41
CA THR C 310 28.38 61.39 -10.77
C THR C 310 28.88 62.80 -10.95
N ALA C 311 28.92 63.25 -12.20
CA ALA C 311 29.35 64.61 -12.51
C ALA C 311 28.37 65.54 -11.80
N ASN C 312 28.27 65.78 -10.70
CA ASN C 312 28.01 67.04 -9.93
C ASN C 312 28.64 66.94 -8.58
N PHE C 313 29.33 65.90 -8.30
CA PHE C 313 29.93 65.67 -7.02
C PHE C 313 28.99 65.15 -5.97
N SER C 314 27.97 64.62 -6.59
CA SER C 314 26.85 64.04 -5.86
C SER C 314 27.04 62.53 -5.70
N ASP C 315 27.17 62.07 -4.46
CA ASP C 315 27.37 60.66 -4.15
C ASP C 315 26.03 59.93 -3.97
N THR C 316 25.88 58.77 -4.63
CA THR C 316 24.66 57.98 -4.52
C THR C 316 24.77 56.92 -3.40
N ARG C 317 26.00 56.68 -2.95
CA ARG C 317 26.21 55.71 -1.88
C ARG C 317 27.59 55.84 -1.24
N LYS C 318 27.84 56.98 -0.61
CA LYS C 318 29.11 57.23 0.07
C LYS C 318 29.02 56.58 1.45
N LEU C 319 29.70 55.44 1.59
CA LEU C 319 29.64 54.66 2.82
C LEU C 319 30.96 54.30 3.48
N ASP C 320 30.93 54.20 4.80
CA ASP C 320 32.10 53.79 5.57
C ASP C 320 32.27 52.32 5.15
N PRO C 321 33.48 51.76 5.32
CA PRO C 321 33.70 50.36 4.92
C PRO C 321 32.77 49.29 5.48
N LYS C 322 32.41 49.35 6.75
CA LYS C 322 31.52 48.32 7.28
C LYS C 322 30.12 48.39 6.69
N THR C 323 29.64 49.60 6.44
CA THR C 323 28.31 49.75 5.87
C THR C 323 28.33 49.33 4.42
N TRP C 324 29.44 49.59 3.75
CA TRP C 324 29.58 49.15 2.36
C TRP C 324 29.53 47.61 2.38
N ALA C 325 30.27 47.01 3.30
CA ALA C 325 30.30 45.54 3.45
C ALA C 325 28.90 44.99 3.76
N ALA C 326 28.13 45.75 4.53
CA ALA C 326 26.76 45.33 4.87
C ALA C 326 25.96 45.13 3.59
N GLN C 327 26.07 46.07 2.64
CA GLN C 327 25.32 45.93 1.39
C GLN C 327 25.75 44.67 0.65
N THR C 328 27.04 44.37 0.69
CA THR C 328 27.54 43.18 0.02
C THR C 328 27.03 41.92 0.74
N ARG C 329 26.94 41.96 2.06
CA ARG C 329 26.45 40.77 2.78
C ARG C 329 25.01 40.42 2.35
N ARG C 330 24.26 41.43 1.90
CA ARG C 330 22.90 41.22 1.43
C ARG C 330 22.91 40.55 0.06
N ARG C 331 24.01 40.70 -0.65
CA ARG C 331 24.14 40.12 -1.98
C ARG C 331 24.74 38.72 -2.04
N ILE C 332 25.78 38.45 -1.25
CA ILE C 332 26.42 37.13 -1.27
C ILE C 332 26.43 36.36 0.06
N ALA C 333 25.64 36.85 1.01
CA ALA C 333 25.48 36.21 2.31
C ALA C 333 26.74 36.09 3.16
N THR C 334 27.77 36.86 2.82
CA THR C 334 29.04 36.83 3.55
C THR C 334 29.89 37.98 3.00
N ASP C 335 31.14 38.10 3.45
CA ASP C 335 32.02 39.16 2.94
C ASP C 335 33.00 38.58 1.92
N PHE C 336 33.42 39.41 0.96
CA PHE C 336 34.47 38.99 0.02
C PHE C 336 35.77 39.06 0.85
N PRO C 337 36.86 38.44 0.37
CA PRO C 337 38.13 38.47 1.12
C PRO C 337 38.65 39.86 1.43
N LYS C 338 39.57 39.94 2.39
CA LYS C 338 40.16 41.23 2.81
C LYS C 338 40.57 42.11 1.64
N GLY C 339 40.14 43.36 1.69
CA GLY C 339 40.52 44.29 0.64
C GLY C 339 39.73 44.22 -0.65
N VAL C 340 38.77 43.31 -0.73
CA VAL C 340 37.94 43.18 -1.93
C VAL C 340 36.57 43.81 -1.69
N TYR C 341 36.23 44.80 -2.52
CA TYR C 341 34.96 45.49 -2.37
C TYR C 341 34.12 45.33 -3.62
N TYR C 342 32.83 45.10 -3.41
CA TYR C 342 31.89 44.85 -4.48
C TYR C 342 30.77 45.88 -4.53
N CYS C 343 30.30 46.16 -5.74
CA CYS C 343 29.21 47.10 -5.95
C CYS C 343 28.28 46.57 -7.04
N ASP C 344 27.01 46.34 -6.68
CA ASP C 344 25.97 45.83 -7.59
C ASP C 344 25.22 46.97 -8.25
N ASN C 345 25.19 46.99 -9.59
CA ASN C 345 24.47 48.02 -10.36
C ASN C 345 23.67 47.30 -11.44
N ARG C 346 23.28 46.06 -11.15
CA ARG C 346 22.55 45.25 -12.12
C ARG C 346 21.22 45.79 -12.62
N ASP C 347 20.38 46.27 -11.71
CA ASP C 347 19.08 46.78 -12.11
C ASP C 347 19.13 48.16 -12.78
N LYS C 348 20.16 48.94 -12.44
CA LYS C 348 20.36 50.26 -13.04
C LYS C 348 21.85 50.41 -13.32
N PRO C 349 22.33 49.77 -14.40
CA PRO C 349 23.74 49.79 -14.82
C PRO C 349 24.31 51.20 -14.94
N ILE C 350 25.56 51.37 -14.55
CA ILE C 350 26.21 52.67 -14.66
C ILE C 350 26.36 52.89 -16.16
N TYR C 351 25.85 54.01 -16.65
CA TYR C 351 25.91 54.28 -18.09
C TYR C 351 26.06 55.78 -18.33
N THR C 352 27.30 56.23 -18.54
CA THR C 352 27.55 57.64 -18.80
C THR C 352 26.81 57.91 -20.09
N LEU C 353 26.34 59.14 -20.27
CA LEU C 353 25.56 59.55 -21.43
C LEU C 353 24.09 59.47 -21.00
N GLN C 354 23.88 58.95 -19.79
CA GLN C 354 22.55 58.83 -19.21
C GLN C 354 22.52 59.82 -18.05
N TYR C 355 23.69 60.11 -17.49
CA TYR C 355 23.83 61.05 -16.39
C TYR C 355 25.27 61.49 -16.12
N GLY C 356 25.89 62.07 -17.15
CA GLY C 356 27.25 62.56 -17.01
C GLY C 356 28.23 61.49 -16.60
N ASN C 357 29.50 61.89 -16.49
CA ASN C 357 30.56 60.97 -16.10
C ASN C 357 30.32 60.46 -14.68
N VAL C 358 30.61 59.19 -14.45
CA VAL C 358 30.44 58.62 -13.12
C VAL C 358 31.79 58.05 -12.75
N GLY C 359 32.07 57.99 -11.45
CA GLY C 359 33.32 57.43 -11.02
C GLY C 359 33.17 56.56 -9.78
N PHE C 360 34.08 55.61 -9.61
CA PHE C 360 34.05 54.77 -8.43
C PHE C 360 35.08 55.45 -7.53
N VAL C 361 34.72 55.69 -6.28
CA VAL C 361 35.60 56.41 -5.38
C VAL C 361 36.08 55.67 -4.13
N VAL C 362 37.37 55.84 -3.82
CA VAL C 362 37.93 55.28 -2.61
C VAL C 362 38.76 56.37 -1.95
N ASN C 363 38.46 56.69 -0.70
CA ASN C 363 39.23 57.69 0.04
C ASN C 363 39.98 56.86 1.08
N PRO C 364 41.27 56.61 0.83
CA PRO C 364 42.11 55.82 1.73
C PRO C 364 42.60 56.51 3.00
N LYS C 365 42.61 55.75 4.09
CA LYS C 365 43.07 56.26 5.38
C LYS C 365 44.58 56.05 5.50
N THR C 366 45.06 54.99 4.87
CA THR C 366 46.49 54.66 4.88
C THR C 366 46.90 54.19 3.50
N VAL C 367 48.07 54.64 3.05
CA VAL C 367 48.57 54.26 1.75
C VAL C 367 50.04 53.86 1.80
N ASN C 368 50.29 52.56 1.61
CA ASN C 368 51.64 52.03 1.63
C ASN C 368 52.28 52.20 0.26
N GLN C 369 53.58 51.93 0.18
CA GLN C 369 54.31 52.05 -1.08
C GLN C 369 53.80 51.01 -2.06
N ASN C 370 53.65 51.41 -3.32
CA ASN C 370 53.17 50.51 -4.37
C ASN C 370 51.69 50.15 -4.20
N ALA C 371 50.92 51.06 -3.62
CA ALA C 371 49.49 50.84 -3.43
C ALA C 371 48.77 51.03 -4.75
N ARG C 372 47.70 50.28 -4.96
CA ARG C 372 46.93 50.41 -6.18
C ARG C 372 45.56 49.77 -6.05
N LEU C 373 44.63 50.17 -6.91
CA LEU C 373 43.29 49.59 -6.92
C LEU C 373 43.16 48.75 -8.16
N LEU C 374 42.81 47.49 -7.97
CA LEU C 374 42.61 46.57 -9.09
C LEU C 374 41.11 46.59 -9.30
N MET C 375 40.69 47.09 -10.46
CA MET C 375 39.29 47.22 -10.80
C MET C 375 38.79 46.09 -11.69
N GLY C 376 37.64 45.52 -11.32
CA GLY C 376 37.04 44.47 -12.13
C GLY C 376 35.66 44.93 -12.53
N TYR C 377 35.35 44.86 -13.83
CA TYR C 377 34.04 45.28 -14.31
C TYR C 377 33.31 44.18 -15.04
N GLU C 378 31.98 44.25 -14.93
CA GLU C 378 31.07 43.33 -15.56
C GLU C 378 30.20 44.31 -16.39
N TYR C 379 30.10 44.15 -17.70
CA TYR C 379 29.33 45.12 -18.48
C TYR C 379 28.73 44.58 -19.78
N PHE C 380 27.79 45.35 -20.33
CA PHE C 380 27.17 45.03 -21.61
C PHE C 380 27.62 46.14 -22.56
N THR C 381 27.84 45.80 -23.82
CA THR C 381 28.20 46.80 -24.82
C THR C 381 27.78 46.26 -26.18
N SER C 382 26.94 47.40 -26.52
CA SER C 382 25.98 47.48 -27.52
C SER C 382 26.19 48.31 -28.68
N ARG C 383 25.35 48.46 -29.58
CA ARG C 383 25.41 49.36 -30.72
C ARG C 383 25.06 50.75 -30.30
N THR C 384 26.08 51.69 -30.69
CA THR C 384 25.95 53.12 -30.36
C THR C 384 25.48 53.96 -31.56
N GLU C 385 24.41 54.68 -31.35
CA GLU C 385 23.80 55.54 -32.35
C GLU C 385 23.85 57.03 -31.96
N LEU C 386 24.16 57.89 -32.91
CA LEU C 386 24.05 59.32 -32.64
C LEU C 386 22.98 59.93 -33.55
N VAL C 387 22.26 60.91 -32.98
CA VAL C 387 21.14 61.58 -33.67
C VAL C 387 21.31 63.09 -33.74
N ASN C 388 20.67 63.66 -34.73
CA ASN C 388 20.69 65.12 -34.91
C ASN C 388 19.35 65.61 -34.34
N ALA C 389 19.34 66.50 -33.29
CA ALA C 389 18.09 67.04 -32.79
C ALA C 389 17.69 68.34 -33.54
N VAL D 4 -9.11 -1.48 -10.16
CA VAL D 4 -8.07 -0.64 -10.79
C VAL D 4 -7.28 -1.36 -11.81
N GLN D 5 -7.68 -2.61 -12.13
CA GLN D 5 -6.92 -3.27 -13.17
C GLN D 5 -7.57 -2.89 -14.51
N GLN D 6 -6.73 -2.75 -15.50
CA GLN D 6 -7.26 -2.28 -16.74
C GLN D 6 -6.85 -3.13 -17.89
N LEU D 7 -7.66 -3.14 -18.93
CA LEU D 7 -8.83 -2.37 -19.23
C LEU D 7 -10.14 -2.97 -18.76
N THR D 8 -10.88 -3.37 -18.61
CA THR D 8 -12.07 -4.01 -18.00
C THR D 8 -12.74 -5.06 -18.97
N PRO D 9 -14.08 -5.24 -18.93
CA PRO D 9 -14.83 -6.14 -19.84
C PRO D 9 -15.03 -5.58 -21.26
N ALA D 10 -14.47 -4.38 -21.60
CA ALA D 10 -14.39 -3.79 -22.93
C ALA D 10 -13.56 -4.67 -23.90
N GLN D 11 -12.70 -5.57 -23.40
CA GLN D 11 -11.96 -6.53 -24.26
C GLN D 11 -12.97 -7.38 -25.10
N GLN D 12 -14.12 -7.71 -24.55
CA GLN D 12 -15.20 -8.46 -25.23
C GLN D 12 -15.92 -7.63 -26.30
N ALA D 13 -16.18 -6.35 -26.02
CA ALA D 13 -16.77 -5.38 -27.00
C ALA D 13 -15.82 -5.24 -28.18
N ALA D 14 -14.55 -5.64 -27.80
CA ALA D 14 -13.68 -5.31 -28.89
C ALA D 14 -13.65 -6.48 -29.90
N LEU D 15 -13.69 -7.73 -29.36
CA LEU D 15 -13.60 -8.94 -30.28
C LEU D 15 -14.83 -8.96 -31.20
N ARG D 16 -15.95 -8.88 -30.52
CA ARG D 16 -17.17 -8.63 -31.17
C ARG D 16 -17.82 -9.77 -31.72
N ASN D 17 -17.32 -10.96 -31.56
CA ASN D 17 -17.92 -12.01 -32.29
C ASN D 17 -18.03 -13.23 -31.52
N GLN D 18 -19.09 -10.71 -29.99
CA GLN D 18 -20.07 -11.47 -29.22
C GLN D 18 -20.78 -12.54 -30.00
N GLN D 19 -21.20 -12.25 -31.31
CA GLN D 19 -21.76 -13.20 -32.26
C GLN D 19 -20.79 -14.35 -32.53
N ALA D 20 -19.51 -14.00 -32.67
CA ALA D 20 -18.45 -14.97 -32.92
C ALA D 20 -18.30 -15.93 -31.74
N MET D 21 -18.26 -15.36 -30.53
CA MET D 21 -18.13 -16.16 -29.32
C MET D 21 -19.37 -17.01 -29.08
N ALA D 22 -20.53 -16.41 -29.32
CA ALA D 22 -21.79 -17.10 -29.15
C ALA D 22 -21.84 -18.31 -30.06
N ALA D 23 -21.42 -18.11 -31.31
CA ALA D 23 -21.39 -19.17 -32.30
C ALA D 23 -20.36 -20.23 -31.93
N ASN D 24 -19.16 -19.79 -31.59
CA ASN D 24 -18.07 -20.68 -31.21
C ASN D 24 -18.53 -21.63 -30.11
N LEU D 25 -19.08 -21.05 -29.05
CA LEU D 25 -19.55 -21.85 -27.92
C LEU D 25 -20.65 -22.85 -28.30
N GLN D 26 -21.56 -22.44 -29.17
CA GLN D 26 -22.63 -23.32 -29.61
C GLN D 26 -22.05 -24.48 -30.40
N ALA D 27 -21.43 -24.33 -31.40
CA ALA D 27 -20.71 -25.29 -32.23
C ALA D 27 -19.91 -26.25 -31.35
N ARG D 28 -19.31 -25.72 -30.30
CA ARG D 28 -18.52 -26.53 -29.38
C ARG D 28 -19.39 -27.63 -28.77
N GLN D 29 -20.57 -27.22 -28.31
CA GLN D 29 -21.50 -28.14 -27.69
C GLN D 29 -21.98 -29.22 -28.66
N ILE D 30 -22.21 -28.84 -29.93
CA ILE D 30 -22.65 -29.82 -30.91
C ILE D 30 -21.52 -30.83 -31.14
N VAL D 31 -20.29 -30.33 -31.24
CA VAL D 31 -19.16 -31.21 -31.45
C VAL D 31 -19.01 -32.19 -30.29
N LEU D 32 -19.07 -31.68 -29.07
CA LEU D 32 -18.93 -32.54 -27.89
C LEU D 32 -20.06 -33.57 -27.81
N GLN D 33 -21.25 -33.14 -28.18
CA GLN D 33 -22.43 -34.00 -28.16
C GLN D 33 -22.43 -35.06 -29.25
N GLN D 34 -22.00 -34.68 -30.45
CA GLN D 34 -22.01 -35.57 -31.61
C GLN D 34 -20.79 -36.43 -31.89
N SER D 35 -19.60 -35.93 -31.60
CA SER D 35 -18.39 -36.70 -31.89
C SER D 35 -18.16 -37.76 -30.81
N TYR D 36 -17.18 -38.62 -31.02
CA TYR D 36 -16.86 -39.62 -30.02
C TYR D 36 -15.38 -39.53 -29.66
N PRO D 37 -15.07 -39.48 -28.36
CA PRO D 37 -13.71 -39.38 -27.84
C PRO D 37 -12.91 -40.66 -28.05
N VAL D 38 -11.65 -40.50 -28.46
CA VAL D 38 -10.77 -41.64 -28.67
C VAL D 38 -9.41 -41.35 -28.07
N ILE D 39 -8.84 -42.35 -27.42
CA ILE D 39 -7.48 -42.20 -26.89
C ILE D 39 -6.79 -43.37 -27.56
N GLN D 40 -5.71 -43.07 -28.28
CA GLN D 40 -5.03 -44.10 -29.06
C GLN D 40 -3.52 -44.00 -29.02
N GLN D 41 -2.86 -45.15 -28.91
CA GLN D 41 -1.41 -45.13 -28.89
C GLN D 41 -0.91 -44.72 -30.27
N VAL D 42 0.05 -43.80 -30.32
CA VAL D 42 0.59 -43.40 -31.60
C VAL D 42 2.04 -43.80 -31.75
N GLU D 43 2.72 -44.02 -30.63
CA GLU D 43 4.12 -44.39 -30.69
C GLU D 43 4.72 -44.86 -29.37
N THR D 44 5.59 -45.86 -29.43
CA THR D 44 6.28 -46.37 -28.26
C THR D 44 7.74 -46.57 -28.67
N GLN D 45 8.65 -46.35 -27.74
CA GLN D 45 10.06 -46.52 -28.05
C GLN D 45 10.89 -46.70 -26.80
N THR D 46 11.91 -47.55 -26.90
CA THR D 46 12.81 -47.82 -25.79
C THR D 46 14.20 -47.44 -26.28
N PHE D 47 14.97 -46.79 -25.43
CA PHE D 47 16.29 -46.35 -25.85
C PHE D 47 17.24 -46.17 -24.67
N ASP D 48 18.50 -45.92 -24.98
CA ASP D 48 19.53 -45.69 -23.98
C ASP D 48 19.95 -44.25 -24.13
N PRO D 49 19.73 -43.42 -23.10
CA PRO D 49 20.08 -41.99 -23.07
C PRO D 49 21.52 -41.69 -23.47
N ALA D 50 22.39 -42.68 -23.37
CA ALA D 50 23.78 -42.48 -23.74
C ALA D 50 23.91 -42.25 -25.25
N ASN D 51 22.98 -42.81 -26.01
CA ASN D 51 22.96 -42.68 -27.46
C ASN D 51 22.08 -41.56 -28.00
N ARG D 52 20.93 -41.36 -27.37
CA ARG D 52 20.03 -40.31 -27.80
C ARG D 52 19.00 -39.99 -26.73
N SER D 53 18.49 -38.76 -26.73
CA SER D 53 17.51 -38.34 -25.74
C SER D 53 16.49 -37.35 -26.27
N VAL D 54 16.58 -37.03 -27.56
CA VAL D 54 15.63 -36.10 -28.18
C VAL D 54 14.84 -36.85 -29.26
N PHE D 55 13.52 -36.81 -29.17
CA PHE D 55 12.68 -37.49 -30.15
C PHE D 55 11.56 -36.60 -30.67
N ASP D 56 11.24 -36.78 -31.94
CA ASP D 56 10.18 -36.01 -32.57
C ASP D 56 9.09 -37.00 -32.91
N VAL D 57 7.98 -36.96 -32.17
CA VAL D 57 6.86 -37.85 -32.37
C VAL D 57 5.88 -37.26 -33.37
N THR D 58 5.39 -38.08 -34.29
CA THR D 58 4.45 -37.59 -35.29
C THR D 58 3.05 -38.09 -34.97
N PRO D 59 2.19 -37.18 -34.50
CA PRO D 59 0.80 -37.50 -34.14
C PRO D 59 0.02 -37.88 -35.40
N ALA D 60 -1.14 -38.49 -35.20
CA ALA D 60 -1.99 -38.86 -36.32
C ALA D 60 -2.83 -37.62 -36.67
N ASN D 61 -3.06 -37.39 -37.96
CA ASN D 61 -3.86 -36.25 -38.38
C ASN D 61 -5.31 -36.71 -38.50
N VAL D 62 -6.03 -36.72 -37.39
CA VAL D 62 -7.42 -37.15 -37.39
C VAL D 62 -8.31 -36.33 -36.46
N GLY D 63 -9.44 -35.88 -36.98
CA GLY D 63 -10.40 -35.10 -36.20
C GLY D 63 -9.83 -33.90 -35.45
N ILE D 64 -10.39 -33.65 -34.27
CA ILE D 64 -9.95 -32.55 -33.43
C ILE D 64 -9.08 -33.14 -32.32
N VAL D 65 -7.81 -32.73 -32.28
CA VAL D 65 -6.87 -33.25 -31.29
C VAL D 65 -6.94 -32.42 -30.01
N LYS D 66 -7.11 -33.10 -28.89
CA LYS D 66 -7.23 -32.46 -27.59
C LYS D 66 -5.94 -32.45 -26.77
N GLY D 67 -5.13 -33.49 -26.93
CA GLY D 67 -3.89 -33.55 -26.18
C GLY D 67 -3.19 -34.88 -26.29
N PHE D 68 -2.07 -35.00 -25.56
CA PHE D 68 -1.30 -36.23 -25.60
C PHE D 68 -0.93 -36.69 -24.20
N LEU D 69 -1.14 -37.97 -23.92
CA LEU D 69 -0.77 -38.50 -22.62
C LEU D 69 0.55 -39.21 -22.88
N VAL D 70 1.60 -38.76 -22.20
CA VAL D 70 2.92 -39.35 -22.40
C VAL D 70 3.33 -40.18 -21.19
N LYS D 71 3.50 -41.48 -21.41
CA LYS D 71 3.93 -42.42 -20.37
C LYS D 71 5.43 -42.63 -20.51
N VAL D 72 6.17 -42.47 -19.42
CA VAL D 72 7.61 -42.63 -19.44
C VAL D 72 8.03 -43.58 -18.33
N THR D 73 8.80 -44.61 -18.68
CA THR D 73 9.30 -45.56 -17.67
C THR D 73 10.81 -45.56 -17.80
N ALA D 74 11.51 -45.81 -16.69
CA ALA D 74 12.95 -45.83 -16.73
C ALA D 74 13.53 -46.70 -15.64
N ALA D 75 14.72 -47.24 -15.92
CA ALA D 75 15.43 -48.04 -14.94
C ALA D 75 16.74 -47.28 -14.74
N ILE D 76 17.04 -46.98 -13.49
CA ILE D 76 18.24 -46.24 -13.12
C ILE D 76 19.11 -47.13 -12.24
N THR D 77 20.37 -47.29 -12.63
CA THR D 77 21.30 -48.11 -11.85
C THR D 77 22.34 -47.26 -11.14
N ASN D 78 22.46 -47.46 -9.83
CA ASN D 78 23.46 -46.76 -9.06
C ASN D 78 24.67 -47.70 -9.03
N ASN D 79 25.66 -47.45 -9.89
CA ASN D 79 26.84 -48.29 -9.96
C ASN D 79 27.92 -47.89 -8.96
N HIS D 80 27.62 -46.95 -8.09
CA HIS D 80 28.61 -46.51 -7.12
C HIS D 80 28.95 -47.69 -6.22
N ALA D 81 30.16 -47.68 -5.70
CA ALA D 81 30.60 -48.77 -4.83
C ALA D 81 29.90 -48.80 -3.48
N THR D 82 29.73 -47.64 -2.86
CA THR D 82 29.13 -47.58 -1.52
C THR D 82 28.14 -46.47 -1.19
N GLU D 83 28.00 -45.47 -2.06
CA GLU D 83 27.10 -44.35 -1.78
C GLU D 83 25.77 -44.40 -2.53
N ALA D 84 24.70 -44.02 -1.83
CA ALA D 84 23.36 -44.01 -2.41
C ALA D 84 23.01 -42.63 -2.92
N VAL D 85 21.83 -42.52 -3.53
CA VAL D 85 21.32 -41.24 -4.00
C VAL D 85 19.84 -41.23 -3.60
N ALA D 86 19.27 -40.03 -3.48
CA ALA D 86 17.87 -39.90 -3.10
C ALA D 86 17.16 -38.96 -4.06
N LEU D 87 15.86 -39.15 -4.21
CA LEU D 87 15.07 -38.29 -5.07
C LEU D 87 15.22 -36.81 -4.75
N THR D 88 15.25 -36.00 -5.80
CA THR D 88 15.27 -34.55 -5.64
C THR D 88 13.78 -34.19 -5.38
N ASP D 89 13.49 -32.92 -5.15
CA ASP D 89 12.10 -32.51 -4.92
C ASP D 89 11.20 -32.79 -6.14
N PHE D 90 11.74 -32.66 -7.36
CA PHE D 90 10.93 -32.90 -8.56
C PHE D 90 10.97 -34.37 -8.97
N GLY D 91 12.05 -35.07 -8.62
CA GLY D 91 12.14 -36.49 -8.92
C GLY D 91 11.78 -36.93 -10.32
N PRO D 92 10.84 -37.89 -10.46
CA PRO D 92 10.46 -38.36 -11.80
C PRO D 92 9.85 -37.31 -12.72
N ALA D 93 9.46 -36.16 -12.18
CA ALA D 93 8.90 -35.12 -13.04
C ALA D 93 10.00 -34.57 -13.95
N ASN D 94 11.25 -34.92 -13.65
CA ASN D 94 12.35 -34.48 -14.52
C ASN D 94 12.77 -35.56 -15.54
N LEU D 95 11.97 -36.61 -15.69
CA LEU D 95 12.27 -37.65 -16.69
C LEU D 95 12.19 -37.03 -18.09
N VAL D 96 11.33 -36.03 -18.24
CA VAL D 96 11.23 -35.29 -19.49
C VAL D 96 11.76 -33.90 -19.15
N GLN D 97 12.79 -33.46 -19.86
CA GLN D 97 13.35 -32.13 -19.59
C GLN D 97 12.54 -31.03 -20.28
N ARG D 98 12.13 -31.27 -21.52
CA ARG D 98 11.35 -30.28 -22.27
C ARG D 98 10.40 -30.91 -23.26
N VAL D 99 9.38 -30.14 -23.61
CA VAL D 99 8.39 -30.54 -24.59
C VAL D 99 8.08 -29.36 -25.51
N ILE D 100 7.87 -29.62 -26.79
CA ILE D 100 7.46 -28.57 -27.71
C ILE D 100 6.47 -29.17 -28.69
N TYR D 101 5.38 -28.46 -28.94
CA TYR D 101 4.39 -28.95 -29.89
C TYR D 101 4.18 -27.95 -31.04
N TYR D 102 4.22 -28.45 -32.27
CA TYR D 102 3.97 -27.63 -33.47
C TYR D 102 2.72 -28.20 -34.14
N ASP D 103 1.77 -27.35 -34.50
CA ASP D 103 0.55 -27.84 -35.16
C ASP D 103 0.78 -27.96 -36.68
N PRO D 104 -0.22 -28.46 -37.44
CA PRO D 104 -0.09 -28.61 -38.89
C PRO D 104 0.25 -27.33 -39.66
N ASP D 105 -0.03 -26.18 -39.06
CA ASP D 105 0.25 -24.90 -39.69
C ASP D 105 1.60 -24.33 -39.25
N ASN D 106 2.43 -25.18 -38.68
CA ASN D 106 3.77 -24.76 -38.24
C ASN D 106 3.74 -23.77 -37.07
N GLN D 107 2.61 -23.65 -36.39
CA GLN D 107 2.52 -22.74 -35.24
C GLN D 107 2.80 -23.51 -33.94
N ARG D 108 3.65 -22.95 -33.10
CA ARG D 108 3.95 -23.60 -31.83
C ARG D 108 2.90 -23.33 -30.79
N HIS D 109 2.65 -24.33 -29.95
CA HIS D 109 1.72 -24.13 -28.86
C HIS D 109 2.62 -24.22 -27.63
N THR D 110 2.49 -25.27 -26.83
CA THR D 110 3.33 -25.37 -25.65
C THR D 110 4.83 -25.56 -25.93
N GLU D 111 5.65 -24.85 -25.17
CA GLU D 111 7.11 -24.98 -25.24
C GLU D 111 7.56 -24.74 -23.80
N THR D 112 7.72 -25.82 -23.04
CA THR D 112 8.09 -25.65 -21.65
C THR D 112 8.86 -26.84 -21.08
N SER D 113 9.22 -26.76 -19.81
CA SER D 113 9.95 -27.84 -19.14
C SER D 113 9.02 -28.95 -18.67
N GLY D 114 9.58 -30.14 -18.47
CA GLY D 114 8.76 -31.25 -17.98
C GLY D 114 8.21 -30.92 -16.58
N TRP D 115 9.02 -30.33 -15.72
CA TRP D 115 8.51 -30.05 -14.38
C TRP D 115 7.39 -29.01 -14.38
N HIS D 116 7.48 -28.00 -15.27
CA HIS D 116 6.42 -26.99 -15.29
C HIS D 116 5.14 -27.66 -15.82
N LEU D 117 5.28 -28.44 -16.90
CA LEU D 117 4.12 -29.14 -17.47
C LEU D 117 3.44 -29.99 -16.38
N HIS D 118 4.25 -30.70 -15.60
CA HIS D 118 3.72 -31.53 -14.52
C HIS D 118 2.97 -30.70 -13.46
N PHE D 119 3.55 -29.56 -13.06
CA PHE D 119 2.89 -28.74 -12.06
C PHE D 119 1.54 -28.20 -12.57
N VAL D 120 1.47 -27.89 -13.87
CA VAL D 120 0.20 -27.42 -14.43
C VAL D 120 -0.81 -28.60 -14.46
N ASN D 121 -0.32 -29.80 -14.78
CA ASN D 121 -1.18 -30.99 -14.78
C ASN D 121 -1.82 -31.11 -13.38
N THR D 122 -1.00 -30.90 -12.34
CA THR D 122 -1.49 -30.94 -10.96
C THR D 122 -2.49 -29.81 -10.69
N ALA D 123 -2.15 -28.58 -11.07
CA ALA D 123 -3.05 -27.45 -10.84
C ALA D 123 -4.41 -27.70 -11.50
N LYS D 124 -4.41 -28.24 -12.71
CA LYS D 124 -5.66 -28.51 -13.43
C LYS D 124 -6.47 -29.64 -12.83
N GLN D 125 -5.81 -30.64 -12.25
CA GLN D 125 -6.52 -31.73 -11.60
C GLN D 125 -7.09 -31.32 -10.24
N GLY D 126 -6.41 -30.40 -9.56
CA GLY D 126 -6.87 -29.97 -8.24
C GLY D 126 -6.24 -30.84 -7.14
N ALA D 127 -5.23 -31.62 -7.53
CA ALA D 127 -4.49 -32.50 -6.60
C ALA D 127 -3.26 -33.01 -7.34
N PRO D 128 -2.25 -33.51 -6.62
CA PRO D 128 -1.03 -34.03 -7.29
C PRO D 128 -1.47 -34.94 -8.44
N PHE D 129 -1.03 -34.61 -9.64
CA PHE D 129 -1.43 -35.33 -10.84
C PHE D 129 -1.32 -36.84 -10.78
N LEU D 130 -2.44 -37.51 -11.10
CA LEU D 130 -2.53 -38.97 -11.11
C LEU D 130 -2.04 -39.64 -9.81
N SER D 131 -2.20 -38.94 -8.69
CA SER D 131 -1.78 -39.50 -7.40
C SER D 131 -2.88 -40.38 -6.79
N SER D 132 -2.48 -41.16 -5.80
CA SER D 132 -3.38 -42.02 -5.05
C SER D 132 -3.46 -41.42 -3.64
N MET D 133 -4.65 -40.94 -3.29
CA MET D 133 -4.90 -40.32 -1.99
C MET D 133 -4.96 -41.41 -0.92
N VAL D 134 -4.43 -41.12 0.25
CA VAL D 134 -4.46 -42.09 1.34
C VAL D 134 -5.72 -41.87 2.20
N THR D 135 -6.41 -42.97 2.52
CA THR D 135 -7.63 -42.90 3.37
C THR D 135 -7.60 -44.06 4.35
N ASP D 136 -8.55 -44.05 5.28
CA ASP D 136 -8.66 -45.10 6.29
C ASP D 136 -9.46 -46.29 5.76
N SER D 137 -9.79 -46.33 4.47
CA SER D 137 -10.61 -47.44 4.00
C SER D 137 -9.99 -48.82 4.23
N PRO D 138 -10.74 -49.75 4.84
CA PRO D 138 -10.21 -51.10 5.08
C PRO D 138 -10.17 -51.89 3.78
N ILE D 139 -11.02 -51.49 2.81
CA ILE D 139 -11.03 -52.14 1.49
C ILE D 139 -9.68 -51.74 0.88
N LYS D 140 -9.00 -52.69 0.23
CA LYS D 140 -7.66 -52.37 -0.24
C LYS D 140 -7.42 -51.50 -1.46
N TYR D 141 -8.02 -50.32 -1.44
CA TYR D 141 -7.76 -49.30 -2.46
C TYR D 141 -6.37 -48.80 -2.05
N GLY D 142 -5.71 -48.03 -2.89
CA GLY D 142 -4.41 -47.51 -2.51
C GLY D 142 -3.49 -47.42 -3.70
N ASP D 143 -2.19 -47.38 -3.44
CA ASP D 143 -1.24 -47.32 -4.52
C ASP D 143 -1.02 -48.78 -4.95
N VAL D 144 -1.93 -49.25 -5.79
CA VAL D 144 -1.94 -50.60 -6.28
C VAL D 144 -1.18 -50.72 -7.60
N MET D 145 -1.40 -49.72 -8.46
CA MET D 145 -0.83 -49.71 -9.80
C MET D 145 0.40 -48.85 -10.06
N ASN D 146 0.88 -48.15 -9.03
CA ASN D 146 2.09 -47.33 -9.17
C ASN D 146 2.12 -46.52 -10.46
N VAL D 147 1.05 -45.74 -10.67
CA VAL D 147 0.92 -44.94 -11.88
C VAL D 147 2.04 -43.92 -12.06
N ILE D 148 2.35 -43.15 -11.02
CA ILE D 148 3.49 -42.24 -11.06
C ILE D 148 4.26 -42.71 -9.83
N ASP D 149 5.48 -43.16 -10.06
CA ASP D 149 6.21 -43.82 -8.98
C ASP D 149 7.71 -43.75 -9.17
N ALA D 150 8.45 -43.68 -8.06
CA ALA D 150 9.91 -43.66 -8.09
C ALA D 150 10.45 -43.97 -6.70
N PRO D 151 11.49 -44.82 -6.60
CA PRO D 151 12.09 -45.20 -5.32
C PRO D 151 12.63 -43.95 -4.62
N ALA D 152 12.37 -43.81 -3.32
CA ALA D 152 12.84 -42.66 -2.57
C ALA D 152 14.36 -42.58 -2.62
N THR D 153 15.00 -43.74 -2.62
CA THR D 153 16.45 -43.80 -2.70
C THR D 153 16.82 -44.99 -3.55
N ILE D 154 18.03 -44.96 -4.12
CA ILE D 154 18.53 -46.08 -4.89
C ILE D 154 19.90 -46.30 -4.24
N ALA D 155 20.05 -47.41 -3.54
CA ALA D 155 21.30 -47.71 -2.85
C ALA D 155 22.41 -48.10 -3.80
N ALA D 156 23.64 -47.99 -3.32
CA ALA D 156 24.81 -48.36 -4.10
C ALA D 156 24.63 -49.78 -4.62
N GLY D 157 24.75 -49.93 -5.94
CA GLY D 157 24.61 -51.24 -6.56
C GLY D 157 23.20 -51.62 -6.96
N ALA D 158 22.22 -50.81 -6.57
CA ALA D 158 20.82 -51.12 -6.87
C ALA D 158 20.29 -50.50 -8.16
N THR D 159 19.19 -51.04 -8.65
CA THR D 159 18.54 -50.51 -9.84
C THR D 159 17.09 -50.17 -9.46
N GLY D 160 16.68 -48.94 -9.73
CA GLY D 160 15.33 -48.52 -9.40
C GLY D 160 14.48 -48.37 -10.66
N GLU D 161 13.19 -48.63 -10.53
CA GLU D 161 12.25 -48.52 -11.65
C GLU D 161 11.31 -47.35 -11.40
N LEU D 162 11.18 -46.48 -12.41
CA LEU D 162 10.36 -45.29 -12.31
C LEU D 162 9.27 -45.22 -13.37
N THR D 163 8.16 -44.55 -13.03
CA THR D 163 7.07 -44.37 -13.98
C THR D 163 6.58 -42.95 -13.83
N MET D 164 6.40 -42.24 -14.95
CA MET D 164 5.95 -40.86 -14.93
C MET D 164 4.96 -40.65 -16.07
N TYR D 165 3.96 -39.80 -15.84
CA TYR D 165 2.98 -39.48 -16.88
C TYR D 165 2.89 -37.95 -16.98
N TYR D 166 2.71 -37.47 -18.21
CA TYR D 166 2.54 -36.04 -18.48
C TYR D 166 1.37 -35.91 -19.44
N TRP D 167 0.57 -34.87 -19.28
CA TRP D 167 -0.51 -34.63 -20.22
C TRP D 167 -0.11 -33.33 -20.94
N VAL D 168 0.09 -33.41 -22.25
CA VAL D 168 0.42 -32.23 -23.03
C VAL D 168 -0.93 -31.78 -23.58
N PRO D 169 -1.45 -30.66 -23.08
CA PRO D 169 -2.73 -30.17 -23.56
C PRO D 169 -2.70 -29.31 -24.81
N LEU D 170 -3.75 -29.42 -25.61
CA LEU D 170 -3.93 -28.56 -26.78
C LEU D 170 -5.24 -27.90 -26.34
N ALA D 171 -6.29 -28.70 -26.20
CA ALA D 171 -7.57 -28.19 -25.72
C ALA D 171 -7.39 -27.85 -24.24
N TYR D 172 -8.10 -26.84 -23.76
CA TYR D 172 -7.99 -26.44 -22.36
C TYR D 172 -8.47 -27.55 -21.41
N SER D 173 -9.58 -28.20 -21.74
CA SER D 173 -10.11 -29.26 -20.89
C SER D 173 -10.96 -30.23 -21.71
N GLU D 174 -11.64 -31.17 -21.05
CA GLU D 174 -12.49 -32.12 -21.76
C GLU D 174 -13.77 -31.44 -22.28
N THR D 175 -14.16 -30.35 -21.64
CA THR D 175 -15.37 -29.63 -22.03
C THR D 175 -15.14 -28.26 -22.69
N ASP D 176 -13.92 -27.74 -22.59
CA ASP D 176 -13.58 -26.45 -23.20
C ASP D 176 -12.54 -26.73 -24.27
N LEU D 177 -12.95 -26.67 -25.55
CA LEU D 177 -12.04 -26.96 -26.64
C LEU D 177 -11.13 -25.83 -27.10
N THR D 178 -11.10 -24.75 -26.34
CA THR D 178 -10.24 -23.62 -26.66
C THR D 178 -8.81 -24.18 -26.73
N GLY D 179 -8.12 -23.94 -27.84
CA GLY D 179 -6.76 -24.42 -27.99
C GLY D 179 -6.63 -25.74 -28.70
N ALA D 180 -7.74 -26.42 -28.94
CA ALA D 180 -7.71 -27.69 -29.63
C ALA D 180 -7.23 -27.47 -31.08
N VAL D 181 -6.78 -28.55 -31.72
CA VAL D 181 -6.27 -28.50 -33.09
C VAL D 181 -7.04 -29.38 -34.09
N LEU D 182 -7.49 -28.77 -35.18
CA LEU D 182 -8.20 -29.51 -36.22
C LEU D 182 -7.11 -30.16 -37.08
N ALA D 183 -7.03 -31.49 -37.08
CA ALA D 183 -6.00 -32.19 -37.83
C ALA D 183 -6.48 -33.12 -38.94
N ASN D 184 -7.67 -33.09 -39.03
CA ASN D 184 -8.26 -33.69 -40.23
C ASN D 184 -8.02 -32.98 -41.53
N VAL D 185 -7.53 -31.77 -41.50
CA VAL D 185 -7.59 -30.93 -42.69
C VAL D 185 -6.37 -30.71 -43.40
N PRO D 186 -5.43 -31.14 -43.48
CA PRO D 186 -4.12 -31.00 -44.06
C PRO D 186 -3.34 -32.22 -43.79
N GLN D 187 -2.58 -32.70 -44.85
CA GLN D 187 -1.58 -33.76 -44.83
C GLN D 187 -0.33 -33.39 -44.10
N SER D 188 -0.12 -32.02 -43.86
CA SER D 188 1.00 -31.42 -43.12
C SER D 188 1.05 -32.01 -41.71
N LYS D 189 2.23 -32.50 -41.33
CA LYS D 189 2.40 -33.15 -40.04
C LYS D 189 2.52 -32.30 -38.79
N GLN D 190 2.11 -32.90 -37.68
CA GLN D 190 2.21 -32.26 -36.38
C GLN D 190 3.56 -32.71 -35.88
N ARG D 191 4.10 -32.00 -34.91
CA ARG D 191 5.38 -32.35 -34.33
C ARG D 191 5.27 -32.27 -32.82
N LEU D 192 5.48 -33.39 -32.12
CA LEU D 192 5.49 -33.37 -30.66
C LEU D 192 6.94 -33.70 -30.33
N LYS D 193 7.70 -32.68 -29.94
CA LYS D 193 9.11 -32.88 -29.62
C LYS D 193 9.31 -33.14 -28.13
N LEU D 194 10.06 -34.20 -27.83
CA LEU D 194 10.32 -34.55 -26.43
C LEU D 194 11.80 -34.69 -26.17
N GLU D 195 12.30 -33.99 -25.16
CA GLU D 195 13.70 -34.13 -24.79
C GLU D 195 13.73 -34.77 -23.41
N PHE D 196 14.28 -35.98 -23.35
CA PHE D 196 14.36 -36.71 -22.09
C PHE D 196 15.61 -36.44 -21.25
N ALA D 197 15.53 -36.82 -19.98
CA ALA D 197 16.66 -36.70 -19.08
C ALA D 197 17.74 -37.61 -19.66
N ASN D 198 18.98 -37.35 -19.31
CA ASN D 198 20.08 -38.20 -19.76
C ASN D 198 21.07 -38.39 -18.60
N ASN D 199 22.18 -39.07 -18.85
CA ASN D 199 23.13 -39.31 -17.76
C ASN D 199 23.81 -38.05 -17.25
N ASN D 200 23.63 -36.95 -17.97
CA ASN D 200 24.21 -35.68 -17.55
C ASN D 200 23.22 -34.79 -16.80
N THR D 201 21.92 -35.01 -16.96
CA THR D 201 20.95 -34.15 -16.28
C THR D 201 20.24 -34.81 -15.09
N ALA D 202 20.09 -36.13 -15.13
CA ALA D 202 19.35 -36.85 -14.10
C ALA D 202 19.99 -37.00 -12.73
N PHE D 203 21.30 -36.85 -12.63
CA PHE D 203 21.97 -37.07 -11.37
C PHE D 203 22.82 -35.90 -10.88
N ALA D 204 22.52 -35.44 -9.67
CA ALA D 204 23.22 -34.31 -9.09
C ALA D 204 24.12 -34.72 -7.92
N ALA D 205 25.35 -34.23 -7.97
CA ALA D 205 26.30 -34.52 -6.90
C ALA D 205 25.90 -33.71 -5.66
N VAL D 206 26.33 -34.15 -4.49
CA VAL D 206 26.03 -33.42 -3.27
C VAL D 206 26.57 -32.01 -3.48
N GLY D 207 25.80 -30.99 -3.11
CA GLY D 207 26.26 -29.62 -3.28
C GLY D 207 25.96 -29.02 -4.63
N ALA D 208 25.52 -29.83 -5.58
CA ALA D 208 25.19 -29.31 -6.91
C ALA D 208 23.71 -28.93 -6.94
N ASN D 209 23.31 -28.13 -7.92
CA ASN D 209 21.91 -27.69 -8.04
C ASN D 209 21.06 -28.89 -8.46
N PRO D 210 20.04 -29.24 -7.66
CA PRO D 210 19.19 -30.40 -8.00
C PRO D 210 17.95 -30.05 -8.83
N LEU D 211 17.81 -28.79 -9.22
CA LEU D 211 16.62 -28.35 -9.99
C LEU D 211 16.15 -29.26 -11.13
N GLU D 212 17.06 -29.60 -12.03
CA GLU D 212 16.72 -30.42 -13.19
C GLU D 212 16.98 -31.91 -13.03
N ALA D 213 17.49 -32.31 -11.88
CA ALA D 213 17.83 -33.71 -11.64
C ALA D 213 16.69 -34.55 -11.07
N ILE D 214 16.88 -35.87 -11.16
CA ILE D 214 15.91 -36.84 -10.64
C ILE D 214 16.42 -37.36 -9.27
N TYR D 215 17.71 -37.64 -9.19
CA TYR D 215 18.34 -38.11 -7.95
C TYR D 215 19.57 -37.29 -7.61
N GLN D 216 19.83 -37.14 -6.33
CA GLN D 216 21.00 -36.40 -5.86
C GLN D 216 21.62 -37.18 -4.71
N GLY D 217 22.94 -37.15 -4.60
CA GLY D 217 23.58 -37.86 -3.52
C GLY D 217 25.02 -38.19 -3.80
N ALA D 218 25.70 -38.74 -2.81
CA ALA D 218 27.12 -39.08 -2.89
C ALA D 218 27.49 -40.06 -4.01
N GLY D 219 26.55 -40.89 -4.43
CA GLY D 219 26.83 -41.85 -5.48
C GLY D 219 26.40 -41.40 -6.87
N ALA D 220 26.01 -40.14 -6.99
CA ALA D 220 25.51 -39.61 -8.27
C ALA D 220 26.42 -39.77 -9.49
N ALA D 221 27.72 -39.49 -9.32
CA ALA D 221 28.67 -39.59 -10.42
C ALA D 221 28.66 -40.96 -11.10
N ASP D 222 28.29 -42.00 -10.34
CA ASP D 222 28.26 -43.35 -10.89
C ASP D 222 26.86 -43.90 -11.16
N CYS D 223 25.87 -43.01 -11.26
CA CYS D 223 24.52 -43.46 -11.58
C CYS D 223 24.37 -43.35 -13.09
N GLU D 224 23.50 -44.18 -13.66
CA GLU D 224 23.26 -44.14 -15.09
C GLU D 224 21.92 -44.77 -15.42
N PHE D 225 21.40 -44.42 -16.59
CA PHE D 225 20.15 -45.02 -17.02
C PHE D 225 20.45 -46.38 -17.66
N GLU D 226 19.67 -47.39 -17.28
CA GLU D 226 19.83 -48.70 -17.89
C GLU D 226 19.09 -48.53 -19.22
N GLU D 227 17.95 -47.84 -19.15
CA GLU D 227 17.14 -47.54 -20.33
C GLU D 227 15.91 -46.71 -19.98
N ILE D 228 15.33 -46.11 -21.00
CA ILE D 228 14.12 -45.28 -20.86
C ILE D 228 13.18 -45.71 -21.97
N SER D 229 11.88 -45.69 -21.67
CA SER D 229 10.88 -46.05 -22.65
C SER D 229 9.74 -45.04 -22.53
N TYR D 230 9.09 -44.76 -23.66
CA TYR D 230 7.98 -43.82 -23.64
C TYR D 230 6.91 -44.36 -24.56
N THR D 231 5.68 -43.99 -24.26
CA THR D 231 4.54 -44.36 -25.08
C THR D 231 3.68 -43.11 -25.11
N VAL D 232 3.32 -42.68 -26.30
CA VAL D 232 2.50 -41.48 -26.44
C VAL D 232 1.11 -41.92 -26.85
N TYR D 233 0.10 -41.43 -26.13
CA TYR D 233 -1.29 -41.72 -26.47
C TYR D 233 -1.92 -40.42 -26.92
N GLN D 234 -2.61 -40.44 -28.05
CA GLN D 234 -3.24 -39.23 -28.57
C GLN D 234 -4.73 -39.24 -28.27
N SER D 235 -5.22 -38.13 -27.72
CA SER D 235 -6.64 -38.00 -27.40
C SER D 235 -7.28 -37.06 -28.40
N TYR D 236 -8.33 -37.53 -29.07
CA TYR D 236 -8.99 -36.70 -30.06
C TYR D 236 -10.47 -37.01 -30.18
N LEU D 237 -11.17 -36.19 -30.95
CA LEU D 237 -12.59 -36.38 -31.16
C LEU D 237 -12.75 -36.80 -32.61
N ASP D 238 -13.47 -37.90 -32.82
CA ASP D 238 -13.70 -38.41 -34.16
C ASP D 238 -15.19 -38.30 -34.50
N GLN D 239 -15.53 -38.58 -35.75
CA GLN D 239 -16.93 -38.51 -36.19
C GLN D 239 -17.49 -37.11 -35.99
N LEU D 240 -16.75 -36.11 -36.46
CA LEU D 240 -17.19 -34.73 -36.31
C LEU D 240 -18.53 -34.49 -36.99
N PRO D 241 -19.41 -33.72 -36.35
CA PRO D 241 -20.73 -33.42 -36.91
C PRO D 241 -20.69 -32.50 -38.13
N VAL D 242 -21.52 -32.82 -39.12
CA VAL D 242 -21.59 -32.04 -40.34
C VAL D 242 -22.96 -31.37 -40.46
N GLY D 243 -22.99 -30.19 -41.06
CA GLY D 243 -24.24 -29.47 -41.22
C GLY D 243 -24.41 -29.00 -42.65
N GLN D 244 -25.27 -28.01 -43.08
CA GLN D 244 -25.39 -27.43 -44.42
C GLN D 244 -24.20 -26.61 -44.88
N ASN D 245 -23.33 -26.40 -44.01
CA ASN D 245 -22.07 -25.72 -44.15
C ASN D 245 -20.89 -26.66 -44.32
N GLY D 246 -21.25 -27.62 -43.89
CA GLY D 246 -20.24 -28.64 -43.67
C GLY D 246 -19.96 -28.88 -42.19
N TYR D 247 -18.71 -29.14 -41.86
CA TYR D 247 -18.30 -29.38 -40.47
C TYR D 247 -18.74 -28.27 -39.53
N ILE D 248 -19.46 -28.64 -38.47
CA ILE D 248 -19.90 -27.69 -37.47
C ILE D 248 -18.71 -27.57 -36.51
N LEU D 249 -18.04 -26.42 -36.53
CA LEU D 249 -16.86 -26.22 -35.70
C LEU D 249 -16.78 -24.92 -34.91
N PRO D 250 -16.25 -24.97 -33.68
CA PRO D 250 -16.11 -23.78 -32.84
C PRO D 250 -14.88 -23.02 -33.37
N LEU D 251 -15.12 -22.05 -34.25
CA LEU D 251 -14.05 -21.27 -34.87
C LEU D 251 -13.15 -20.48 -33.92
N ILE D 252 -13.70 -20.00 -32.81
CA ILE D 252 -12.91 -19.25 -31.85
C ILE D 252 -12.00 -20.26 -31.12
N ASP D 253 -12.59 -21.37 -30.66
CA ASP D 253 -11.83 -22.40 -29.96
C ASP D 253 -10.60 -22.82 -30.80
N LEU D 254 -10.87 -23.18 -32.05
CA LEU D 254 -9.82 -23.65 -32.95
C LEU D 254 -8.84 -22.60 -33.48
N SER D 255 -9.14 -21.32 -33.27
CA SER D 255 -8.24 -20.26 -33.72
C SER D 255 -7.54 -19.61 -32.52
N THR D 256 -7.67 -20.25 -31.36
CA THR D 256 -7.05 -19.75 -30.14
C THR D 256 -5.98 -20.76 -29.71
N LEU D 257 -4.88 -20.26 -29.19
CA LEU D 257 -3.81 -21.15 -28.74
C LEU D 257 -3.84 -21.22 -27.22
N TYR D 258 -3.73 -22.42 -26.67
CA TYR D 258 -3.67 -22.60 -25.22
C TYR D 258 -2.27 -23.19 -25.06
N ASN D 259 -1.37 -22.39 -24.52
CA ASN D 259 0.03 -22.78 -24.37
C ASN D 259 0.59 -22.66 -22.96
N LEU D 260 1.62 -23.47 -22.70
CA LEU D 260 2.37 -23.35 -21.46
C LEU D 260 3.76 -22.93 -21.96
N GLU D 261 4.40 -22.01 -21.25
CA GLU D 261 5.74 -21.56 -21.61
C GLU D 261 6.54 -21.24 -20.35
N ASN D 262 7.86 -21.36 -20.42
CA ASN D 262 8.68 -21.05 -19.26
C ASN D 262 9.72 -19.98 -19.59
N SER D 263 10.32 -19.38 -18.58
CA SER D 263 11.36 -18.38 -18.80
C SER D 263 12.19 -18.31 -17.51
N ALA D 264 13.33 -17.63 -17.57
CA ALA D 264 14.18 -17.48 -16.41
C ALA D 264 14.54 -16.01 -16.27
N GLN D 265 14.58 -15.54 -15.03
CA GLN D 265 14.89 -14.15 -14.74
C GLN D 265 15.90 -14.11 -13.60
N ALA D 266 16.85 -13.18 -13.66
CA ALA D 266 17.84 -13.04 -12.58
C ALA D 266 18.00 -11.56 -12.23
N GLY D 267 18.73 -11.29 -11.14
CA GLY D 267 18.93 -9.92 -10.73
C GLY D 267 18.24 -9.60 -9.41
N LEU D 268 18.05 -10.62 -8.58
CA LEU D 268 17.39 -10.44 -7.28
C LEU D 268 18.34 -9.86 -6.24
N THR D 269 17.78 -8.99 -5.39
CA THR D 269 18.56 -8.36 -4.32
C THR D 269 17.73 -8.34 -3.04
N PRO D 270 18.34 -8.69 -1.90
CA PRO D 270 17.62 -8.70 -0.64
C PRO D 270 16.76 -7.45 -0.38
N ASN D 271 15.52 -7.71 0.04
CA ASN D 271 14.55 -6.67 0.38
C ASN D 271 14.13 -5.70 -0.73
N VAL D 272 14.42 -6.05 -1.98
CA VAL D 272 14.02 -5.20 -3.10
C VAL D 272 13.02 -5.95 -3.96
N ASP D 273 11.96 -5.26 -4.39
CA ASP D 273 10.96 -5.91 -5.24
C ASP D 273 11.57 -6.36 -6.58
N PHE D 274 11.46 -7.65 -6.87
CA PHE D 274 11.92 -8.22 -8.14
C PHE D 274 10.63 -8.41 -8.91
N VAL D 275 10.50 -7.69 -10.03
CA VAL D 275 9.30 -7.73 -10.84
C VAL D 275 9.48 -8.38 -12.21
N VAL D 276 8.66 -9.39 -12.49
CA VAL D 276 8.71 -10.06 -13.78
C VAL D 276 7.47 -9.60 -14.52
N GLN D 277 7.66 -8.79 -15.56
CA GLN D 277 6.54 -8.27 -16.33
C GLN D 277 5.83 -9.31 -17.18
N TYR D 278 4.51 -9.17 -17.29
CA TYR D 278 3.71 -10.06 -18.12
C TYR D 278 3.66 -9.34 -19.47
N ALA D 279 3.60 -10.08 -20.56
CA ALA D 279 3.54 -9.47 -21.89
C ALA D 279 2.09 -9.11 -22.19
N ASN D 280 1.86 -8.31 -23.23
CA ASN D 280 0.50 -7.97 -23.58
C ASN D 280 0.01 -8.99 -24.60
N LEU D 281 -1.27 -8.96 -24.92
CA LEU D 281 -1.87 -9.88 -25.88
C LEU D 281 -2.23 -11.24 -25.29
N TYR D 282 -1.41 -11.75 -24.38
CA TYR D 282 -1.68 -13.04 -23.76
C TYR D 282 -2.63 -12.93 -22.58
N ARG D 283 -3.52 -13.90 -22.44
CA ARG D 283 -4.45 -13.95 -21.32
C ARG D 283 -3.86 -15.02 -20.41
N TYR D 284 -3.12 -14.60 -19.38
CA TYR D 284 -2.47 -15.52 -18.48
C TYR D 284 -3.40 -16.14 -17.43
N LEU D 285 -3.59 -17.45 -17.55
CA LEU D 285 -4.46 -18.22 -16.66
C LEU D 285 -3.78 -18.60 -15.34
N SER D 286 -2.49 -18.90 -15.38
CA SER D 286 -1.78 -19.22 -14.16
C SER D 286 -0.31 -18.85 -14.27
N THR D 287 0.32 -18.65 -13.12
CA THR D 287 1.73 -18.33 -13.05
C THR D 287 2.40 -19.19 -11.98
N ILE D 288 3.56 -19.73 -12.34
CA ILE D 288 4.34 -20.51 -11.41
C ILE D 288 5.70 -19.83 -11.35
N ALA D 289 6.21 -19.65 -10.15
CA ALA D 289 7.52 -19.03 -9.98
C ALA D 289 8.32 -19.92 -9.06
N VAL D 290 9.47 -20.37 -9.52
CA VAL D 290 10.34 -21.21 -8.72
C VAL D 290 11.56 -20.40 -8.31
N PHE D 291 11.78 -20.29 -7.00
CA PHE D 291 12.91 -19.51 -6.50
C PHE D 291 14.12 -20.44 -6.31
N ASP D 292 14.91 -20.54 -7.39
CA ASP D 292 16.12 -21.34 -7.37
C ASP D 292 17.14 -20.42 -6.72
N ASN D 293 17.24 -20.49 -5.40
CA ASN D 293 18.16 -19.63 -4.66
C ASN D 293 19.59 -20.17 -4.68
N GLY D 294 20.20 -20.11 -5.86
CA GLY D 294 21.57 -20.60 -6.00
C GLY D 294 21.68 -22.08 -5.67
N GLY D 295 20.70 -22.86 -6.11
CA GLY D 295 20.73 -24.29 -5.85
C GLY D 295 20.02 -24.73 -4.58
N SER D 296 19.62 -23.76 -3.77
CA SER D 296 18.89 -24.05 -2.53
C SER D 296 17.43 -23.77 -2.77
N PHE D 297 16.57 -24.65 -2.28
CA PHE D 297 15.13 -24.46 -2.43
C PHE D 297 14.55 -24.45 -1.02
N ASN D 298 14.04 -23.30 -0.62
CA ASN D 298 13.50 -23.12 0.72
C ASN D 298 11.99 -22.99 0.78
N ALA D 299 11.42 -23.39 1.92
CA ALA D 299 9.99 -23.32 2.14
C ALA D 299 9.60 -21.91 2.62
N GLY D 300 9.68 -20.96 1.70
CA GLY D 300 9.31 -19.59 1.97
C GLY D 300 10.17 -18.74 2.90
N THR D 301 11.09 -19.37 3.62
CA THR D 301 11.94 -18.62 4.56
C THR D 301 12.90 -17.61 3.96
N ASP D 302 13.14 -17.70 2.66
CA ASP D 302 14.02 -16.75 1.97
C ASP D 302 13.22 -15.67 1.22
N ILE D 303 11.91 -15.59 1.50
CA ILE D 303 11.07 -14.61 0.84
C ILE D 303 10.28 -13.76 1.85
N ASN D 304 10.19 -12.45 1.58
CA ASN D 304 9.43 -11.52 2.42
C ASN D 304 7.97 -11.61 2.00
N TYR D 305 7.72 -11.47 0.70
CA TYR D 305 6.37 -11.58 0.16
C TYR D 305 6.37 -11.75 -1.34
N LEU D 306 5.22 -12.16 -1.87
CA LEU D 306 5.02 -12.31 -3.30
C LEU D 306 3.77 -11.51 -3.62
N SER D 307 3.60 -11.12 -4.87
CA SER D 307 2.42 -10.34 -5.23
C SER D 307 2.25 -10.28 -6.75
N GLN D 308 1.14 -9.70 -7.17
CA GLN D 308 0.87 -9.43 -8.59
C GLN D 308 0.52 -7.94 -8.51
N ARG D 309 1.16 -7.14 -9.34
CA ARG D 309 0.96 -5.71 -9.30
C ARG D 309 0.73 -5.04 -10.65
N THR D 310 -0.15 -4.03 -10.66
CA THR D 310 -0.43 -3.28 -11.86
C THR D 310 0.18 -1.90 -11.67
N ALA D 311 0.90 -1.41 -12.67
CA ALA D 311 1.53 -0.09 -12.59
C ALA D 311 0.48 0.97 -12.24
N ASN D 312 0.29 1.58 -11.60
CA ASN D 312 -0.46 2.69 -11.09
C ASN D 312 -1.20 2.32 -9.83
N PHE D 313 -2.11 1.32 -9.66
CA PHE D 313 -2.81 0.83 -8.52
C PHE D 313 -1.78 0.20 -7.68
N SER D 314 -1.06 -0.31 -7.50
CA SER D 314 -0.49 -1.21 -6.50
C SER D 314 -0.80 -2.71 -6.66
N ASP D 315 -0.61 -3.43 -5.56
CA ASP D 315 -0.78 -4.88 -5.53
C ASP D 315 -2.22 -5.37 -5.32
N THR D 316 -2.57 -6.43 -6.02
CA THR D 316 -3.90 -7.02 -5.89
C THR D 316 -3.86 -8.21 -4.95
N ARG D 317 -2.65 -8.65 -4.59
CA ARG D 317 -2.48 -9.76 -3.66
C ARG D 317 -1.07 -9.91 -3.12
N LYS D 318 -0.64 -8.90 -2.37
CA LYS D 318 0.68 -8.90 -1.74
C LYS D 318 0.53 -9.73 -0.46
N LEU D 319 1.16 -10.90 -0.44
CA LEU D 319 1.02 -11.82 0.70
C LEU D 319 2.32 -12.42 1.23
N ASP D 320 2.34 -12.72 2.52
CA ASP D 320 3.51 -13.37 3.11
C ASP D 320 3.52 -14.78 2.48
N PRO D 321 4.68 -15.46 2.46
CA PRO D 321 4.75 -16.81 1.86
C PRO D 321 3.75 -17.84 2.37
N LYS D 322 3.49 -17.90 3.68
CA LYS D 322 2.52 -18.88 4.18
C LYS D 322 1.10 -18.59 3.72
N THR D 323 0.73 -17.31 3.68
CA THR D 323 -0.62 -16.95 3.25
C THR D 323 -0.76 -17.19 1.74
N TRP D 324 0.34 -16.99 1.02
CA TRP D 324 0.33 -17.25 -0.42
C TRP D 324 0.11 -18.76 -0.58
N ALA D 325 0.82 -19.54 0.22
CA ALA D 325 0.69 -21.01 0.17
C ALA D 325 -0.73 -21.45 0.56
N ALA D 326 -1.37 -20.71 1.46
CA ALA D 326 -2.74 -21.05 1.86
C ALA D 326 -3.65 -20.99 0.65
N GLN D 327 -3.51 -19.96 -0.20
CA GLN D 327 -4.36 -19.86 -1.38
C GLN D 327 -4.11 -21.07 -2.28
N THR D 328 -2.86 -21.50 -2.40
CA THR D 328 -2.55 -22.66 -3.22
C THR D 328 -3.15 -23.93 -2.63
N ARG D 329 -3.15 -24.07 -1.31
CA ARG D 329 -3.75 -25.27 -0.71
C ARG D 329 -5.24 -25.43 -1.07
N ARG D 330 -5.91 -24.32 -1.34
CA ARG D 330 -7.32 -24.34 -1.76
C ARG D 330 -7.44 -24.82 -3.21
N ARG D 331 -6.35 -24.74 -3.96
CA ARG D 331 -6.39 -25.15 -5.36
C ARG D 331 -5.92 -26.58 -5.62
N ILE D 332 -4.91 -27.05 -4.90
CA ILE D 332 -4.41 -28.40 -5.12
C ILE D 332 -4.41 -29.32 -3.90
N ALA D 333 -5.05 -28.85 -2.82
CA ALA D 333 -5.20 -29.63 -1.61
C ALA D 333 -3.90 -30.01 -0.88
N THR D 334 -2.82 -29.29 -1.19
CA THR D 334 -1.51 -29.54 -0.58
C THR D 334 -0.59 -28.41 -1.06
N ASP D 335 0.68 -28.48 -0.69
CA ASP D 335 1.67 -27.47 -1.12
C ASP D 335 2.48 -28.01 -2.28
N PHE D 336 2.92 -27.13 -3.17
CA PHE D 336 3.83 -27.56 -4.24
C PHE D 336 5.17 -27.72 -3.51
N PRO D 337 6.17 -28.36 -4.15
CA PRO D 337 7.47 -28.54 -3.51
C PRO D 337 8.16 -27.25 -3.06
N LYS D 338 9.16 -27.39 -2.19
CA LYS D 338 9.89 -26.22 -1.67
C LYS D 338 10.37 -25.25 -2.75
N GLY D 339 10.07 -23.98 -2.55
CA GLY D 339 10.52 -22.95 -3.49
C GLY D 339 9.66 -22.78 -4.72
N VAL D 340 8.59 -23.58 -4.82
CA VAL D 340 7.68 -23.50 -5.98
C VAL D 340 6.41 -22.77 -5.56
N TYR D 341 6.10 -21.66 -6.24
CA TYR D 341 4.93 -20.86 -5.93
C TYR D 341 3.96 -20.76 -7.07
N TYR D 342 2.68 -20.94 -6.75
CA TYR D 342 1.63 -20.95 -7.75
C TYR D 342 0.64 -19.83 -7.57
N CYS D 343 0.08 -19.37 -8.69
CA CYS D 343 -0.89 -18.30 -8.70
C CYS D 343 -1.98 -18.61 -9.74
N ASP D 344 -3.22 -18.71 -9.27
CA ASP D 344 -4.37 -19.00 -10.14
C ASP D 344 -5.08 -17.70 -10.55
N ASN D 345 -5.19 -17.45 -11.85
CA ASN D 345 -5.88 -16.27 -12.38
C ASN D 345 -6.84 -16.75 -13.47
N ARG D 346 -7.36 -17.97 -13.31
CA ARG D 346 -8.25 -18.55 -14.31
C ARG D 346 -9.56 -17.83 -14.58
N ASP D 347 -10.22 -17.37 -13.53
CA ASP D 347 -11.49 -16.68 -13.72
C ASP D 347 -11.36 -15.28 -14.29
N LYS D 348 -10.23 -14.63 -14.01
CA LYS D 348 -9.94 -13.31 -14.53
C LYS D 348 -8.47 -13.27 -14.93
N PRO D 349 -8.16 -13.79 -16.12
CA PRO D 349 -6.80 -13.86 -16.65
C PRO D 349 -6.09 -12.52 -16.71
N ILE D 350 -4.79 -12.52 -16.41
CA ILE D 350 -3.99 -11.31 -16.46
C ILE D 350 -3.92 -10.98 -17.95
N TYR D 351 -4.37 -9.78 -18.32
CA TYR D 351 -4.40 -9.33 -19.71
C TYR D 351 -4.13 -7.81 -19.66
N THR D 352 -2.90 -7.43 -19.97
CA THR D 352 -2.47 -6.03 -19.90
C THR D 352 -2.94 -5.08 -20.99
N LEU D 353 -3.23 -5.04 -21.94
CA LEU D 353 -3.24 -4.56 -23.35
C LEU D 353 -1.92 -3.81 -23.65
N GLN D 354 -1.25 -3.28 -22.66
CA GLN D 354 0.05 -2.64 -22.84
C GLN D 354 1.08 -3.56 -22.15
N TYR D 355 2.26 -3.82 -22.74
CA TYR D 355 3.34 -4.64 -22.18
C TYR D 355 3.84 -4.20 -20.80
N GLY D 356 3.67 -5.08 -19.81
CA GLY D 356 4.14 -4.76 -18.46
C GLY D 356 3.21 -3.97 -17.57
N ASN D 357 2.15 -3.79 -17.95
CA ASN D 357 1.14 -3.20 -17.10
C ASN D 357 0.93 -4.01 -15.86
N VAL D 358 1.17 -5.15 -15.96
CA VAL D 358 1.07 -6.05 -14.81
C VAL D 358 2.35 -6.87 -14.63
N GLY D 359 2.76 -7.06 -13.39
CA GLY D 359 3.96 -7.83 -13.12
C GLY D 359 3.78 -8.78 -11.95
N PHE D 360 4.62 -9.83 -11.92
CA PHE D 360 4.61 -10.81 -10.84
C PHE D 360 5.76 -10.36 -9.93
N VAL D 361 5.49 -10.23 -8.65
CA VAL D 361 6.50 -9.74 -7.73
C VAL D 361 6.99 -10.69 -6.66
N VAL D 362 8.30 -10.68 -6.45
CA VAL D 362 8.92 -11.45 -5.39
C VAL D 362 9.92 -10.53 -4.69
N ASN D 363 9.71 -10.30 -3.41
CA ASN D 363 10.66 -9.50 -2.63
C ASN D 363 11.37 -10.52 -1.74
N PRO D 364 12.61 -10.87 -2.12
CA PRO D 364 13.43 -11.85 -1.39
C PRO D 364 14.03 -11.37 -0.07
N LYS D 365 14.10 -12.28 0.88
CA LYS D 365 14.67 -11.97 2.19
C LYS D 365 16.17 -12.23 2.12
N THR D 366 16.54 -13.34 1.49
CA THR D 366 17.95 -13.70 1.34
C THR D 366 18.20 -14.15 -0.10
N VAL D 367 19.31 -13.67 -0.67
CA VAL D 367 19.66 -14.01 -2.04
C VAL D 367 21.06 -14.60 -2.12
N ASN D 368 21.14 -15.86 -2.53
CA ASN D 368 22.43 -16.53 -2.66
C ASN D 368 23.01 -16.26 -4.05
N GLN D 369 24.25 -16.70 -4.25
CA GLN D 369 24.93 -16.54 -5.53
C GLN D 369 24.19 -17.35 -6.59
N ASN D 370 24.04 -16.77 -7.79
CA ASN D 370 23.37 -17.44 -8.90
C ASN D 370 21.88 -17.67 -8.65
N ALA D 371 21.24 -16.75 -7.94
CA ALA D 371 19.82 -16.86 -7.68
C ALA D 371 19.03 -16.46 -8.92
N ARG D 372 17.85 -17.04 -9.07
CA ARG D 372 17.03 -16.70 -10.21
C ARG D 372 15.63 -17.26 -9.99
N LEU D 373 14.68 -16.69 -10.72
CA LEU D 373 13.30 -17.14 -10.67
C LEU D 373 13.03 -17.82 -11.99
N LEU D 374 12.54 -19.05 -11.93
CA LEU D 374 12.17 -19.80 -13.12
C LEU D 374 10.65 -19.67 -13.19
N MET D 375 10.18 -18.97 -14.22
CA MET D 375 8.75 -18.72 -14.40
C MET D 375 8.10 -19.71 -15.33
N GLY D 376 6.83 -20.00 -15.04
CA GLY D 376 6.06 -20.91 -15.87
C GLY D 376 4.69 -20.28 -16.08
N TYR D 377 4.21 -20.22 -17.32
CA TYR D 377 2.91 -19.62 -17.62
C TYR D 377 1.95 -20.49 -18.42
N GLU D 378 0.67 -20.31 -18.14
CA GLU D 378 -0.42 -20.97 -18.88
C GLU D 378 -1.15 -19.77 -19.48
N TYR D 379 -1.39 -19.75 -20.79
CA TYR D 379 -2.10 -18.60 -21.34
C TYR D 379 -2.86 -18.94 -22.60
N PHE D 380 -3.82 -18.14 -22.86
CA PHE D 380 -4.57 -18.22 -24.11
C PHE D 380 -4.22 -16.93 -24.84
N THR D 381 -3.65 -16.70 -25.83
CA THR D 381 -3.32 -15.60 -26.73
C THR D 381 -4.00 -15.88 -28.07
N SER D 382 -3.98 -14.35 -28.40
CA SER D 382 -4.62 -14.33 -29.75
C SER D 382 -3.55 -14.71 -30.78
N ARG D 383 -3.83 -15.78 -31.47
CA ARG D 383 -2.78 -16.40 -32.30
C ARG D 383 -2.06 -15.40 -33.20
N THR D 384 -2.73 -14.41 -33.68
CA THR D 384 -2.19 -13.35 -34.55
C THR D 384 -1.28 -12.41 -33.83
N GLU D 385 -1.68 -12.03 -32.56
CA GLU D 385 -0.92 -11.13 -31.61
C GLU D 385 0.47 -11.77 -31.25
N LEU D 386 0.42 -13.06 -30.94
CA LEU D 386 1.69 -13.82 -30.66
C LEU D 386 2.58 -13.92 -31.91
N VAL D 387 1.94 -14.11 -33.04
CA VAL D 387 2.68 -14.11 -34.29
C VAL D 387 3.43 -12.79 -34.56
N ASN D 388 2.69 -11.60 -34.32
CA ASN D 388 3.31 -10.38 -34.74
C ASN D 388 3.84 -9.51 -33.61
N ALA D 389 3.32 -9.45 -32.42
CA ALA D 389 3.69 -8.48 -31.34
C ALA D 389 4.04 -9.08 -30.02
N GLY D 390 4.69 -9.95 -29.70
CA GLY D 390 4.99 -10.60 -28.39
C GLY D 390 6.51 -10.80 -28.01
N THR D 391 7.14 -10.55 -26.63
CA THR D 391 8.33 -11.15 -26.01
C THR D 391 7.96 -11.47 -24.58
N ILE D 392 8.88 -12.07 -23.88
CA ILE D 392 8.65 -12.30 -22.43
C ILE D 392 9.61 -11.43 -21.61
N SER D 393 9.75 -10.76 -20.77
CA SER D 393 11.02 -10.12 -20.46
C SER D 393 10.89 -8.81 -19.95
N THR D 394 11.45 -8.69 -18.55
CA THR D 394 11.48 -7.51 -17.68
C THR D 394 12.94 -7.26 -17.32
N THR D 395 13.80 -7.56 -17.73
CA THR D 395 15.23 -7.44 -17.38
C THR D 395 15.50 -7.69 -15.89
N LEU E 7 -54.89 -9.35 -9.62
CA LEU E 7 -54.74 -10.49 -10.55
C LEU E 7 -54.24 -11.67 -9.71
N THR E 8 -54.23 -11.42 -8.41
CA THR E 8 -53.83 -12.31 -7.34
C THR E 8 -52.91 -11.60 -6.36
N PRO E 9 -53.25 -11.49 -5.07
CA PRO E 9 -52.28 -10.79 -4.19
C PRO E 9 -51.03 -11.70 -4.12
N ALA E 10 -51.45 -13.02 -3.96
CA ALA E 10 -50.40 -14.04 -3.78
C ALA E 10 -49.55 -14.23 -5.05
N GLN E 11 -50.28 -14.33 -6.11
CA GLN E 11 -49.61 -14.50 -7.41
C GLN E 11 -48.72 -13.30 -7.67
N GLN E 12 -49.25 -12.11 -7.35
CA GLN E 12 -48.47 -10.90 -7.52
C GLN E 12 -47.26 -10.90 -6.59
N ALA E 13 -47.45 -11.33 -5.35
CA ALA E 13 -46.32 -11.35 -4.39
C ALA E 13 -45.22 -12.31 -4.89
N ALA E 14 -45.65 -13.47 -5.39
CA ALA E 14 -44.66 -14.44 -5.90
C ALA E 14 -43.94 -13.90 -7.14
N LEU E 15 -44.72 -13.28 -8.03
CA LEU E 15 -44.15 -12.72 -9.27
C LEU E 15 -43.13 -11.62 -8.95
N ARG E 16 -43.48 -10.76 -8.00
CA ARG E 16 -42.61 -9.67 -7.59
C ARG E 16 -41.33 -10.20 -6.95
N ASN E 17 -41.48 -11.24 -6.14
CA ASN E 17 -40.36 -11.85 -5.46
C ASN E 17 -39.40 -12.46 -6.50
N GLN E 18 -39.99 -13.10 -7.48
CA GLN E 18 -39.23 -13.75 -8.54
C GLN E 18 -38.41 -12.69 -9.29
N GLN E 19 -39.05 -11.57 -9.56
CA GLN E 19 -38.42 -10.42 -10.22
C GLN E 19 -37.38 -9.73 -9.40
N ALA E 20 -37.47 -9.62 -8.10
CA ALA E 20 -36.44 -9.06 -7.26
C ALA E 20 -35.22 -10.06 -7.21
N MET E 21 -35.42 -11.32 -7.07
CA MET E 21 -34.41 -12.37 -7.06
C MET E 21 -33.60 -12.33 -8.34
N ALA E 22 -34.30 -12.19 -9.48
CA ALA E 22 -33.64 -12.16 -10.78
C ALA E 22 -32.74 -10.93 -10.90
N ALA E 23 -33.22 -9.79 -10.43
CA ALA E 23 -32.44 -8.56 -10.48
C ALA E 23 -31.18 -8.71 -9.64
N ASN E 24 -31.33 -9.31 -8.46
CA ASN E 24 -30.21 -9.52 -7.55
C ASN E 24 -29.15 -10.38 -8.22
N LEU E 25 -29.55 -11.55 -8.70
CA LEU E 25 -28.60 -12.45 -9.35
C LEU E 25 -27.87 -11.78 -10.51
N GLN E 26 -28.60 -11.02 -11.34
CA GLN E 26 -27.97 -10.33 -12.47
C GLN E 26 -26.94 -9.33 -11.97
N ALA E 27 -27.32 -8.57 -10.94
CA ALA E 27 -26.42 -7.57 -10.38
C ALA E 27 -25.17 -8.28 -9.84
N ARG E 28 -25.36 -9.41 -9.18
CA ARG E 28 -24.24 -10.17 -8.63
C ARG E 28 -23.31 -10.60 -9.77
N GLN E 29 -23.88 -11.18 -10.81
CA GLN E 29 -23.10 -11.63 -11.96
C GLN E 29 -22.31 -10.51 -12.59
N ILE E 30 -22.91 -9.33 -12.69
CA ILE E 30 -22.23 -8.18 -13.29
C ILE E 30 -21.09 -7.69 -12.38
N VAL E 31 -21.35 -7.62 -11.08
CA VAL E 31 -20.31 -7.20 -10.14
C VAL E 31 -19.12 -8.15 -10.24
N LEU E 32 -19.38 -9.45 -10.24
CA LEU E 32 -18.30 -10.44 -10.31
C LEU E 32 -17.50 -10.34 -11.60
N GLN E 33 -18.18 -10.09 -12.71
CA GLN E 33 -17.50 -10.01 -13.99
C GLN E 33 -16.76 -8.69 -14.21
N GLN E 34 -17.32 -7.59 -13.73
CA GLN E 34 -16.71 -6.26 -13.91
C GLN E 34 -15.68 -5.80 -12.88
N SER E 35 -15.83 -5.92 -11.70
CA SER E 35 -14.89 -5.54 -10.65
C SER E 35 -13.72 -6.50 -10.62
N TYR E 36 -12.68 -6.16 -9.87
CA TYR E 36 -11.52 -7.06 -9.76
C TYR E 36 -11.27 -7.36 -8.29
N PRO E 37 -11.13 -8.64 -7.94
CA PRO E 37 -10.89 -9.01 -6.55
C PRO E 37 -9.50 -8.59 -6.05
N VAL E 38 -9.44 -8.20 -4.79
CA VAL E 38 -8.19 -7.78 -4.16
C VAL E 38 -8.15 -8.35 -2.75
N ILE E 39 -6.97 -8.73 -2.30
CA ILE E 39 -6.80 -9.20 -0.94
C ILE E 39 -5.57 -8.44 -0.48
N GLN E 40 -5.70 -7.65 0.58
CA GLN E 40 -4.59 -6.86 1.07
C GLN E 40 -4.51 -6.82 2.58
N GLN E 41 -3.29 -6.77 3.09
CA GLN E 41 -3.08 -6.72 4.52
C GLN E 41 -3.67 -5.44 5.10
N VAL E 42 -4.35 -5.57 6.23
CA VAL E 42 -4.97 -4.45 6.93
C VAL E 42 -4.18 -4.09 8.18
N GLU E 43 -3.73 -5.11 8.90
CA GLU E 43 -3.02 -4.87 10.14
C GLU E 43 -2.28 -6.12 10.64
N THR E 44 -1.14 -5.90 11.27
CA THR E 44 -0.39 -7.01 11.87
C THR E 44 0.07 -6.55 13.25
N GLN E 45 0.04 -7.46 14.22
CA GLN E 45 0.51 -7.11 15.55
C GLN E 45 1.05 -8.34 16.24
N THR E 46 2.10 -8.15 17.04
CA THR E 46 2.72 -9.23 17.80
C THR E 46 2.63 -8.79 19.25
N PHE E 47 2.18 -9.69 20.12
CA PHE E 47 1.98 -9.33 21.51
C PHE E 47 2.06 -10.56 22.41
N ASP E 48 2.05 -10.32 23.72
CA ASP E 48 2.04 -11.38 24.71
C ASP E 48 0.63 -11.28 25.29
N PRO E 49 -0.17 -12.36 25.17
CA PRO E 49 -1.53 -12.30 25.69
C PRO E 49 -1.62 -12.07 27.20
N ALA E 50 -0.49 -12.17 27.90
CA ALA E 50 -0.48 -11.91 29.35
C ALA E 50 -0.65 -10.40 29.53
N ASN E 51 -0.32 -9.65 28.49
CA ASN E 51 -0.42 -8.19 28.50
C ASN E 51 -1.76 -7.73 27.96
N ARG E 52 -2.16 -8.29 26.83
CA ARG E 52 -3.43 -7.91 26.21
C ARG E 52 -3.89 -9.04 25.28
N SER E 53 -5.17 -9.36 25.30
CA SER E 53 -5.67 -10.44 24.43
C SER E 53 -6.86 -10.04 23.55
N VAL E 54 -7.37 -8.83 23.69
CA VAL E 54 -8.49 -8.38 22.87
C VAL E 54 -8.07 -7.23 21.96
N PHE E 55 -8.36 -7.37 20.67
CA PHE E 55 -7.97 -6.36 19.69
C PHE E 55 -9.11 -5.96 18.77
N ASP E 56 -9.25 -4.66 18.54
CA ASP E 56 -10.27 -4.16 17.65
C ASP E 56 -9.57 -3.71 16.39
N VAL E 57 -9.69 -4.49 15.33
CA VAL E 57 -9.05 -4.18 14.05
C VAL E 57 -10.01 -3.33 13.22
N THR E 58 -9.47 -2.31 12.54
CA THR E 58 -10.29 -1.43 11.72
C THR E 58 -10.07 -1.66 10.23
N PRO E 59 -10.97 -2.40 9.58
CA PRO E 59 -10.85 -2.69 8.15
C PRO E 59 -10.89 -1.40 7.33
N ALA E 60 -10.30 -1.43 6.14
CA ALA E 60 -10.29 -0.27 5.26
C ALA E 60 -11.65 -0.18 4.60
N ASN E 61 -12.14 1.04 4.37
CA ASN E 61 -13.44 1.20 3.72
C ASN E 61 -13.24 1.31 2.22
N VAL E 62 -13.34 0.17 1.52
CA VAL E 62 -13.18 0.18 0.08
C VAL E 62 -14.05 -0.85 -0.60
N GLY E 63 -14.81 -0.41 -1.60
CA GLY E 63 -15.68 -1.29 -2.34
C GLY E 63 -16.55 -2.23 -1.55
N ILE E 64 -16.81 -3.39 -2.12
CA ILE E 64 -17.64 -4.41 -1.49
C ILE E 64 -16.69 -5.36 -0.77
N VAL E 65 -16.86 -5.50 0.55
CA VAL E 65 -16.00 -6.39 1.36
C VAL E 65 -16.61 -7.79 1.43
N LYS E 66 -15.82 -8.81 1.12
CA LYS E 66 -16.29 -10.20 1.12
C LYS E 66 -15.94 -10.96 2.38
N GLY E 67 -14.83 -10.59 3.01
CA GLY E 67 -14.42 -11.29 4.22
C GLY E 67 -12.99 -11.01 4.62
N PHE E 68 -12.53 -11.67 5.68
CA PHE E 68 -11.17 -11.46 6.16
C PHE E 68 -10.46 -12.78 6.43
N LEU E 69 -9.21 -12.85 5.98
CA LEU E 69 -8.40 -14.04 6.23
C LEU E 69 -7.49 -13.60 7.37
N VAL E 70 -7.56 -14.31 8.49
CA VAL E 70 -6.76 -13.98 9.65
C VAL E 70 -5.70 -15.06 9.91
N LYS E 71 -4.44 -14.65 9.77
CA LYS E 71 -3.30 -15.53 10.03
C LYS E 71 -2.94 -15.33 11.51
N VAL E 72 -2.78 -16.42 12.25
CA VAL E 72 -2.41 -16.32 13.66
C VAL E 72 -1.24 -17.26 13.93
N THR E 73 -0.16 -16.75 14.53
CA THR E 73 0.95 -17.62 14.88
C THR E 73 1.19 -17.47 16.38
N ALA E 74 1.84 -18.45 16.98
CA ALA E 74 2.09 -18.37 18.41
C ALA E 74 3.24 -19.27 18.80
N ALA E 75 3.87 -18.94 19.90
CA ALA E 75 4.97 -19.74 20.45
C ALA E 75 4.51 -20.05 21.88
N ILE E 76 4.56 -21.32 22.25
CA ILE E 76 4.14 -21.75 23.57
C ILE E 76 5.26 -22.52 24.24
N THR E 77 5.51 -22.23 25.52
CA THR E 77 6.59 -22.92 26.22
C THR E 77 6.05 -23.70 27.39
N ASN E 78 6.51 -24.95 27.54
CA ASN E 78 6.08 -25.79 28.64
C ASN E 78 7.25 -25.78 29.61
N ASN E 79 7.11 -25.07 30.72
CA ASN E 79 8.20 -25.03 31.68
C ASN E 79 8.01 -25.99 32.86
N HIS E 80 7.12 -26.96 32.72
CA HIS E 80 6.92 -27.91 33.81
C HIS E 80 8.23 -28.65 33.98
N ALA E 81 8.52 -29.07 35.20
CA ALA E 81 9.76 -29.78 35.48
C ALA E 81 9.86 -31.14 34.80
N THR E 82 8.74 -31.84 34.65
CA THR E 82 8.81 -33.17 34.06
C THR E 82 7.71 -33.61 33.11
N GLU E 83 6.52 -33.01 33.22
CA GLU E 83 5.38 -33.44 32.42
C GLU E 83 5.11 -32.69 31.11
N ALA E 84 4.61 -33.43 30.13
CA ALA E 84 4.29 -32.83 28.82
C ALA E 84 2.83 -32.43 28.77
N VAL E 85 2.43 -31.83 27.64
CA VAL E 85 1.04 -31.50 27.40
C VAL E 85 0.83 -31.96 25.96
N ALA E 86 -0.41 -32.27 25.61
CA ALA E 86 -0.75 -32.75 24.29
C ALA E 86 -1.90 -31.93 23.72
N LEU E 87 -1.96 -31.81 22.40
CA LEU E 87 -3.04 -31.06 21.77
C LEU E 87 -4.40 -31.59 22.17
N THR E 88 -5.35 -30.68 22.33
CA THR E 88 -6.73 -31.05 22.61
C THR E 88 -7.29 -31.39 21.22
N ASP E 89 -8.55 -31.81 21.15
CA ASP E 89 -9.14 -32.13 19.85
C ASP E 89 -9.24 -30.90 18.94
N PHE E 90 -9.45 -29.71 19.52
CA PHE E 90 -9.56 -28.51 18.70
C PHE E 90 -8.19 -27.85 18.47
N GLY E 91 -7.28 -28.05 19.43
CA GLY E 91 -5.93 -27.53 19.30
C GLY E 91 -5.78 -26.08 18.88
N PRO E 92 -5.05 -25.82 17.78
CA PRO E 92 -4.86 -24.44 17.35
C PRO E 92 -6.11 -23.68 16.95
N ALA E 93 -7.22 -24.38 16.72
CA ALA E 93 -8.46 -23.69 16.36
C ALA E 93 -8.91 -22.84 17.57
N ASN E 94 -8.35 -23.13 18.75
CA ASN E 94 -8.69 -22.36 19.93
C ASN E 94 -7.73 -21.19 20.21
N LEU E 95 -6.87 -20.85 19.25
CA LEU E 95 -5.96 -19.71 19.38
C LEU E 95 -6.79 -18.43 19.44
N VAL E 96 -7.90 -18.41 18.71
CA VAL E 96 -8.83 -17.29 18.76
C VAL E 96 -10.04 -17.83 19.52
N GLN E 97 -10.40 -17.17 20.61
CA GLN E 97 -11.54 -17.59 21.41
C GLN E 97 -12.85 -17.07 20.83
N ARG E 98 -12.85 -15.81 20.39
CA ARG E 98 -14.07 -15.23 19.82
C ARG E 98 -13.77 -14.18 18.76
N VAL E 99 -14.69 -14.05 17.80
CA VAL E 99 -14.55 -13.08 16.74
C VAL E 99 -15.90 -12.40 16.58
N ILE E 100 -15.91 -11.07 16.47
CA ILE E 100 -17.16 -10.34 16.27
C ILE E 100 -16.93 -9.26 15.23
N TYR E 101 -17.85 -9.17 14.26
CA TYR E 101 -17.73 -8.15 13.22
C TYR E 101 -18.94 -7.21 13.22
N TYR E 102 -18.69 -5.91 13.03
CA TYR E 102 -19.75 -4.90 12.95
C TYR E 102 -19.49 -4.14 11.65
N ASP E 103 -20.54 -3.88 10.88
CA ASP E 103 -20.37 -3.15 9.61
C ASP E 103 -20.40 -1.63 9.83
N PRO E 104 -20.28 -0.83 8.75
CA PRO E 104 -20.29 0.64 8.90
C PRO E 104 -21.52 1.25 9.58
N ASP E 105 -22.65 0.53 9.60
CA ASP E 105 -23.85 1.03 10.27
C ASP E 105 -23.91 0.48 11.69
N ASN E 106 -22.82 -0.17 12.09
CA ASN E 106 -22.69 -0.81 13.40
C ASN E 106 -23.64 -1.98 13.61
N GLN E 107 -24.05 -2.59 12.50
CA GLN E 107 -24.91 -3.76 12.56
C GLN E 107 -23.93 -4.95 12.73
N ARG E 108 -24.21 -5.78 13.72
CA ARG E 108 -23.36 -6.93 14.01
C ARG E 108 -23.66 -8.06 13.03
N HIS E 109 -22.61 -8.71 12.53
CA HIS E 109 -22.83 -9.85 11.64
C HIS E 109 -22.40 -11.04 12.48
N THR E 110 -21.34 -11.74 12.06
CA THR E 110 -20.88 -12.88 12.84
C THR E 110 -20.37 -12.55 14.25
N GLU E 111 -20.67 -13.43 15.19
CA GLU E 111 -20.20 -13.35 16.56
C GLU E 111 -20.17 -14.80 17.02
N THR E 112 -18.98 -15.41 17.01
CA THR E 112 -18.88 -16.81 17.39
C THR E 112 -17.50 -17.17 17.88
N SER E 113 -17.32 -18.43 18.24
CA SER E 113 -16.04 -18.93 18.74
C SER E 113 -15.10 -19.27 17.60
N GLY E 114 -13.79 -19.25 17.90
CA GLY E 114 -12.81 -19.62 16.90
C GLY E 114 -13.06 -21.05 16.43
N TRP E 115 -13.38 -21.96 17.36
CA TRP E 115 -13.60 -23.33 16.92
C TRP E 115 -14.80 -23.48 16.00
N HIS E 116 -15.89 -22.75 16.25
CA HIS E 116 -17.06 -22.88 15.38
C HIS E 116 -16.75 -22.30 14.01
N LEU E 117 -16.10 -21.14 13.97
CA LEU E 117 -15.77 -20.50 12.71
C LEU E 117 -14.89 -21.45 11.89
N HIS E 118 -13.92 -22.07 12.56
CA HIS E 118 -13.05 -23.01 11.89
C HIS E 118 -13.82 -24.22 11.31
N PHE E 119 -14.76 -24.77 12.07
CA PHE E 119 -15.52 -25.91 11.55
C PHE E 119 -16.36 -25.50 10.34
N VAL E 120 -16.88 -24.28 10.32
CA VAL E 120 -17.63 -23.83 9.15
C VAL E 120 -16.67 -23.63 7.97
N ASN E 121 -15.47 -23.11 8.23
CA ASN E 121 -14.47 -22.94 7.16
C ASN E 121 -14.24 -24.33 6.52
N THR E 122 -14.11 -25.36 7.35
CA THR E 122 -13.91 -26.72 6.85
C THR E 122 -15.14 -27.20 6.05
N ALA E 123 -16.34 -27.01 6.61
CA ALA E 123 -17.55 -27.45 5.92
C ALA E 123 -17.65 -26.79 4.54
N LYS E 124 -17.34 -25.50 4.46
CA LYS E 124 -17.43 -24.77 3.20
C LYS E 124 -16.34 -25.20 2.20
N GLN E 125 -15.20 -25.64 2.70
CA GLN E 125 -14.13 -26.09 1.79
C GLN E 125 -14.43 -27.52 1.27
N GLY E 126 -15.07 -28.33 2.10
CA GLY E 126 -15.36 -29.70 1.71
C GLY E 126 -14.24 -30.62 2.17
N ALA E 127 -13.38 -30.10 3.04
CA ALA E 127 -12.23 -30.84 3.58
C ALA E 127 -11.64 -30.01 4.71
N PRO E 128 -10.85 -30.63 5.61
CA PRO E 128 -10.26 -29.85 6.72
C PRO E 128 -9.61 -28.60 6.15
N PHE E 129 -10.06 -27.45 6.65
CA PHE E 129 -9.64 -26.14 6.15
C PHE E 129 -8.13 -25.97 6.00
N LEU E 130 -7.72 -25.60 4.78
CA LEU E 130 -6.32 -25.34 4.44
C LEU E 130 -5.37 -26.48 4.81
N SER E 131 -5.89 -27.71 4.83
CA SER E 131 -5.06 -28.87 5.15
C SER E 131 -4.27 -29.35 3.94
N SER E 132 -3.27 -30.19 4.19
CA SER E 132 -2.47 -30.80 3.13
C SER E 132 -2.84 -32.30 3.14
N MET E 133 -3.42 -32.76 2.03
CA MET E 133 -3.83 -34.16 1.89
C MET E 133 -2.60 -35.04 1.67
N VAL E 134 -2.61 -36.23 2.26
CA VAL E 134 -1.49 -37.17 2.11
C VAL E 134 -1.73 -38.07 0.88
N THR E 135 -0.72 -38.20 0.01
CA THR E 135 -0.83 -39.06 -1.16
C THR E 135 0.46 -39.85 -1.33
N ASP E 136 0.46 -40.76 -2.30
CA ASP E 136 1.63 -41.59 -2.60
C ASP E 136 2.58 -40.87 -3.58
N SER E 137 2.34 -39.61 -3.90
CA SER E 137 3.20 -38.97 -4.89
C SER E 137 4.68 -38.89 -4.50
N PRO E 138 5.59 -39.36 -5.39
CA PRO E 138 7.02 -39.30 -5.07
C PRO E 138 7.57 -37.87 -5.20
N ILE E 139 6.87 -37.02 -5.95
CA ILE E 139 7.25 -35.61 -6.10
C ILE E 139 6.97 -35.03 -4.70
N LYS E 140 7.86 -34.18 -4.19
CA LYS E 140 7.71 -33.71 -2.81
C LYS E 140 6.69 -32.65 -2.42
N TYR E 141 5.43 -32.93 -2.79
CA TYR E 141 4.29 -32.13 -2.38
C TYR E 141 4.15 -32.57 -0.92
N GLY E 142 3.31 -31.87 -0.16
CA GLY E 142 3.09 -32.29 1.21
C GLY E 142 2.98 -31.10 2.12
N ASP E 143 3.20 -31.31 3.41
CA ASP E 143 3.17 -30.21 4.35
C ASP E 143 4.54 -29.54 4.23
N VAL E 144 4.64 -28.64 3.27
CA VAL E 144 5.88 -27.92 3.00
C VAL E 144 5.90 -26.58 3.71
N MET E 145 4.77 -25.89 3.68
CA MET E 145 4.64 -24.55 4.23
C MET E 145 4.01 -24.39 5.58
N ASN E 146 3.55 -25.48 6.18
CA ASN E 146 2.93 -25.46 7.50
C ASN E 146 1.91 -24.34 7.70
N VAL E 147 0.96 -24.30 6.78
CA VAL E 147 -0.08 -23.27 6.80
C VAL E 147 -0.91 -23.32 8.07
N ILE E 148 -1.40 -24.50 8.45
CA ILE E 148 -2.08 -24.65 9.73
C ILE E 148 -1.31 -25.80 10.38
N ASP E 149 -0.71 -25.53 11.54
CA ASP E 149 0.18 -26.51 12.14
C ASP E 149 0.37 -26.29 13.65
N ALA E 150 0.59 -27.37 14.39
CA ALA E 150 0.85 -27.29 15.83
C ALA E 150 1.46 -28.63 16.26
N PRO E 151 2.52 -28.59 17.06
CA PRO E 151 3.12 -29.86 17.49
C PRO E 151 2.12 -30.70 18.31
N ALA E 152 2.12 -32.01 18.05
CA ALA E 152 1.19 -32.90 18.74
C ALA E 152 1.39 -32.85 20.26
N THR E 153 2.62 -32.64 20.68
CA THR E 153 2.94 -32.54 22.11
C THR E 153 4.02 -31.49 22.32
N ILE E 154 4.08 -30.94 23.53
CA ILE E 154 5.14 -30.01 23.87
C ILE E 154 5.68 -30.59 25.18
N ALA E 155 6.89 -31.13 25.11
CA ALA E 155 7.53 -31.75 26.27
C ALA E 155 7.98 -30.76 27.32
N ALA E 156 8.19 -31.24 28.54
CA ALA E 156 8.67 -30.38 29.61
C ALA E 156 9.95 -29.71 29.12
N GLY E 157 10.01 -28.38 29.27
CA GLY E 157 11.19 -27.64 28.85
C GLY E 157 11.24 -27.19 27.40
N ALA E 158 10.26 -27.59 26.59
CA ALA E 158 10.25 -27.25 25.18
C ALA E 158 9.33 -26.10 24.80
N THR E 159 9.59 -25.54 23.62
CA THR E 159 8.80 -24.46 23.06
C THR E 159 8.26 -24.93 21.69
N GLY E 160 6.95 -24.81 21.49
CA GLY E 160 6.36 -25.22 20.23
C GLY E 160 5.85 -24.02 19.46
N GLU E 161 5.82 -24.11 18.14
CA GLU E 161 5.35 -23.02 17.30
C GLU E 161 4.06 -23.46 16.61
N LEU E 162 3.08 -22.57 16.55
CA LEU E 162 1.80 -22.90 15.94
C LEU E 162 1.41 -21.86 14.90
N THR E 163 0.64 -22.32 13.90
CA THR E 163 0.14 -21.42 12.87
C THR E 163 -1.33 -21.82 12.66
N MET E 164 -2.20 -20.83 12.54
CA MET E 164 -3.61 -21.07 12.36
C MET E 164 -4.20 -20.00 11.44
N TYR E 165 -5.18 -20.39 10.65
CA TYR E 165 -5.87 -19.44 9.77
C TYR E 165 -7.36 -19.54 9.95
N TYR E 166 -8.04 -18.39 9.91
CA TYR E 166 -9.51 -18.36 9.98
C TYR E 166 -10.01 -17.46 8.85
N TRP E 167 -11.10 -17.85 8.21
CA TRP E 167 -11.70 -16.97 7.21
C TRP E 167 -12.98 -16.45 7.86
N VAL E 168 -13.07 -15.14 8.05
CA VAL E 168 -14.27 -14.52 8.64
C VAL E 168 -15.09 -14.05 7.43
N PRO E 169 -16.20 -14.73 7.13
CA PRO E 169 -17.00 -14.35 5.98
C PRO E 169 -18.03 -13.24 6.17
N LEU E 170 -18.24 -12.47 5.11
CA LEU E 170 -19.30 -11.46 5.10
C LEU E 170 -20.14 -12.04 3.93
N ALA E 171 -19.53 -12.11 2.75
CA ALA E 171 -20.18 -12.71 1.58
C ALA E 171 -20.26 -14.21 1.83
N TYR E 172 -21.28 -14.86 1.32
CA TYR E 172 -21.42 -16.31 1.48
C TYR E 172 -20.31 -17.08 0.78
N SER E 173 -19.95 -16.67 -0.43
CA SER E 173 -18.88 -17.34 -1.16
C SER E 173 -18.25 -16.39 -2.17
N GLU E 174 -17.33 -16.92 -2.98
CA GLU E 174 -16.68 -16.10 -4.00
C GLU E 174 -17.65 -15.68 -5.11
N THR E 175 -18.70 -16.48 -5.32
CA THR E 175 -19.67 -16.20 -6.37
C THR E 175 -21.04 -15.74 -5.89
N ASP E 176 -21.33 -15.95 -4.61
CA ASP E 176 -22.61 -15.54 -4.03
C ASP E 176 -22.30 -14.42 -3.03
N LEU E 177 -22.63 -13.19 -3.42
CA LEU E 177 -22.35 -12.03 -2.57
C LEU E 177 -23.36 -11.75 -1.46
N THR E 178 -24.26 -12.69 -1.20
CA THR E 178 -25.24 -12.52 -0.11
C THR E 178 -24.42 -12.35 1.17
N GLY E 179 -24.70 -11.27 1.90
CA GLY E 179 -23.99 -11.03 3.14
C GLY E 179 -22.80 -10.10 3.02
N ALA E 180 -22.40 -9.75 1.81
CA ALA E 180 -21.26 -8.84 1.61
C ALA E 180 -21.60 -7.46 2.16
N VAL E 181 -20.57 -6.65 2.38
CA VAL E 181 -20.75 -5.31 2.94
C VAL E 181 -20.20 -4.23 2.03
N LEU E 182 -21.01 -3.21 1.75
CA LEU E 182 -20.59 -2.13 0.92
C LEU E 182 -19.96 -1.08 1.86
N ALA E 183 -19.31 -0.43 1.04
CA ALA E 183 -19.13 0.81 1.49
C ALA E 183 -19.39 1.90 0.48
N ASN E 184 -20.55 2.45 0.56
CA ASN E 184 -20.92 3.64 -0.19
C ASN E 184 -21.76 4.33 0.86
N VAL E 185 -21.39 3.94 2.08
CA VAL E 185 -22.04 4.32 3.30
C VAL E 185 -21.31 5.45 4.02
N PRO E 186 -21.80 6.61 3.81
CA PRO E 186 -21.11 7.72 4.44
C PRO E 186 -20.82 7.51 5.91
N GLN E 187 -20.22 7.42 6.97
CA GLN E 187 -20.04 7.04 8.13
C GLN E 187 -18.74 6.45 8.58
N SER E 188 -19.18 5.62 9.51
CA SER E 188 -18.18 4.98 10.30
C SER E 188 -17.04 4.37 9.47
N LYS E 189 -16.59 3.35 10.19
CA LYS E 189 -15.60 2.38 10.00
C LYS E 189 -16.25 1.12 10.48
N GLN E 190 -15.73 0.04 10.06
CA GLN E 190 -16.14 -1.30 10.41
C GLN E 190 -15.30 -1.67 11.63
N ARG E 191 -15.62 -2.78 12.26
CA ARG E 191 -14.88 -3.23 13.43
C ARG E 191 -14.78 -4.73 13.40
N LEU E 192 -13.57 -5.26 13.47
CA LEU E 192 -13.39 -6.70 13.52
C LEU E 192 -12.70 -6.93 14.87
N LYS E 193 -13.44 -7.44 15.85
CA LYS E 193 -12.89 -7.68 17.16
C LYS E 193 -12.40 -9.10 17.29
N LEU E 194 -11.15 -9.25 17.69
CA LEU E 194 -10.53 -10.56 17.87
C LEU E 194 -10.17 -10.75 19.35
N GLU E 195 -10.71 -11.79 19.97
CA GLU E 195 -10.40 -12.09 21.36
C GLU E 195 -9.56 -13.37 21.35
N PHE E 196 -8.28 -13.23 21.70
CA PHE E 196 -7.36 -14.36 21.66
C PHE E 196 -7.27 -15.20 22.93
N ALA E 197 -6.70 -16.39 22.78
CA ALA E 197 -6.47 -17.27 23.91
C ALA E 197 -5.41 -16.61 24.80
N ASN E 198 -5.34 -17.01 26.07
CA ASN E 198 -4.31 -16.54 26.99
C ASN E 198 -3.92 -17.75 27.83
N ASN E 199 -3.03 -17.58 28.80
CA ASN E 199 -2.61 -18.75 29.59
C ASN E 199 -3.74 -19.46 30.32
N ASN E 200 -4.81 -18.73 30.63
CA ASN E 200 -5.94 -19.31 31.34
C ASN E 200 -6.82 -20.22 30.48
N THR E 201 -7.08 -19.80 29.25
CA THR E 201 -7.89 -20.58 28.32
C THR E 201 -7.16 -21.65 27.53
N ALA E 202 -5.88 -21.42 27.24
CA ALA E 202 -5.14 -22.35 26.38
C ALA E 202 -4.66 -23.66 26.97
N PHE E 203 -4.48 -23.71 28.28
CA PHE E 203 -3.94 -24.90 28.92
C PHE E 203 -4.86 -25.55 29.95
N ALA E 204 -5.21 -26.81 29.72
CA ALA E 204 -6.10 -27.54 30.62
C ALA E 204 -5.37 -28.62 31.40
N ALA E 205 -5.61 -28.67 32.70
CA ALA E 205 -4.99 -29.69 33.55
C ALA E 205 -5.66 -31.03 33.24
N VAL E 206 -5.04 -32.12 33.65
CA VAL E 206 -5.63 -33.44 33.43
C VAL E 206 -6.97 -33.44 34.15
N GLY E 207 -8.02 -33.96 33.53
CA GLY E 207 -9.30 -33.99 34.19
C GLY E 207 -10.15 -32.73 34.02
N ALA E 208 -9.54 -31.65 33.55
CA ALA E 208 -10.30 -30.41 33.33
C ALA E 208 -10.94 -30.48 31.94
N ASN E 209 -11.95 -29.64 31.69
CA ASN E 209 -12.65 -29.63 30.40
C ASN E 209 -11.72 -29.03 29.32
N PRO E 210 -11.40 -29.82 28.25
CA PRO E 210 -10.51 -29.32 27.19
C PRO E 210 -11.18 -28.51 26.06
N LEU E 211 -12.48 -28.30 26.16
CA LEU E 211 -13.22 -27.58 25.12
C LEU E 211 -12.59 -26.35 24.48
N GLU E 212 -12.16 -25.41 25.31
CA GLU E 212 -11.60 -24.14 24.85
C GLU E 212 -10.09 -24.09 24.83
N ALA E 213 -9.46 -25.17 25.27
CA ALA E 213 -8.01 -25.24 25.37
C ALA E 213 -7.29 -25.70 24.11
N ILE E 214 -6.00 -25.39 24.05
CA ILE E 214 -5.15 -25.78 22.92
C ILE E 214 -4.35 -27.01 23.31
N TYR E 215 -3.85 -27.03 24.54
CA TYR E 215 -3.07 -28.16 25.05
C TYR E 215 -3.60 -28.60 26.41
N GLN E 216 -3.52 -29.91 26.68
CA GLN E 216 -3.95 -30.48 27.95
C GLN E 216 -2.93 -31.53 28.38
N GLY E 217 -2.63 -31.57 29.68
CA GLY E 217 -1.66 -32.53 30.16
C GLY E 217 -1.17 -32.20 31.56
N ALA E 218 -0.39 -33.10 32.13
CA ALA E 218 0.13 -32.93 33.48
C ALA E 218 1.07 -31.73 33.62
N GLY E 219 1.52 -31.16 32.51
CA GLY E 219 2.41 -30.02 32.59
C GLY E 219 1.72 -28.68 32.38
N ALA E 220 0.40 -28.71 32.24
CA ALA E 220 -0.41 -27.53 31.97
C ALA E 220 -0.19 -26.28 32.85
N ALA E 221 -0.14 -26.46 34.16
CA ALA E 221 0.05 -25.34 35.07
C ALA E 221 1.28 -24.48 34.77
N ASP E 222 2.31 -25.09 34.19
CA ASP E 222 3.53 -24.35 33.89
C ASP E 222 3.72 -23.98 32.42
N CYS E 223 2.64 -24.04 31.65
CA CYS E 223 2.70 -23.64 30.25
C CYS E 223 2.36 -22.17 30.15
N GLU E 224 3.04 -21.50 29.22
CA GLU E 224 2.84 -20.07 28.98
C GLU E 224 3.03 -19.72 27.51
N PHE E 225 2.23 -18.80 27.01
CA PHE E 225 2.45 -18.29 25.66
C PHE E 225 3.69 -17.41 25.80
N GLU E 226 4.51 -17.35 24.76
CA GLU E 226 5.68 -16.46 24.73
C GLU E 226 5.19 -15.26 23.91
N GLU E 227 4.39 -15.55 22.90
CA GLU E 227 3.85 -14.50 22.04
C GLU E 227 2.80 -15.05 21.08
N ILE E 228 1.99 -14.14 20.57
CA ILE E 228 0.99 -14.47 19.56
C ILE E 228 1.10 -13.32 18.56
N SER E 229 0.91 -13.63 17.28
CA SER E 229 0.96 -12.60 16.25
C SER E 229 -0.22 -12.85 15.32
N TYR E 230 -0.79 -11.79 14.77
CA TYR E 230 -1.88 -11.93 13.84
C TYR E 230 -1.66 -10.97 12.71
N THR E 231 -2.19 -11.33 11.55
CA THR E 231 -2.14 -10.48 10.37
C THR E 231 -3.50 -10.67 9.75
N VAL E 232 -4.21 -9.57 9.56
CA VAL E 232 -5.54 -9.62 8.97
C VAL E 232 -5.45 -9.13 7.53
N TYR E 233 -5.99 -9.95 6.62
CA TYR E 233 -6.03 -9.61 5.20
C TYR E 233 -7.49 -9.40 4.86
N GLN E 234 -7.79 -8.30 4.16
CA GLN E 234 -9.16 -7.99 3.79
C GLN E 234 -9.36 -8.32 2.33
N SER E 235 -10.41 -9.08 2.05
CA SER E 235 -10.75 -9.48 0.68
C SER E 235 -11.94 -8.65 0.24
N TYR E 236 -11.80 -7.95 -0.89
CA TYR E 236 -12.88 -7.12 -1.39
C TYR E 236 -12.87 -6.99 -2.91
N LEU E 237 -13.89 -6.31 -3.44
CA LEU E 237 -14.01 -6.09 -4.86
C LEU E 237 -13.84 -4.62 -5.13
N ASP E 238 -12.91 -4.27 -6.02
CA ASP E 238 -12.62 -2.89 -6.36
C ASP E 238 -13.11 -2.57 -7.78
N GLN E 239 -13.09 -1.29 -8.14
CA GLN E 239 -13.53 -0.87 -9.47
C GLN E 239 -14.96 -1.33 -9.73
N LEU E 240 -15.86 -0.97 -8.82
CA LEU E 240 -17.26 -1.35 -8.95
C LEU E 240 -17.87 -0.75 -10.21
N PRO E 241 -18.59 -1.57 -10.99
CA PRO E 241 -19.23 -1.10 -12.22
C PRO E 241 -20.27 -0.01 -11.99
N VAL E 242 -20.24 1.01 -12.84
CA VAL E 242 -21.17 2.13 -12.74
C VAL E 242 -22.09 2.13 -13.96
N GLY E 243 -23.36 2.42 -13.75
CA GLY E 243 -24.32 2.45 -14.84
C GLY E 243 -25.19 3.69 -14.80
N GLN E 244 -26.43 3.77 -15.30
CA GLN E 244 -27.20 4.83 -15.14
C GLN E 244 -27.56 5.32 -13.85
N ASN E 245 -27.70 4.62 -12.78
CA ASN E 245 -28.00 5.21 -11.54
C ASN E 245 -26.85 5.31 -10.51
N GLY E 246 -25.76 5.25 -11.07
CA GLY E 246 -24.62 5.07 -10.21
C GLY E 246 -24.16 3.61 -10.21
N TYR E 247 -23.65 3.17 -9.07
CA TYR E 247 -23.17 1.79 -8.93
C TYR E 247 -24.24 0.74 -9.19
N ILE E 248 -23.86 -0.28 -9.95
CA ILE E 248 -24.74 -1.40 -10.24
C ILE E 248 -24.48 -2.33 -9.05
N LEU E 249 -25.44 -2.43 -8.14
CA LEU E 249 -25.28 -3.23 -6.93
C LEU E 249 -26.42 -4.20 -6.62
N PRO E 250 -26.09 -5.43 -6.17
CA PRO E 250 -27.12 -6.41 -5.83
C PRO E 250 -27.71 -6.00 -4.48
N LEU E 251 -28.82 -5.27 -4.52
CA LEU E 251 -29.46 -4.76 -3.33
C LEU E 251 -29.91 -5.79 -2.30
N ILE E 252 -30.37 -6.96 -2.74
CA ILE E 252 -30.77 -7.98 -1.79
C ILE E 252 -29.51 -8.55 -1.12
N ASP E 253 -28.49 -8.86 -1.92
CA ASP E 253 -27.24 -9.39 -1.40
C ASP E 253 -26.69 -8.50 -0.28
N LEU E 254 -26.54 -7.21 -0.56
CA LEU E 254 -25.99 -6.24 0.38
C LEU E 254 -26.85 -5.83 1.57
N SER E 255 -28.10 -6.25 1.62
CA SER E 255 -28.96 -5.92 2.75
C SER E 255 -29.33 -7.20 3.49
N THR E 256 -28.61 -8.26 3.22
CA THR E 256 -28.84 -9.54 3.88
C THR E 256 -27.60 -9.78 4.74
N LEU E 257 -27.79 -10.36 5.93
CA LEU E 257 -26.66 -10.66 6.79
C LEU E 257 -26.40 -12.16 6.70
N TYR E 258 -25.14 -12.54 6.55
CA TYR E 258 -24.76 -13.95 6.54
C TYR E 258 -23.92 -14.02 7.80
N ASN E 259 -24.45 -14.66 8.83
CA ASN E 259 -23.78 -14.74 10.13
C ASN E 259 -23.57 -16.13 10.72
N LEU E 260 -22.58 -16.22 11.61
CA LEU E 260 -22.32 -17.42 12.38
C LEU E 260 -22.49 -16.98 13.83
N GLU E 261 -23.11 -17.83 14.64
CA GLU E 261 -23.32 -17.58 16.06
C GLU E 261 -23.36 -18.91 16.77
N ASN E 262 -23.08 -18.92 18.06
CA ASN E 262 -23.13 -20.16 18.81
C ASN E 262 -23.75 -19.91 20.18
N SER E 263 -24.23 -20.97 20.81
CA SER E 263 -24.84 -20.85 22.13
C SER E 263 -24.70 -22.20 22.83
N ALA E 264 -25.02 -22.23 24.11
CA ALA E 264 -24.93 -23.46 24.89
C ALA E 264 -26.30 -23.81 25.46
N GLN E 265 -26.66 -25.08 25.36
CA GLN E 265 -27.93 -25.56 25.87
C GLN E 265 -27.69 -26.70 26.85
N ALA E 266 -28.41 -26.69 27.97
CA ALA E 266 -28.27 -27.74 28.98
C ALA E 266 -29.63 -28.32 29.31
N GLY E 267 -29.64 -29.45 30.03
CA GLY E 267 -30.89 -30.09 30.41
C GLY E 267 -31.07 -31.48 29.80
N LEU E 268 -29.96 -32.15 29.51
CA LEU E 268 -30.00 -33.49 28.93
C LEU E 268 -30.17 -34.60 29.96
N THR E 269 -30.98 -35.59 29.63
CA THR E 269 -31.20 -36.73 30.50
C THR E 269 -31.26 -37.97 29.61
N PRO E 270 -30.66 -39.07 30.06
CA PRO E 270 -30.62 -40.34 29.32
C PRO E 270 -31.92 -40.82 28.68
N ASN E 271 -31.82 -41.19 27.41
CA ASN E 271 -32.93 -41.73 26.63
C ASN E 271 -34.10 -40.81 26.39
N VAL E 272 -33.91 -39.53 26.67
CA VAL E 272 -34.97 -38.56 26.44
C VAL E 272 -34.53 -37.62 25.33
N ASP E 273 -35.44 -37.28 24.42
CA ASP E 273 -35.14 -36.37 23.33
C ASP E 273 -34.83 -34.97 23.83
N PHE E 274 -33.62 -34.50 23.55
CA PHE E 274 -33.23 -33.15 23.93
C PHE E 274 -33.45 -32.36 22.64
N VAL E 275 -34.38 -31.42 22.68
CA VAL E 275 -34.70 -30.64 21.49
C VAL E 275 -34.30 -29.16 21.57
N VAL E 276 -33.49 -28.71 20.61
CA VAL E 276 -33.05 -27.33 20.54
C VAL E 276 -33.82 -26.67 19.40
N GLN E 277 -34.81 -25.86 19.75
CA GLN E 277 -35.62 -25.20 18.74
C GLN E 277 -34.86 -24.19 17.90
N TYR E 278 -35.13 -24.14 16.61
CA TYR E 278 -34.50 -23.15 15.76
C TYR E 278 -35.22 -21.84 16.02
N ALA E 279 -34.45 -20.80 16.33
CA ALA E 279 -34.94 -19.46 16.65
C ALA E 279 -35.56 -18.64 15.53
N ASN E 280 -36.51 -18.81 15.01
CA ASN E 280 -37.38 -18.72 13.88
C ASN E 280 -37.00 -17.51 13.09
N LEU E 281 -37.42 -17.30 11.81
CA LEU E 281 -37.15 -16.17 10.91
C LEU E 281 -35.80 -16.26 10.20
N TYR E 282 -34.79 -16.83 10.86
CA TYR E 282 -33.47 -16.99 10.23
C TYR E 282 -33.56 -18.14 9.23
N ARG E 283 -32.71 -18.09 8.20
CA ARG E 283 -32.65 -19.17 7.24
C ARG E 283 -31.34 -19.89 7.60
N TYR E 284 -31.48 -20.98 8.35
CA TYR E 284 -30.32 -21.75 8.82
C TYR E 284 -29.72 -22.68 7.78
N LEU E 285 -28.51 -22.33 7.35
CA LEU E 285 -27.76 -23.08 6.33
C LEU E 285 -27.04 -24.31 6.89
N SER E 286 -26.56 -24.22 8.12
CA SER E 286 -25.91 -25.38 8.75
C SER E 286 -26.02 -25.28 10.25
N THR E 287 -25.90 -26.43 10.89
CA THR E 287 -25.97 -26.56 12.33
C THR E 287 -24.87 -27.47 12.80
N ILE E 288 -24.16 -27.04 13.83
CA ILE E 288 -23.11 -27.84 14.43
C ILE E 288 -23.53 -28.02 15.88
N ALA E 289 -23.46 -29.25 16.36
CA ALA E 289 -23.80 -29.56 17.75
C ALA E 289 -22.62 -30.27 18.36
N VAL E 290 -22.07 -29.71 19.44
CA VAL E 290 -20.96 -30.32 20.13
C VAL E 290 -21.47 -30.85 21.47
N PHE E 291 -21.35 -32.17 21.66
CA PHE E 291 -21.80 -32.76 22.90
C PHE E 291 -20.67 -32.75 23.94
N ASP E 292 -20.61 -31.66 24.69
CA ASP E 292 -19.62 -31.53 25.75
C ASP E 292 -20.25 -32.28 26.93
N ASN E 293 -19.96 -33.57 27.01
CA ASN E 293 -20.51 -34.41 28.06
C ASN E 293 -19.73 -34.26 29.37
N GLY E 294 -19.88 -33.11 30.01
CA GLY E 294 -19.17 -32.86 31.25
C GLY E 294 -17.66 -32.91 31.11
N GLY E 295 -17.15 -32.40 29.99
CA GLY E 295 -15.72 -32.39 29.78
C GLY E 295 -15.24 -33.59 29.00
N SER E 296 -16.14 -34.53 28.77
CA SER E 296 -15.79 -35.72 28.00
C SER E 296 -16.35 -35.55 26.59
N PHE E 297 -15.54 -35.90 25.60
CA PHE E 297 -15.95 -35.81 24.20
C PHE E 297 -15.80 -37.21 23.63
N ASN E 298 -16.96 -37.81 23.32
CA ASN E 298 -17.01 -39.18 22.83
C ASN E 298 -17.38 -39.33 21.37
N ALA E 299 -16.85 -40.38 20.76
CA ALA E 299 -17.14 -40.68 19.35
C ALA E 299 -18.49 -41.38 19.19
N GLY E 300 -19.57 -40.64 19.43
CA GLY E 300 -20.91 -41.16 19.26
C GLY E 300 -21.46 -42.18 20.25
N THR E 301 -20.58 -42.80 21.02
CA THR E 301 -21.00 -43.83 21.98
C THR E 301 -21.92 -43.38 23.10
N ASP E 302 -22.05 -42.07 23.31
CA ASP E 302 -22.95 -41.56 24.36
C ASP E 302 -24.26 -41.03 23.78
N ILE E 303 -24.53 -41.35 22.52
CA ILE E 303 -25.74 -40.91 21.84
C ILE E 303 -26.51 -42.06 21.18
N ASN E 304 -27.84 -42.04 21.32
CA ASN E 304 -28.70 -43.05 20.69
C ASN E 304 -28.93 -42.62 19.23
N TYR E 305 -29.32 -41.37 19.05
CA TYR E 305 -29.55 -40.84 17.71
C TYR E 305 -29.61 -39.31 17.71
N LEU E 306 -29.54 -38.74 16.52
CA LEU E 306 -29.64 -37.29 16.32
C LEU E 306 -30.68 -37.10 15.22
N SER E 307 -31.29 -35.92 15.16
CA SER E 307 -32.29 -35.70 14.13
C SER E 307 -32.66 -34.24 14.01
N GLN E 308 -33.43 -33.95 12.97
CA GLN E 308 -33.99 -32.62 12.75
C GLN E 308 -35.47 -32.99 12.67
N ARG E 309 -36.28 -32.30 13.46
CA ARG E 309 -37.70 -32.60 13.53
C ARG E 309 -38.55 -31.35 13.42
N THR E 310 -39.70 -31.48 12.75
CA THR E 310 -40.59 -30.34 12.56
C THR E 310 -41.82 -30.50 13.43
N ALA E 311 -42.59 -29.42 13.55
CA ALA E 311 -43.83 -29.45 14.32
C ALA E 311 -44.72 -30.50 13.67
N ASN E 312 -44.65 -31.47 13.70
CA ASN E 312 -45.64 -32.57 13.84
C ASN E 312 -45.05 -33.83 14.38
N PHE E 313 -43.90 -33.86 14.84
CA PHE E 313 -43.15 -34.94 15.38
C PHE E 313 -42.46 -35.82 14.37
N SER E 314 -42.45 -35.26 13.21
CA SER E 314 -41.99 -35.93 12.01
C SER E 314 -40.49 -35.65 11.79
N ASP E 315 -39.68 -36.70 11.84
CA ASP E 315 -38.23 -36.58 11.64
C ASP E 315 -37.83 -36.71 10.17
N THR E 316 -37.01 -35.78 9.67
CA THR E 316 -36.55 -35.81 8.29
C THR E 316 -35.22 -36.57 8.15
N ARG E 317 -34.55 -36.80 9.27
CA ARG E 317 -33.28 -37.53 9.26
C ARG E 317 -32.87 -38.01 10.64
N LYS E 318 -33.68 -38.89 11.23
CA LYS E 318 -33.39 -39.47 12.53
C LYS E 318 -32.40 -40.62 12.31
N LEU E 319 -31.14 -40.37 12.67
CA LEU E 319 -30.07 -41.32 12.44
C LEU E 319 -29.21 -41.70 13.63
N ASP E 320 -28.74 -42.94 13.62
CA ASP E 320 -27.83 -43.43 14.65
C ASP E 320 -26.56 -42.61 14.40
N PRO E 321 -25.69 -42.48 15.42
CA PRO E 321 -24.46 -41.68 15.23
C PRO E 321 -23.55 -42.03 14.06
N LYS E 322 -23.32 -43.31 13.78
CA LYS E 322 -22.44 -43.64 12.67
C LYS E 322 -23.02 -43.25 11.32
N THR E 323 -24.34 -43.39 11.18
CA THR E 323 -24.98 -43.05 9.92
C THR E 323 -25.02 -41.54 9.76
N TRP E 324 -25.17 -40.83 10.88
CA TRP E 324 -25.14 -39.39 10.85
C TRP E 324 -23.73 -38.99 10.37
N ALA E 325 -22.72 -39.62 10.95
CA ALA E 325 -21.31 -39.35 10.59
C ALA E 325 -21.07 -39.66 9.10
N ALA E 326 -21.74 -40.69 8.59
CA ALA E 326 -21.59 -41.06 7.19
C ALA E 326 -22.00 -39.88 6.30
N GLN E 327 -23.10 -39.21 6.64
CA GLN E 327 -23.54 -38.07 5.83
C GLN E 327 -22.49 -36.96 5.87
N THR E 328 -21.87 -36.77 7.03
CA THR E 328 -20.84 -35.75 7.15
C THR E 328 -19.60 -36.15 6.34
N ARG E 329 -19.26 -37.44 6.31
CA ARG E 329 -18.09 -37.85 5.54
C ARG E 329 -18.26 -37.51 4.06
N ARG E 330 -19.51 -37.45 3.59
CA ARG E 330 -19.79 -37.10 2.21
C ARG E 330 -19.58 -35.61 1.98
N ARG E 331 -19.64 -34.84 3.06
CA ARG E 331 -19.48 -33.39 2.97
C ARG E 331 -18.04 -32.88 3.16
N ILE E 332 -17.30 -33.45 4.11
CA ILE E 332 -15.94 -32.98 4.36
C ILE E 332 -14.83 -34.05 4.21
N ALA E 333 -15.21 -35.19 3.63
CA ALA E 333 -14.26 -36.27 3.35
C ALA E 333 -13.59 -36.90 4.54
N THR E 334 -14.14 -36.68 5.74
CA THR E 334 -13.57 -37.22 6.98
C THR E 334 -14.58 -36.90 8.10
N ASP E 335 -14.25 -37.22 9.34
CA ASP E 335 -15.15 -36.92 10.46
C ASP E 335 -14.67 -35.68 11.20
N PHE E 336 -15.61 -34.94 11.81
CA PHE E 336 -15.24 -33.80 12.65
C PHE E 336 -14.72 -34.46 13.95
N PRO E 337 -14.03 -33.72 14.82
CA PRO E 337 -13.50 -34.28 16.07
C PRO E 337 -14.57 -34.90 16.97
N LYS E 338 -14.13 -35.74 17.91
CA LYS E 338 -15.04 -36.42 18.84
C LYS E 338 -16.09 -35.50 19.44
N GLY E 339 -17.35 -35.94 19.37
CA GLY E 339 -18.41 -35.16 19.95
C GLY E 339 -18.92 -33.99 19.12
N VAL E 340 -18.35 -33.78 17.94
CA VAL E 340 -18.78 -32.69 17.08
C VAL E 340 -19.65 -33.25 15.94
N TYR E 341 -20.89 -32.77 15.85
CA TYR E 341 -21.81 -33.24 14.83
C TYR E 341 -22.24 -32.10 13.93
N TYR E 342 -22.29 -32.39 12.63
CA TYR E 342 -22.61 -31.40 11.63
C TYR E 342 -23.85 -31.78 10.83
N CYS E 343 -24.60 -30.74 10.41
CA CYS E 343 -25.80 -30.93 9.62
C CYS E 343 -25.86 -29.86 8.52
N ASP E 344 -25.87 -30.29 7.27
CA ASP E 344 -25.92 -29.40 6.09
C ASP E 344 -27.37 -29.16 5.66
N ASN E 345 -27.79 -27.90 5.60
CA ASN E 345 -29.14 -27.52 5.15
C ASN E 345 -29.00 -26.39 4.14
N ARG E 346 -27.87 -26.37 3.44
CA ARG E 346 -27.60 -25.31 2.48
C ARG E 346 -28.58 -25.13 1.33
N ASP E 347 -28.96 -26.22 0.68
CA ASP E 347 -29.88 -26.14 -0.44
C ASP E 347 -31.33 -25.87 -0.03
N LYS E 348 -31.69 -26.28 1.18
CA LYS E 348 -33.03 -26.05 1.72
C LYS E 348 -32.88 -25.65 3.18
N PRO E 349 -32.49 -24.39 3.43
CA PRO E 349 -32.28 -23.83 4.77
C PRO E 349 -33.46 -24.04 5.69
N ILE E 350 -33.19 -24.32 6.97
CA ILE E 350 -34.26 -24.49 7.94
C ILE E 350 -34.87 -23.10 8.09
N TYR E 351 -36.17 -23.00 7.89
CA TYR E 351 -36.83 -21.70 7.97
C TYR E 351 -38.25 -21.86 8.52
N THR E 352 -38.41 -21.64 9.82
CA THR E 352 -39.73 -21.75 10.44
C THR E 352 -40.53 -20.67 9.75
N LEU E 353 -41.83 -20.89 9.63
CA LEU E 353 -42.76 -19.98 8.95
C LEU E 353 -42.93 -20.54 7.55
N GLN E 354 -42.15 -21.58 7.25
CA GLN E 354 -42.20 -22.25 5.95
C GLN E 354 -42.78 -23.64 6.24
N TYR E 355 -42.58 -24.10 7.47
CA TYR E 355 -43.09 -25.40 7.89
C TYR E 355 -43.05 -25.62 9.40
N GLY E 356 -43.74 -24.73 10.12
CA GLY E 356 -43.80 -24.84 11.57
C GLY E 356 -42.45 -24.81 12.24
N ASN E 357 -42.45 -24.88 13.57
CA ASN E 357 -41.23 -24.88 14.35
C ASN E 357 -40.41 -26.12 14.02
N VAL E 358 -39.09 -25.98 13.97
CA VAL E 358 -38.22 -27.09 13.71
C VAL E 358 -37.24 -27.14 14.85
N GLY E 359 -36.73 -28.34 15.15
CA GLY E 359 -35.77 -28.44 16.22
C GLY E 359 -34.65 -29.41 15.88
N PHE E 360 -33.49 -29.21 16.49
CA PHE E 360 -32.37 -30.11 16.29
C PHE E 360 -32.48 -31.03 17.49
N VAL E 361 -32.42 -32.34 17.25
CA VAL E 361 -32.59 -33.29 18.34
C VAL E 361 -31.42 -34.22 18.64
N VAL E 362 -31.16 -34.42 19.93
CA VAL E 362 -30.15 -35.36 20.37
C VAL E 362 -30.76 -36.19 21.50
N ASN E 363 -30.75 -37.50 21.33
CA ASN E 363 -31.25 -38.39 22.38
C ASN E 363 -30.00 -39.07 22.91
N PRO E 364 -29.52 -38.62 24.08
CA PRO E 364 -28.31 -39.17 24.70
C PRO E 364 -28.45 -40.51 25.40
N LYS E 365 -27.42 -41.34 25.25
CA LYS E 365 -27.39 -42.65 25.86
C LYS E 365 -26.78 -42.54 27.26
N THR E 366 -25.87 -41.59 27.42
CA THR E 366 -25.20 -41.35 28.69
C THR E 366 -25.08 -39.85 28.92
N VAL E 367 -25.32 -39.42 30.14
CA VAL E 367 -25.24 -38.00 30.46
C VAL E 367 -24.48 -37.78 31.77
N ASN E 368 -23.28 -37.21 31.65
CA ASN E 368 -22.43 -36.92 32.80
C ASN E 368 -22.84 -35.59 33.42
N GLN E 369 -22.29 -35.30 34.58
CA GLN E 369 -22.57 -34.05 35.27
C GLN E 369 -22.04 -32.88 34.46
N ASN E 370 -22.81 -31.79 34.37
CA ASN E 370 -22.43 -30.61 33.62
C ASN E 370 -22.41 -30.84 32.12
N ALA E 371 -23.28 -31.73 31.65
CA ALA E 371 -23.37 -32.03 30.22
C ALA E 371 -24.13 -30.89 29.53
N ARG E 372 -23.78 -30.62 28.29
CA ARG E 372 -24.44 -29.57 27.53
C ARG E 372 -24.16 -29.68 26.05
N LEU E 373 -25.02 -29.07 25.24
CA LEU E 373 -24.82 -29.06 23.79
C LEU E 373 -24.44 -27.66 23.40
N LEU E 374 -23.30 -27.53 22.71
CA LEU E 374 -22.85 -26.25 22.23
C LEU E 374 -23.31 -26.22 20.78
N MET E 375 -24.22 -25.31 20.47
CA MET E 375 -24.80 -25.17 19.15
C MET E 375 -24.15 -24.07 18.33
N GLY E 376 -23.80 -24.39 17.08
CA GLY E 376 -23.22 -23.41 16.19
C GLY E 376 -24.11 -23.31 14.96
N TYR E 377 -24.51 -22.08 14.61
CA TYR E 377 -25.36 -21.89 13.44
C TYR E 377 -24.75 -20.97 12.40
N GLU E 378 -25.12 -21.26 11.17
CA GLU E 378 -24.69 -20.51 10.00
C GLU E 378 -26.06 -20.10 9.40
N TYR E 379 -26.32 -18.79 9.22
CA TYR E 379 -27.64 -18.42 8.71
C TYR E 379 -27.68 -17.10 7.96
N PHE E 380 -28.78 -16.88 7.23
CA PHE E 380 -29.03 -15.64 6.50
C PHE E 380 -30.22 -15.00 7.20
N THR E 381 -30.21 -13.67 7.28
CA THR E 381 -31.34 -12.95 7.86
C THR E 381 -31.35 -11.55 7.26
N SER E 382 -32.97 -11.59 7.83
CA SER E 382 -33.72 -10.47 7.23
C SER E 382 -33.51 -9.25 8.09
N ARG E 383 -33.29 -8.12 7.35
CA ARG E 383 -33.14 -6.84 8.10
C ARG E 383 -34.39 -6.03 7.78
N THR E 384 -35.34 -6.01 8.72
CA THR E 384 -36.63 -5.35 8.45
C THR E 384 -36.55 -3.88 8.13
N LEU F 7 -29.38 -38.05 -39.36
CA LEU F 7 -28.26 -38.62 -38.51
C LEU F 7 -28.08 -37.64 -37.38
N THR F 8 -27.69 -38.05 -36.20
CA THR F 8 -27.47 -39.40 -35.71
C THR F 8 -28.81 -40.17 -35.69
N PRO F 9 -28.97 -41.29 -36.32
CA PRO F 9 -30.33 -41.83 -36.51
C PRO F 9 -30.98 -42.43 -35.26
N ALA F 10 -30.23 -43.17 -34.48
CA ALA F 10 -30.80 -43.76 -33.34
C ALA F 10 -31.27 -42.73 -32.36
N GLN F 11 -30.44 -41.65 -32.25
CA GLN F 11 -30.74 -40.54 -31.41
C GLN F 11 -31.77 -39.62 -32.05
N GLN F 12 -31.79 -39.44 -33.40
CA GLN F 12 -32.77 -38.51 -34.04
C GLN F 12 -34.14 -38.99 -33.78
N ALA F 13 -34.24 -40.22 -33.60
CA ALA F 13 -35.53 -40.76 -33.20
C ALA F 13 -35.66 -40.64 -31.70
N ALA F 14 -34.55 -40.84 -31.02
CA ALA F 14 -34.55 -40.76 -29.55
C ALA F 14 -34.92 -39.36 -29.06
N LEU F 15 -34.77 -38.37 -29.90
CA LEU F 15 -35.04 -36.95 -29.59
C LEU F 15 -36.47 -36.54 -30.00
N ARG F 16 -37.23 -37.39 -30.77
CA ARG F 16 -38.59 -37.07 -31.26
C ARG F 16 -39.48 -36.85 -30.09
N ASN F 17 -41.07 -37.00 -28.60
CA ASN F 17 -40.23 -37.40 -27.49
C ASN F 17 -39.44 -36.19 -26.98
N GLN F 18 -39.10 -35.28 -27.88
CA GLN F 18 -38.37 -34.08 -27.50
C GLN F 18 -39.20 -33.30 -26.51
N GLN F 19 -40.51 -33.32 -26.70
CA GLN F 19 -41.44 -32.63 -25.81
C GLN F 19 -41.59 -33.48 -24.56
N ALA F 20 -41.48 -34.80 -24.72
CA ALA F 20 -41.60 -35.74 -23.61
C ALA F 20 -40.40 -35.55 -22.68
N MET F 21 -39.22 -35.41 -23.27
CA MET F 21 -37.98 -35.22 -22.52
C MET F 21 -38.06 -33.92 -21.72
N ALA F 22 -38.53 -32.86 -22.37
CA ALA F 22 -38.64 -31.55 -21.73
C ALA F 22 -39.65 -31.59 -20.59
N ALA F 23 -40.77 -32.26 -20.82
CA ALA F 23 -41.81 -32.37 -19.79
C ALA F 23 -41.26 -33.14 -18.58
N ASN F 24 -40.53 -34.20 -18.86
CA ASN F 24 -39.93 -35.03 -17.81
C ASN F 24 -38.98 -34.18 -16.96
N LEU F 25 -38.02 -33.55 -17.60
CA LEU F 25 -37.07 -32.71 -16.87
C LEU F 25 -37.77 -31.66 -16.01
N GLN F 26 -38.77 -30.98 -16.57
CA GLN F 26 -39.49 -29.96 -15.81
C GLN F 26 -40.17 -30.57 -14.59
N ALA F 27 -40.80 -31.73 -14.79
CA ALA F 27 -41.48 -32.41 -13.70
C ALA F 27 -40.46 -32.78 -12.62
N ARG F 28 -39.29 -33.25 -13.05
CA ARG F 28 -38.24 -33.63 -12.12
C ARG F 28 -37.81 -32.41 -11.29
N GLN F 29 -37.55 -31.30 -11.99
CA GLN F 29 -37.12 -30.07 -11.33
C GLN F 29 -38.15 -29.60 -10.31
N ILE F 30 -39.43 -29.71 -10.64
CA ILE F 30 -40.50 -29.29 -9.74
C ILE F 30 -40.58 -30.22 -8.53
N VAL F 31 -40.49 -31.52 -8.75
CA VAL F 31 -40.52 -32.47 -7.65
C VAL F 31 -39.37 -32.18 -6.68
N LEU F 32 -38.17 -31.98 -7.21
CA LEU F 32 -37.01 -31.71 -6.37
C LEU F 32 -37.15 -30.42 -5.57
N GLN F 33 -37.72 -29.39 -6.20
CA GLN F 33 -37.86 -28.12 -5.50
C GLN F 33 -39.01 -28.07 -4.51
N GLN F 34 -40.11 -28.75 -4.81
CA GLN F 34 -41.29 -28.76 -3.95
C GLN F 34 -41.34 -29.81 -2.83
N SER F 35 -40.81 -31.00 -3.08
CA SER F 35 -40.83 -32.07 -2.09
C SER F 35 -39.69 -31.87 -1.09
N TYR F 36 -39.71 -32.62 0.00
CA TYR F 36 -38.62 -32.53 0.98
C TYR F 36 -38.03 -33.91 1.20
N PRO F 37 -36.70 -34.03 1.11
CA PRO F 37 -36.05 -35.32 1.30
C PRO F 37 -36.13 -35.83 2.74
N VAL F 38 -36.28 -37.14 2.89
CA VAL F 38 -36.37 -37.77 4.19
C VAL F 38 -35.55 -39.05 4.14
N ILE F 39 -34.90 -39.38 5.25
CA ILE F 39 -34.17 -40.63 5.35
C ILE F 39 -34.61 -41.16 6.70
N GLN F 40 -35.20 -42.35 6.71
CA GLN F 40 -35.70 -42.92 7.96
C GLN F 40 -35.45 -44.42 8.06
N GLN F 41 -35.20 -44.87 9.28
CA GLN F 41 -34.96 -46.29 9.51
C GLN F 41 -36.20 -47.10 9.16
N VAL F 42 -35.97 -48.22 8.47
CA VAL F 42 -37.05 -49.12 8.07
C VAL F 42 -37.03 -50.39 8.92
N GLU F 43 -35.83 -50.89 9.20
CA GLU F 43 -35.73 -52.13 9.95
C GLU F 43 -34.32 -52.37 10.45
N THR F 44 -34.20 -52.99 11.63
CA THR F 44 -32.90 -53.34 12.18
C THR F 44 -33.02 -54.77 12.73
N GLN F 45 -31.97 -55.57 12.55
CA GLN F 45 -31.99 -56.91 13.10
C GLN F 45 -30.57 -57.35 13.40
N THR F 46 -30.44 -58.12 14.49
CA THR F 46 -29.16 -58.65 14.92
C THR F 46 -29.34 -60.16 14.93
N PHE F 47 -28.39 -60.88 14.34
CA PHE F 47 -28.51 -62.33 14.22
C PHE F 47 -27.14 -62.98 14.09
N ASP F 48 -27.15 -64.31 14.13
CA ASP F 48 -25.94 -65.11 13.95
C ASP F 48 -26.17 -65.75 12.58
N PRO F 49 -25.28 -65.48 11.61
CA PRO F 49 -25.48 -66.07 10.28
C PRO F 49 -25.44 -67.59 10.25
N ALA F 50 -25.04 -68.21 11.35
CA ALA F 50 -25.02 -69.68 11.43
C ALA F 50 -26.48 -70.13 11.53
N ASN F 51 -27.34 -69.23 11.97
CA ASN F 51 -28.76 -69.50 12.12
C ASN F 51 -29.54 -69.11 10.88
N ARG F 52 -29.27 -67.90 10.37
CA ARG F 52 -29.97 -67.41 9.19
C ARG F 52 -29.11 -66.32 8.53
N SER F 53 -29.02 -66.35 7.20
CA SER F 53 -28.22 -65.33 6.51
C SER F 53 -28.96 -64.57 5.41
N VAL F 54 -30.19 -64.95 5.12
CA VAL F 54 -30.97 -64.26 4.08
C VAL F 54 -32.17 -63.55 4.68
N PHE F 55 -32.32 -62.27 4.37
CA PHE F 55 -33.41 -61.47 4.92
C PHE F 55 -34.14 -60.69 3.86
N ASP F 56 -35.48 -60.69 3.95
CA ASP F 56 -36.29 -59.94 3.01
C ASP F 56 -36.84 -58.75 3.77
N VAL F 57 -36.30 -57.57 3.51
CA VAL F 57 -36.73 -56.34 4.17
C VAL F 57 -37.86 -55.72 3.36
N THR F 58 -38.87 -55.21 4.06
CA THR F 58 -40.01 -54.59 3.41
C THR F 58 -40.02 -53.07 3.57
N PRO F 59 -39.56 -52.34 2.54
CA PRO F 59 -39.53 -50.88 2.59
C PRO F 59 -40.93 -50.30 2.78
N ALA F 60 -41.01 -49.11 3.34
CA ALA F 60 -42.29 -48.44 3.55
C ALA F 60 -42.74 -47.85 2.20
N ASN F 61 -44.05 -47.88 1.93
CA ASN F 61 -44.53 -47.31 0.68
C ASN F 61 -44.87 -45.85 0.88
N VAL F 62 -43.92 -44.97 0.58
CA VAL F 62 -44.16 -43.54 0.71
C VAL F 62 -43.42 -42.73 -0.34
N GLY F 63 -44.16 -41.86 -1.01
CA GLY F 63 -43.58 -41.00 -2.02
C GLY F 63 -42.69 -41.66 -3.04
N ILE F 64 -41.70 -40.90 -3.51
CA ILE F 64 -40.74 -41.39 -4.49
C ILE F 64 -39.53 -41.89 -3.71
N VAL F 65 -39.19 -43.16 -3.90
CA VAL F 65 -38.05 -43.76 -3.20
C VAL F 65 -36.78 -43.63 -4.04
N LYS F 66 -35.71 -43.10 -3.44
CA LYS F 66 -34.45 -42.88 -4.14
C LYS F 66 -33.41 -43.97 -3.92
N GLY F 67 -33.47 -44.61 -2.75
CA GLY F 67 -32.51 -45.66 -2.47
C GLY F 67 -32.47 -46.03 -0.99
N PHE F 68 -31.56 -46.94 -0.65
CA PHE F 68 -31.44 -47.40 0.72
C PHE F 68 -30.00 -47.40 1.21
N LEU F 69 -29.79 -46.89 2.42
CA LEU F 69 -28.46 -46.90 3.00
C LEU F 69 -28.52 -48.06 4.00
N VAL F 70 -27.65 -49.04 3.81
CA VAL F 70 -27.62 -50.21 4.68
C VAL F 70 -26.35 -50.23 5.53
N LYS F 71 -26.55 -50.12 6.84
CA LYS F 71 -25.47 -50.17 7.80
C LYS F 71 -25.33 -51.64 8.22
N VAL F 72 -24.13 -52.18 8.20
CA VAL F 72 -23.89 -53.56 8.59
C VAL F 72 -22.74 -53.62 9.58
N THR F 73 -22.95 -54.24 10.74
CA THR F 73 -21.85 -54.38 11.68
C THR F 73 -21.68 -55.88 11.96
N ALA F 74 -20.52 -56.28 12.43
CA ALA F 74 -20.30 -57.69 12.71
C ALA F 74 -19.16 -57.85 13.68
N ALA F 75 -19.17 -58.98 14.39
CA ALA F 75 -18.11 -59.33 15.33
C ALA F 75 -17.63 -60.70 14.84
N ILE F 76 -16.32 -60.84 14.67
CA ILE F 76 -15.74 -62.08 14.20
C ILE F 76 -14.68 -62.55 15.18
N THR F 77 -14.69 -63.85 15.49
CA THR F 77 -13.72 -64.38 16.43
C THR F 77 -12.84 -65.42 15.77
N ASN F 78 -11.53 -65.32 16.01
CA ASN F 78 -10.59 -66.28 15.46
C ASN F 78 -10.23 -67.19 16.62
N ASN F 79 -10.74 -68.41 16.62
CA ASN F 79 -10.42 -69.32 17.71
C ASN F 79 -9.31 -70.32 17.37
N HIS F 80 -8.55 -70.05 16.32
CA HIS F 80 -7.47 -70.95 15.96
C HIS F 80 -6.49 -70.94 17.13
N ALA F 81 -5.81 -72.05 17.35
CA ALA F 81 -4.87 -72.15 18.46
C ALA F 81 -3.67 -71.23 18.31
N THR F 82 -3.20 -71.01 17.09
CA THR F 82 -1.99 -70.21 16.91
C THR F 82 -1.93 -69.24 15.74
N GLU F 83 -2.68 -69.50 14.68
CA GLU F 83 -2.61 -68.68 13.47
C GLU F 83 -3.62 -67.55 13.32
N ALA F 84 -3.17 -66.46 12.69
CA ALA F 84 -4.04 -65.31 12.47
C ALA F 84 -4.68 -65.38 11.10
N VAL F 85 -5.52 -64.40 10.80
CA VAL F 85 -6.13 -64.26 9.48
C VAL F 85 -5.98 -62.77 9.19
N ALA F 86 -5.95 -62.44 7.90
CA ALA F 86 -5.78 -61.05 7.47
C ALA F 86 -6.88 -60.71 6.48
N LEU F 87 -7.24 -59.43 6.43
CA LEU F 87 -8.26 -58.98 5.48
C LEU F 87 -7.91 -59.34 4.06
N THR F 88 -8.93 -59.69 3.28
CA THR F 88 -8.75 -59.96 1.86
C THR F 88 -8.77 -58.56 1.23
N ASP F 89 -8.58 -58.46 -0.08
CA ASP F 89 -8.61 -57.16 -0.73
C ASP F 89 -9.98 -56.48 -0.61
N PHE F 90 -11.06 -57.26 -0.62
CA PHE F 90 -12.40 -56.68 -0.52
C PHE F 90 -12.84 -56.52 0.94
N GLY F 91 -12.32 -57.38 1.80
CA GLY F 91 -12.61 -57.28 3.22
C GLY F 91 -14.07 -57.13 3.62
N PRO F 92 -14.39 -56.06 4.37
CA PRO F 92 -15.78 -55.87 4.80
C PRO F 92 -16.80 -55.67 3.69
N ALA F 93 -16.36 -55.36 2.47
CA ALA F 93 -17.30 -55.18 1.37
C ALA F 93 -17.98 -56.54 1.09
N ASN F 94 -17.40 -57.62 1.60
CA ASN F 94 -17.98 -58.94 1.42
C ASN F 94 -18.91 -59.37 2.57
N LEU F 95 -19.25 -58.44 3.46
CA LEU F 95 -20.18 -58.74 4.57
C LEU F 95 -21.56 -59.06 3.98
N VAL F 96 -21.89 -58.40 2.87
CA VAL F 96 -23.13 -58.68 2.16
C VAL F 96 -22.68 -59.37 0.88
N GLN F 97 -23.19 -60.59 0.64
CA GLN F 97 -22.83 -61.34 -0.54
C GLN F 97 -23.66 -60.92 -1.75
N ARG F 98 -24.96 -60.71 -1.53
CA ARG F 98 -25.83 -60.30 -2.63
C ARG F 98 -26.98 -59.43 -2.17
N VAL F 99 -27.43 -58.55 -3.06
CA VAL F 99 -28.55 -57.66 -2.77
C VAL F 99 -29.47 -57.68 -3.98
N ILE F 100 -30.77 -57.81 -3.76
CA ILE F 100 -31.73 -57.80 -4.87
C ILE F 100 -32.92 -56.94 -4.46
N TYR F 101 -33.35 -56.05 -5.36
CA TYR F 101 -34.49 -55.19 -5.08
C TYR F 101 -35.61 -55.42 -6.10
N TYR F 102 -36.86 -55.45 -5.63
CA TYR F 102 -38.03 -55.59 -6.50
C TYR F 102 -38.97 -54.44 -6.13
N ASP F 103 -39.54 -53.76 -7.12
CA ASP F 103 -40.44 -52.64 -6.84
C ASP F 103 -41.88 -53.12 -6.59
N PRO F 104 -42.83 -52.19 -6.35
CA PRO F 104 -44.22 -52.60 -6.10
C PRO F 104 -44.89 -53.43 -7.21
N ASP F 105 -44.40 -53.37 -8.44
CA ASP F 105 -44.96 -54.17 -9.52
C ASP F 105 -44.18 -55.47 -9.67
N ASN F 106 -43.30 -55.70 -8.70
CA ASN F 106 -42.42 -56.86 -8.67
C ASN F 106 -41.42 -56.90 -9.82
N GLN F 107 -41.08 -55.73 -10.34
CA GLN F 107 -40.08 -55.62 -11.38
C GLN F 107 -38.74 -55.54 -10.63
N ARG F 108 -37.80 -56.38 -11.03
CA ARG F 108 -36.49 -56.43 -10.40
C ARG F 108 -35.63 -55.28 -10.90
N HIS F 109 -34.90 -54.62 -9.99
CA HIS F 109 -34.00 -53.55 -10.41
C HIS F 109 -32.62 -54.15 -10.19
N THR F 110 -31.84 -53.59 -9.27
CA THR F 110 -30.52 -54.13 -9.01
C THR F 110 -30.50 -55.56 -8.44
N GLU F 111 -29.52 -56.33 -8.87
CA GLU F 111 -29.28 -57.69 -8.37
C GLU F 111 -27.77 -57.87 -8.60
N THR F 112 -26.99 -57.71 -7.54
CA THR F 112 -25.55 -57.84 -7.67
C THR F 112 -24.88 -58.19 -6.37
N SER F 113 -23.56 -58.32 -6.41
CA SER F 113 -22.78 -58.67 -5.23
C SER F 113 -22.48 -57.44 -4.37
N GLY F 114 -22.23 -57.69 -3.08
CA GLY F 114 -21.89 -56.60 -2.20
C GLY F 114 -20.63 -55.90 -2.69
N TRP F 115 -19.63 -56.66 -3.17
CA TRP F 115 -18.41 -56.00 -3.62
C TRP F 115 -18.64 -55.12 -4.84
N HIS F 116 -19.49 -55.54 -5.78
CA HIS F 116 -19.72 -54.72 -6.96
C HIS F 116 -20.48 -53.45 -6.58
N LEU F 117 -21.50 -53.60 -5.73
CA LEU F 117 -22.28 -52.45 -5.30
C LEU F 117 -21.37 -51.44 -4.61
N HIS F 118 -20.48 -51.95 -3.77
CA HIS F 118 -19.53 -51.09 -3.07
C HIS F 118 -18.60 -50.35 -4.05
N PHE F 119 -18.09 -51.03 -5.07
CA PHE F 119 -17.21 -50.36 -6.02
C PHE F 119 -17.96 -49.27 -6.79
N VAL F 120 -19.24 -49.49 -7.09
CA VAL F 120 -20.02 -48.45 -7.77
C VAL F 120 -20.25 -47.28 -6.80
N ASN F 121 -20.51 -47.57 -5.52
CA ASN F 121 -20.69 -46.50 -4.53
C ASN F 121 -19.43 -45.63 -4.54
N THR F 122 -18.26 -46.26 -4.59
CA THR F 122 -17.00 -45.52 -4.64
C THR F 122 -16.88 -44.71 -5.93
N ALA F 123 -17.17 -45.33 -7.07
CA ALA F 123 -17.07 -44.62 -8.34
C ALA F 123 -17.99 -43.39 -8.35
N LYS F 124 -19.19 -43.53 -7.81
CA LYS F 124 -20.14 -42.41 -7.80
C LYS F 124 -19.72 -41.32 -6.81
N GLN F 125 -19.01 -41.67 -5.75
CA GLN F 125 -18.54 -40.67 -4.79
C GLN F 125 -17.32 -39.91 -5.33
N GLY F 126 -16.50 -40.61 -6.10
CA GLY F 126 -15.28 -40.00 -6.63
C GLY F 126 -14.11 -40.24 -5.69
N ALA F 127 -14.32 -41.15 -4.73
CA ALA F 127 -13.31 -41.51 -3.73
C ALA F 127 -13.81 -42.74 -2.99
N PRO F 128 -12.91 -43.50 -2.31
CA PRO F 128 -13.36 -44.69 -1.58
C PRO F 128 -14.58 -44.31 -0.73
N PHE F 129 -15.67 -45.04 -0.97
CA PHE F 129 -16.95 -44.75 -0.32
C PHE F 129 -16.90 -44.58 1.19
N LEU F 130 -17.41 -43.42 1.64
CA LEU F 130 -17.48 -43.07 3.06
C LEU F 130 -16.15 -43.20 3.80
N SER F 131 -15.04 -43.02 3.07
CA SER F 131 -13.72 -43.11 3.69
C SER F 131 -13.33 -41.80 4.38
N SER F 132 -12.30 -41.86 5.21
CA SER F 132 -11.76 -40.67 5.88
C SER F 132 -10.38 -40.44 5.26
N MET F 133 -10.22 -39.28 4.59
CA MET F 133 -8.96 -38.91 3.95
C MET F 133 -7.94 -38.50 4.99
N VAL F 134 -6.68 -38.86 4.78
CA VAL F 134 -5.62 -38.51 5.72
C VAL F 134 -5.00 -37.15 5.32
N THR F 135 -4.87 -36.23 6.28
CA THR F 135 -4.26 -34.93 6.01
C THR F 135 -3.31 -34.57 7.14
N ASP F 136 -2.60 -33.45 6.98
CA ASP F 136 -1.66 -32.96 7.98
C ASP F 136 -2.36 -32.09 9.03
N SER F 137 -3.68 -32.01 9.00
CA SER F 137 -4.34 -31.11 9.97
C SER F 137 -4.08 -31.45 11.44
N PRO F 138 -3.65 -30.46 12.24
CA PRO F 138 -3.40 -30.72 13.66
C PRO F 138 -4.72 -30.82 14.45
N ILE F 139 -5.79 -30.25 13.89
CA ILE F 139 -7.12 -30.34 14.51
C ILE F 139 -7.47 -31.83 14.36
N LYS F 140 -8.07 -32.45 15.39
CA LYS F 140 -8.29 -33.88 15.33
C LYS F 140 -9.43 -34.50 14.53
N TYR F 141 -9.42 -34.14 13.24
CA TYR F 141 -10.33 -34.73 12.25
C TYR F 141 -9.66 -36.09 12.04
N GLY F 142 -10.34 -36.99 11.35
CA GLY F 142 -9.73 -38.27 11.08
C GLY F 142 -10.74 -39.39 11.19
N ASP F 143 -10.26 -40.61 11.38
CA ASP F 143 -11.17 -41.73 11.55
C ASP F 143 -11.61 -41.67 13.01
N VAL F 144 -12.64 -40.88 13.27
CA VAL F 144 -13.16 -40.69 14.60
C VAL F 144 -14.33 -41.63 14.88
N MET F 145 -15.19 -41.76 13.87
CA MET F 145 -16.42 -42.54 14.00
C MET F 145 -16.45 -43.94 13.41
N ASN F 146 -15.35 -44.35 12.78
CA ASN F 146 -15.25 -45.68 12.18
C ASN F 146 -16.46 -46.11 11.38
N VAL F 147 -16.84 -45.26 10.44
CA VAL F 147 -18.00 -45.48 9.59
C VAL F 147 -17.86 -46.77 8.79
N ILE F 148 -16.73 -46.96 8.10
CA ILE F 148 -16.48 -48.22 7.41
C ILE F 148 -15.11 -48.62 7.98
N ASP F 149 -15.07 -49.78 8.63
CA ASP F 149 -13.86 -50.17 9.34
C ASP F 149 -13.77 -51.68 9.59
N ALA F 150 -12.55 -52.21 9.62
CA ALA F 150 -12.32 -53.64 9.90
C ALA F 150 -10.85 -53.80 10.27
N PRO F 151 -10.55 -54.55 11.34
CA PRO F 151 -9.15 -54.72 11.71
C PRO F 151 -8.36 -55.41 10.59
N ALA F 152 -7.13 -54.95 10.36
CA ALA F 152 -6.30 -55.50 9.29
C ALA F 152 -6.05 -56.99 9.51
N THR F 153 -5.97 -57.40 10.77
CA THR F 153 -5.75 -58.80 11.11
C THR F 153 -6.54 -59.15 12.36
N ILE F 154 -6.85 -60.43 12.52
CA ILE F 154 -7.51 -60.88 13.74
C ILE F 154 -6.62 -62.05 14.18
N ALA F 155 -5.91 -61.84 15.28
CA ALA F 155 -4.99 -62.84 15.81
C ALA F 155 -5.69 -64.03 16.44
N ALA F 156 -4.96 -65.14 16.58
CA ALA F 156 -5.52 -66.32 17.21
C ALA F 156 -6.05 -65.91 18.59
N GLY F 157 -7.29 -66.28 18.88
CA GLY F 157 -7.89 -65.95 20.16
C GLY F 157 -8.58 -64.59 20.28
N ALA F 158 -8.50 -63.78 19.24
CA ALA F 158 -9.08 -62.44 19.27
C ALA F 158 -10.42 -62.31 18.56
N THR F 159 -11.14 -61.24 18.90
CA THR F 159 -12.41 -60.91 18.31
C THR F 159 -12.30 -59.51 17.68
N GLY F 160 -12.67 -59.38 16.41
CA GLY F 160 -12.60 -58.09 15.74
C GLY F 160 -13.99 -57.57 15.44
N GLU F 161 -14.14 -56.25 15.38
CA GLU F 161 -15.44 -55.63 15.10
C GLU F 161 -15.35 -54.95 13.74
N LEU F 162 -16.39 -55.08 12.93
CA LEU F 162 -16.39 -54.47 11.61
C LEU F 162 -17.65 -53.64 11.40
N THR F 163 -17.53 -52.62 10.56
CA THR F 163 -18.67 -51.78 10.19
C THR F 163 -18.56 -51.57 8.67
N MET F 164 -19.70 -51.67 8.00
CA MET F 164 -19.73 -51.50 6.55
C MET F 164 -21.04 -50.81 6.16
N TYR F 165 -20.97 -50.00 5.11
CA TYR F 165 -22.17 -49.33 4.60
C TYR F 165 -22.28 -49.55 3.10
N TYR F 166 -23.52 -49.73 2.63
CA TYR F 166 -23.79 -49.88 1.20
C TYR F 166 -24.95 -48.96 0.86
N TRP F 167 -24.87 -48.30 -0.30
CA TRP F 167 -26.00 -47.49 -0.74
C TRP F 167 -26.61 -48.28 -1.91
N VAL F 168 -27.86 -48.69 -1.76
CA VAL F 168 -28.57 -49.43 -2.83
C VAL F 168 -29.37 -48.36 -3.56
N PRO F 169 -28.95 -48.00 -4.78
CA PRO F 169 -29.67 -46.96 -5.52
C PRO F 169 -30.88 -47.39 -6.33
N LEU F 170 -31.86 -46.49 -6.43
CA LEU F 170 -33.02 -46.69 -7.29
C LEU F 170 -32.80 -45.48 -8.22
N ALA F 171 -32.85 -44.28 -7.65
CA ALA F 171 -32.59 -43.05 -8.41
C ALA F 171 -31.10 -43.04 -8.74
N TYR F 172 -30.74 -42.46 -9.88
CA TYR F 172 -29.34 -42.38 -10.27
C TYR F 172 -28.52 -41.50 -9.30
N SER F 173 -29.08 -40.38 -8.89
CA SER F 173 -28.37 -39.49 -7.96
C SER F 173 -29.37 -38.63 -7.19
N GLU F 174 -28.85 -37.71 -6.39
CA GLU F 174 -29.71 -36.82 -5.63
C GLU F 174 -30.47 -35.84 -6.51
N THR F 175 -29.93 -35.55 -7.69
CA THR F 175 -30.55 -34.60 -8.61
C THR F 175 -31.14 -35.22 -9.86
N ASP F 176 -30.74 -36.44 -10.18
CA ASP F 176 -31.26 -37.14 -11.36
C ASP F 176 -32.12 -38.30 -10.85
N LEU F 177 -33.44 -38.15 -10.96
CA LEU F 177 -34.36 -39.18 -10.48
C LEU F 177 -34.61 -40.37 -11.41
N THR F 178 -33.81 -40.50 -12.46
CA THR F 178 -33.93 -41.62 -13.37
C THR F 178 -33.74 -42.89 -12.53
N GLY F 179 -34.69 -43.81 -12.61
CA GLY F 179 -34.58 -45.05 -11.86
C GLY F 179 -35.30 -45.05 -10.52
N ALA F 180 -35.80 -43.89 -10.07
CA ALA F 180 -36.51 -43.80 -8.81
C ALA F 180 -37.81 -44.60 -8.88
N VAL F 181 -38.38 -44.92 -7.73
CA VAL F 181 -39.61 -45.71 -7.66
C VAL F 181 -40.73 -44.98 -6.95
N LEU F 182 -41.89 -44.91 -7.58
CA LEU F 182 -43.05 -44.27 -6.96
C LEU F 182 -43.77 -45.36 -6.16
N ALA F 183 -43.76 -45.23 -4.85
CA ALA F 183 -44.39 -46.22 -4.00
C ALA F 183 -45.49 -45.61 -3.13
N ASN F 184 -46.65 -45.38 -3.74
CA ASN F 184 -47.79 -44.82 -3.03
C ASN F 184 -49.02 -45.69 -3.26
N VAL F 185 -48.77 -46.96 -3.58
CA VAL F 185 -49.85 -47.92 -3.81
C VAL F 185 -49.97 -48.91 -2.66
N PRO F 186 -50.88 -48.63 -1.72
CA PRO F 186 -51.08 -49.51 -0.56
C PRO F 186 -51.44 -50.94 -0.99
N GLN F 187 -51.46 -51.60 -1.11
CA GLN F 187 -51.40 -53.07 -0.81
C GLN F 187 -50.14 -53.82 -1.26
N SER F 188 -49.31 -53.13 -2.06
CA SER F 188 -48.33 -53.59 -3.07
C SER F 188 -46.96 -53.21 -2.51
N LYS F 189 -46.27 -54.17 -1.90
CA LYS F 189 -44.98 -53.88 -1.29
C LYS F 189 -43.71 -54.12 -2.11
N GLN F 190 -42.65 -53.44 -1.70
CA GLN F 190 -41.36 -53.57 -2.34
C GLN F 190 -40.65 -54.67 -1.57
N ARG F 191 -39.52 -55.12 -2.08
CA ARG F 191 -38.74 -56.15 -1.41
C ARG F 191 -37.27 -55.84 -1.58
N LEU F 192 -36.55 -55.78 -0.48
CA LEU F 192 -35.11 -55.56 -0.53
C LEU F 192 -34.52 -56.82 0.10
N LYS F 193 -33.99 -57.72 -0.70
CA LYS F 193 -33.42 -58.95 -0.18
C LYS F 193 -31.93 -58.81 0.05
N LEU F 194 -31.51 -59.13 1.27
CA LEU F 194 -30.11 -59.05 1.63
C LEU F 194 -29.59 -60.44 1.98
N GLU F 195 -28.55 -60.91 1.27
CA GLU F 195 -27.97 -62.21 1.55
C GLU F 195 -26.58 -61.95 2.15
N PHE F 196 -26.45 -62.25 3.43
CA PHE F 196 -25.20 -61.98 4.15
C PHE F 196 -24.14 -63.07 4.10
N ALA F 197 -22.92 -62.69 4.45
CA ALA F 197 -21.83 -63.64 4.53
C ALA F 197 -22.13 -64.59 5.71
N ASN F 198 -21.50 -65.77 5.71
CA ASN F 198 -21.61 -66.72 6.82
C ASN F 198 -20.22 -67.31 7.00
N ASN F 199 -20.05 -68.26 7.92
CA ASN F 199 -18.72 -68.81 8.13
C ASN F 199 -18.09 -69.45 6.91
N ASN F 200 -18.92 -69.93 5.98
CA ASN F 200 -18.43 -70.58 4.77
C ASN F 200 -17.85 -69.60 3.75
N THR F 201 -18.52 -68.47 3.55
CA THR F 201 -18.06 -67.46 2.61
C THR F 201 -17.05 -66.46 3.13
N ALA F 202 -17.10 -66.17 4.42
CA ALA F 202 -16.24 -65.13 4.98
C ALA F 202 -14.78 -65.46 5.25
N PHE F 203 -14.47 -66.74 5.41
CA PHE F 203 -13.10 -67.13 5.75
C PHE F 203 -12.45 -68.07 4.74
N ALA F 204 -11.32 -67.64 4.18
CA ALA F 204 -10.61 -68.43 3.19
C ALA F 204 -9.29 -68.97 3.72
N ALA F 205 -9.05 -70.26 3.48
CA ALA F 205 -7.81 -70.88 3.93
C ALA F 205 -6.68 -70.38 3.03
N VAL F 206 -5.44 -70.56 3.45
CA VAL F 206 -4.31 -70.14 2.64
C VAL F 206 -4.41 -70.91 1.33
N GLY F 207 -4.18 -70.24 0.20
CA GLY F 207 -4.25 -70.95 -1.07
C GLY F 207 -5.65 -71.04 -1.68
N ALA F 208 -6.68 -70.74 -0.90
CA ALA F 208 -8.05 -70.77 -1.42
C ALA F 208 -8.34 -69.41 -2.10
N ASN F 209 -9.37 -69.36 -2.93
CA ASN F 209 -9.74 -68.12 -3.63
C ASN F 209 -10.33 -67.12 -2.63
N PRO F 210 -9.72 -65.93 -2.46
CA PRO F 210 -10.25 -64.93 -1.51
C PRO F 210 -11.35 -64.00 -2.04
N LEU F 211 -11.76 -64.18 -3.29
CA LEU F 211 -12.77 -63.31 -3.91
C LEU F 211 -13.97 -62.87 -3.07
N GLU F 212 -14.65 -63.83 -2.47
CA GLU F 212 -15.87 -63.57 -1.71
C GLU F 212 -15.67 -63.51 -0.21
N ALA F 213 -14.43 -63.72 0.22
CA ALA F 213 -14.11 -63.75 1.64
C ALA F 213 -13.76 -62.40 2.26
N ILE F 214 -13.86 -62.34 3.58
CA ILE F 214 -13.54 -61.13 4.33
C ILE F 214 -12.14 -61.25 4.91
N TYR F 215 -11.81 -62.45 5.41
CA TYR F 215 -10.49 -62.72 5.99
C TYR F 215 -9.91 -64.00 5.41
N GLN F 216 -8.58 -64.02 5.26
CA GLN F 216 -7.87 -65.20 4.74
C GLN F 216 -6.60 -65.40 5.58
N GLY F 217 -6.28 -66.66 5.88
CA GLY F 217 -5.09 -66.92 6.66
C GLY F 217 -5.09 -68.33 7.23
N ALA F 218 -3.97 -68.70 7.84
CA ALA F 218 -3.81 -70.04 8.40
C ALA F 218 -4.78 -70.35 9.55
N GLY F 219 -5.46 -69.33 10.07
CA GLY F 219 -6.40 -69.57 11.15
C GLY F 219 -7.85 -69.63 10.69
N ALA F 220 -8.07 -69.55 9.38
CA ALA F 220 -9.42 -69.53 8.80
C ALA F 220 -10.43 -70.59 9.24
N ALA F 221 -10.00 -71.85 9.27
CA ALA F 221 -10.90 -72.94 9.66
C ALA F 221 -11.57 -72.74 11.01
N ASP F 222 -10.91 -72.02 11.92
CA ASP F 222 -11.47 -71.81 13.26
C ASP F 222 -12.07 -70.42 13.49
N CYS F 223 -12.34 -69.69 12.40
CA CYS F 223 -12.95 -68.38 12.52
C CYS F 223 -14.46 -68.55 12.45
N GLU F 224 -15.16 -67.72 13.22
CA GLU F 224 -16.61 -67.74 13.26
C GLU F 224 -17.18 -66.35 13.51
N PHE F 225 -18.31 -66.06 12.87
CA PHE F 225 -19.00 -64.81 13.16
C PHE F 225 -19.62 -65.05 14.54
N GLU F 226 -19.73 -63.99 15.34
CA GLU F 226 -20.40 -64.09 16.64
C GLU F 226 -21.79 -63.51 16.36
N GLU F 227 -21.83 -62.49 15.51
CA GLU F 227 -23.09 -61.85 15.15
C GLU F 227 -22.91 -60.86 14.02
N ILE F 228 -24.02 -60.55 13.37
CA ILE F 228 -24.06 -59.55 12.32
C ILE F 228 -25.32 -58.76 12.62
N SER F 229 -25.29 -57.46 12.37
CA SER F 229 -26.45 -56.62 12.58
C SER F 229 -26.59 -55.70 11.38
N TYR F 230 -27.82 -55.38 10.99
CA TYR F 230 -28.03 -54.48 9.87
C TYR F 230 -29.13 -53.53 10.25
N THR F 231 -29.08 -52.36 9.65
CA THR F 231 -30.09 -51.33 9.84
C THR F 231 -30.26 -50.75 8.46
N VAL F 232 -31.48 -50.78 7.96
CA VAL F 232 -31.76 -50.25 6.63
C VAL F 232 -32.48 -48.91 6.78
N TYR F 233 -31.94 -47.89 6.10
CA TYR F 233 -32.54 -46.56 6.11
C TYR F 233 -33.05 -46.33 4.69
N GLN F 234 -34.29 -45.84 4.59
CA GLN F 234 -34.89 -45.60 3.28
C GLN F 234 -34.86 -44.11 3.01
N SER F 235 -34.35 -43.74 1.84
CA SER F 235 -34.28 -42.34 1.43
C SER F 235 -35.37 -42.10 0.39
N TYR F 236 -36.21 -41.10 0.65
CA TYR F 236 -37.30 -40.80 -0.29
C TYR F 236 -37.69 -39.33 -0.27
N LEU F 237 -38.62 -38.98 -1.16
CA LEU F 237 -39.10 -37.61 -1.24
C LEU F 237 -40.57 -37.61 -0.83
N ASP F 238 -40.90 -36.75 0.14
CA ASP F 238 -42.24 -36.65 0.65
C ASP F 238 -42.88 -35.34 0.23
N GLN F 239 -44.19 -35.20 0.46
CA GLN F 239 -44.92 -33.98 0.08
C GLN F 239 -44.76 -33.70 -1.40
N LEU F 240 -45.10 -34.39 -1.34
CA LEU F 240 -45.08 -33.86 -2.70
C LEU F 240 -46.39 -33.12 -2.99
N PRO F 241 -46.27 -31.92 -3.58
CA PRO F 241 -47.46 -31.11 -3.91
C PRO F 241 -48.39 -31.79 -4.90
N VAL F 242 -49.68 -31.69 -4.64
CA VAL F 242 -50.70 -32.29 -5.50
C VAL F 242 -51.54 -31.19 -6.13
N GLY F 243 -51.87 -31.34 -7.41
CA GLY F 243 -52.67 -30.35 -8.10
C GLY F 243 -53.80 -30.98 -8.90
N GLN F 244 -54.38 -30.45 -10.07
CA GLN F 244 -55.58 -31.16 -10.68
C GLN F 244 -55.27 -32.40 -11.45
N ASN F 245 -54.06 -32.67 -11.71
CA ASN F 245 -53.61 -33.84 -12.43
C ASN F 245 -52.93 -34.81 -11.47
N GLY F 246 -53.08 -34.79 -10.16
CA GLY F 246 -52.25 -35.54 -9.24
C GLY F 246 -51.00 -34.76 -8.89
N TYR F 247 -49.91 -35.48 -8.65
CA TYR F 247 -48.64 -34.87 -8.29
C TYR F 247 -48.11 -33.90 -9.34
N ILE F 248 -47.33 -34.04 -9.99
CA ILE F 248 -46.44 -33.61 -11.05
C ILE F 248 -45.28 -34.60 -10.94
N LEU F 249 -45.19 -35.51 -11.90
CA LEU F 249 -44.17 -36.56 -11.87
C LEU F 249 -43.36 -36.74 -13.15
N PRO F 250 -42.04 -36.96 -13.03
CA PRO F 250 -41.20 -37.15 -14.22
C PRO F 250 -41.46 -38.58 -14.72
N LEU F 251 -42.36 -38.71 -15.69
CA LEU F 251 -42.75 -40.01 -16.22
C LEU F 251 -41.63 -40.86 -16.82
N ILE F 252 -40.67 -40.24 -17.49
CA ILE F 252 -39.58 -41.02 -18.05
C ILE F 252 -38.69 -41.52 -16.89
N ASP F 253 -38.36 -40.63 -15.96
CA ASP F 253 -37.54 -41.00 -14.81
C ASP F 253 -38.10 -42.24 -14.10
N LEU F 254 -39.39 -42.18 -13.74
CA LEU F 254 -40.06 -43.24 -13.02
C LEU F 254 -40.39 -44.54 -13.77
N SER F 255 -40.17 -44.56 -15.08
CA SER F 255 -40.45 -45.76 -15.86
C SER F 255 -39.15 -46.28 -16.44
N THR F 256 -38.03 -45.78 -15.92
CA THR F 256 -36.71 -46.23 -16.36
C THR F 256 -36.11 -46.99 -15.17
N LEU F 257 -35.38 -48.06 -15.45
CA LEU F 257 -34.73 -48.81 -14.38
C LEU F 257 -33.25 -48.45 -14.39
N TYR F 258 -32.70 -48.17 -13.22
CA TYR F 258 -31.27 -47.90 -13.08
C TYR F 258 -30.85 -49.10 -12.25
N ASN F 259 -30.12 -50.02 -12.87
CA ASN F 259 -29.69 -51.26 -12.22
C ASN F 259 -28.21 -51.59 -12.24
N LEU F 260 -27.80 -52.41 -11.27
CA LEU F 260 -26.44 -52.93 -11.22
C LEU F 260 -26.63 -54.45 -11.30
N GLU F 261 -25.77 -55.13 -12.05
CA GLU F 261 -25.80 -56.58 -12.19
C GLU F 261 -24.39 -57.04 -12.46
N ASN F 262 -24.10 -58.31 -12.17
CA ASN F 262 -22.77 -58.82 -12.43
C ASN F 262 -22.87 -60.24 -12.98
N SER F 263 -21.81 -60.70 -13.63
CA SER F 263 -21.79 -62.04 -14.19
C SER F 263 -20.34 -62.49 -14.28
N ALA F 264 -20.14 -63.76 -14.59
CA ALA F 264 -18.78 -64.30 -14.71
C ALA F 264 -18.58 -64.85 -16.11
N GLN F 265 -17.42 -64.55 -16.69
CA GLN F 265 -17.08 -65.02 -18.02
C GLN F 265 -15.77 -65.77 -17.97
N ALA F 266 -15.69 -66.91 -18.67
CA ALA F 266 -14.46 -67.70 -18.70
C ALA F 266 -14.08 -68.00 -20.14
N GLY F 267 -12.86 -68.50 -20.34
CA GLY F 267 -12.38 -68.80 -21.68
C GLY F 267 -11.17 -67.99 -22.10
N LEU F 268 -10.39 -67.53 -21.12
CA LEU F 268 -9.20 -66.73 -21.41
C LEU F 268 -7.97 -67.56 -21.76
N THR F 269 -7.20 -67.08 -22.73
CA THR F 269 -5.98 -67.75 -23.13
C THR F 269 -4.96 -66.66 -23.43
N PRO F 270 -3.70 -66.88 -23.03
CA PRO F 270 -2.60 -65.93 -23.22
C PRO F 270 -2.46 -65.27 -24.59
N ASN F 271 -2.32 -63.95 -24.57
CA ASN F 271 -2.12 -63.14 -25.76
C ASN F 271 -3.27 -63.12 -26.76
N VAL F 272 -4.42 -63.61 -26.35
CA VAL F 272 -5.58 -63.60 -27.22
C VAL F 272 -6.62 -62.65 -26.63
N ASP F 273 -7.27 -61.86 -27.48
CA ASP F 273 -8.29 -60.93 -27.03
C ASP F 273 -9.50 -61.65 -26.48
N PHE F 274 -9.81 -61.41 -25.22
CA PHE F 274 -10.98 -62.00 -24.58
C PHE F 274 -12.02 -60.89 -24.67
N VAL F 275 -13.08 -61.12 -25.42
CA VAL F 275 -14.10 -60.10 -25.62
C VAL F 275 -15.44 -60.43 -24.97
N VAL F 276 -15.92 -59.53 -24.11
CA VAL F 276 -17.20 -59.69 -23.43
C VAL F 276 -18.16 -58.71 -24.09
N GLN F 277 -19.06 -59.24 -24.91
CA GLN F 277 -20.02 -58.38 -25.61
C GLN F 277 -21.03 -57.72 -24.69
N TYR F 278 -21.34 -56.45 -24.97
CA TYR F 278 -22.36 -55.76 -24.18
C TYR F 278 -23.70 -56.28 -24.66
N ALA F 279 -24.52 -56.73 -23.70
CA ALA F 279 -25.84 -57.32 -23.96
C ALA F 279 -26.94 -56.38 -24.45
N ASN F 280 -27.03 -55.88 -25.41
CA ASN F 280 -27.48 -54.81 -26.26
C ASN F 280 -28.73 -54.23 -25.68
N LEU F 281 -29.24 -53.03 -26.08
CA LEU F 281 -30.43 -52.34 -25.62
C LEU F 281 -30.25 -51.57 -24.32
N TYR F 282 -29.41 -52.07 -23.42
CA TYR F 282 -29.14 -51.36 -22.15
C TYR F 282 -28.22 -50.18 -22.43
N ARG F 283 -28.32 -49.15 -21.62
CA ARG F 283 -27.42 -48.01 -21.76
C ARG F 283 -26.44 -48.18 -20.59
N TYR F 284 -25.28 -48.74 -20.89
CA TYR F 284 -24.24 -49.02 -19.90
C TYR F 284 -23.42 -47.81 -19.47
N LEU F 285 -23.64 -47.39 -18.23
CA LEU F 285 -22.98 -46.23 -17.64
C LEU F 285 -21.55 -46.53 -17.15
N SER F 286 -21.34 -47.73 -16.63
CA SER F 286 -20.00 -48.12 -16.18
C SER F 286 -19.84 -49.63 -16.26
N THR F 287 -18.59 -50.04 -16.34
CA THR F 287 -18.22 -51.44 -16.41
C THR F 287 -17.06 -51.71 -15.47
N ILE F 288 -17.18 -52.76 -14.69
CA ILE F 288 -16.12 -53.17 -13.80
C ILE F 288 -15.76 -54.57 -14.23
N ALA F 289 -14.46 -54.84 -14.37
CA ALA F 289 -13.96 -56.16 -14.75
C ALA F 289 -12.97 -56.58 -13.69
N VAL F 290 -13.22 -57.73 -13.06
CA VAL F 290 -12.33 -58.25 -12.05
C VAL F 290 -11.65 -59.49 -12.63
N PHE F 291 -10.33 -59.45 -12.74
CA PHE F 291 -9.60 -60.58 -13.28
C PHE F 291 -9.23 -61.56 -12.15
N ASP F 292 -10.14 -62.48 -11.90
CA ASP F 292 -9.90 -63.51 -10.88
C ASP F 292 -9.08 -64.56 -11.63
N ASN F 293 -7.77 -64.41 -11.56
CA ASN F 293 -6.86 -65.32 -12.24
C ASN F 293 -6.63 -66.59 -11.42
N GLY F 294 -7.65 -67.43 -11.38
CA GLY F 294 -7.55 -68.67 -10.62
C GLY F 294 -7.27 -68.46 -9.14
N GLY F 295 -7.89 -67.43 -8.56
CA GLY F 295 -7.69 -67.16 -7.14
C GLY F 295 -6.59 -66.16 -6.90
N SER F 296 -5.86 -65.80 -7.94
CA SER F 296 -4.79 -64.83 -7.82
C SER F 296 -5.30 -63.50 -8.35
N PHE F 297 -5.01 -62.42 -7.63
CA PHE F 297 -5.41 -61.08 -8.03
C PHE F 297 -4.14 -60.26 -8.14
N ASN F 298 -3.81 -59.91 -9.38
CA ASN F 298 -2.58 -59.19 -9.68
C ASN F 298 -2.76 -57.74 -10.08
N ALA F 299 -1.76 -56.92 -9.76
CA ALA F 299 -1.78 -55.51 -10.10
C ALA F 299 -1.35 -55.27 -11.56
N GLY F 300 -2.21 -55.69 -12.49
CA GLY F 300 -1.96 -55.49 -13.91
C GLY F 300 -0.90 -56.32 -14.61
N THR F 301 0.00 -56.92 -13.85
CA THR F 301 1.10 -57.69 -14.42
C THR F 301 0.71 -58.92 -15.26
N ASP F 302 -0.55 -59.36 -15.14
CA ASP F 302 -1.00 -60.52 -15.92
C ASP F 302 -1.84 -60.10 -17.12
N ILE F 303 -1.80 -58.81 -17.47
CA ILE F 303 -2.57 -58.27 -18.59
C ILE F 303 -1.70 -57.46 -19.56
N ASN F 304 -1.92 -57.65 -20.86
CA ASN F 304 -1.20 -56.89 -21.89
C ASN F 304 -1.90 -55.55 -22.06
N TYR F 305 -3.23 -55.60 -22.23
CA TYR F 305 -4.03 -54.38 -22.37
C TYR F 305 -5.51 -54.66 -22.17
N LEU F 306 -6.28 -53.57 -22.01
CA LEU F 306 -7.73 -53.64 -21.85
C LEU F 306 -8.29 -52.64 -22.86
N SER F 307 -9.54 -52.81 -23.25
CA SER F 307 -10.10 -51.88 -24.21
C SER F 307 -11.61 -52.03 -24.33
N GLN F 308 -12.21 -51.09 -25.04
CA GLN F 308 -13.63 -51.13 -25.37
C GLN F 308 -13.53 -51.05 -26.88
N ARG F 309 -14.21 -51.97 -27.56
CA ARG F 309 -14.13 -52.07 -29.01
C ARG F 309 -15.51 -52.20 -29.63
N THR F 310 -15.70 -51.56 -30.79
CA THR F 310 -17.00 -51.63 -31.47
C THR F 310 -16.89 -52.50 -32.70
N ALA F 311 -18.05 -52.83 -33.27
CA ALA F 311 -18.10 -53.64 -34.48
C ALA F 311 -17.35 -52.86 -35.55
N ASN F 312 -16.39 -52.70 -35.65
CA ASN F 312 -15.45 -52.71 -36.82
C ASN F 312 -14.04 -52.99 -36.45
N PHE F 313 -13.74 -53.38 -35.31
CA PHE F 313 -12.46 -53.68 -34.77
C PHE F 313 -11.68 -52.51 -34.23
N SER F 314 -12.42 -51.49 -34.14
CA SER F 314 -11.91 -50.15 -33.82
C SER F 314 -11.98 -49.93 -32.31
N ASP F 315 -10.81 -49.76 -31.68
CA ASP F 315 -10.71 -49.53 -30.24
C ASP F 315 -10.79 -48.03 -29.89
N THR F 316 -11.63 -47.68 -28.92
CA THR F 316 -11.78 -46.30 -28.49
C THR F 316 -10.85 -45.97 -27.32
N ARG F 317 -10.31 -47.00 -26.68
CA ARG F 317 -9.40 -46.80 -25.56
C ARG F 317 -8.59 -48.07 -25.21
N LYS F 318 -7.77 -48.51 -26.17
CA LYS F 318 -6.93 -49.68 -25.97
C LYS F 318 -5.70 -49.23 -25.20
N LEU F 319 -5.67 -49.57 -23.91
CA LEU F 319 -4.59 -49.13 -23.03
C LEU F 319 -3.86 -50.20 -22.23
N ASP F 320 -2.58 -49.96 -21.98
CA ASP F 320 -1.77 -50.86 -21.17
C ASP F 320 -2.39 -50.70 -19.77
N PRO F 321 -2.19 -51.68 -18.89
CA PRO F 321 -2.78 -51.58 -17.54
C PRO F 321 -2.50 -50.33 -16.71
N LYS F 322 -1.28 -49.83 -16.70
CA LYS F 322 -1.01 -48.63 -15.91
C LYS F 322 -1.73 -47.40 -16.43
N THR F 323 -1.84 -47.29 -17.76
CA THR F 323 -2.50 -46.14 -18.34
C THR F 323 -3.99 -46.25 -18.12
N TRP F 324 -4.51 -47.48 -18.13
CA TRP F 324 -5.92 -47.71 -17.86
C TRP F 324 -6.16 -47.25 -16.40
N ALA F 325 -5.26 -47.67 -15.50
CA ALA F 325 -5.35 -47.30 -14.08
C ALA F 325 -5.27 -45.77 -13.91
N ALA F 326 -4.47 -45.12 -14.75
CA ALA F 326 -4.35 -43.66 -14.69
C ALA F 326 -5.72 -43.01 -14.89
N GLN F 327 -6.49 -43.51 -15.86
CA GLN F 327 -7.83 -42.94 -16.10
C GLN F 327 -8.71 -43.12 -14.86
N THR F 328 -8.58 -44.26 -14.21
CA THR F 328 -9.37 -44.51 -13.03
C THR F 328 -8.92 -43.61 -11.88
N ARG F 329 -7.62 -43.33 -11.77
CA ARG F 329 -7.16 -42.46 -10.70
C ARG F 329 -7.78 -41.06 -10.83
N ARG F 330 -8.15 -40.67 -12.04
CA ARG F 330 -8.78 -39.38 -12.28
C ARG F 330 -10.22 -39.41 -11.82
N ARG F 331 -10.78 -40.61 -11.72
CA ARG F 331 -12.18 -40.77 -11.32
C ARG F 331 -12.39 -40.98 -9.82
N ILE F 332 -11.55 -41.79 -9.16
CA ILE F 332 -11.72 -42.06 -7.74
C ILE F 332 -10.53 -41.68 -6.84
N ALA F 333 -9.60 -40.92 -7.40
CA ALA F 333 -8.44 -40.42 -6.68
C ALA F 333 -7.49 -41.46 -6.11
N THR F 334 -7.59 -42.69 -6.60
CA THR F 334 -6.75 -43.79 -6.12
C THR F 334 -7.02 -44.99 -7.05
N ASP F 335 -6.43 -46.15 -6.76
CA ASP F 335 -6.68 -47.33 -7.59
C ASP F 335 -7.67 -48.26 -6.89
N PHE F 336 -8.44 -49.02 -7.68
CA PHE F 336 -9.31 -50.04 -7.11
C PHE F 336 -8.36 -51.18 -6.70
N PRO F 337 -8.81 -52.13 -5.88
CA PRO F 337 -7.94 -53.25 -5.44
C PRO F 337 -7.36 -54.07 -6.59
N LYS F 338 -6.31 -54.83 -6.30
CA LYS F 338 -5.64 -55.66 -7.30
C LYS F 338 -6.60 -56.46 -8.16
N GLY F 339 -6.40 -56.37 -9.48
CA GLY F 339 -7.24 -57.12 -10.39
C GLY F 339 -8.60 -56.53 -10.70
N VAL F 340 -8.92 -55.38 -10.10
CA VAL F 340 -10.20 -54.74 -10.36
C VAL F 340 -10.02 -53.55 -11.32
N TYR F 341 -10.70 -53.60 -12.45
CA TYR F 341 -10.58 -52.55 -13.46
C TYR F 341 -11.92 -51.89 -13.69
N TYR F 342 -11.89 -50.57 -13.80
CA TYR F 342 -13.08 -49.76 -13.96
C TYR F 342 -13.08 -48.97 -15.26
N CYS F 343 -14.27 -48.76 -15.80
CA CYS F 343 -14.44 -48.00 -17.04
C CYS F 343 -15.69 -47.12 -16.92
N ASP F 344 -15.49 -45.81 -17.02
CA ASP F 344 -16.58 -44.81 -16.93
C ASP F 344 -17.13 -44.49 -18.32
N ASN F 345 -18.45 -44.65 -18.51
CA ASN F 345 -19.11 -44.34 -19.78
C ASN F 345 -20.37 -43.55 -19.46
N ARG F 346 -20.32 -42.80 -18.35
CA ARG F 346 -21.48 -42.04 -17.90
C ARG F 346 -22.03 -40.98 -18.85
N ASP F 347 -21.15 -40.17 -19.42
CA ASP F 347 -21.59 -39.12 -20.33
C ASP F 347 -22.02 -39.63 -21.70
N LYS F 348 -21.46 -40.77 -22.12
CA LYS F 348 -21.82 -41.39 -23.40
C LYS F 348 -21.91 -42.89 -23.15
N PRO F 349 -23.03 -43.34 -22.54
CA PRO F 349 -23.29 -44.75 -22.23
C PRO F 349 -23.12 -45.67 -23.42
N ILE F 350 -22.58 -46.86 -23.19
CA ILE F 350 -22.42 -47.84 -24.26
C ILE F 350 -23.84 -48.25 -24.61
N TYR F 351 -24.21 -48.12 -25.88
CA TYR F 351 -25.56 -48.46 -26.30
C TYR F 351 -25.55 -49.03 -27.72
N THR F 352 -25.55 -50.36 -27.83
CA THR F 352 -25.55 -51.01 -29.13
C THR F 352 -26.86 -50.55 -29.75
N LEU F 353 -26.89 -50.45 -31.07
CA LEU F 353 -28.05 -49.97 -31.84
C LEU F 353 -27.79 -48.50 -32.11
N GLN F 354 -26.70 -48.00 -31.52
CA GLN F 354 -26.30 -46.61 -31.72
C GLN F 354 -25.00 -46.67 -32.52
N TYR F 355 -24.29 -47.79 -32.39
CA TYR F 355 -23.04 -48.00 -33.12
C TYR F 355 -22.57 -49.45 -33.10
N GLY F 356 -23.40 -50.34 -33.60
CA GLY F 356 -23.05 -51.74 -33.67
C GLY F 356 -22.72 -52.35 -32.33
N ASN F 357 -22.42 -53.64 -32.33
CA ASN F 357 -22.07 -54.36 -31.12
C ASN F 357 -20.78 -53.80 -30.54
N VAL F 358 -20.72 -53.71 -29.21
CA VAL F 358 -19.53 -53.21 -28.56
C VAL F 358 -19.11 -54.29 -27.58
N GLY F 359 -17.82 -54.36 -27.29
CA GLY F 359 -17.36 -55.35 -26.35
C GLY F 359 -16.29 -54.80 -25.42
N PHE F 360 -16.18 -55.39 -24.23
CA PHE F 360 -15.16 -54.98 -23.29
C PHE F 360 -14.06 -56.00 -23.54
N VAL F 361 -12.83 -55.54 -23.72
CA VAL F 361 -11.74 -56.45 -24.04
C VAL F 361 -10.58 -56.53 -23.05
N VAL F 362 -10.12 -57.76 -22.81
CA VAL F 362 -8.95 -57.98 -21.97
C VAL F 362 -8.05 -58.97 -22.70
N ASN F 363 -6.80 -58.58 -22.93
CA ASN F 363 -5.84 -59.48 -23.57
C ASN F 363 -4.87 -59.83 -22.45
N PRO F 364 -5.01 -61.03 -21.89
CA PRO F 364 -4.18 -61.50 -20.79
C PRO F 364 -2.78 -61.96 -21.15
N LYS F 365 -1.82 -61.62 -20.28
CA LYS F 365 -0.43 -62.00 -20.47
C LYS F 365 -0.19 -63.37 -19.85
N THR F 366 -0.93 -63.65 -18.77
CA THR F 366 -0.81 -64.91 -18.06
C THR F 366 -2.20 -65.39 -17.67
N VAL F 367 -2.45 -66.68 -17.83
CA VAL F 367 -3.74 -67.25 -17.50
C VAL F 367 -3.60 -68.53 -16.69
N ASN F 368 -3.96 -68.46 -15.41
CA ASN F 368 -3.89 -69.62 -14.53
C ASN F 368 -5.15 -70.47 -14.69
N GLN F 369 -5.13 -71.65 -14.07
CA GLN F 369 -6.26 -72.56 -14.13
C GLN F 369 -7.46 -71.94 -13.41
N ASN F 370 -8.64 -72.08 -13.99
CA ASN F 370 -9.86 -71.53 -13.39
C ASN F 370 -9.91 -70.01 -13.44
N ALA F 371 -9.28 -69.43 -14.45
CA ALA F 371 -9.26 -67.98 -14.62
C ALA F 371 -10.61 -67.53 -15.17
N ARG F 372 -11.04 -66.33 -14.78
CA ARG F 372 -12.31 -65.81 -15.26
C ARG F 372 -12.41 -64.32 -15.02
N LEU F 373 -13.30 -63.66 -15.77
CA LEU F 373 -13.53 -62.23 -15.60
C LEU F 373 -14.90 -62.07 -14.98
N LEU F 374 -14.96 -61.37 -13.85
CA LEU F 374 -16.21 -61.10 -13.17
C LEU F 374 -16.57 -59.69 -13.65
N MET F 375 -17.67 -59.60 -14.38
CA MET F 375 -18.14 -58.34 -14.93
C MET F 375 -19.24 -57.70 -14.12
N GLY F 376 -19.09 -56.40 -13.85
CA GLY F 376 -20.11 -55.68 -13.11
C GLY F 376 -20.58 -54.52 -13.98
N TYR F 377 -21.89 -54.40 -14.17
CA TYR F 377 -22.44 -53.33 -14.98
C TYR F 377 -23.41 -52.44 -14.23
N GLU F 378 -23.41 -51.18 -14.65
CA GLU F 378 -24.28 -50.16 -14.12
C GLU F 378 -25.02 -49.70 -15.40
N TYR F 379 -26.36 -49.76 -15.43
CA TYR F 379 -27.04 -49.37 -16.66
C TYR F 379 -28.46 -48.87 -16.48
N PHE F 380 -28.99 -48.25 -17.55
CA PHE F 380 -30.36 -47.74 -17.58
C PHE F 380 -31.06 -48.60 -18.63
N THR F 381 -32.33 -48.92 -18.40
CA THR F 381 -33.13 -49.65 -19.38
C THR F 381 -34.59 -49.31 -19.14
N SER F 382 -35.41 -49.43 -20.18
CA SER F 382 -36.83 -49.12 -20.04
C SER F 382 -37.60 -50.19 -19.28
N ARG F 383 -39.21 -48.98 -20.83
CA ARG F 383 -40.39 -49.66 -21.43
C ARG F 383 -41.46 -48.62 -21.56
N THR F 384 -42.43 -48.87 -22.42
CA THR F 384 -43.44 -47.89 -22.65
C THR F 384 -44.32 -47.71 -21.49
N GLU F 385 -44.70 -46.38 -21.41
CA GLU F 385 -45.60 -46.07 -20.34
C GLU F 385 -47.11 -46.09 -20.75
N LEU F 386 -48.02 -46.77 -20.13
CA LEU F 386 -49.48 -46.75 -20.31
C LEU F 386 -50.10 -45.87 -19.21
N VAL F 387 -51.30 -45.35 -19.50
CA VAL F 387 -51.94 -44.45 -18.54
C VAL F 387 -52.07 -44.93 -17.22
N ASN F 388 -51.89 -43.87 -16.19
CA ASN F 388 -51.78 -44.28 -14.76
C ASN F 388 -52.99 -44.67 -13.99
N ALA F 389 -53.03 -45.62 -13.14
CA ALA F 389 -54.21 -46.07 -12.35
C ALA F 389 -54.10 -45.49 -10.94
N GLY F 390 -55.18 -45.63 -10.14
CA GLY F 390 -55.09 -45.31 -8.75
C GLY F 390 -55.98 -44.57 -8.13
N THR F 391 -56.97 -44.08 -8.91
CA THR F 391 -58.05 -43.36 -8.44
C THR F 391 -58.77 -43.56 -7.43
N ILE F 392 -59.30 -43.36 -6.42
CA ILE F 392 -60.10 -43.80 -5.33
C ILE F 392 -61.42 -43.03 -5.31
N SER F 393 -62.40 -43.79 -5.65
CA SER F 393 -63.74 -43.21 -5.79
C SER F 393 -63.88 -42.44 -4.51
N THR F 394 -64.18 -43.27 -3.73
CA THR F 394 -64.41 -42.81 -2.31
C THR F 394 -63.34 -43.29 -1.39
N ALA G 14 6.48 -20.55 -81.57
CA ALA G 14 7.12 -19.70 -80.55
C ALA G 14 7.37 -20.45 -79.22
N LEU G 15 8.27 -19.84 -78.46
CA LEU G 15 8.77 -20.40 -77.20
C LEU G 15 7.91 -20.29 -75.92
N ARG G 16 7.42 -21.45 -75.48
CA ARG G 16 6.70 -21.52 -74.19
C ARG G 16 7.80 -21.46 -73.10
N ASN G 17 8.94 -22.06 -73.40
CA ASN G 17 10.03 -22.09 -72.45
C ASN G 17 10.48 -20.71 -71.99
N GLN G 18 10.51 -19.76 -72.94
CA GLN G 18 10.90 -18.40 -72.57
C GLN G 18 9.93 -17.81 -71.53
N GLN G 19 8.63 -18.06 -71.73
CA GLN G 19 7.63 -17.57 -70.79
C GLN G 19 7.76 -18.26 -69.45
N ALA G 20 8.01 -19.58 -69.52
CA ALA G 20 8.18 -20.39 -68.32
C ALA G 20 9.36 -19.90 -67.54
N MET G 21 10.45 -19.64 -68.25
CA MET G 21 11.70 -19.16 -67.66
C MET G 21 11.46 -17.83 -66.95
N ALA G 22 10.56 -17.03 -67.52
CA ALA G 22 10.25 -15.71 -66.97
C ALA G 22 9.11 -15.66 -65.95
N ALA G 23 8.49 -16.74 -65.65
CA ALA G 23 7.43 -16.87 -64.64
C ALA G 23 8.03 -16.26 -63.36
N ASN G 24 8.90 -18.58 -63.72
CA ASN G 24 9.67 -19.30 -62.72
C ASN G 24 10.61 -18.36 -61.98
N LEU G 25 11.38 -17.60 -62.74
CA LEU G 25 12.32 -16.65 -62.16
C LEU G 25 11.65 -15.58 -61.29
N GLN G 26 10.49 -15.09 -61.73
CA GLN G 26 9.76 -14.08 -60.97
C GLN G 26 9.29 -14.69 -59.65
N ALA G 27 8.76 -15.90 -59.72
CA ALA G 27 8.25 -16.59 -58.54
C ALA G 27 9.40 -16.84 -57.55
N ARG G 28 10.56 -17.19 -58.06
CA ARG G 28 11.72 -17.45 -57.22
C ARG G 28 12.07 -16.19 -56.42
N GLN G 29 12.10 -15.07 -57.12
CA GLN G 29 12.42 -13.79 -56.49
C GLN G 29 11.40 -13.40 -55.43
N ILE G 30 10.12 -13.66 -55.68
CA ILE G 30 9.09 -13.34 -54.70
C ILE G 30 9.29 -14.21 -53.46
N VAL G 31 9.58 -15.49 -53.68
CA VAL G 31 9.80 -16.39 -52.56
C VAL G 31 10.99 -15.95 -51.72
N LEU G 32 12.10 -15.63 -52.39
CA LEU G 32 13.30 -15.20 -51.67
C LEU G 32 13.04 -13.90 -50.90
N GLN G 33 12.29 -13.00 -51.53
CA GLN G 33 11.97 -11.71 -50.93
C GLN G 33 10.98 -11.80 -49.77
N GLN G 34 9.97 -12.65 -49.92
CA GLN G 34 8.93 -12.79 -48.91
C GLN G 34 9.10 -13.80 -47.78
N SER G 35 9.74 -14.93 -48.06
CA SER G 35 9.90 -15.95 -47.02
C SER G 35 11.04 -15.57 -46.09
N TYR G 36 10.99 -16.93 -44.96
CA TYR G 36 12.08 -16.68 -44.03
C TYR G 36 12.90 -17.96 -43.88
N PRO G 37 14.23 -17.85 -44.01
CA PRO G 37 15.17 -18.97 -43.90
C PRO G 37 15.29 -19.48 -42.46
N VAL G 38 15.32 -20.80 -42.31
CA VAL G 38 15.45 -21.42 -41.01
C VAL G 38 16.47 -22.54 -41.09
N ILE G 39 17.32 -22.66 -40.08
CA ILE G 39 18.24 -23.77 -40.01
C ILE G 39 17.89 -24.35 -38.65
N GLN G 40 17.56 -25.63 -38.64
CA GLN G 40 17.10 -26.27 -37.43
C GLN G 40 17.63 -27.67 -37.22
N GLN G 41 18.00 -27.99 -35.98
CA GLN G 41 18.50 -29.33 -35.70
C GLN G 41 17.34 -30.31 -35.84
N VAL G 42 17.58 -31.41 -36.53
CA VAL G 42 16.51 -32.41 -36.67
C VAL G 42 16.89 -33.70 -35.97
N GLU G 43 18.17 -33.92 -35.75
CA GLU G 43 18.60 -35.16 -35.10
C GLU G 43 20.06 -35.18 -34.68
N THR G 44 20.33 -35.77 -33.52
CA THR G 44 21.69 -35.93 -33.02
C THR G 44 21.80 -37.36 -32.50
N GLN G 45 22.96 -37.96 -32.62
CA GLN G 45 23.14 -39.31 -32.14
C GLN G 45 24.60 -39.65 -31.94
N THR G 46 24.88 -40.44 -30.90
CA THR G 46 26.24 -40.85 -30.60
C THR G 46 26.22 -42.37 -30.62
N PHE G 47 27.25 -42.97 -31.21
CA PHE G 47 27.27 -44.41 -31.31
C PHE G 47 28.68 -44.96 -31.43
N ASP G 48 28.80 -46.28 -31.39
CA ASP G 48 30.07 -46.97 -31.53
C ASP G 48 30.00 -47.74 -32.83
N PRO G 49 30.87 -47.40 -33.79
CA PRO G 49 30.94 -48.03 -35.11
C PRO G 49 31.03 -49.56 -35.07
N ALA G 50 31.45 -50.10 -33.94
CA ALA G 50 31.55 -51.55 -33.81
C ALA G 50 30.16 -52.18 -33.83
N ASN G 51 29.16 -51.43 -33.39
CA ASN G 51 27.78 -51.91 -33.35
C ASN G 51 26.94 -51.52 -34.55
N ARG G 52 27.15 -50.31 -35.05
CA ARG G 52 26.38 -49.85 -36.21
C ARG G 52 27.05 -48.64 -36.85
N SER G 53 26.81 -48.45 -38.15
CA SER G 53 27.41 -47.34 -38.87
C SER G 53 26.53 -46.79 -39.97
N VAL G 54 25.32 -47.34 -40.12
CA VAL G 54 24.38 -46.88 -41.13
C VAL G 54 23.14 -46.32 -40.45
N PHE G 55 22.79 -45.08 -40.76
CA PHE G 55 21.63 -44.44 -40.16
C PHE G 55 20.72 -43.79 -41.18
N ASP G 56 19.42 -43.84 -40.93
CA ASP G 56 18.45 -43.24 -41.81
C ASP G 56 17.80 -42.10 -41.03
N VAL G 57 18.14 -40.87 -41.38
CA VAL G 57 17.62 -39.69 -40.70
C VAL G 57 16.33 -39.24 -41.36
N THR G 58 15.33 -38.88 -40.57
CA THR G 58 14.06 -38.44 -41.10
C THR G 58 13.93 -36.94 -40.94
N PRO G 59 14.04 -36.20 -42.06
CA PRO G 59 13.92 -34.74 -42.06
C PRO G 59 12.51 -34.32 -41.70
N ALA G 60 12.34 -33.05 -41.36
CA ALA G 60 11.01 -32.54 -41.05
C ALA G 60 10.36 -32.16 -42.38
N ASN G 61 9.06 -32.40 -42.50
CA ASN G 61 8.35 -32.05 -43.72
C ASN G 61 7.77 -30.65 -43.55
N VAL G 62 8.59 -29.64 -43.82
CA VAL G 62 8.13 -28.25 -43.68
C VAL G 62 8.68 -27.33 -44.76
N GLY G 63 7.80 -26.55 -45.37
CA GLY G 63 8.19 -25.61 -46.40
C GLY G 63 9.02 -26.16 -47.55
N ILE G 64 9.94 -25.34 -48.04
CA ILE G 64 10.83 -25.74 -49.13
C ILE G 64 12.19 -26.06 -48.50
N VAL G 65 12.63 -27.31 -48.65
CA VAL G 65 13.89 -27.75 -48.07
C VAL G 65 15.04 -27.47 -49.04
N LYS G 66 16.07 -26.81 -48.54
CA LYS G 66 17.23 -26.44 -49.35
C LYS G 66 18.42 -27.37 -49.20
N GLY G 67 18.59 -27.93 -48.00
CA GLY G 67 19.71 -28.83 -47.79
C GLY G 67 19.91 -29.21 -46.34
N PHE G 68 20.95 -29.98 -46.07
CA PHE G 68 21.24 -30.43 -44.72
C PHE G 68 22.70 -30.23 -44.37
N LEU G 69 22.95 -29.65 -43.20
CA LEU G 69 24.32 -29.47 -42.75
C LEU G 69 24.55 -30.61 -41.77
N VAL G 70 25.52 -31.46 -42.08
CA VAL G 70 25.79 -32.60 -41.21
C VAL G 70 27.10 -32.41 -40.46
N LYS G 71 27.01 -32.35 -39.14
CA LYS G 71 28.18 -32.21 -38.27
C LYS G 71 28.54 -33.59 -37.75
N VAL G 72 29.81 -33.96 -37.89
CA VAL G 72 30.28 -35.27 -37.43
C VAL G 72 31.50 -35.08 -36.54
N THR G 73 31.48 -35.67 -35.34
CA THR G 73 32.63 -35.60 -34.45
C THR G 73 33.01 -37.04 -34.12
N ALA G 74 34.29 -37.27 -33.87
CA ALA G 74 34.73 -38.61 -33.56
C ALA G 74 35.99 -38.61 -32.72
N ALA G 75 36.15 -39.66 -31.92
CA ALA G 75 37.35 -39.82 -31.12
C ALA G 75 37.93 -41.15 -31.61
N ILE G 76 39.20 -41.11 -32.00
CA ILE G 76 39.90 -42.27 -32.51
C ILE G 76 41.07 -42.59 -31.58
N THR G 77 41.13 -43.83 -31.13
CA THR G 77 42.20 -44.26 -30.24
C THR G 77 43.17 -45.19 -30.93
N ASN G 78 44.46 -44.86 -30.87
CA ASN G 78 45.49 -45.70 -31.44
C ASN G 78 45.95 -46.59 -30.28
N ASN G 79 45.45 -47.81 -30.24
CA ASN G 79 45.81 -48.74 -29.16
C ASN G 79 47.10 -49.52 -29.45
N HIS G 80 47.79 -49.18 -30.53
CA HIS G 80 49.00 -49.90 -30.87
C HIS G 80 50.01 -49.66 -29.77
N ALA G 81 50.91 -50.62 -29.58
CA ALA G 81 51.92 -50.51 -28.54
C ALA G 81 52.96 -49.43 -28.80
N THR G 82 53.44 -49.33 -30.04
CA THR G 82 54.50 -48.38 -30.37
C THR G 82 54.42 -47.62 -31.71
N GLU G 83 53.51 -47.99 -32.60
CA GLU G 83 53.43 -47.33 -33.90
C GLU G 83 52.30 -46.32 -34.03
N ALA G 84 52.58 -45.21 -34.70
CA ALA G 84 51.60 -44.15 -34.91
C ALA G 84 50.93 -44.31 -36.27
N VAL G 85 49.96 -43.43 -36.54
CA VAL G 85 49.30 -43.40 -37.83
C VAL G 85 49.19 -41.92 -38.18
N ALA G 86 49.05 -41.63 -39.48
CA ALA G 86 48.94 -40.25 -39.93
C ALA G 86 47.76 -40.11 -40.89
N LEU G 87 47.20 -38.90 -40.94
CA LEU G 87 46.10 -38.64 -41.84
C LEU G 87 46.37 -39.02 -43.27
N THR G 88 45.36 -39.56 -43.94
CA THR G 88 45.45 -39.87 -45.36
C THR G 88 45.19 -38.50 -46.04
N ASP G 89 45.25 -38.44 -47.36
CA ASP G 89 44.99 -37.18 -48.07
C ASP G 89 43.56 -36.67 -47.84
N PHE G 90 42.58 -37.58 -47.71
CA PHE G 90 41.19 -37.15 -47.49
C PHE G 90 40.88 -36.98 -46.01
N GLY G 91 41.60 -37.71 -45.16
CA GLY G 91 41.41 -37.55 -43.73
C GLY G 91 39.99 -37.56 -43.21
N PRO G 92 39.59 -36.52 -42.45
CA PRO G 92 38.23 -36.48 -41.90
C PRO G 92 37.11 -36.44 -42.94
N ALA G 93 37.43 -36.18 -44.19
CA ALA G 93 36.40 -36.17 -45.22
C ALA G 93 35.87 -37.59 -45.42
N ASN G 94 36.58 -38.58 -44.87
CA ASN G 94 36.10 -39.96 -44.98
C ASN G 94 35.33 -40.42 -43.73
N LEU G 95 34.97 -39.48 -42.85
CA LEU G 95 34.19 -39.84 -41.66
C LEU G 95 32.81 -40.34 -42.11
N VAL G 96 32.34 -39.82 -43.24
CA VAL G 96 31.08 -40.29 -43.83
C VAL G 96 31.52 -40.99 -45.11
N GLN G 97 31.18 -42.26 -45.26
CA GLN G 97 31.55 -43.00 -46.46
C GLN G 97 30.60 -42.72 -47.61
N ARG G 98 29.29 -42.68 -47.32
CA ARG G 98 28.29 -42.41 -48.35
C ARG G 98 27.06 -41.70 -47.81
N VAL G 99 26.36 -41.05 -48.73
CA VAL G 99 25.13 -40.34 -48.42
C VAL G 99 24.10 -40.62 -49.53
N ILE G 100 22.84 -40.77 -49.16
CA ILE G 100 21.79 -40.93 -50.16
C ILE G 100 20.58 -40.17 -49.67
N TYR G 101 19.94 -39.40 -50.53
CA TYR G 101 18.74 -38.68 -50.16
C TYR G 101 17.54 -39.07 -51.03
N TYR G 102 16.41 -39.38 -50.40
CA TYR G 102 15.17 -39.71 -51.10
C TYR G 102 14.14 -38.64 -50.72
N ASP G 103 13.45 -38.06 -51.71
CA ASP G 103 12.45 -37.04 -51.38
C ASP G 103 11.09 -37.70 -51.05
N PRO G 104 10.08 -36.89 -50.67
CA PRO G 104 8.75 -37.43 -50.33
C PRO G 104 8.08 -38.27 -51.41
N ASP G 105 8.51 -38.09 -52.66
CA ASP G 105 7.94 -38.84 -53.78
C ASP G 105 8.79 -40.07 -54.11
N ASN G 106 9.64 -40.48 -53.18
CA ASN G 106 10.47 -41.67 -53.38
C ASN G 106 11.52 -41.50 -54.48
N GLN G 107 11.78 -40.27 -54.90
CA GLN G 107 12.79 -40.04 -55.95
C GLN G 107 14.14 -39.71 -55.29
N ARG G 108 15.20 -40.36 -55.75
CA ARG G 108 16.52 -40.11 -55.22
C ARG G 108 17.15 -38.86 -55.81
N HIS G 109 17.89 -38.14 -54.99
CA HIS G 109 18.61 -36.99 -55.50
C HIS G 109 20.07 -37.42 -55.38
N THR G 110 20.83 -36.81 -54.47
CA THR G 110 22.23 -37.19 -54.34
C THR G 110 22.46 -38.62 -53.82
N GLU G 111 23.42 -39.30 -54.43
CA GLU G 111 23.85 -40.65 -54.01
C GLU G 111 25.33 -40.65 -54.33
N THR G 112 26.15 -40.33 -53.34
CA THR G 112 27.58 -40.27 -53.59
C THR G 112 28.43 -40.54 -52.33
N SER G 113 29.75 -40.48 -52.49
CA SER G 113 30.65 -40.71 -51.38
C SER G 113 30.85 -39.44 -50.53
N GLY G 114 31.27 -39.63 -49.28
CA GLY G 114 31.51 -38.47 -48.44
C GLY G 114 32.63 -37.60 -49.02
N TRP G 115 33.69 -38.21 -49.55
CA TRP G 115 34.78 -37.39 -50.07
C TRP G 115 34.35 -36.59 -51.32
N HIS G 116 33.51 -37.17 -52.17
CA HIS G 116 33.08 -36.44 -53.36
C HIS G 116 32.19 -35.27 -52.91
N LEU G 117 31.25 -35.55 -52.00
CA LEU G 117 30.37 -34.51 -51.47
C LEU G 117 31.20 -33.35 -50.92
N HIS G 118 32.25 -33.69 -50.16
CA HIS G 118 33.12 -32.67 -49.58
C HIS G 118 33.83 -31.84 -50.67
N PHE G 119 34.35 -32.51 -51.69
CA PHE G 119 35.04 -31.77 -52.75
C PHE G 119 34.10 -30.82 -53.48
N VAL G 120 32.84 -31.22 -53.66
CA VAL G 120 31.87 -30.33 -54.30
C VAL G 120 31.56 -29.16 -53.36
N ASN G 121 31.47 -29.42 -52.05
CA ASN G 121 31.23 -28.36 -51.06
C ASN G 121 32.35 -27.31 -51.24
N THR G 122 33.59 -27.78 -51.40
CA THR G 122 34.73 -26.89 -51.61
C THR G 122 34.61 -26.15 -52.95
N ALA G 123 34.31 -26.86 -54.04
CA ALA G 123 34.17 -26.21 -55.35
C ALA G 123 33.11 -25.11 -55.30
N LYS G 124 31.99 -25.36 -54.63
CA LYS G 124 30.91 -24.38 -54.54
C LYS G 124 31.27 -23.18 -53.67
N GLN G 125 32.09 -23.38 -52.63
CA GLN G 125 32.50 -22.27 -51.78
C GLN G 125 33.58 -21.41 -52.47
N GLY G 126 34.40 -22.04 -53.30
CA GLY G 126 35.48 -21.31 -53.96
C GLY G 126 36.76 -21.35 -53.13
N ALA G 127 36.76 -22.21 -52.11
CA ALA G 127 37.92 -22.40 -51.22
C ALA G 127 37.65 -23.66 -50.39
N PRO G 128 38.69 -24.26 -49.78
CA PRO G 128 38.49 -25.46 -48.95
C PRO G 128 37.30 -25.20 -48.02
N PHE G 129 36.29 -26.06 -48.11
CA PHE G 129 35.06 -25.90 -47.36
C PHE G 129 35.22 -25.64 -45.86
N LEU G 130 34.60 -24.56 -45.40
CA LEU G 130 34.62 -24.13 -44.01
C LEU G 130 36.03 -24.03 -43.41
N SER G 131 37.01 -23.70 -44.25
CA SER G 131 38.38 -23.56 -43.77
C SER G 131 38.63 -22.16 -43.20
N SER G 132 39.74 -22.04 -42.49
CA SER G 132 40.18 -20.77 -41.92
C SER G 132 41.46 -20.40 -42.68
N MET G 133 41.37 -19.30 -43.43
CA MET G 133 42.49 -18.81 -44.23
C MET G 133 43.53 -18.16 -43.31
N VAL G 134 44.80 -18.36 -43.62
CA VAL G 134 45.86 -17.76 -42.82
C VAL G 134 46.23 -16.39 -43.38
N THR G 135 46.36 -15.39 -42.49
CA THR G 135 46.76 -14.03 -42.91
C THR G 135 47.74 -13.49 -41.88
N ASP G 136 48.32 -12.33 -42.19
CA ASP G 136 49.27 -11.66 -41.31
C ASP G 136 48.56 -10.81 -40.25
N SER G 137 47.24 -10.91 -40.14
CA SER G 137 46.57 -10.04 -39.17
C SER G 137 47.06 -10.24 -37.73
N PRO G 138 47.43 -9.13 -37.04
CA PRO G 138 47.89 -9.23 -35.66
C PRO G 138 46.71 -9.50 -34.73
N ILE G 139 45.50 -9.12 -35.17
CA ILE G 139 44.28 -9.36 -34.39
C ILE G 139 44.12 -10.89 -34.43
N LYS G 140 43.79 -11.51 -33.29
CA LYS G 140 43.78 -12.96 -33.28
C LYS G 140 42.66 -13.76 -33.92
N TYR G 141 42.43 -13.47 -35.20
CA TYR G 141 41.51 -14.27 -36.03
C TYR G 141 42.35 -15.52 -36.27
N GLY G 142 41.73 -16.59 -36.80
CA GLY G 142 42.49 -17.79 -37.08
C GLY G 142 41.66 -19.02 -36.85
N ASP G 143 42.34 -20.13 -36.66
CA ASP G 143 41.64 -21.37 -36.39
C ASP G 143 41.36 -21.37 -34.88
N VAL G 144 40.29 -20.68 -34.51
CA VAL G 144 39.88 -20.53 -33.13
C VAL G 144 38.89 -21.61 -32.72
N MET G 145 37.97 -21.91 -33.63
CA MET G 145 36.89 -22.85 -33.37
C MET G 145 37.02 -24.26 -33.93
N ASN G 146 38.11 -24.55 -34.63
CA ASN G 146 38.35 -25.89 -35.16
C ASN G 146 37.10 -26.50 -35.81
N VAL G 147 36.51 -25.76 -36.74
CA VAL G 147 35.29 -26.20 -37.42
C VAL G 147 35.45 -27.52 -38.16
N ILE G 148 36.50 -27.66 -38.96
CA ILE G 148 36.81 -28.93 -39.63
C ILE G 148 38.23 -29.15 -39.15
N ASP G 149 38.43 -30.25 -38.43
CA ASP G 149 39.72 -30.44 -37.77
C ASP G 149 40.04 -31.89 -37.53
N ALA G 150 41.33 -32.24 -37.57
CA ALA G 150 41.79 -33.61 -37.30
C ALA G 150 43.29 -33.60 -37.04
N PRO G 151 43.75 -34.33 -36.02
CA PRO G 151 45.19 -34.40 -35.69
C PRO G 151 45.96 -34.97 -36.88
N ALA G 152 47.09 -34.35 -37.21
CA ALA G 152 47.91 -34.80 -38.33
C ALA G 152 48.36 -36.26 -38.09
N THR G 153 48.62 -36.57 -36.83
CA THR G 153 49.03 -37.93 -36.47
C THR G 153 48.40 -38.25 -35.13
N ILE G 154 48.26 -39.55 -34.86
CA ILE G 154 47.76 -40.01 -33.57
C ILE G 154 48.83 -41.01 -33.17
N ALA G 155 49.59 -40.68 -32.14
CA ALA G 155 50.68 -41.54 -31.68
C ALA G 155 50.15 -42.78 -30.96
N ALA G 156 51.02 -43.79 -30.87
CA ALA G 156 50.68 -45.02 -30.18
C ALA G 156 50.18 -44.69 -28.79
N GLY G 157 48.99 -45.18 -28.45
CA GLY G 157 48.43 -44.95 -27.14
C GLY G 157 47.61 -43.68 -27.00
N ALA G 158 47.60 -42.84 -28.04
CA ALA G 158 46.87 -41.58 -27.99
C ALA G 158 45.45 -41.64 -28.55
N THR G 159 44.65 -40.65 -28.19
CA THR G 159 43.29 -40.55 -28.69
C THR G 159 43.16 -39.17 -29.35
N GLY G 160 42.71 -39.16 -30.60
CA GLY G 160 42.55 -37.89 -31.32
C GLY G 160 41.08 -37.55 -31.50
N GLU G 161 40.79 -36.25 -31.51
CA GLU G 161 39.42 -35.76 -31.67
C GLU G 161 39.28 -35.08 -33.04
N LEU G 162 38.26 -35.48 -33.78
CA LEU G 162 38.03 -34.96 -35.13
C LEU G 162 36.67 -34.31 -35.29
N THR G 163 36.58 -33.33 -36.20
CA THR G 163 35.32 -32.66 -36.48
C THR G 163 35.24 -32.49 -37.98
N MET G 164 34.10 -32.84 -38.57
CA MET G 164 33.89 -32.72 -40.01
C MET G 164 32.48 -32.22 -40.28
N TYR G 165 32.33 -31.42 -41.33
CA TYR G 165 31.02 -30.91 -41.73
C TYR G 165 30.82 -31.20 -43.22
N TYR G 166 29.59 -31.53 -43.58
CA TYR G 166 29.21 -31.78 -44.97
C TYR G 166 27.90 -31.04 -45.22
N TRP G 167 27.75 -30.50 -46.41
CA TRP G 167 26.50 -29.85 -46.76
C TRP G 167 25.89 -30.73 -47.85
N VAL G 168 24.72 -31.30 -47.57
CA VAL G 168 24.05 -32.13 -48.56
C VAL G 168 23.06 -31.16 -49.22
N PRO G 169 23.31 -30.79 -50.47
CA PRO G 169 22.42 -29.85 -51.14
C PRO G 169 21.20 -30.47 -51.83
N LEU G 170 20.10 -29.73 -51.83
CA LEU G 170 18.91 -30.13 -52.58
C LEU G 170 18.86 -28.93 -53.53
N ALA G 171 18.68 -27.73 -52.98
CA ALA G 171 18.68 -26.51 -53.78
C ALA G 171 20.13 -26.30 -54.26
N TYR G 172 20.30 -25.73 -55.44
CA TYR G 172 21.64 -25.49 -55.97
C TYR G 172 22.42 -24.49 -55.10
N SER G 173 21.78 -23.42 -54.66
CA SER G 173 22.44 -22.42 -53.82
C SER G 173 21.43 -21.67 -52.95
N GLU G 174 21.88 -20.63 -52.26
CA GLU G 174 20.97 -19.85 -51.42
C GLU G 174 20.03 -18.99 -52.27
N THR G 175 20.46 -18.69 -53.50
CA THR G 175 19.65 -17.84 -54.40
C THR G 175 19.05 -18.58 -55.60
N ASP G 176 19.51 -19.79 -55.87
CA ASP G 176 19.00 -20.59 -56.98
C ASP G 176 18.34 -21.82 -56.38
N LEU G 177 17.00 -21.85 -56.37
CA LEU G 177 16.28 -22.96 -55.77
C LEU G 177 16.10 -24.20 -56.64
N THR G 178 16.78 -24.24 -57.77
CA THR G 178 16.72 -25.40 -58.65
C THR G 178 17.14 -26.61 -57.82
N GLY G 179 16.31 -27.64 -57.79
CA GLY G 179 16.65 -28.84 -57.03
C GLY G 179 16.07 -28.88 -55.63
N ALA G 180 15.52 -27.76 -55.17
CA ALA G 180 14.93 -27.73 -53.83
C ALA G 180 13.71 -28.67 -53.79
N VAL G 181 13.31 -29.04 -52.57
CA VAL G 181 12.19 -29.94 -52.35
C VAL G 181 11.03 -29.35 -51.55
N LEU G 182 9.83 -29.41 -52.10
CA LEU G 182 8.64 -28.91 -51.39
C LEU G 182 8.21 -30.04 -50.45
N ALA G 183 8.31 -29.81 -49.15
CA ALA G 183 7.96 -30.83 -48.16
C ALA G 183 6.81 -30.53 -47.22
N ASN G 184 6.34 -29.63 -47.37
CA ASN G 184 5.04 -29.32 -46.72
C ASN G 184 3.84 -29.85 -47.52
N VAL G 185 4.01 -30.53 -48.64
CA VAL G 185 2.91 -31.04 -49.45
C VAL G 185 2.50 -32.49 -49.20
N PRO G 186 3.26 -33.23 -48.43
CA PRO G 186 2.95 -34.69 -48.18
C PRO G 186 3.24 -35.07 -46.75
N GLN G 187 2.62 -36.18 -46.25
CA GLN G 187 2.94 -36.81 -44.98
C GLN G 187 4.05 -37.85 -45.16
N SER G 188 4.22 -38.18 -46.44
CA SER G 188 5.25 -39.11 -46.88
C SER G 188 6.63 -38.59 -46.46
N LYS G 189 7.39 -39.44 -45.79
CA LYS G 189 8.70 -39.05 -45.27
C LYS G 189 9.88 -38.97 -46.23
N GLN G 190 10.82 -38.11 -45.85
CA GLN G 190 12.05 -37.93 -46.61
C GLN G 190 12.99 -38.91 -45.96
N ARG G 191 14.05 -39.27 -46.66
CA ARG G 191 15.03 -40.20 -46.13
C ARG G 191 16.42 -39.64 -46.41
N LEU G 192 17.19 -39.37 -45.36
CA LEU G 192 18.59 -38.92 -45.54
C LEU G 192 19.39 -40.08 -44.97
N LYS G 193 19.95 -40.89 -45.85
CA LYS G 193 20.73 -42.05 -45.42
C LYS G 193 22.21 -41.71 -45.29
N LEU G 194 22.80 -42.06 -44.15
CA LEU G 194 24.21 -41.79 -43.92
C LEU G 194 24.96 -43.03 -43.51
N GLU G 195 26.05 -43.34 -44.21
CA GLU G 195 26.86 -44.48 -43.85
C GLU G 195 28.20 -43.94 -43.38
N PHE G 196 28.49 -44.15 -42.10
CA PHE G 196 29.73 -43.66 -41.52
C PHE G 196 30.93 -44.61 -41.62
N ALA G 197 32.12 -44.06 -41.43
CA ALA G 197 33.34 -44.84 -41.42
C ALA G 197 33.18 -45.81 -40.24
N ASN G 198 33.92 -46.91 -40.29
CA ASN G 198 33.89 -47.87 -39.19
C ASN G 198 35.32 -48.38 -38.94
N ASN G 199 35.49 -49.34 -38.03
CA ASN G 199 36.83 -49.81 -37.73
C ASN G 199 37.49 -50.55 -38.88
N ASN G 200 36.70 -50.87 -39.90
CA ASN G 200 37.23 -51.57 -41.06
C ASN G 200 37.57 -50.61 -42.22
N THR G 201 36.99 -49.42 -42.25
CA THR G 201 37.28 -48.51 -43.35
C THR G 201 38.18 -47.33 -43.00
N ALA G 202 38.16 -46.91 -41.74
CA ALA G 202 38.92 -45.74 -41.31
C ALA G 202 40.44 -45.86 -41.20
N PHE G 203 40.94 -47.09 -41.09
CA PHE G 203 42.38 -47.26 -40.89
C PHE G 203 43.05 -48.15 -41.92
N ALA G 204 44.08 -47.60 -42.57
CA ALA G 204 44.81 -48.33 -43.59
C ALA G 204 46.22 -48.70 -43.15
N ALA G 205 46.58 -49.96 -43.37
CA ALA G 205 47.90 -50.44 -43.03
C ALA G 205 48.90 -49.87 -44.04
N VAL G 206 50.17 -49.79 -43.66
CA VAL G 206 51.19 -49.31 -44.58
C VAL G 206 51.09 -50.19 -45.81
N GLY G 207 51.16 -49.59 -47.00
CA GLY G 207 51.09 -50.39 -48.21
C GLY G 207 49.68 -50.67 -48.71
N ALA G 208 48.67 -50.37 -47.89
CA ALA G 208 47.30 -50.61 -48.30
C ALA G 208 46.75 -49.33 -48.97
N ASN G 209 45.67 -49.46 -49.73
CA ASN G 209 45.07 -48.31 -50.42
C ASN G 209 44.45 -47.37 -49.37
N PRO G 210 44.88 -46.10 -49.32
CA PRO G 210 44.33 -45.16 -48.34
C PRO G 210 43.12 -44.35 -48.82
N LEU G 211 42.64 -44.63 -50.03
CA LEU G 211 41.51 -43.88 -50.61
C LEU G 211 40.33 -43.59 -49.68
N GLU G 212 39.79 -44.63 -49.06
CA GLU G 212 38.62 -44.50 -48.20
C GLU G 212 38.92 -44.36 -46.72
N ALA G 213 40.20 -44.36 -46.36
CA ALA G 213 40.60 -44.28 -44.97
C ALA G 213 40.80 -42.87 -44.43
N ILE G 214 40.83 -42.76 -43.11
CA ILE G 214 41.06 -41.49 -42.42
C ILE G 214 42.53 -41.42 -41.98
N TYR G 215 43.05 -42.52 -41.45
CA TYR G 215 44.45 -42.59 -41.02
C TYR G 215 45.14 -43.82 -41.61
N GLN G 216 46.43 -43.69 -41.85
CA GLN G 216 47.21 -44.79 -42.38
C GLN G 216 48.55 -44.82 -41.64
N GLY G 217 49.08 -46.02 -41.42
CA GLY G 217 50.34 -46.11 -40.72
C GLY G 217 50.56 -47.46 -40.07
N ALA G 218 51.76 -47.64 -39.52
CA ALA G 218 52.16 -48.90 -38.90
C ALA G 218 51.27 -49.36 -37.73
N GLY G 219 50.60 -48.43 -37.06
CA GLY G 219 49.75 -48.82 -35.96
C GLY G 219 48.28 -48.96 -36.31
N ALA G 220 47.97 -48.91 -37.61
CA ALA G 220 46.59 -48.97 -38.08
C ALA G 220 45.75 -50.16 -37.59
N ALA G 221 46.32 -51.36 -37.63
CA ALA G 221 45.59 -52.56 -37.21
C ALA G 221 45.01 -52.44 -35.79
N ASP G 222 45.65 -51.63 -34.94
CA ASP G 222 45.19 -51.46 -33.57
C ASP G 222 44.49 -50.14 -33.29
N CYS G 223 44.03 -49.46 -34.34
CA CYS G 223 43.30 -48.22 -34.14
C CYS G 223 41.83 -48.56 -34.09
N GLU G 224 41.04 -47.75 -33.40
CA GLU G 224 39.62 -47.99 -33.31
C GLU G 224 38.90 -46.72 -32.94
N PHE G 225 37.61 -46.67 -33.24
CA PHE G 225 36.81 -45.53 -32.86
C PHE G 225 36.36 -45.69 -31.41
N GLU G 226 36.51 -44.62 -30.62
CA GLU G 226 36.04 -44.66 -29.25
C GLU G 226 34.54 -44.43 -29.41
N GLU G 227 34.19 -43.51 -30.32
CA GLU G 227 32.81 -43.20 -30.63
C GLU G 227 32.70 -42.16 -31.73
N ILE G 228 31.50 -42.07 -32.30
CA ILE G 228 31.20 -41.11 -33.37
C ILE G 228 29.87 -40.48 -33.01
N SER G 229 29.72 -39.20 -33.33
CA SER G 229 28.48 -38.49 -33.07
C SER G 229 28.16 -37.64 -34.29
N TYR G 230 26.88 -37.45 -34.56
CA TYR G 230 26.49 -36.64 -35.70
C TYR G 230 25.29 -35.82 -35.29
N THR G 231 25.16 -34.67 -35.93
CA THR G 231 24.02 -33.79 -35.70
C THR G 231 23.66 -33.30 -37.09
N VAL G 232 22.39 -33.43 -37.44
CA VAL G 232 21.94 -32.99 -38.74
C VAL G 232 21.11 -31.73 -38.55
N TYR G 233 21.43 -30.69 -39.31
CA TYR G 233 20.67 -29.44 -39.28
C TYR G 233 19.97 -29.32 -40.62
N GLN G 234 18.68 -29.02 -40.60
CA GLN G 234 17.93 -28.88 -41.84
C GLN G 234 17.73 -27.41 -42.18
N SER G 235 18.03 -27.04 -43.41
CA SER G 235 17.85 -25.66 -43.86
C SER G 235 16.66 -25.60 -44.79
N TYR G 236 15.70 -24.74 -44.46
CA TYR G 236 14.50 -24.63 -45.29
C TYR G 236 13.93 -23.23 -45.27
N LEU G 237 12.93 -23.01 -46.12
CA LEU G 237 12.26 -21.72 -46.20
C LEU G 237 10.87 -21.93 -45.65
N ASP G 238 10.48 -21.07 -44.70
CA ASP G 238 9.17 -21.16 -44.09
C ASP G 238 8.36 -19.92 -44.46
N GLN G 239 7.07 -19.93 -44.12
CA GLN G 239 6.19 -18.80 -44.41
C GLN G 239 6.13 -18.54 -45.90
N LEU G 240 5.88 -19.60 -46.67
CA LEU G 240 5.82 -19.47 -48.11
C LEU G 240 4.72 -18.49 -48.54
N PRO G 241 5.00 -17.65 -49.55
CA PRO G 241 4.03 -16.67 -50.04
C PRO G 241 2.85 -17.32 -50.77
N VAL G 242 1.66 -16.78 -50.53
CA VAL G 242 0.44 -17.28 -51.15
C VAL G 242 -0.15 -16.20 -52.06
N GLY G 243 -0.78 -16.63 -53.15
CA GLY G 243 -1.38 -15.69 -54.09
C GLY G 243 -2.80 -16.09 -54.40
N GLN G 244 -3.34 -15.80 -55.08
CA GLN G 244 -4.53 -16.08 -55.85
C GLN G 244 -4.83 -17.53 -56.01
N ASN G 245 -4.49 -18.38 -56.89
CA ASN G 245 -4.56 -19.73 -57.11
C ASN G 245 -4.02 -20.19 -55.85
N GLY G 246 -2.99 -19.71 -54.96
CA GLY G 246 -2.40 -20.33 -53.79
C GLY G 246 -0.91 -20.07 -53.68
N TYR G 247 -0.16 -21.07 -53.21
CA TYR G 247 1.29 -20.95 -53.05
C TYR G 247 1.98 -20.51 -54.34
N ILE G 248 2.76 -19.43 -54.24
CA ILE G 248 3.51 -18.93 -55.38
C ILE G 248 4.81 -19.75 -55.37
N LEU G 249 4.95 -20.64 -56.35
CA LEU G 249 6.13 -21.51 -56.40
C LEU G 249 6.83 -21.63 -57.74
N PRO G 250 8.16 -21.75 -57.73
CA PRO G 250 8.95 -21.87 -58.97
C PRO G 250 8.82 -23.35 -59.38
N LEU G 251 7.88 -23.62 -60.28
CA LEU G 251 7.60 -24.97 -60.74
C LEU G 251 8.76 -25.70 -61.45
N ILE G 252 9.60 -24.95 -62.16
CA ILE G 252 10.74 -25.55 -62.84
C ILE G 252 11.77 -25.93 -61.76
N ASP G 253 12.06 -24.99 -60.86
CA ASP G 253 13.02 -25.25 -59.78
C ASP G 253 12.65 -26.52 -59.02
N LEU G 254 11.40 -26.60 -58.59
CA LEU G 254 10.92 -27.73 -57.81
C LEU G 254 10.69 -29.05 -58.57
N SER G 255 10.74 -29.01 -59.90
CA SER G 255 10.57 -30.20 -60.70
C SER G 255 11.90 -30.63 -61.33
N THR G 256 12.98 -30.00 -60.86
CA THR G 256 14.31 -30.31 -61.37
C THR G 256 15.11 -30.92 -60.23
N LEU G 257 15.95 -31.89 -60.55
CA LEU G 257 16.77 -32.54 -59.52
C LEU G 257 18.19 -32.02 -59.65
N TYR G 258 18.80 -31.67 -58.51
CA TYR G 258 20.19 -31.24 -58.50
C TYR G 258 20.83 -32.33 -57.65
N ASN G 259 21.60 -33.19 -58.32
CA ASN G 259 22.23 -34.34 -57.67
C ASN G 259 23.72 -34.45 -57.85
N LEU G 260 24.35 -35.13 -56.89
CA LEU G 260 25.76 -35.47 -56.99
C LEU G 260 25.73 -36.99 -57.06
N GLU G 261 26.57 -37.57 -57.92
CA GLU G 261 26.66 -39.04 -58.04
C GLU G 261 28.09 -39.45 -58.34
N ASN G 262 28.47 -40.66 -57.95
CA ASN G 262 29.83 -41.12 -58.23
C ASN G 262 29.80 -42.42 -59.01
N SER G 263 30.93 -42.80 -59.59
CA SER G 263 31.03 -44.06 -60.33
C SER G 263 32.50 -44.43 -60.38
N ALA G 264 32.79 -45.66 -60.81
CA ALA G 264 34.17 -46.12 -60.90
C ALA G 264 34.34 -46.75 -62.29
N GLN G 265 35.51 -46.50 -62.89
CA GLN G 265 35.82 -47.02 -64.21
C GLN G 265 37.23 -47.59 -64.18
N ALA G 266 37.45 -48.70 -64.89
CA ALA G 266 38.77 -49.31 -64.94
C ALA G 266 39.10 -49.70 -66.39
N GLY G 267 40.34 -50.08 -66.63
CA GLY G 267 40.74 -50.45 -67.99
C GLY G 267 41.74 -49.47 -68.58
N LEU G 268 42.51 -48.81 -67.73
CA LEU G 268 43.50 -47.85 -68.19
C LEU G 268 44.78 -48.51 -68.69
N THR G 269 45.36 -47.94 -69.74
CA THR G 269 46.59 -48.47 -70.33
C THR G 269 47.53 -47.31 -70.65
N PRO G 270 48.81 -47.45 -70.33
CA PRO G 270 49.77 -46.37 -70.62
C PRO G 270 49.67 -45.78 -72.02
N ASN G 271 49.67 -44.45 -72.08
CA ASN G 271 49.61 -43.69 -73.33
C ASN G 271 48.40 -43.87 -74.23
N VAL G 272 47.33 -44.44 -73.68
CA VAL G 272 46.11 -44.62 -74.45
C VAL G 272 44.99 -43.80 -73.82
N ASP G 273 44.21 -43.12 -74.65
CA ASP G 273 43.10 -42.31 -74.12
C ASP G 273 42.06 -43.18 -73.42
N PHE G 274 41.81 -42.87 -72.15
CA PHE G 274 40.80 -43.57 -71.35
C PHE G 274 39.65 -42.57 -71.33
N VAL G 275 38.52 -42.97 -71.93
CA VAL G 275 37.35 -42.11 -72.04
C VAL G 275 36.16 -42.55 -71.21
N VAL G 276 35.67 -41.66 -70.35
CA VAL G 276 34.50 -41.95 -69.54
C VAL G 276 33.37 -41.14 -70.16
N GLN G 277 32.41 -41.83 -70.77
CA GLN G 277 31.29 -41.15 -71.42
C GLN G 277 30.30 -40.53 -70.45
N TYR G 278 29.76 -39.38 -70.84
CA TYR G 278 28.75 -38.69 -70.05
C TYR G 278 27.44 -39.23 -70.60
N ALA G 279 26.42 -39.35 -69.75
CA ALA G 279 25.11 -39.85 -70.20
C ALA G 279 24.34 -38.69 -70.81
N ASN G 280 23.25 -38.99 -71.52
CA ASN G 280 22.45 -37.91 -72.08
C ASN G 280 21.37 -37.55 -71.06
N LEU G 281 20.65 -36.47 -71.32
CA LEU G 281 19.59 -36.01 -70.43
C LEU G 281 20.09 -35.18 -69.25
N TYR G 282 21.24 -35.54 -68.70
CA TYR G 282 21.79 -34.80 -67.56
C TYR G 282 22.58 -33.58 -68.00
N ARG G 283 22.47 -32.49 -67.24
CA ARG G 283 23.22 -31.28 -67.53
C ARG G 283 24.33 -31.29 -66.47
N TYR G 284 25.51 -31.74 -66.86
CA TYR G 284 26.62 -31.86 -65.93
C TYR G 284 27.33 -30.53 -65.64
N LEU G 285 27.22 -30.09 -64.39
CA LEU G 285 27.80 -28.83 -63.92
C LEU G 285 29.29 -28.96 -63.56
N SER G 286 29.69 -30.11 -63.02
CA SER G 286 31.09 -30.31 -62.70
C SER G 286 31.46 -31.78 -62.75
N THR G 287 32.74 -32.04 -62.95
CA THR G 287 33.25 -33.39 -62.99
C THR G 287 34.52 -33.48 -62.15
N ILE G 288 34.60 -34.54 -61.35
CA ILE G 288 35.76 -34.80 -60.54
C ILE G 288 36.23 -36.18 -60.93
N ALA G 289 37.53 -36.32 -61.15
CA ALA G 289 38.10 -37.62 -61.50
C ALA G 289 39.27 -37.87 -60.60
N VAL G 290 39.23 -38.97 -59.86
CA VAL G 290 40.31 -39.32 -58.96
C VAL G 290 41.07 -40.51 -59.56
N PHE G 291 42.37 -40.33 -59.77
CA PHE G 291 43.18 -41.40 -60.36
C PHE G 291 43.79 -42.24 -59.24
N ASP G 292 43.05 -43.27 -58.85
CA ASP G 292 43.50 -44.20 -57.82
C ASP G 292 44.41 -45.15 -58.60
N ASN G 293 45.69 -44.81 -58.66
CA ASN G 293 46.65 -45.62 -59.41
C ASN G 293 47.12 -46.84 -58.59
N GLY G 294 46.22 -47.78 -58.38
CA GLY G 294 46.56 -48.97 -57.61
C GLY G 294 46.97 -48.63 -56.19
N GLY G 295 46.26 -47.68 -55.58
CA GLY G 295 46.59 -47.31 -54.21
C GLY G 295 47.57 -46.16 -54.08
N SER G 296 48.17 -45.75 -55.20
CA SER G 296 49.10 -44.64 -55.21
C SER G 296 48.38 -43.43 -55.75
N PHE G 297 48.60 -42.28 -55.12
CA PHE G 297 47.98 -41.04 -55.58
C PHE G 297 49.11 -40.05 -55.87
N ASN G 298 49.26 -39.72 -57.15
CA ASN G 298 50.34 -38.85 -57.57
C ASN G 298 49.89 -37.48 -58.02
N ALA G 299 50.80 -36.52 -57.87
CA ALA G 299 50.52 -35.14 -58.26
C ALA G 299 50.78 -34.95 -59.76
N GLY G 300 49.90 -35.52 -60.56
CA GLY G 300 49.97 -35.40 -62.01
C GLY G 300 51.10 -36.11 -62.77
N THR G 301 52.11 -36.59 -62.05
CA THR G 301 53.24 -37.24 -62.71
C THR G 301 52.95 -38.55 -63.44
N ASP G 302 51.80 -39.16 -63.15
CA ASP G 302 51.41 -40.40 -63.81
C ASP G 302 50.39 -40.14 -64.94
N ILE G 303 50.21 -38.87 -65.30
CA ILE G 303 49.27 -38.52 -66.37
C ILE G 303 49.91 -37.67 -67.47
N ASN G 304 49.58 -37.98 -68.72
CA ASN G 304 50.08 -37.23 -69.87
C ASN G 304 49.20 -35.99 -70.03
N TYR G 305 47.89 -36.20 -70.07
CA TYR G 305 46.94 -35.09 -70.17
C TYR G 305 45.53 -35.53 -69.83
N LEU G 306 44.67 -34.53 -69.61
CA LEU G 306 43.25 -34.76 -69.32
C LEU G 306 42.51 -33.89 -70.32
N SER G 307 41.25 -34.21 -70.59
CA SER G 307 40.49 -33.42 -71.53
C SER G 307 39.00 -33.74 -71.46
N GLN G 308 38.20 -32.98 -72.20
CA GLN G 308 36.77 -33.25 -72.35
C GLN G 308 36.67 -33.24 -73.87
N ARG G 309 36.05 -34.27 -74.42
CA ARG G 309 35.96 -34.39 -75.86
C ARG G 309 34.58 -34.75 -76.40
N THR G 310 34.32 -34.01 -77.69
CA THR G 310 33.25 -34.49 -78.55
C THR G 310 33.71 -35.82 -79.13
N ALA G 311 32.85 -36.83 -79.09
CA ALA G 311 33.20 -38.15 -79.61
C ALA G 311 33.68 -38.03 -81.06
N ASN G 312 34.74 -38.66 -81.39
CA ASN G 312 35.49 -38.73 -82.60
C ASN G 312 36.20 -37.47 -82.98
N PHE G 313 36.10 -36.47 -82.12
CA PHE G 313 36.74 -35.20 -82.40
C PHE G 313 37.62 -34.94 -81.17
N SER G 314 38.03 -35.31 -80.72
CA SER G 314 38.89 -34.97 -79.58
C SER G 314 38.45 -33.78 -78.72
N ASP G 315 38.87 -32.30 -78.83
CA ASP G 315 38.91 -31.80 -77.46
C ASP G 315 38.65 -30.30 -77.30
N THR G 316 37.93 -29.94 -76.24
CA THR G 316 37.63 -28.55 -75.96
C THR G 316 38.58 -28.03 -74.90
N ARG G 317 39.34 -28.93 -74.28
CA ARG G 317 40.33 -28.54 -73.27
C ARG G 317 41.32 -29.64 -72.91
N LYS G 318 42.13 -30.03 -73.90
CA LYS G 318 43.14 -31.05 -73.70
C LYS G 318 44.34 -30.32 -73.08
N LEU G 319 44.62 -30.63 -71.81
CA LEU G 319 45.69 -29.94 -71.07
C LEU G 319 46.64 -30.82 -70.29
N ASP G 320 47.88 -30.38 -70.15
CA ASP G 320 48.85 -31.13 -69.35
C ASP G 320 48.33 -31.01 -67.91
N PRO G 321 48.72 -31.92 -67.01
CA PRO G 321 48.24 -31.87 -65.61
C PRO G 321 48.43 -30.56 -64.87
N LYS G 322 49.59 -29.90 -65.02
CA LYS G 322 49.78 -28.63 -64.32
C LYS G 322 48.87 -27.53 -64.83
N THR G 323 48.66 -27.48 -66.15
CA THR G 323 47.78 -26.45 -66.71
C THR G 323 46.34 -26.74 -66.34
N TRP G 324 46.00 -28.03 -66.22
CA TRP G 324 44.65 -28.41 -65.81
C TRP G 324 44.49 -27.91 -64.37
N ALA G 325 45.52 -28.13 -63.55
CA ALA G 325 45.50 -27.69 -62.15
C ALA G 325 45.41 -26.17 -62.05
N ALA G 326 46.02 -25.47 -62.99
CA ALA G 326 45.96 -24.00 -62.99
C ALA G 326 44.51 -23.55 -63.10
N GLN G 327 43.72 -24.18 -63.97
CA GLN G 327 42.31 -23.79 -64.10
C GLN G 327 41.60 -24.02 -62.76
N THR G 328 41.92 -25.12 -62.09
CA THR G 328 41.31 -25.39 -60.80
C THR G 328 41.73 -24.37 -59.75
N ARG G 329 42.98 -23.91 -59.77
CA ARG G 329 43.39 -22.91 -58.80
C ARG G 329 42.56 -21.61 -58.89
N ARG G 330 42.04 -21.33 -60.08
CA ARG G 330 41.18 -20.16 -60.30
C ARG G 330 39.81 -20.38 -59.68
N ARG G 331 39.45 -21.64 -59.44
CA ARG G 331 38.13 -21.96 -58.89
C ARG G 331 38.11 -22.13 -57.38
N ILE G 332 39.15 -22.74 -56.81
CA ILE G 332 39.16 -22.96 -55.36
C ILE G 332 40.36 -22.37 -54.62
N ALA G 333 41.13 -21.54 -55.32
CA ALA G 333 42.27 -20.86 -54.74
C ALA G 333 43.40 -21.75 -54.19
N THR G 334 43.43 -22.99 -54.64
CA THR G 334 44.45 -23.95 -54.20
C THR G 334 44.25 -25.21 -55.06
N ASP G 335 45.03 -26.26 -54.77
CA ASP G 335 44.90 -27.52 -55.52
C ASP G 335 44.09 -28.51 -54.69
N PHE G 336 43.36 -29.40 -55.35
CA PHE G 336 42.68 -30.47 -54.63
C PHE G 336 43.81 -31.44 -54.28
N PRO G 337 43.56 -32.43 -53.39
CA PRO G 337 44.61 -33.37 -53.02
C PRO G 337 45.21 -34.17 -54.19
N LYS G 338 46.36 -34.79 -53.96
CA LYS G 338 47.03 -35.56 -55.01
C LYS G 338 46.13 -36.57 -55.72
N GLY G 339 46.17 -36.52 -57.05
CA GLY G 339 45.39 -37.45 -57.86
C GLY G 339 43.93 -37.09 -58.05
N VAL G 340 43.51 -35.96 -57.47
CA VAL G 340 42.13 -35.49 -57.59
C VAL G 340 42.07 -34.36 -58.62
N TYR G 341 41.27 -34.54 -59.66
CA TYR G 341 41.15 -33.54 -60.72
C TYR G 341 39.74 -33.03 -60.88
N TYR G 342 39.62 -31.71 -60.99
CA TYR G 342 38.34 -31.05 -61.08
C TYR G 342 38.13 -30.33 -62.40
N CYS G 343 36.87 -30.28 -62.82
CA CYS G 343 36.49 -29.63 -64.06
C CYS G 343 35.17 -28.88 -63.86
N ASP G 344 35.20 -27.56 -64.06
CA ASP G 344 34.01 -26.71 -63.90
C ASP G 344 33.34 -26.48 -65.27
N ASN G 345 32.07 -26.84 -65.38
CA ASN G 345 31.28 -26.64 -66.61
C ASN G 345 29.95 -25.98 -66.20
N ARG G 346 29.99 -25.17 -65.14
CA ARG G 346 28.78 -24.53 -64.63
C ARG G 346 28.07 -23.57 -65.56
N ASP G 347 28.81 -22.74 -66.28
CA ASP G 347 28.19 -21.78 -67.18
C ASP G 347 27.63 -22.41 -68.44
N LYS G 348 28.24 -23.51 -68.87
CA LYS G 348 27.78 -24.24 -70.05
C LYS G 348 27.89 -25.73 -69.74
N PRO G 349 26.89 -26.26 -69.03
CA PRO G 349 26.83 -27.68 -68.63
C PRO G 349 26.97 -28.65 -69.79
N ILE G 350 27.67 -29.75 -69.56
CA ILE G 350 27.83 -30.79 -70.57
C ILE G 350 26.43 -31.39 -70.70
N TYR G 351 25.89 -31.36 -71.92
CA TYR G 351 24.55 -31.88 -72.20
C TYR G 351 24.61 -32.46 -73.62
N THR G 352 24.70 -33.78 -73.71
CA THR G 352 24.85 -34.46 -74.99
C THR G 352 23.63 -34.59 -75.88
N LEU G 353 22.21 -34.82 -76.08
CA LEU G 353 21.10 -35.42 -76.27
C LEU G 353 21.48 -36.88 -76.51
N GLN G 354 22.60 -37.07 -77.10
CA GLN G 354 23.04 -38.42 -77.41
C GLN G 354 23.83 -39.02 -76.30
N TYR G 355 23.64 -40.22 -75.86
CA TYR G 355 24.56 -40.86 -74.92
C TYR G 355 26.01 -40.99 -75.40
N GLY G 356 26.93 -40.32 -74.70
CA GLY G 356 28.33 -40.40 -75.06
C GLY G 356 28.83 -39.43 -76.13
N ASN G 357 28.16 -38.65 -76.46
CA ASN G 357 28.78 -37.70 -77.41
C ASN G 357 29.97 -36.94 -76.77
N VAL G 358 29.73 -36.79 -75.59
CA VAL G 358 30.82 -36.14 -74.87
C VAL G 358 31.44 -37.07 -73.82
N GLY G 359 32.77 -37.03 -73.71
CA GLY G 359 33.44 -37.86 -72.74
C GLY G 359 34.55 -37.13 -71.99
N PHE G 360 34.89 -37.64 -70.81
CA PHE G 360 35.95 -37.08 -69.98
C PHE G 360 37.16 -37.96 -70.30
N VAL G 361 38.28 -37.33 -70.63
CA VAL G 361 39.46 -38.09 -71.01
C VAL G 361 40.67 -37.99 -70.12
N VAL G 362 41.30 -39.14 -69.88
CA VAL G 362 42.54 -39.20 -69.13
C VAL G 362 43.49 -40.12 -69.91
N ASN G 363 44.63 -39.58 -70.33
CA ASN G 363 45.63 -40.39 -71.01
C ASN G 363 46.73 -40.54 -69.97
N PRO G 364 46.82 -41.72 -69.34
CA PRO G 364 47.81 -42.03 -68.31
C PRO G 364 49.24 -42.28 -68.81
N LYS G 365 50.21 -41.84 -68.03
CA LYS G 365 51.62 -42.03 -68.37
C LYS G 365 52.05 -43.37 -67.80
N THR G 366 51.64 -43.65 -66.56
CA THR G 366 51.96 -44.91 -65.91
C THR G 366 50.71 -45.50 -65.26
N VAL G 367 50.52 -46.81 -65.43
CA VAL G 367 49.36 -47.48 -64.88
C VAL G 367 49.77 -48.66 -64.01
N ASN G 368 49.48 -48.58 -62.72
CA ASN G 368 49.80 -49.65 -61.79
C ASN G 368 48.68 -50.69 -61.78
N GLN G 369 48.92 -51.78 -61.07
CA GLN G 369 47.93 -52.84 -60.94
C GLN G 369 46.72 -52.32 -60.17
N ASN G 370 45.52 -52.68 -60.63
CA ASN G 370 44.28 -52.26 -59.99
C ASN G 370 44.03 -50.75 -60.09
N ALA G 371 44.44 -50.16 -61.20
CA ALA G 371 44.23 -48.73 -61.40
C ALA G 371 42.78 -48.49 -61.81
N ARG G 372 42.27 -47.31 -61.47
CA ARG G 372 40.91 -46.98 -61.83
C ARG G 372 40.68 -45.50 -61.60
N LEU G 373 39.66 -44.98 -62.25
CA LEU G 373 39.27 -43.60 -62.11
C LEU G 373 37.96 -43.60 -61.34
N LEU G 374 37.92 -42.85 -60.24
CA LEU G 374 36.71 -42.71 -59.46
C LEU G 374 36.13 -41.37 -59.87
N MET G 375 34.98 -41.40 -60.53
CA MET G 375 34.32 -40.21 -61.05
C MET G 375 33.28 -39.66 -60.10
N GLY G 376 33.14 -38.33 -60.10
CA GLY G 376 32.14 -37.68 -59.29
C GLY G 376 31.46 -36.62 -60.15
N TYR G 377 30.13 -36.59 -60.14
CA TYR G 377 29.39 -35.62 -60.97
C TYR G 377 28.36 -34.78 -60.22
N GLU G 378 28.19 -33.55 -60.68
CA GLU G 378 27.17 -32.63 -60.18
C GLU G 378 26.31 -32.41 -61.42
N TYR G 379 25.00 -32.60 -61.34
CA TYR G 379 24.19 -32.39 -62.53
C TYR G 379 22.76 -32.00 -62.20
N PHE G 380 22.06 -31.49 -63.22
CA PHE G 380 20.65 -31.12 -63.13
C PHE G 380 19.95 -32.07 -64.09
N THR G 381 18.73 -32.46 -63.75
CA THR G 381 17.95 -33.30 -64.66
C THR G 381 16.49 -33.17 -64.24
N SER G 382 15.58 -33.21 -65.21
CA SER G 382 14.17 -33.07 -64.91
C SER G 382 13.62 -34.35 -64.27
N ARG G 383 12.24 -33.93 -65.17
CA ARG G 383 11.22 -34.88 -64.95
C ARG G 383 10.18 -34.78 -65.98
N THR G 384 9.21 -35.70 -65.94
CA THR G 384 8.19 -35.81 -67.07
C THR G 384 7.18 -34.72 -67.16
N GLU G 385 6.70 -34.16 -66.01
CA GLU G 385 5.65 -33.13 -65.98
C GLU G 385 5.76 -32.31 -64.72
N LEU G 386 5.09 -31.15 -64.80
CA LEU G 386 4.95 -30.20 -63.72
C LEU G 386 3.46 -29.82 -63.75
N VAL G 387 2.80 -29.77 -62.64
CA VAL G 387 1.40 -29.41 -62.51
C VAL G 387 1.24 -28.20 -61.58
N ASN G 388 0.36 -27.33 -62.03
CA ASN G 388 -0.15 -26.27 -61.19
C ASN G 388 -1.54 -26.77 -60.70
N VAL H 4 35.17 18.92 -60.73
CA VAL H 4 36.15 19.58 -61.60
C VAL H 4 36.89 18.63 -62.48
N GLN H 5 36.46 17.33 -62.48
CA GLN H 5 37.15 16.44 -63.39
C GLN H 5 36.42 16.51 -64.72
N GLN H 6 37.18 16.40 -65.77
CA GLN H 6 36.57 16.59 -67.05
C GLN H 6 36.90 15.49 -68.00
N LEU H 7 36.01 15.25 -68.94
CA LEU H 7 34.82 15.95 -69.34
C LEU H 7 33.56 15.49 -68.65
N THR H 8 33.54 14.45 -67.81
CA THR H 8 32.25 14.04 -67.19
C THR H 8 31.48 12.96 -68.05
N PRO H 9 30.14 12.97 -68.04
CA PRO H 9 29.31 12.04 -68.86
C PRO H 9 29.22 12.44 -70.36
N ALA H 10 29.93 13.50 -70.82
CA ALA H 10 30.13 13.90 -72.21
C ALA H 10 30.87 12.81 -73.02
N GLN H 11 31.59 11.88 -72.37
CA GLN H 11 32.23 10.73 -73.07
C GLN H 11 31.14 9.91 -73.85
N GLN H 12 29.94 9.80 -73.30
CA GLN H 12 28.79 9.11 -73.93
C GLN H 12 28.22 9.88 -75.13
N ALA H 13 28.12 11.21 -75.04
CA ALA H 13 27.69 12.11 -76.14
C ALA H 13 28.68 11.97 -77.29
N ALA H 14 29.96 11.88 -76.91
CA ALA H 14 31.03 11.70 -77.88
C ALA H 14 30.84 10.33 -78.58
N LEU H 15 30.40 9.31 -77.79
CA LEU H 15 30.27 7.93 -78.40
C LEU H 15 29.20 7.95 -79.51
N ARG H 16 28.07 8.47 -79.08
CA ARG H 16 27.05 8.82 -79.98
C ARG H 16 26.19 7.75 -80.39
N ASN H 17 26.33 6.57 -79.87
CA ASN H 17 25.56 5.54 -80.46
C ASN H 17 25.02 4.61 -79.48
N GLN H 18 24.20 5.09 -78.57
CA GLN H 18 23.45 4.18 -77.69
C GLN H 18 22.91 2.96 -78.37
N GLN H 19 22.37 3.09 -79.67
CA GLN H 19 21.95 1.99 -80.54
C GLN H 19 23.12 1.05 -80.83
N ALA H 20 24.29 1.65 -81.08
CA ALA H 20 25.50 0.89 -81.38
C ALA H 20 25.92 0.05 -80.17
N MET H 21 25.94 0.67 -79.00
CA MET H 21 26.31 -0.02 -77.77
C MET H 21 25.28 -1.08 -77.41
N ALA H 22 24.00 -0.74 -77.57
CA ALA H 22 22.92 -1.67 -77.28
C ALA H 22 23.05 -2.91 -78.15
N ALA H 23 23.36 -2.69 -79.42
CA ALA H 23 23.53 -3.78 -80.37
C ALA H 23 24.78 -4.59 -80.03
N ASN H 24 25.89 -3.89 -79.82
CA ASN H 24 27.15 -4.53 -79.47
C ASN H 24 26.97 -5.48 -78.31
N LEU H 25 26.40 -4.98 -77.23
CA LEU H 25 26.17 -5.79 -76.04
C LEU H 25 25.28 -7.01 -76.30
N GLN H 26 24.25 -6.83 -77.12
CA GLN H 26 23.35 -7.93 -77.43
C GLN H 26 24.09 -9.00 -78.22
N ALA H 27 24.89 -8.55 -79.18
CA ALA H 27 25.67 -9.46 -80.03
C ALA H 27 26.68 -10.23 -79.16
N ARG H 28 27.29 -9.55 -78.20
CA ARG H 28 28.26 -10.18 -77.32
C ARG H 28 27.60 -11.33 -76.56
N GLN H 29 26.43 -11.06 -76.02
CA GLN H 29 25.69 -12.06 -75.26
C GLN H 29 25.29 -13.25 -76.12
N ILE H 30 24.91 -13.02 -77.37
CA ILE H 30 24.54 -14.11 -78.26
C ILE H 30 25.78 -14.97 -78.54
N VAL H 31 26.90 -14.31 -78.78
CA VAL H 31 28.13 -15.03 -79.04
C VAL H 31 28.53 -15.89 -77.84
N LEU H 32 28.49 -15.31 -76.65
CA LEU H 32 28.85 -16.06 -75.45
C LEU H 32 27.90 -17.23 -75.21
N GLN H 33 26.62 -17.00 -75.48
CA GLN H 33 25.60 -18.02 -75.30
C GLN H 33 25.66 -19.14 -76.33
N GLN H 34 25.91 -18.78 -77.58
CA GLN H 34 25.94 -19.75 -78.68
C GLN H 34 27.25 -20.44 -79.02
N SER H 35 28.38 -19.77 -78.87
CA SER H 35 29.65 -20.38 -79.23
C SER H 35 30.12 -21.31 -78.12
N TYR H 36 31.20 -22.03 -78.37
CA TYR H 36 31.74 -22.92 -77.34
C TYR H 36 33.22 -22.58 -77.13
N PRO H 37 33.63 -22.41 -75.87
CA PRO H 37 35.01 -22.08 -75.48
C PRO H 37 35.96 -23.25 -75.70
N VAL H 38 37.13 -22.95 -76.22
CA VAL H 38 38.15 -23.96 -76.45
C VAL H 38 39.50 -23.44 -75.99
N ILE H 39 40.28 -24.30 -75.34
CA ILE H 39 41.63 -23.92 -74.95
C ILE H 39 42.42 -25.03 -75.62
N GLN H 40 43.39 -24.64 -76.44
CA GLN H 40 44.14 -25.61 -77.22
C GLN H 40 45.62 -25.30 -77.33
N GLN H 41 46.45 -26.33 -77.21
CA GLN H 41 47.88 -26.12 -77.33
C GLN H 41 48.19 -25.73 -78.77
N VAL H 42 49.00 -24.71 -78.96
CA VAL H 42 49.36 -24.31 -80.31
C VAL H 42 50.84 -24.51 -80.57
N GLU H 43 51.64 -24.56 -79.51
CA GLU H 43 53.08 -24.73 -79.68
C GLU H 43 53.84 -25.02 -78.39
N THR H 44 54.83 -25.90 -78.48
CA THR H 44 55.68 -26.21 -77.35
C THR H 44 57.11 -26.24 -77.87
N GLN H 45 58.06 -25.83 -77.05
CA GLN H 45 59.45 -25.83 -77.48
C GLN H 45 60.40 -25.79 -76.30
N THR H 46 61.52 -26.50 -76.45
CA THR H 46 62.53 -26.55 -75.42
C THR H 46 63.82 -26.03 -76.04
N PHE H 47 64.55 -25.21 -75.32
CA PHE H 47 65.75 -24.63 -75.88
C PHE H 47 66.76 -24.24 -74.81
N ASP H 48 67.93 -23.83 -75.25
CA ASP H 48 69.01 -23.38 -74.36
C ASP H 48 69.20 -21.91 -74.63
N PRO H 49 68.95 -21.05 -73.63
CA PRO H 49 69.07 -19.60 -73.72
C PRO H 49 70.43 -19.12 -74.27
N ALA H 50 71.44 -19.98 -74.20
CA ALA H 50 72.75 -19.61 -74.70
C ALA H 50 72.71 -19.46 -76.24
N ASN H 51 71.81 -20.22 -76.87
CA ASN H 51 71.66 -20.19 -78.32
C ASN H 51 70.59 -19.24 -78.84
N ARG H 52 69.48 -19.16 -78.11
CA ARG H 52 68.39 -18.28 -78.52
C ARG H 52 67.42 -18.03 -77.37
N SER H 53 66.75 -16.88 -77.41
CA SER H 53 65.81 -16.54 -76.35
C SER H 53 64.60 -15.74 -76.84
N VAL H 54 64.54 -15.51 -78.15
CA VAL H 54 63.42 -14.76 -78.74
C VAL H 54 62.66 -15.69 -79.69
N PHE H 55 61.36 -15.82 -79.48
CA PHE H 55 60.54 -16.68 -80.33
C PHE H 55 59.28 -16.00 -80.80
N ASP H 56 58.86 -16.32 -82.03
CA ASP H 56 57.66 -15.74 -82.60
C ASP H 56 56.69 -16.90 -82.77
N VAL H 57 55.67 -16.97 -81.94
CA VAL H 57 54.67 -18.03 -81.98
C VAL H 57 53.54 -17.64 -82.93
N THR H 58 53.09 -18.58 -83.74
CA THR H 58 52.02 -18.30 -84.67
C THR H 58 50.74 -18.97 -84.19
N PRO H 59 49.79 -18.16 -83.71
CA PRO H 59 48.50 -18.64 -83.21
C PRO H 59 47.69 -19.23 -84.35
N ALA H 60 46.64 -19.97 -84.01
CA ALA H 60 45.76 -20.53 -85.03
C ALA H 60 44.74 -19.45 -85.37
N ASN H 61 44.37 -19.34 -86.64
CA ASN H 61 43.37 -18.37 -87.05
C ASN H 61 42.01 -19.03 -87.01
N VAL H 62 41.38 -19.06 -85.83
CA VAL H 62 40.08 -19.68 -85.69
C VAL H 62 39.16 -18.93 -84.73
N GLY H 63 37.94 -18.67 -85.16
CA GLY H 63 36.95 -18.00 -84.35
C GLY H 63 37.38 -16.67 -83.73
N ILE H 64 36.90 -16.42 -82.52
CA ILE H 64 37.24 -15.20 -81.79
C ILE H 64 38.28 -15.59 -80.73
N VAL H 65 39.48 -15.01 -80.84
CA VAL H 65 40.56 -15.32 -79.90
C VAL H 65 40.47 -14.42 -78.68
N LYS H 66 40.50 -15.04 -77.50
CA LYS H 66 40.40 -14.32 -76.23
C LYS H 66 41.73 -14.08 -75.55
N GLY H 67 42.67 -15.00 -75.72
CA GLY H 67 43.96 -14.82 -75.08
C GLY H 67 44.84 -16.05 -75.18
N PHE H 68 46.02 -15.97 -74.56
CA PHE H 68 46.96 -17.07 -74.59
C PHE H 68 47.50 -17.37 -73.21
N LEU H 69 47.51 -18.65 -72.84
CA LEU H 69 48.06 -19.04 -71.55
C LEU H 69 49.45 -19.57 -71.88
N VAL H 70 50.48 -18.93 -71.33
CA VAL H 70 51.83 -19.35 -71.62
C VAL H 70 52.47 -20.01 -70.40
N LYS H 71 52.82 -21.29 -70.56
CA LYS H 71 53.45 -22.07 -69.51
C LYS H 71 54.95 -22.09 -69.78
N VAL H 72 55.75 -21.75 -68.78
CA VAL H 72 57.19 -21.70 -68.92
C VAL H 72 57.84 -22.52 -67.80
N THR H 73 58.72 -23.44 -68.15
CA THR H 73 59.43 -24.24 -67.15
C THR H 73 60.91 -24.04 -67.42
N ALA H 74 61.72 -24.11 -66.37
CA ALA H 74 63.15 -23.92 -66.54
C ALA H 74 63.94 -24.63 -65.46
N ALA H 75 65.15 -25.03 -65.80
CA ALA H 75 66.07 -25.64 -64.85
C ALA H 75 67.27 -24.70 -64.82
N ILE H 76 67.62 -24.26 -63.62
CA ILE H 76 68.72 -23.34 -63.42
C ILE H 76 69.78 -24.04 -62.57
N THR H 77 71.02 -24.04 -63.06
CA THR H 77 72.11 -24.66 -62.32
C THR H 77 73.08 -23.63 -61.77
N ASN H 78 73.34 -23.72 -60.47
CA ASN H 78 74.29 -22.82 -59.83
C ASN H 78 75.61 -23.59 -59.87
N ASN H 79 76.47 -23.26 -60.82
CA ASN H 79 77.76 -23.93 -60.95
C ASN H 79 78.85 -23.32 -60.08
N HIS H 80 78.49 -22.37 -59.24
CA HIS H 80 79.49 -21.73 -58.40
C HIS H 80 80.06 -22.78 -57.46
N ALA H 81 81.31 -22.58 -57.07
CA ALA H 81 81.97 -23.52 -56.18
C ALA H 81 81.40 -23.56 -54.77
N THR H 82 81.11 -22.39 -54.20
CA THR H 82 80.63 -22.33 -52.82
C THR H 82 79.50 -21.33 -52.46
N GLU H 83 79.16 -20.43 -53.38
CA GLU H 83 78.13 -19.42 -53.09
C GLU H 83 76.76 -19.72 -53.69
N ALA H 84 75.71 -19.44 -52.92
CA ALA H 84 74.35 -19.66 -53.37
C ALA H 84 73.75 -18.37 -53.93
N VAL H 85 72.52 -18.48 -54.43
CA VAL H 85 71.79 -17.32 -54.93
C VAL H 85 70.37 -17.49 -54.39
N ALA H 86 69.63 -16.39 -54.30
CA ALA H 86 68.27 -16.42 -53.79
C ALA H 86 67.35 -15.66 -54.73
N LEU H 87 66.08 -16.03 -54.75
CA LEU H 87 65.10 -15.35 -55.58
C LEU H 87 65.06 -13.86 -55.37
N THR H 88 64.89 -13.13 -56.46
CA THR H 88 64.72 -11.68 -56.39
C THR H 88 63.22 -11.52 -56.01
N ASP H 89 62.76 -10.28 -55.83
CA ASP H 89 61.35 -10.05 -55.49
C ASP H 89 60.41 -10.55 -56.60
N PHE H 90 60.82 -10.43 -57.88
CA PHE H 90 59.95 -10.86 -58.97
C PHE H 90 60.18 -12.33 -59.30
N GLY H 91 61.36 -12.85 -59.02
CA GLY H 91 61.63 -14.26 -59.24
C GLY H 91 61.23 -14.85 -60.58
N PRO H 92 60.43 -15.93 -60.57
CA PRO H 92 60.01 -16.56 -61.84
C PRO H 92 59.18 -15.66 -62.76
N ALA H 93 58.69 -14.54 -62.25
CA ALA H 93 57.90 -13.65 -63.12
C ALA H 93 58.83 -13.02 -64.16
N ASN H 94 60.13 -13.17 -63.96
CA ASN H 94 61.09 -12.65 -64.95
C ASN H 94 61.57 -13.72 -65.94
N LEU H 95 60.92 -14.88 -65.96
CA LEU H 95 61.30 -15.94 -66.91
C LEU H 95 61.00 -15.45 -68.34
N VAL H 96 60.00 -14.58 -68.45
CA VAL H 96 59.68 -13.96 -69.74
C VAL H 96 60.04 -12.49 -69.53
N GLN H 97 60.92 -11.96 -70.35
CA GLN H 97 61.31 -10.56 -70.23
C GLN H 97 60.30 -9.63 -70.89
N ARG H 98 59.82 -10.00 -72.07
CA ARG H 98 58.84 -9.20 -72.80
C ARG H 98 57.91 -10.02 -73.67
N VAL H 99 56.76 -9.42 -73.96
CA VAL H 99 55.77 -10.04 -74.82
C VAL H 99 55.21 -8.97 -75.78
N ILE H 100 54.94 -9.35 -77.02
CA ILE H 100 54.31 -8.43 -77.95
C ILE H 100 53.33 -9.23 -78.79
N TYR H 101 52.14 -8.71 -78.97
CA TYR H 101 51.15 -9.39 -79.81
C TYR H 101 50.70 -8.52 -80.99
N TYR H 102 50.71 -9.10 -82.19
CA TYR H 102 50.25 -8.40 -83.40
C TYR H 102 49.04 -9.19 -83.92
N ASP H 103 47.94 -8.50 -84.24
CA ASP H 103 46.77 -9.21 -84.76
C ASP H 103 46.88 -9.42 -86.29
N PRO H 104 45.89 -10.09 -86.91
CA PRO H 104 45.93 -10.33 -88.36
C PRO H 104 46.01 -9.07 -89.24
N ASP H 105 45.62 -7.94 -88.68
CA ASP H 105 45.66 -6.66 -89.40
C ASP H 105 46.94 -5.88 -89.12
N ASN H 106 47.95 -6.57 -88.59
CA ASN H 106 49.23 -5.94 -88.29
C ASN H 106 49.16 -4.87 -87.19
N GLN H 107 48.08 -4.87 -86.41
CA GLN H 107 47.95 -3.90 -85.32
C GLN H 107 48.44 -4.54 -84.01
N ARG H 108 49.28 -3.81 -83.28
CA ARG H 108 49.78 -4.31 -82.01
C ARG H 108 48.78 -4.11 -80.89
N HIS H 109 48.75 -5.08 -79.97
CA HIS H 109 47.90 -4.94 -78.82
C HIS H 109 48.90 -4.80 -77.67
N THR H 110 49.00 -5.81 -76.81
CA THR H 110 49.94 -5.71 -75.69
C THR H 110 51.43 -5.71 -76.11
N GLU H 111 52.19 -4.83 -75.48
CA GLU H 111 53.65 -4.76 -75.67
C GLU H 111 54.16 -4.36 -74.30
N THR H 112 54.55 -5.34 -73.50
CA THR H 112 55.00 -5.02 -72.15
C THR H 112 55.99 -6.06 -71.59
N SER H 113 56.43 -5.85 -70.36
CA SER H 113 57.37 -6.75 -69.71
C SER H 113 56.65 -7.95 -69.08
N GLY H 114 57.39 -9.04 -68.87
CA GLY H 114 56.79 -10.20 -68.24
C GLY H 114 56.32 -9.87 -66.82
N TRP H 115 57.10 -9.10 -66.07
CA TRP H 115 56.67 -8.80 -64.71
C TRP H 115 55.41 -7.93 -64.67
N HIS H 116 55.28 -6.99 -65.61
CA HIS H 116 54.08 -6.15 -65.61
C HIS H 116 52.88 -7.00 -65.98
N LEU H 117 53.03 -7.84 -67.00
CA LEU H 117 51.95 -8.73 -67.42
C LEU H 117 51.49 -9.59 -66.23
N HIS H 118 52.46 -10.12 -65.48
CA HIS H 118 52.15 -10.94 -64.32
C HIS H 118 51.38 -10.15 -63.25
N PHE H 119 51.82 -8.92 -62.97
CA PHE H 119 51.13 -8.13 -61.96
C PHE H 119 49.68 -7.83 -62.37
N VAL H 120 49.45 -7.62 -63.67
CA VAL H 120 48.09 -7.37 -64.14
C VAL H 120 47.27 -8.68 -64.00
N ASN H 121 47.89 -9.82 -64.29
CA ASN H 121 47.21 -11.11 -64.15
C ASN H 121 46.73 -11.22 -62.69
N THR H 122 47.58 -10.83 -61.76
CA THR H 122 47.23 -10.84 -60.34
C THR H 122 46.10 -9.84 -60.03
N ALA H 123 46.22 -8.61 -60.51
CA ALA H 123 45.19 -7.60 -60.27
C ALA H 123 43.83 -8.08 -60.80
N LYS H 124 43.80 -8.71 -61.97
CA LYS H 124 42.55 -9.19 -62.54
C LYS H 124 41.97 -10.38 -61.80
N GLN H 125 42.81 -11.24 -61.22
CA GLN H 125 42.33 -12.37 -60.46
C GLN H 125 41.81 -11.94 -59.08
N GLY H 126 42.41 -10.89 -58.52
CA GLY H 126 42.01 -10.44 -57.19
C GLY H 126 42.84 -11.13 -56.11
N ALA H 127 43.92 -11.79 -56.53
CA ALA H 127 44.86 -12.48 -55.63
C ALA H 127 46.08 -12.87 -56.45
N PRO H 128 47.22 -13.17 -55.80
CA PRO H 128 48.43 -13.56 -56.54
C PRO H 128 48.03 -14.60 -57.59
N PHE H 129 48.32 -14.30 -58.85
CA PHE H 129 47.93 -15.16 -59.97
C PHE H 129 48.26 -16.63 -59.83
N LEU H 130 47.23 -17.47 -59.98
CA LEU H 130 47.36 -18.93 -59.91
C LEU H 130 48.04 -19.42 -58.62
N SER H 131 47.89 -18.68 -57.53
CA SER H 131 48.48 -19.08 -56.27
C SER H 131 47.59 -20.06 -55.51
N SER H 132 48.17 -20.70 -54.51
CA SER H 132 47.46 -21.62 -53.64
C SER H 132 47.41 -20.94 -52.26
N MET H 133 46.21 -20.61 -51.83
CA MET H 133 45.98 -19.94 -50.55
C MET H 133 46.16 -20.95 -49.42
N VAL H 134 46.75 -20.50 -48.32
CA VAL H 134 46.95 -21.38 -47.17
C VAL H 134 45.75 -21.30 -46.22
N THR H 135 45.24 -22.44 -45.77
CA THR H 135 44.11 -22.48 -44.82
C THR H 135 44.39 -23.56 -43.79
N ASP H 136 43.53 -23.62 -42.76
CA ASP H 136 43.65 -24.60 -41.69
C ASP H 136 43.00 -25.92 -42.08
N SER H 137 42.58 -26.09 -43.33
CA SER H 137 41.88 -27.34 -43.65
C SER H 137 42.72 -28.59 -43.39
N PRO H 138 42.17 -29.58 -42.66
CA PRO H 138 42.89 -30.82 -42.40
C PRO H 138 42.95 -31.69 -43.65
N ILE H 139 41.98 -31.48 -44.56
CA ILE H 139 41.95 -32.21 -45.83
C ILE H 139 43.16 -31.68 -46.59
N LYS H 140 43.92 -32.57 -47.24
CA LYS H 140 45.16 -32.10 -47.85
C LYS H 140 45.16 -31.30 -49.14
N TYR H 141 44.40 -30.21 -49.13
CA TYR H 141 44.43 -29.23 -50.23
C TYR H 141 45.76 -28.53 -49.97
N GLY H 142 46.23 -27.73 -50.92
CA GLY H 142 47.48 -27.01 -50.69
C GLY H 142 48.26 -26.87 -51.97
N ASP H 143 49.55 -26.64 -51.82
CA ASP H 143 50.39 -26.53 -52.99
C ASP H 143 50.78 -27.96 -53.36
N VAL H 144 49.88 -28.61 -54.07
CA VAL H 144 50.04 -29.99 -54.50
C VAL H 144 50.68 -30.08 -55.87
N MET H 145 50.26 -29.19 -56.75
CA MET H 145 50.70 -29.19 -58.14
C MET H 145 51.77 -28.20 -58.56
N ASN H 146 52.23 -27.36 -57.63
CA ASN H 146 53.29 -26.40 -57.93
C ASN H 146 53.09 -25.68 -59.26
N VAL H 147 51.91 -25.08 -59.42
CA VAL H 147 51.56 -24.39 -60.65
C VAL H 147 52.50 -23.24 -61.00
N ILE H 148 52.78 -22.36 -60.03
CA ILE H 148 53.76 -21.30 -60.22
C ILE H 148 54.70 -21.57 -59.06
N ASP H 149 55.95 -21.87 -59.37
CA ASP H 149 56.86 -22.34 -58.33
C ASP H 149 58.31 -22.07 -58.66
N ALA H 150 59.11 -21.82 -57.62
CA ALA H 150 60.55 -21.59 -57.80
C ALA H 150 61.25 -21.73 -56.43
N PRO H 151 62.40 -22.42 -56.39
CA PRO H 151 63.15 -22.61 -55.14
C PRO H 151 63.57 -21.25 -54.58
N ALA H 152 63.39 -21.07 -53.27
CA ALA H 152 63.75 -19.80 -52.64
C ALA H 152 65.24 -19.52 -52.83
N THR H 153 66.04 -20.58 -52.84
CA THR H 153 67.47 -20.43 -53.03
C THR H 153 67.93 -21.62 -53.84
N ILE H 154 69.08 -21.46 -54.52
CA ILE H 154 69.68 -22.56 -55.27
C ILE H 154 71.11 -22.53 -54.74
N ALA H 155 71.47 -23.56 -53.99
CA ALA H 155 72.81 -23.63 -53.39
C ALA H 155 73.88 -23.93 -54.43
N ALA H 156 75.12 -23.62 -54.08
CA ALA H 156 76.26 -23.87 -54.93
C ALA H 156 76.24 -25.34 -55.36
N GLY H 157 76.27 -25.56 -56.67
CA GLY H 157 76.28 -26.92 -57.19
C GLY H 157 74.91 -27.53 -57.43
N ALA H 158 73.85 -26.83 -57.01
CA ALA H 158 72.50 -27.36 -57.15
C ALA H 158 71.78 -26.90 -58.43
N THR H 159 70.73 -27.62 -58.78
CA THR H 159 69.91 -27.28 -59.93
C THR H 159 68.47 -27.12 -59.44
N GLY H 160 67.86 -25.99 -59.75
CA GLY H 160 66.49 -25.74 -59.32
C GLY H 160 65.54 -25.78 -60.49
N GLU H 161 64.31 -26.23 -60.23
CA GLU H 161 63.27 -26.33 -61.26
C GLU H 161 62.19 -25.27 -61.00
N LEU H 162 61.86 -24.52 -62.04
CA LEU H 162 60.88 -23.44 -61.93
C LEU H 162 59.72 -23.60 -62.89
N THR H 163 58.55 -23.08 -62.50
CA THR H 163 57.36 -23.12 -63.35
C THR H 163 56.68 -21.76 -63.23
N MET H 164 56.33 -21.18 -64.37
CA MET H 164 55.67 -19.88 -64.39
C MET H 164 54.57 -19.88 -65.44
N TYR H 165 53.48 -19.18 -65.17
CA TYR H 165 52.38 -19.06 -66.12
C TYR H 165 52.05 -17.58 -66.31
N TYR H 166 51.71 -17.21 -67.55
CA TYR H 166 51.30 -15.84 -67.88
C TYR H 166 50.06 -15.95 -68.74
N TRP H 167 49.13 -15.02 -68.57
CA TRP H 167 47.96 -15.00 -69.41
C TRP H 167 48.10 -13.72 -70.24
N VAL H 168 48.19 -13.86 -71.56
CA VAL H 168 48.29 -12.70 -72.43
C VAL H 168 46.85 -12.48 -72.88
N PRO H 169 46.22 -11.41 -72.40
CA PRO H 169 44.83 -11.14 -72.78
C PRO H 169 44.64 -10.38 -74.08
N LEU H 170 43.55 -10.70 -74.78
CA LEU H 170 43.15 -9.95 -75.96
C LEU H 170 41.80 -9.45 -75.45
N ALA H 171 40.89 -10.38 -75.17
CA ALA H 171 39.59 -10.03 -74.60
C ALA H 171 39.85 -9.55 -73.17
N TYR H 172 39.05 -8.62 -72.68
CA TYR H 172 39.22 -8.12 -71.32
C TYR H 172 38.98 -9.20 -70.26
N SER H 173 37.95 -10.02 -70.45
CA SER H 173 37.65 -11.09 -69.50
C SER H 173 36.88 -12.23 -70.18
N GLU H 174 36.41 -13.20 -69.40
CA GLU H 174 35.65 -14.30 -69.98
C GLU H 174 34.25 -13.86 -70.41
N THR H 175 33.76 -12.77 -69.81
CA THR H 175 32.42 -12.27 -70.13
C THR H 175 32.40 -10.93 -70.88
N ASP H 176 33.53 -10.25 -70.92
CA ASP H 176 33.63 -8.97 -71.63
C ASP H 176 34.60 -9.18 -72.79
N LEU H 177 34.09 -9.26 -74.01
CA LEU H 177 34.92 -9.51 -75.17
C LEU H 177 35.62 -8.29 -75.78
N THR H 178 35.56 -7.16 -75.09
CA THR H 178 36.23 -5.96 -75.55
C THR H 178 37.70 -6.31 -75.72
N GLY H 179 38.25 -6.04 -76.91
CA GLY H 179 39.65 -6.35 -77.15
C GLY H 179 39.92 -7.69 -77.79
N ALA H 180 38.90 -8.52 -77.88
CA ALA H 180 39.06 -9.83 -78.51
C ALA H 180 39.38 -9.64 -80.00
N VAL H 181 39.93 -10.69 -80.61
CA VAL H 181 40.31 -10.68 -82.02
C VAL H 181 39.60 -11.71 -82.89
N LEU H 182 38.98 -11.25 -83.97
CA LEU H 182 38.29 -12.17 -84.89
C LEU H 182 39.39 -12.70 -85.82
N ALA H 183 39.65 -14.01 -85.74
CA ALA H 183 40.72 -14.62 -86.54
C ALA H 183 40.29 -15.68 -87.55
N ASN H 184 39.10 -15.82 -87.53
CA ASN H 184 38.51 -16.58 -88.63
C ASN H 184 38.53 -15.94 -89.99
N VAL H 185 38.84 -14.68 -90.09
CA VAL H 185 38.56 -13.93 -91.30
C VAL H 185 39.67 -13.59 -92.14
N PRO H 186 40.66 -13.90 -92.29
CA PRO H 186 41.87 -13.63 -92.97
C PRO H 186 42.85 -14.70 -92.72
N GLN H 187 43.58 -15.14 -93.81
CA GLN H 187 44.72 -16.04 -93.82
C GLN H 187 45.96 -15.45 -93.23
N SER H 188 45.98 -14.06 -93.09
CA SER H 188 47.06 -13.26 -92.50
C SER H 188 47.32 -13.72 -91.07
N LYS H 189 48.58 -14.02 -90.78
CA LYS H 189 48.95 -14.55 -89.47
C LYS H 189 49.06 -13.59 -88.28
N GLN H 190 48.84 -14.17 -87.11
CA GLN H 190 48.94 -13.44 -85.86
C GLN H 190 50.38 -13.66 -85.47
N ARG H 191 50.89 -12.80 -84.59
CA ARG H 191 52.25 -12.94 -84.13
C ARG H 191 52.25 -12.75 -82.61
N LEU H 192 52.69 -13.78 -81.87
CA LEU H 192 52.82 -13.66 -80.41
C LEU H 192 54.32 -13.76 -80.20
N LYS H 193 54.96 -12.62 -79.95
CA LYS H 193 56.40 -12.60 -79.76
C LYS H 193 56.76 -12.72 -78.27
N LEU H 194 57.67 -13.64 -77.97
CA LEU H 194 58.10 -13.84 -76.59
C LEU H 194 59.60 -13.77 -76.46
N GLU H 195 60.07 -12.93 -75.55
CA GLU H 195 61.50 -12.84 -75.30
C GLU H 195 61.74 -13.37 -73.90
N PHE H 196 62.47 -14.49 -73.81
CA PHE H 196 62.76 -15.11 -72.53
C PHE H 196 64.02 -14.60 -71.82
N ALA H 197 64.10 -14.90 -70.53
CA ALA H 197 65.27 -14.56 -69.75
C ALA H 197 66.42 -15.35 -70.38
N ASN H 198 67.65 -14.91 -70.15
CA ASN H 198 68.81 -15.61 -70.65
C ASN H 198 69.91 -15.58 -69.58
N ASN H 199 71.09 -16.11 -69.90
CA ASN H 199 72.14 -16.14 -68.88
C ASN H 199 72.67 -14.77 -68.51
N ASN H 200 72.27 -13.75 -69.27
CA ASN H 200 72.70 -12.39 -68.99
C ASN H 200 71.65 -11.60 -68.20
N THR H 201 70.39 -12.01 -68.24
CA THR H 201 69.37 -11.25 -67.51
C THR H 201 68.86 -11.91 -66.23
N ALA H 202 68.90 -13.24 -66.18
CA ALA H 202 68.37 -13.99 -65.04
C ALA H 202 69.13 -13.94 -63.72
N PHE H 203 70.41 -13.61 -63.77
CA PHE H 203 71.21 -13.64 -62.56
C PHE H 203 71.92 -12.33 -62.22
N ALA H 204 71.65 -11.83 -61.02
CA ALA H 204 72.23 -10.57 -60.57
C ALA H 204 73.27 -10.77 -59.48
N ALA H 205 74.41 -10.12 -59.64
CA ALA H 205 75.49 -10.19 -58.66
C ALA H 205 75.08 -9.36 -57.45
N VAL H 206 75.66 -9.66 -56.28
CA VAL H 206 75.35 -8.89 -55.10
C VAL H 206 75.67 -7.44 -55.44
N GLY H 207 74.79 -6.51 -55.05
CA GLY H 207 75.03 -5.11 -55.35
C GLY H 207 74.53 -4.65 -56.71
N ALA H 208 74.14 -5.58 -57.56
CA ALA H 208 73.63 -5.22 -58.88
C ALA H 208 72.11 -5.04 -58.80
N ASN H 209 71.52 -4.36 -59.78
CA ASN H 209 70.07 -4.14 -59.79
C ASN H 209 69.36 -5.47 -60.06
N PRO H 210 68.47 -5.91 -59.15
CA PRO H 210 67.77 -7.19 -59.34
C PRO H 210 66.43 -7.08 -60.07
N LEU H 211 66.07 -5.90 -60.52
CA LEU H 211 64.78 -5.68 -61.20
C LEU H 211 64.36 -6.71 -62.23
N GLU H 212 65.22 -7.00 -63.20
CA GLU H 212 64.91 -7.93 -64.27
C GLU H 212 65.40 -9.35 -64.05
N ALA H 213 66.06 -9.60 -62.92
CA ALA H 213 66.61 -10.92 -62.64
C ALA H 213 65.66 -11.87 -61.92
N ILE H 214 66.03 -13.14 -61.94
CA ILE H 214 65.27 -14.20 -61.28
C ILE H 214 65.95 -14.55 -59.95
N TYR H 215 67.28 -14.64 -59.96
CA TYR H 215 68.05 -14.93 -58.77
C TYR H 215 69.18 -13.91 -58.59
N GLN H 216 69.54 -13.65 -57.34
CA GLN H 216 70.62 -12.72 -57.03
C GLN H 216 71.44 -13.31 -55.89
N GLY H 217 72.74 -13.09 -55.92
CA GLY H 217 73.56 -13.63 -54.85
C GLY H 217 75.02 -13.78 -55.25
N ALA H 218 75.85 -14.15 -54.30
CA ALA H 218 77.28 -14.30 -54.49
C ALA H 218 77.70 -15.29 -55.58
N GLY H 219 76.85 -16.28 -55.85
CA GLY H 219 77.19 -17.26 -56.87
C GLY H 219 76.59 -16.97 -58.24
N ALA H 220 76.00 -15.79 -58.40
CA ALA H 220 75.33 -15.42 -59.65
C ALA H 220 76.15 -15.55 -60.94
N ALA H 221 77.40 -15.07 -60.91
CA ALA H 221 78.26 -15.12 -62.09
C ALA H 221 78.38 -16.53 -62.68
N ASP H 222 78.25 -17.56 -61.84
CA ASP H 222 78.36 -18.93 -62.30
C ASP H 222 77.04 -19.68 -62.41
N CYS H 223 75.93 -18.95 -62.46
CA CYS H 223 74.63 -19.60 -62.64
C CYS H 223 74.34 -19.63 -64.12
N GLU H 224 73.56 -20.60 -64.55
CA GLU H 224 73.20 -20.71 -65.96
C GLU H 224 71.96 -21.54 -66.12
N PHE H 225 71.29 -21.35 -67.26
CA PHE H 225 70.10 -22.15 -67.54
C PHE H 225 70.54 -23.49 -68.12
N GLU H 226 69.96 -24.57 -67.62
CA GLU H 226 70.24 -25.89 -68.16
C GLU H 226 69.38 -25.91 -69.42
N GLU H 227 68.16 -25.39 -69.29
CA GLU H 227 67.22 -25.28 -70.40
C GLU H 227 65.93 -24.62 -69.98
N ILE H 228 65.17 -24.18 -70.98
CA ILE H 228 63.88 -23.52 -70.78
C ILE H 228 62.92 -24.15 -71.77
N SER H 229 61.67 -24.30 -71.35
CA SER H 229 60.63 -24.86 -72.21
C SER H 229 59.38 -24.01 -72.06
N TYR H 230 58.61 -23.91 -73.12
CA TYR H 230 57.38 -23.13 -73.06
C TYR H 230 56.32 -23.88 -73.84
N THR H 231 55.08 -23.67 -73.45
CA THR H 231 53.95 -24.25 -74.14
C THR H 231 52.92 -23.14 -74.16
N VAL H 232 52.39 -22.84 -75.34
CA VAL H 232 51.40 -21.80 -75.47
C VAL H 232 50.05 -22.45 -75.72
N TYR H 233 49.05 -22.06 -74.95
CA TYR H 233 47.70 -22.56 -75.13
C TYR H 233 46.86 -21.40 -75.61
N GLN H 234 46.07 -21.59 -76.66
CA GLN H 234 45.24 -20.52 -77.18
C GLN H 234 43.80 -20.71 -76.75
N SER H 235 43.19 -19.65 -76.22
CA SER H 235 41.80 -19.70 -75.78
C SER H 235 40.96 -18.93 -76.77
N TYR H 236 39.93 -19.59 -77.31
CA TYR H 236 39.08 -18.93 -78.29
C TYR H 236 37.65 -19.46 -78.24
N LEU H 237 36.78 -18.79 -78.99
CA LEU H 237 35.39 -19.20 -79.06
C LEU H 237 35.17 -19.74 -80.46
N ASP H 238 34.61 -20.94 -80.53
CA ASP H 238 34.34 -21.57 -81.82
C ASP H 238 32.84 -21.69 -82.02
N GLN H 239 32.42 -22.11 -83.22
CA GLN H 239 31.00 -22.27 -83.53
C GLN H 239 30.27 -20.96 -83.36
N LEU H 240 30.80 -19.89 -83.96
CA LEU H 240 30.19 -18.59 -83.85
C LEU H 240 28.77 -18.58 -84.42
N PRO H 241 27.84 -17.89 -83.74
CA PRO H 241 26.44 -17.82 -84.19
C PRO H 241 26.26 -17.00 -85.46
N VAL H 242 25.41 -17.50 -86.35
CA VAL H 242 25.12 -16.83 -87.61
C VAL H 242 23.66 -16.36 -87.63
N GLY H 243 23.41 -15.25 -88.30
CA GLY H 243 22.05 -14.72 -88.38
C GLY H 243 21.69 -14.38 -89.82
N GLN H 244 20.67 -13.56 -90.21
CA GLN H 244 20.37 -13.09 -91.58
C GLN H 244 21.37 -12.15 -92.20
N ASN H 245 22.28 -11.76 -91.42
CA ASN H 245 23.41 -10.92 -91.71
C ASN H 245 24.70 -11.70 -91.94
N GLY H 246 24.51 -12.66 -91.43
CA GLY H 246 25.67 -13.51 -91.23
C GLY H 246 26.10 -13.60 -89.78
N TYR H 247 27.41 -13.67 -89.55
CA TYR H 247 27.96 -13.75 -88.19
C TYR H 247 27.44 -12.65 -87.28
N ILE H 248 26.88 -13.04 -86.14
CA ILE H 248 26.39 -12.09 -85.16
C ILE H 248 27.62 -11.73 -84.32
N LEU H 249 28.11 -10.51 -84.47
CA LEU H 249 29.32 -10.09 -83.77
C LEU H 249 29.27 -8.73 -83.07
N PRO H 250 29.92 -8.63 -81.89
CA PRO H 250 29.94 -7.36 -81.15
C PRO H 250 31.00 -6.49 -81.83
N LEU H 251 30.54 -5.62 -82.72
CA LEU H 251 31.44 -4.75 -83.49
C LEU H 251 32.28 -3.77 -82.69
N ILE H 252 31.77 -3.30 -81.56
CA ILE H 252 32.53 -2.37 -80.72
C ILE H 252 33.62 -3.19 -80.03
N ASP H 253 33.24 -4.33 -79.44
CA ASP H 253 34.21 -5.20 -78.77
C ASP H 253 35.40 -5.50 -79.67
N LEU H 254 35.09 -5.98 -80.88
CA LEU H 254 36.12 -6.37 -81.84
C LEU H 254 36.88 -5.23 -82.52
N SER H 255 36.43 -4.00 -82.36
CA SER H 255 37.11 -2.85 -82.95
C SER H 255 37.81 -2.03 -81.86
N THR H 256 37.87 -2.60 -80.65
CA THR H 256 38.51 -1.94 -79.53
C THR H 256 39.75 -2.74 -79.15
N LEU H 257 40.81 -2.06 -78.76
CA LEU H 257 42.04 -2.76 -78.35
C LEU H 257 42.13 -2.71 -76.84
N TYR H 258 42.46 -3.86 -76.23
CA TYR H 258 42.67 -3.92 -74.79
C TYR H 258 44.14 -4.30 -74.73
N ASN H 259 44.96 -3.34 -74.32
CA ASN H 259 46.41 -3.52 -74.28
C ASN H 259 47.07 -3.22 -72.95
N LEU H 260 48.22 -3.85 -72.73
CA LEU H 260 49.05 -3.55 -71.57
C LEU H 260 50.31 -2.97 -72.22
N GLU H 261 50.87 -1.93 -71.63
CA GLU H 261 52.11 -1.31 -72.14
C GLU H 261 52.95 -0.80 -70.98
N ASN H 262 54.26 -0.73 -71.16
CA ASN H 262 55.12 -0.23 -70.09
C ASN H 262 55.95 0.94 -70.60
N SER H 263 56.54 1.69 -69.68
CA SER H 263 57.41 2.81 -70.05
C SER H 263 58.32 3.08 -68.85
N ALA H 264 59.34 3.91 -69.05
CA ALA H 264 60.26 4.26 -67.98
C ALA H 264 60.41 5.77 -67.97
N GLN H 265 60.48 6.34 -66.77
CA GLN H 265 60.62 7.76 -66.59
C GLN H 265 61.69 8.03 -65.55
N ALA H 266 62.49 9.07 -65.75
CA ALA H 266 63.54 9.43 -64.79
C ALA H 266 63.52 10.93 -64.53
N GLY H 267 64.28 11.38 -63.54
CA GLY H 267 64.30 12.80 -63.22
C GLY H 267 63.69 13.11 -61.88
N LEU H 268 63.73 12.12 -60.97
CA LEU H 268 63.16 12.31 -59.63
C LEU H 268 64.08 13.10 -58.71
N THR H 269 63.49 13.93 -57.87
CA THR H 269 64.26 14.74 -56.91
C THR H 269 63.55 14.74 -55.56
N PRO H 270 64.30 14.57 -54.47
CA PRO H 270 63.67 14.54 -53.15
C PRO H 270 62.67 15.66 -52.88
N ASN H 271 61.52 15.27 -52.33
CA ASN H 271 60.45 16.18 -51.98
C ASN H 271 59.80 17.00 -53.08
N VAL H 272 60.03 16.61 -54.33
CA VAL H 272 59.42 17.31 -55.46
C VAL H 272 58.47 16.37 -56.18
N ASP H 273 57.30 16.87 -56.55
CA ASP H 273 56.34 16.04 -57.27
C ASP H 273 56.89 15.59 -58.62
N PHE H 274 56.93 14.27 -58.83
CA PHE H 274 57.37 13.69 -60.10
C PHE H 274 56.06 13.26 -60.74
N VAL H 275 55.73 13.87 -61.87
CA VAL H 275 54.49 13.60 -62.58
C VAL H 275 54.65 12.89 -63.91
N VAL H 276 53.96 11.76 -64.05
CA VAL H 276 54.00 11.01 -65.30
C VAL H 276 52.64 11.24 -65.96
N GLN H 277 52.64 11.99 -67.05
CA GLN H 277 51.39 12.30 -67.73
C GLN H 277 50.77 11.11 -68.46
N TYR H 278 49.44 11.05 -68.46
CA TYR H 278 48.71 10.00 -69.15
C TYR H 278 48.44 10.62 -70.53
N ALA H 279 48.40 9.79 -71.57
CA ALA H 279 48.14 10.29 -72.92
C ALA H 279 46.63 10.42 -73.10
N ASN H 280 46.21 11.11 -74.16
CA ASN H 280 44.78 11.23 -74.40
C ASN H 280 44.37 10.08 -75.32
N LEU H 281 43.07 9.90 -75.51
CA LEU H 281 42.54 8.85 -76.36
C LEU H 281 42.42 7.50 -75.65
N TYR H 282 43.39 7.18 -74.80
CA TYR H 282 43.36 5.90 -74.08
C TYR H 282 42.50 5.97 -72.83
N ARG H 283 41.78 4.88 -72.56
CA ARG H 283 40.96 4.80 -71.35
C ARG H 283 41.78 3.88 -70.43
N TYR H 284 42.53 4.48 -69.51
CA TYR H 284 43.39 3.72 -68.62
C TYR H 284 42.65 3.05 -67.45
N LEU H 285 42.63 1.72 -67.47
CA LEU H 285 41.97 0.91 -66.46
C LEU H 285 42.79 0.71 -65.20
N SER H 286 44.11 0.61 -65.34
CA SER H 286 44.97 0.47 -64.17
C SER H 286 46.35 1.03 -64.44
N THR H 287 47.04 1.39 -63.36
CA THR H 287 48.38 1.92 -63.45
C THR H 287 49.26 1.25 -62.39
N ILE H 288 50.45 0.85 -62.82
CA ILE H 288 51.42 0.25 -61.93
C ILE H 288 52.67 1.11 -62.04
N ALA H 289 53.24 1.46 -60.91
CA ALA H 289 54.45 2.25 -60.89
C ALA H 289 55.45 1.57 -60.00
N VAL H 290 56.61 1.24 -60.54
CA VAL H 290 57.66 0.59 -59.78
C VAL H 290 58.78 1.58 -59.52
N PHE H 291 59.08 1.82 -58.25
CA PHE H 291 60.13 2.78 -57.91
C PHE H 291 61.47 2.06 -57.78
N ASP H 292 62.17 1.99 -58.90
CA ASP H 292 63.48 1.36 -58.96
C ASP H 292 64.40 2.46 -58.46
N ASN H 293 64.64 2.50 -57.15
CA ASN H 293 65.47 3.53 -56.55
C ASN H 293 66.96 3.20 -56.68
N GLY H 294 67.46 3.25 -57.91
CA GLY H 294 68.87 2.95 -58.14
C GLY H 294 69.21 1.53 -57.75
N GLY H 295 68.32 0.59 -58.05
CA GLY H 295 68.59 -0.79 -57.71
C GLY H 295 68.05 -1.24 -56.35
N SER H 296 67.59 -0.28 -55.56
CA SER H 296 67.03 -0.58 -54.25
C SER H 296 65.51 -0.52 -54.37
N PHE H 297 64.84 -1.49 -53.75
CA PHE H 297 63.38 -1.51 -53.77
C PHE H 297 62.92 -1.48 -52.31
N ASN H 298 62.27 -0.38 -51.94
CA ASN H 298 61.83 -0.19 -50.57
C ASN H 298 60.33 -0.26 -50.38
N ALA H 299 59.94 -0.66 -49.17
CA ALA H 299 58.53 -0.77 -48.83
C ALA H 299 57.97 0.59 -48.40
N GLY H 300 57.84 1.48 -49.37
CA GLY H 300 57.29 2.81 -49.14
C GLY H 300 58.10 3.83 -48.35
N THR H 301 59.17 3.39 -47.68
CA THR H 301 59.95 4.31 -46.87
C THR H 301 60.72 5.41 -47.62
N ASP H 302 60.85 5.27 -48.92
CA ASP H 302 61.52 6.27 -49.74
C ASP H 302 60.52 7.18 -50.48
N ILE H 303 59.25 7.09 -50.09
CA ILE H 303 58.21 7.90 -50.72
C ILE H 303 57.39 8.69 -49.70
N ASN H 304 57.09 9.95 -50.03
CA ASN H 304 56.28 10.82 -49.18
C ASN H 304 54.81 10.50 -49.46
N TYR H 305 54.44 10.52 -50.74
CA TYR H 305 53.09 10.18 -51.14
C TYR H 305 52.98 9.90 -52.62
N LEU H 306 51.87 9.30 -53.02
CA LEU H 306 51.57 9.02 -54.41
C LEU H 306 50.18 9.61 -54.66
N SER H 307 49.86 9.88 -55.91
CA SER H 307 48.56 10.46 -56.21
C SER H 307 48.25 10.39 -57.70
N GLN H 308 47.03 10.78 -58.05
CA GLN H 308 46.62 10.90 -59.45
C GLN H 308 46.07 12.33 -59.42
N ARG H 309 46.50 13.16 -60.36
CA ARG H 309 46.10 14.55 -60.38
C ARG H 309 45.66 15.08 -61.74
N THR H 310 44.65 15.94 -61.72
CA THR H 310 44.16 16.56 -62.95
C THR H 310 44.58 18.03 -62.89
N ALA H 311 45.13 18.54 -63.98
CA ALA H 311 45.56 19.93 -64.03
C ALA H 311 44.42 20.86 -63.65
N ASN H 312 44.19 21.49 -63.03
CA ASN H 312 43.33 22.52 -62.52
C ASN H 312 42.76 22.13 -61.18
N PHE H 313 42.02 21.04 -60.87
CA PHE H 313 41.50 20.53 -59.64
C PHE H 313 42.66 20.10 -58.86
N SER H 314 43.48 19.71 -58.73
CA SER H 314 44.25 18.98 -57.73
C SER H 314 44.16 17.46 -57.77
N ASP H 315 44.54 16.83 -56.65
CA ASP H 315 44.58 15.39 -56.52
C ASP H 315 43.25 14.71 -56.15
N THR H 316 43.00 13.57 -56.75
CA THR H 316 41.78 12.81 -56.47
C THR H 316 42.08 11.70 -55.47
N ARG H 317 43.36 11.47 -55.20
CA ARG H 317 43.77 10.45 -54.23
C ARG H 317 45.24 10.55 -53.80
N LYS H 318 45.57 11.67 -53.16
CA LYS H 318 46.93 11.89 -52.65
C LYS H 318 47.00 11.14 -51.32
N LEU H 319 47.80 10.07 -51.29
CA LEU H 319 47.89 9.23 -50.10
C LEU H 319 49.29 8.85 -49.65
N ASP H 320 49.48 8.65 -48.35
CA ASP H 320 50.77 8.22 -47.85
C ASP H 320 50.92 6.78 -48.39
N PRO H 321 52.16 6.27 -48.47
CA PRO H 321 52.38 4.91 -48.99
C PRO H 321 51.59 3.78 -48.33
N LYS H 322 51.46 3.79 -47.01
CA LYS H 322 50.69 2.71 -46.36
C LYS H 322 49.20 2.77 -46.71
N THR H 323 48.65 3.98 -46.77
CA THR H 323 47.23 4.11 -47.11
C THR H 323 47.01 3.76 -48.57
N TRP H 324 47.99 4.05 -49.41
CA TRP H 324 47.90 3.69 -50.83
C TRP H 324 47.88 2.16 -50.87
N ALA H 325 48.77 1.54 -50.10
CA ALA H 325 48.85 0.07 -50.04
C ALA H 325 47.55 -0.54 -49.51
N ALA H 326 46.89 0.16 -48.60
CA ALA H 326 45.63 -0.33 -48.05
C ALA H 326 44.61 -0.49 -49.17
N GLN H 327 44.53 0.50 -50.09
CA GLN H 327 43.59 0.38 -51.19
C GLN H 327 43.93 -0.84 -52.04
N THR H 328 45.22 -1.09 -52.25
CA THR H 328 45.62 -2.26 -53.02
C THR H 328 45.27 -3.56 -52.31
N ARG H 329 45.39 -3.59 -50.98
CA ARG H 329 45.02 -4.81 -50.26
C ARG H 329 43.56 -5.22 -50.49
N ARG H 330 42.71 -4.23 -50.76
CA ARG H 330 41.30 -4.47 -51.04
C ARG H 330 41.11 -5.07 -52.43
N ARG H 331 42.12 -4.90 -53.28
CA ARG H 331 42.03 -5.40 -54.64
C ARG H 331 42.66 -6.77 -54.87
N ILE H 332 43.80 -7.04 -54.22
CA ILE H 332 44.46 -8.32 -54.41
C ILE H 332 44.70 -9.14 -53.13
N ALA H 333 44.09 -8.69 -52.04
CA ALA H 333 44.16 -9.39 -50.76
C ALA H 333 45.56 -9.54 -50.14
N THR H 334 46.50 -8.70 -50.60
CA THR H 334 47.86 -8.72 -50.10
C THR H 334 48.58 -7.51 -50.72
N ASP H 335 49.87 -7.37 -50.47
CA ASP H 335 50.65 -6.26 -51.04
C ASP H 335 51.44 -6.78 -52.25
N PHE H 336 51.67 -5.91 -53.22
CA PHE H 336 52.54 -6.27 -54.34
C PHE H 336 53.94 -6.19 -53.73
N PRO H 337 54.96 -6.72 -54.43
CA PRO H 337 56.34 -6.69 -53.89
C PRO H 337 56.87 -5.29 -53.59
N LYS H 338 57.94 -5.21 -52.80
CA LYS H 338 58.52 -3.92 -52.43
C LYS H 338 58.77 -2.98 -53.61
N GLY H 339 58.31 -1.74 -53.46
CA GLY H 339 58.52 -0.74 -54.48
C GLY H 339 57.54 -0.78 -55.64
N VAL H 340 56.60 -1.71 -55.60
CA VAL H 340 55.60 -1.86 -56.65
C VAL H 340 54.27 -1.27 -56.17
N TYR H 341 53.75 -0.28 -56.89
CA TYR H 341 52.50 0.37 -56.52
C TYR H 341 51.44 0.26 -57.58
N TYR H 342 50.23 -0.08 -57.12
CA TYR H 342 49.12 -0.31 -58.02
C TYR H 342 47.99 0.68 -57.81
N CYS H 343 47.28 0.97 -58.90
CA CYS H 343 46.16 1.90 -58.89
C CYS H 343 45.05 1.36 -59.79
N ASP H 344 43.88 1.12 -59.21
CA ASP H 344 42.71 0.61 -59.95
C ASP H 344 41.80 1.77 -60.36
N ASN H 345 41.54 1.90 -61.66
CA ASN H 345 40.63 2.95 -62.20
C ASN H 345 39.66 2.25 -63.16
N ARG H 346 39.35 0.99 -62.87
CA ARG H 346 38.48 0.21 -63.75
C ARG H 346 37.06 0.72 -63.94
N ASP H 347 36.43 1.16 -62.86
CA ASP H 347 35.06 1.64 -62.97
C ASP H 347 34.94 3.00 -63.65
N LYS H 348 35.98 3.82 -63.50
CA LYS H 348 36.03 5.15 -64.12
C LYS H 348 37.43 5.35 -64.65
N PRO H 349 37.72 4.80 -65.84
CA PRO H 349 39.03 4.88 -66.50
C PRO H 349 39.52 6.31 -66.69
N ILE H 350 40.83 6.51 -66.52
CA ILE H 350 41.44 7.80 -66.72
C ILE H 350 41.33 8.04 -68.22
N TYR H 351 40.69 9.13 -68.61
CA TYR H 351 40.47 9.48 -70.02
C TYR H 351 40.52 11.02 -70.09
N THR H 352 41.66 11.54 -70.53
CA THR H 352 41.88 12.98 -70.59
C THR H 352 41.19 13.79 -71.68
N LEU H 353 40.81 13.71 -72.59
CA LEU H 353 40.62 14.09 -74.02
C LEU H 353 41.79 14.99 -74.49
N GLN H 354 42.46 15.69 -73.61
CA GLN H 354 43.63 16.49 -73.93
C GLN H 354 44.83 15.76 -73.28
N TYR H 355 45.98 15.64 -73.97
CA TYR H 355 47.22 15.03 -73.47
C TYR H 355 47.77 15.61 -72.17
N GLY H 356 47.80 14.81 -71.11
CA GLY H 356 48.33 15.27 -69.84
C GLY H 356 47.37 15.98 -68.91
N ASN H 357 46.27 15.99 -69.21
CA ASN H 357 45.27 16.49 -68.30
C ASN H 357 45.27 15.75 -67.00
N VAL H 358 45.66 14.65 -67.06
CA VAL H 358 45.80 13.84 -65.85
C VAL H 358 47.20 13.21 -65.75
N GLY H 359 47.73 13.18 -64.54
CA GLY H 359 49.05 12.59 -64.33
C GLY H 359 49.12 11.71 -63.09
N PHE H 360 50.08 10.80 -63.08
CA PHE H 360 50.32 9.92 -61.95
C PHE H 360 51.46 10.57 -61.19
N VAL H 361 51.28 10.76 -59.89
CA VAL H 361 52.28 11.44 -59.10
C VAL H 361 52.99 10.66 -58.02
N VAL H 362 54.30 10.86 -57.94
CA VAL H 362 55.11 10.26 -56.90
C VAL H 362 56.03 11.35 -56.36
N ASN H 363 55.90 11.65 -55.07
CA ASN H 363 56.76 12.64 -54.42
C ASN H 363 57.70 11.78 -53.56
N PRO H 364 58.94 11.59 -54.02
CA PRO H 364 59.95 10.79 -53.32
C PRO H 364 60.58 11.44 -52.10
N LYS H 365 60.86 10.62 -51.09
CA LYS H 365 61.49 11.10 -49.87
C LYS H 365 63.00 11.05 -50.06
N THR H 366 63.47 9.94 -50.65
CA THR H 366 64.89 9.77 -50.92
C THR H 366 65.09 9.27 -52.35
N VAL H 367 66.07 9.86 -53.04
CA VAL H 367 66.35 9.48 -54.42
C VAL H 367 67.81 9.09 -54.60
N ASN H 368 68.04 7.82 -54.93
CA ASN H 368 69.39 7.33 -55.14
C ASN H 368 69.83 7.59 -56.59
N GLN H 369 71.09 7.30 -56.88
CA GLN H 369 71.62 7.47 -58.22
C GLN H 369 70.93 6.49 -59.17
N ASN H 370 70.60 6.96 -60.37
CA ASN H 370 69.94 6.13 -61.38
C ASN H 370 68.52 5.70 -60.98
N ALA H 371 67.82 6.58 -60.27
CA ALA H 371 66.45 6.28 -59.87
C ALA H 371 65.51 6.48 -61.06
N ARG H 372 64.42 5.73 -61.06
CA ARG H 372 63.46 5.87 -62.14
C ARG H 372 62.18 5.14 -61.75
N LEU H 373 61.11 5.52 -62.42
CA LEU H 373 59.82 4.89 -62.22
C LEU H 373 59.54 4.08 -63.47
N LEU H 374 59.24 2.80 -63.29
CA LEU H 374 58.89 1.93 -64.39
C LEU H 374 57.37 1.83 -64.34
N MET H 375 56.71 2.39 -65.35
CA MET H 375 55.25 2.43 -65.41
C MET H 375 54.67 1.29 -66.21
N GLY H 376 53.49 0.84 -65.79
CA GLY H 376 52.79 -0.22 -66.51
C GLY H 376 51.33 0.20 -66.61
N TYR H 377 50.76 0.10 -67.81
CA TYR H 377 49.36 0.48 -68.03
C TYR H 377 48.48 -0.56 -68.68
N GLU H 378 47.21 -0.55 -68.29
CA GLU H 378 46.17 -1.40 -68.89
C GLU H 378 45.22 -0.36 -69.48
N TYR H 379 44.87 -0.47 -70.75
CA TYR H 379 43.95 0.53 -71.31
C TYR H 379 43.15 0.00 -72.48
N PHE H 380 42.09 0.74 -72.82
CA PHE H 380 41.22 0.44 -73.96
C PHE H 380 41.43 1.61 -74.91
N THR H 381 41.38 1.34 -76.20
CA THR H 381 41.46 2.41 -77.19
C THR H 381 40.89 1.87 -78.49
N SER H 382 39.94 3.41 -78.77
CA SER H 382 39.26 3.26 -80.10
C SER H 382 40.34 3.07 -81.17
N ARG H 383 40.27 1.94 -81.81
CA ARG H 383 41.37 1.52 -82.67
C ARG H 383 41.84 2.61 -83.63
N THR H 384 40.96 3.42 -84.11
CA THR H 384 41.24 4.52 -85.02
C THR H 384 41.96 5.66 -84.38
N GLU H 385 41.54 6.00 -83.11
CA GLU H 385 42.14 7.09 -82.21
C GLU H 385 43.65 6.74 -81.90
N LEU H 386 43.88 5.49 -81.55
CA LEU H 386 45.28 5.01 -81.32
C LEU H 386 46.12 5.05 -82.60
N VAL H 387 45.50 4.70 -83.70
CA VAL H 387 46.16 4.81 -84.99
C VAL H 387 46.60 6.24 -85.33
N ASN H 388 45.64 7.25 -85.08
CA ASN H 388 45.98 8.55 -85.56
C ASN H 388 46.38 9.57 -84.49
N ALA H 389 45.90 9.56 -83.28
CA ALA H 389 46.11 10.62 -82.24
C ALA H 389 46.61 10.16 -80.92
N GLY H 390 47.45 9.46 -80.61
CA GLY H 390 47.94 8.93 -79.30
C GLY H 390 49.48 9.07 -78.99
N THR H 391 49.85 8.91 -77.69
CA THR H 391 51.24 9.02 -77.24
C THR H 391 51.31 8.34 -75.88
N ILE H 392 52.49 8.28 -75.34
CA ILE H 392 52.62 7.76 -73.96
C ILE H 392 53.05 8.89 -73.02
N SER H 393 53.98 8.10 -72.02
CA SER H 393 54.87 8.86 -71.14
C SER H 393 55.48 9.98 -71.76
N THR H 394 55.11 11.27 -71.09
CA THR H 394 55.50 12.63 -71.46
C THR H 394 56.17 13.23 -70.23
N THR H 395 57.39 13.71 -70.33
CA THR H 395 57.93 14.65 -69.33
C THR H 395 57.22 16.01 -69.34
N VAL I 4 8.36 -17.12 -40.97
CA VAL I 4 6.81 -16.59 -40.48
C VAL I 4 7.41 -16.03 -38.98
N GLN I 5 8.63 -15.47 -39.16
CA GLN I 5 8.75 -14.45 -38.14
C GLN I 5 7.98 -13.23 -38.66
N GLN I 6 7.39 -12.55 -37.72
CA GLN I 6 6.53 -11.47 -38.14
C GLN I 6 6.84 -10.20 -37.42
N LEU I 7 6.71 -8.33 -39.21
CA LEU I 7 5.66 -8.38 -40.17
C LEU I 7 6.08 -8.80 -41.56
N THR I 8 6.34 -8.91 -42.37
CA THR I 8 6.86 -9.43 -43.66
C THR I 8 7.41 -8.28 -44.59
N PRO I 9 6.84 -8.87 -46.07
CA PRO I 9 7.25 -7.83 -47.04
C PRO I 9 6.26 -6.64 -47.15
N ALA I 10 5.16 -6.61 -46.34
CA ALA I 10 4.23 -5.49 -46.17
C ALA I 10 4.94 -4.23 -45.60
N GLN I 11 6.11 -4.38 -44.97
CA GLN I 11 6.91 -3.21 -44.51
C GLN I 11 7.24 -2.26 -45.72
N GLN I 12 7.46 -2.82 -46.89
CA GLN I 12 7.72 -2.08 -48.14
C GLN I 12 6.48 -1.37 -48.68
N ALA I 13 5.31 -2.01 -48.62
CA ALA I 13 4.00 -1.42 -49.01
C ALA I 13 3.72 -0.22 -48.10
N ALA I 14 4.49 -0.35 -46.94
CA ALA I 14 4.03 0.69 -46.05
C ALA I 14 4.83 1.99 -46.35
N LEU I 15 6.14 1.81 -46.65
CA LEU I 15 7.01 3.04 -46.88
C LEU I 15 6.50 3.80 -48.12
N ARG I 16 6.38 3.02 -49.17
CA ARG I 16 5.69 3.43 -50.32
C ARG I 16 6.46 4.22 -51.24
N ASN I 17 6.82 4.87 -51.82
CA ASN I 17 7.44 5.85 -52.63
C ASN I 17 8.80 5.48 -53.01
N GLN I 18 6.71 3.20 -53.51
CA GLN I 18 7.45 2.65 -54.63
C GLN I 18 8.05 3.65 -55.56
N GLN I 19 7.30 4.80 -55.89
CA GLN I 19 7.77 5.96 -56.64
C GLN I 19 8.96 6.61 -55.93
N ALA I 20 8.85 6.72 -54.60
CA ALA I 20 9.90 7.31 -53.78
C ALA I 20 11.19 6.48 -53.86
N MET I 21 11.16 5.11 -53.64
CA MET I 21 12.29 4.21 -53.73
C MET I 21 12.86 4.16 -55.14
N ALA I 22 11.96 4.14 -56.12
CA ALA I 22 12.36 4.10 -57.52
C ALA I 22 13.17 5.34 -57.84
N ALA I 23 12.71 6.49 -57.37
CA ALA I 23 13.38 7.75 -57.58
C ALA I 23 14.71 7.78 -56.85
N ASN I 24 14.68 7.41 -55.57
CA ASN I 24 15.89 7.38 -54.74
C ASN I 24 16.99 6.60 -55.43
N LEU I 25 16.67 5.38 -55.83
CA LEU I 25 17.63 4.52 -56.50
C LEU I 25 18.17 5.12 -57.80
N GLN I 26 17.31 5.77 -58.58
CA GLN I 26 17.74 6.38 -59.83
C GLN I 26 18.71 7.52 -59.53
N ALA I 27 18.36 8.32 -58.54
CA ALA I 27 19.19 9.46 -58.15
C ALA I 27 20.56 8.98 -57.66
N ARG I 28 20.56 7.88 -56.91
CA ARG I 28 21.80 7.33 -56.40
C ARG I 28 22.73 6.97 -57.56
N GLN I 29 22.17 6.29 -58.55
CA GLN I 29 22.93 5.88 -59.71
C GLN I 29 23.48 7.06 -60.51
N ILE I 30 22.70 8.13 -60.62
CA ILE I 30 23.17 9.31 -61.34
C ILE I 30 24.32 9.93 -60.57
N VAL I 31 24.19 10.00 -59.26
CA VAL I 31 25.26 10.56 -58.43
C VAL I 31 26.54 9.76 -58.57
N LEU I 32 26.42 8.43 -58.47
CA LEU I 32 27.60 7.57 -58.59
C LEU I 32 28.25 7.69 -59.98
N GLN I 33 27.40 7.79 -60.99
CA GLN I 33 27.86 7.90 -62.37
C GLN I 33 28.49 9.26 -62.70
N GLN I 34 27.89 10.32 -62.19
CA GLN I 34 28.35 11.68 -62.47
C GLN I 34 29.40 12.32 -61.57
N SER I 35 29.37 12.03 -60.27
CA SER I 35 30.34 12.64 -59.36
C SER I 35 31.67 11.93 -59.46
N TYR I 36 32.68 12.48 -58.78
CA TYR I 36 33.99 11.85 -58.77
C TYR I 36 34.43 11.62 -57.32
N PRO I 37 34.87 10.40 -57.01
CA PRO I 37 35.33 10.01 -55.67
C PRO I 37 36.65 10.66 -55.29
N VAL I 38 36.74 11.11 -54.05
CA VAL I 38 37.96 11.74 -53.56
C VAL I 38 38.26 11.22 -52.17
N ILE I 39 39.54 10.94 -51.91
CA ILE I 39 39.94 10.53 -50.56
C ILE I 39 41.00 11.57 -50.27
N GLN I 40 40.82 12.28 -49.16
CA GLN I 40 41.71 13.39 -48.83
C GLN I 40 42.06 13.46 -47.35
N GLN I 41 43.33 13.76 -47.06
CA GLN I 41 43.74 13.88 -45.68
C GLN I 41 43.08 15.12 -45.10
N VAL I 42 42.52 15.00 -43.90
CA VAL I 42 41.90 16.17 -43.29
C VAL I 42 42.63 16.56 -42.01
N GLU I 43 43.37 15.63 -41.43
CA GLU I 43 44.09 15.94 -40.19
C GLU I 43 45.08 14.86 -39.76
N THR I 44 46.23 15.30 -39.23
CA THR I 44 47.24 14.40 -38.71
C THR I 44 47.71 14.98 -37.39
N GLN I 45 48.06 14.13 -36.44
CA GLN I 45 48.52 14.62 -35.16
C GLN I 45 49.30 13.56 -34.41
N THR I 46 50.32 14.00 -33.69
CA THR I 46 51.15 13.11 -32.90
C THR I 46 51.07 13.60 -31.47
N PHE I 47 50.95 12.69 -30.53
CA PHE I 47 50.80 13.09 -29.14
C PHE I 47 51.26 12.01 -28.18
N ASP I 48 51.30 12.36 -26.90
CA ASP I 48 51.67 11.44 -25.83
C ASP I 48 50.43 11.22 -25.00
N PRO I 49 49.94 9.97 -24.95
CA PRO I 49 48.75 9.57 -24.20
C PRO I 49 48.76 10.01 -22.73
N ALA I 50 49.95 10.29 -22.20
CA ALA I 50 50.05 10.72 -20.81
C ALA I 50 49.40 12.11 -20.65
N ASN I 51 49.42 12.90 -21.71
CA ASN I 51 48.86 14.25 -21.70
C ASN I 51 47.44 14.35 -22.20
N ARG I 52 47.11 13.57 -23.22
CA ARG I 52 45.77 13.60 -23.79
C ARG I 52 45.51 12.37 -24.66
N SER I 53 44.25 11.98 -24.77
CA SER I 53 43.90 10.82 -25.56
C SER I 53 42.54 10.94 -26.25
N VAL I 54 41.89 12.09 -26.07
CA VAL I 54 40.59 12.32 -26.71
C VAL I 54 40.71 13.47 -27.69
N PHE I 55 40.32 13.25 -28.93
CA PHE I 55 40.40 14.28 -29.97
C PHE I 55 39.12 14.43 -30.75
N ASP I 56 38.81 15.66 -31.14
CA ASP I 56 37.61 15.92 -31.92
C ASP I 56 38.10 16.43 -33.27
N VAL I 57 37.98 15.59 -34.30
CA VAL I 57 38.42 15.93 -35.64
C VAL I 57 37.28 16.62 -36.40
N THR I 58 37.62 17.68 -37.12
CA THR I 58 36.61 18.40 -37.88
C THR I 58 36.76 18.10 -39.36
N PRO I 59 35.82 17.31 -39.91
CA PRO I 59 35.83 16.93 -41.33
C PRO I 59 35.58 18.15 -42.19
N ALA I 60 35.86 18.02 -43.48
CA ALA I 60 35.62 19.10 -44.41
C ALA I 60 34.15 19.00 -44.83
N ASN I 61 33.48 20.14 -45.00
CA ASN I 61 32.09 20.14 -45.44
C ASN I 61 32.06 20.24 -46.95
N VAL I 62 32.19 19.11 -47.63
CA VAL I 62 32.19 19.10 -49.08
C VAL I 62 31.48 17.89 -49.69
N GLY I 63 30.58 18.14 -50.63
CA GLY I 63 29.85 17.08 -51.30
C GLY I 63 29.15 16.08 -50.40
N ILE I 64 29.11 14.83 -50.83
CA ILE I 64 28.49 13.75 -50.07
C ILE I 64 29.60 12.96 -49.41
N VAL I 65 29.61 12.93 -48.08
CA VAL I 65 30.66 12.22 -47.34
C VAL I 65 30.26 10.76 -47.15
N LYS I 66 31.18 9.86 -47.50
CA LYS I 66 30.94 8.43 -47.41
C LYS I 66 31.55 7.78 -46.18
N GLY I 67 32.68 8.32 -45.71
CA GLY I 67 33.30 7.73 -44.54
C GLY I 67 34.68 8.28 -44.27
N PHE I 68 35.34 7.74 -43.24
CA PHE I 68 36.66 8.20 -42.86
C PHE I 68 37.61 7.04 -42.64
N LEU I 69 38.81 7.12 -43.22
CA LEU I 69 39.80 6.08 -43.01
C LEU I 69 40.73 6.65 -41.96
N VAL I 70 40.83 5.97 -40.83
CA VAL I 70 41.68 6.47 -39.76
C VAL I 70 42.91 5.60 -39.60
N LYS I 71 44.08 6.19 -39.83
CA LYS I 71 45.36 5.51 -39.69
C LYS I 71 45.93 5.85 -38.33
N VAL I 72 46.32 4.84 -37.57
CA VAL I 72 46.88 5.05 -36.24
C VAL I 72 48.21 4.31 -36.11
N THR I 73 49.26 5.01 -35.70
CA THR I 73 50.56 4.37 -35.49
C THR I 73 50.96 4.65 -34.05
N ALA I 74 51.71 3.74 -33.46
CA ALA I 74 52.13 3.92 -32.08
C ALA I 74 53.42 3.19 -31.78
N ALA I 75 54.17 3.73 -30.82
CA ALA I 75 55.40 3.10 -30.36
C ALA I 75 55.14 2.81 -28.89
N ILE I 76 55.32 1.56 -28.50
CA ILE I 76 55.11 1.14 -27.13
C ILE I 76 56.43 0.62 -26.56
N THR I 77 56.82 1.17 -25.41
CA THR I 77 58.05 0.75 -24.77
C THR I 77 57.79 -0.07 -23.51
N ASN I 78 58.41 -1.24 -23.45
CA ASN I 78 58.29 -2.08 -22.27
C ASN I 78 59.50 -1.71 -21.40
N ASN I 79 59.28 -0.87 -20.40
CA ASN I 79 60.38 -0.45 -19.52
C ASN I 79 60.62 -1.40 -18.36
N HIS I 80 59.94 -2.54 -18.37
CA HIS I 80 60.11 -3.48 -17.27
C HIS I 80 61.55 -3.97 -17.30
N ALA I 81 62.06 -4.34 -16.12
CA ALA I 81 63.43 -4.82 -16.02
C ALA I 81 63.67 -6.17 -16.69
N THR I 82 62.75 -7.11 -16.51
CA THR I 82 62.93 -8.46 -17.04
C THR I 82 61.74 -9.20 -17.66
N GLU I 83 60.52 -8.66 -17.49
CA GLU I 83 59.34 -9.33 -18.01
C GLU I 83 58.78 -8.75 -19.30
N ALA I 84 58.34 -9.63 -20.19
CA ALA I 84 57.77 -9.22 -21.48
C ALA I 84 56.26 -9.15 -21.40
N VAL I 85 55.64 -8.71 -22.51
CA VAL I 85 54.19 -8.69 -22.61
C VAL I 85 53.88 -9.22 -24.01
N ALA I 86 52.67 -9.73 -24.19
CA ALA I 86 52.26 -10.27 -25.49
C ALA I 86 50.91 -9.70 -25.88
N LEU I 87 50.68 -9.64 -27.19
CA LEU I 87 49.40 -9.15 -27.69
C LEU I 87 48.20 -9.85 -27.10
N THR I 88 47.16 -9.08 -26.83
CA THR I 88 45.89 -9.64 -26.37
C THR I 88 45.23 -10.15 -27.68
N ASP I 89 44.05 -10.76 -27.58
CA ASP I 89 43.35 -11.23 -28.79
C ASP I 89 42.99 -10.08 -29.73
N PHE I 90 42.65 -8.91 -29.19
CA PHE I 90 42.28 -7.77 -30.05
C PHE I 90 43.49 -6.95 -30.45
N GLY I 91 44.54 -6.98 -29.63
CA GLY I 91 45.76 -6.28 -29.97
C GLY I 91 45.64 -4.85 -30.47
N PRO I 92 46.21 -4.54 -31.65
CA PRO I 92 46.12 -3.17 -32.16
C PRO I 92 44.72 -2.65 -32.43
N ALA I 93 43.72 -3.53 -32.45
CA ALA I 93 42.36 -3.07 -32.69
C ALA I 93 41.90 -2.24 -31.48
N ASN I 94 42.66 -2.30 -30.39
CA ASN I 94 42.31 -1.49 -29.22
C ASN I 94 43.10 -0.18 -29.16
N LEU I 95 43.77 0.20 -30.24
CA LEU I 95 44.51 1.47 -30.26
C LEU I 95 43.50 2.63 -30.18
N VAL I 96 42.30 2.39 -30.70
CA VAL I 96 41.21 3.37 -30.59
C VAL I 96 40.21 2.69 -29.66
N GLN I 97 39.89 3.35 -28.55
CA GLN I 97 38.93 2.77 -27.60
C GLN I 97 37.48 3.03 -28.05
N ARG I 98 37.21 4.23 -28.53
CA ARG I 98 35.86 4.59 -28.99
C ARG I 98 35.85 5.63 -30.09
N VAL I 99 34.76 5.63 -30.83
CA VAL I 99 34.55 6.58 -31.91
C VAL I 99 33.11 7.09 -31.85
N ILE I 100 32.90 8.36 -32.15
CA ILE I 100 31.55 8.90 -32.22
C ILE I 100 31.52 9.91 -33.35
N TYR I 101 30.49 9.83 -34.19
CA TYR I 101 30.36 10.79 -35.29
C TYR I 101 29.04 11.57 -35.20
N TYR I 102 29.14 12.89 -35.32
CA TYR I 102 27.96 13.76 -35.33
C TYR I 102 27.92 14.45 -36.69
N ASP I 103 26.76 14.45 -37.36
CA ASP I 103 26.67 15.10 -38.66
C ASP I 103 26.38 16.62 -38.50
N PRO I 104 26.32 17.37 -39.61
CA PRO I 104 26.05 18.82 -39.54
C PRO I 104 24.75 19.22 -38.85
N ASP I 105 23.81 18.29 -38.76
CA ASP I 105 22.53 18.55 -38.11
C ASP I 105 22.52 18.10 -36.65
N ASN I 106 23.71 17.88 -36.09
CA ASN I 106 23.84 17.47 -34.70
C ASN I 106 23.29 16.08 -34.42
N GLN I 107 23.07 15.27 -35.45
CA GLN I 107 22.56 13.91 -35.25
C GLN I 107 23.73 12.93 -35.21
N ARG I 108 23.73 12.05 -34.22
CA ARG I 108 24.78 11.06 -34.11
C ARG I 108 24.56 9.87 -35.03
N HIS I 109 25.65 9.34 -35.56
CA HIS I 109 25.53 8.15 -36.38
C HIS I 109 26.24 7.09 -35.54
N THR I 110 27.40 6.62 -35.96
CA THR I 110 28.10 5.61 -35.18
C THR I 110 28.61 6.08 -33.81
N GLU I 111 28.42 5.24 -32.81
CA GLU I 111 28.93 5.48 -31.46
C GLU I 111 29.27 4.08 -30.95
N THR I 112 30.53 3.69 -31.11
CA THR I 112 30.90 2.35 -30.69
C THR I 112 32.38 2.23 -30.30
N SER I 113 32.80 1.02 -29.94
CA SER I 113 34.19 0.77 -29.56
C SER I 113 35.08 0.54 -30.77
N GLY I 114 36.38 0.76 -30.60
CA GLY I 114 37.29 0.52 -31.70
C GLY I 114 37.27 -0.95 -32.12
N TRP I 115 37.22 -1.87 -31.15
CA TRP I 115 37.23 -3.28 -31.55
C TRP I 115 35.96 -3.68 -32.29
N HIS I 116 34.80 -3.13 -31.92
CA HIS I 116 33.57 -3.49 -32.64
C HIS I 116 33.66 -2.92 -34.06
N LEU I 117 34.09 -1.66 -34.17
CA LEU I 117 34.22 -1.03 -35.49
C LEU I 117 35.12 -1.89 -36.39
N HIS I 118 36.24 -2.36 -35.82
CA HIS I 118 37.16 -3.19 -36.56
C HIS I 118 36.52 -4.51 -37.02
N PHE I 119 35.77 -5.16 -36.12
CA PHE I 119 35.13 -6.42 -36.50
C PHE I 119 34.11 -6.23 -37.61
N VAL I 120 33.42 -5.09 -37.61
CA VAL I 120 32.46 -4.81 -38.69
C VAL I 120 33.24 -4.55 -40.00
N ASN I 121 34.38 -3.85 -39.90
CA ASN I 121 35.21 -3.59 -41.08
C ASN I 121 35.56 -4.96 -41.71
N THR I 122 35.91 -5.92 -40.86
CA THR I 122 36.24 -7.27 -41.31
C THR I 122 35.00 -7.96 -41.93
N ALA I 123 33.87 -7.92 -41.24
CA ALA I 123 32.65 -8.54 -41.76
C ALA I 123 32.28 -7.98 -43.13
N LYS I 124 32.41 -6.66 -43.31
CA LYS I 124 32.08 -6.03 -44.59
C LYS I 124 33.07 -6.37 -45.70
N GLN I 125 34.34 -6.57 -45.36
CA GLN I 125 35.33 -6.93 -46.36
C GLN I 125 35.20 -8.41 -46.77
N GLY I 126 34.76 -9.25 -45.83
CA GLY I 126 34.65 -10.68 -46.13
C GLY I 126 35.95 -11.41 -45.79
N ALA I 127 36.83 -10.73 -45.06
CA ALA I 127 38.12 -11.28 -44.62
C ALA I 127 38.71 -10.30 -43.60
N PRO I 128 39.67 -10.76 -42.77
CA PRO I 128 40.29 -9.85 -41.78
C PRO I 128 40.64 -8.54 -42.49
N PHE I 129 40.09 -7.44 -41.98
CA PHE I 129 40.28 -6.12 -42.58
C PHE I 129 41.70 -5.74 -42.94
N LEU I 130 41.90 -5.37 -44.21
CA LEU I 130 43.20 -4.94 -44.74
C LEU I 130 44.34 -5.94 -44.46
N SER I 131 44.00 -7.23 -44.38
CA SER I 131 45.01 -8.25 -44.14
C SER I 131 45.69 -8.68 -45.44
N SER I 132 46.81 -9.37 -45.29
CA SER I 132 47.57 -9.93 -46.41
C SER I 132 47.42 -11.45 -46.29
N MET I 133 46.75 -12.04 -47.27
CA MET I 133 46.51 -13.48 -47.32
C MET I 133 47.80 -14.19 -47.69
N VAL I 134 48.06 -15.34 -47.08
CA VAL I 134 49.26 -16.11 -47.40
C VAL I 134 48.97 -17.10 -48.52
N THR I 135 49.86 -17.17 -49.51
CA THR I 135 49.71 -18.12 -50.64
C THR I 135 51.07 -18.72 -50.95
N ASP I 136 51.08 -19.71 -51.85
CA ASP I 136 52.30 -20.38 -52.27
C ASP I 136 52.99 -19.61 -53.39
N SER I 137 52.55 -18.41 -53.72
CA SER I 137 53.18 -17.72 -54.85
C SER I 137 54.68 -17.49 -54.67
N PRO I 138 55.50 -17.88 -55.66
CA PRO I 138 56.94 -17.68 -55.56
C PRO I 138 57.28 -16.20 -55.77
N ILE I 139 56.38 -15.47 -56.46
CA ILE I 139 56.58 -14.03 -56.68
C ILE I 139 56.40 -13.42 -55.29
N LYS I 140 57.27 -12.47 -54.93
CA LYS I 140 57.22 -11.98 -53.56
C LYS I 140 56.13 -11.03 -53.08
N TYR I 141 54.88 -11.45 -53.30
CA TYR I 141 53.72 -10.75 -52.74
C TYR I 141 53.80 -11.15 -51.27
N GLY I 142 53.03 -10.50 -50.41
CA GLY I 142 53.04 -10.88 -49.00
C GLY I 142 52.85 -9.68 -48.12
N ASP I 143 53.27 -9.81 -46.87
CA ASP I 143 53.16 -8.70 -45.95
C ASP I 143 54.41 -7.85 -46.19
N VAL I 144 54.32 -7.02 -47.21
CA VAL I 144 55.41 -6.15 -47.63
C VAL I 144 55.32 -4.78 -46.95
N MET I 145 54.10 -4.28 -46.86
CA MET I 145 53.84 -2.94 -46.34
C MET I 145 53.34 -2.83 -44.90
N ASN I 146 53.15 -3.95 -44.22
CA ASN I 146 52.70 -3.94 -42.83
C ASN I 146 51.58 -2.94 -42.57
N VAL I 147 50.51 -3.06 -43.35
CA VAL I 147 49.37 -2.15 -43.25
C VAL I 147 48.71 -2.16 -41.87
N ILE I 148 48.41 -3.35 -41.34
CA ILE I 148 47.88 -3.46 -39.98
C ILE I 148 48.92 -4.41 -39.37
N ASP I 149 49.61 -3.94 -38.35
CA ASP I 149 50.73 -4.70 -37.84
C ASP I 149 51.04 -4.41 -36.38
N ALA I 150 51.52 -5.41 -35.66
CA ALA I 150 51.91 -5.24 -34.25
C ALA I 150 52.77 -6.43 -33.81
N PRO I 151 53.87 -6.16 -33.09
CA PRO I 151 54.76 -7.23 -32.61
C PRO I 151 53.99 -8.19 -31.71
N ALA I 152 54.18 -9.49 -31.91
CA ALA I 152 53.50 -10.49 -31.10
C ALA I 152 53.85 -10.32 -29.63
N THR I 153 55.09 -9.91 -29.38
CA THR I 153 55.53 -9.68 -28.01
C THR I 153 56.46 -8.49 -28.02
N ILE I 154 56.60 -7.84 -26.87
CA ILE I 154 57.54 -6.73 -26.73
C ILE I 154 58.32 -7.16 -25.48
N ALA I 155 59.59 -7.50 -25.67
CA ALA I 155 60.42 -7.94 -24.57
C ALA I 155 60.81 -6.81 -23.64
N ALA I 156 61.21 -7.18 -22.42
CA ALA I 156 61.63 -6.21 -21.41
C ALA I 156 62.70 -5.33 -22.03
N GLY I 157 62.48 -4.01 -21.98
CA GLY I 157 63.44 -3.06 -22.50
C GLY I 157 63.27 -2.72 -23.97
N ALA I 158 62.38 -3.42 -24.66
CA ALA I 158 62.17 -3.18 -26.09
C ALA I 158 61.06 -2.18 -26.41
N THR I 159 61.09 -1.66 -27.64
CA THR I 159 60.07 -0.75 -28.10
C THR I 159 59.47 -1.36 -29.38
N GLY I 160 58.14 -1.49 -29.40
CA GLY I 160 57.48 -2.05 -30.57
C GLY I 160 56.71 -0.99 -31.33
N GLU I 161 56.62 -1.16 -32.65
CA GLU I 161 55.93 -0.23 -33.52
C GLU I 161 54.66 -0.89 -34.05
N LEU I 162 53.53 -0.18 -33.94
CA LEU I 162 52.24 -0.71 -34.36
C LEU I 162 51.55 0.17 -35.38
N THR I 163 50.73 -0.44 -36.23
CA THR I 163 49.97 0.30 -37.23
C THR I 163 48.58 -0.30 -37.27
N MET I 164 47.55 0.55 -37.22
CA MET I 164 46.17 0.09 -37.25
C MET I 164 45.35 1.01 -38.14
N TYR I 165 44.37 0.46 -38.84
CA TYR I 165 43.48 1.25 -39.68
C TYR I 165 42.03 0.91 -39.32
N TYR I 166 41.16 1.92 -39.35
CA TYR I 166 39.74 1.75 -39.09
C TYR I 166 39.00 2.52 -40.17
N TRP I 167 37.87 1.99 -40.62
CA TRP I 167 37.05 2.70 -41.57
C TRP I 167 35.78 3.06 -40.82
N VAL I 168 35.51 4.35 -40.66
CA VAL I 168 34.29 4.79 -39.99
C VAL I 168 33.33 5.05 -41.14
N PRO I 169 32.31 4.19 -41.30
CA PRO I 169 31.36 4.38 -42.39
C PRO I 169 30.21 5.33 -42.11
N LEU I 170 29.78 6.04 -43.15
CA LEU I 170 28.58 6.87 -43.07
C LEU I 170 27.74 6.13 -44.13
N ALA I 171 28.22 6.13 -45.37
CA ALA I 171 27.53 5.39 -46.42
C ALA I 171 27.72 3.91 -46.13
N TYR I 172 26.74 3.09 -46.50
CA TYR I 172 26.84 1.65 -46.26
C TYR I 172 28.00 1.01 -47.05
N SER I 173 28.17 1.39 -48.31
CA SER I 173 29.24 0.85 -49.13
C SER I 173 29.64 1.83 -50.24
N GLU I 174 30.50 1.39 -51.16
CA GLU I 174 30.91 2.26 -52.26
C GLU I 174 29.78 2.43 -53.28
N THR I 175 28.86 1.47 -53.32
CA THR I 175 27.74 1.51 -54.26
C THR I 175 26.37 1.78 -53.63
N ASP I 176 26.26 1.66 -52.32
CA ASP I 176 25.00 1.89 -51.61
C ASP I 176 25.23 3.11 -50.71
N LEU I 177 24.67 4.26 -51.10
CA LEU I 177 24.87 5.47 -50.33
C LEU I 177 23.95 5.68 -49.13
N THR I 178 23.20 4.65 -48.76
CA THR I 178 22.34 4.72 -47.60
C THR I 178 23.22 5.09 -46.42
N GLY I 179 22.86 6.15 -45.69
CA GLY I 179 23.64 6.56 -44.53
C GLY I 179 24.67 7.63 -44.82
N ALA I 180 24.90 7.94 -46.09
CA ALA I 180 25.86 8.97 -46.44
C ALA I 180 25.36 10.34 -45.94
N VAL I 181 26.27 11.30 -45.84
CA VAL I 181 25.96 12.64 -45.35
C VAL I 181 26.23 13.76 -46.35
N LEU I 182 25.22 14.58 -46.61
CA LEU I 182 25.38 15.72 -47.52
C LEU I 182 26.01 16.84 -46.68
N ALA I 183 27.25 17.21 -47.01
CA ALA I 183 27.95 18.24 -46.25
C ALA I 183 28.32 19.51 -46.99
N ASN I 184 27.93 19.47 -48.13
CA ASN I 184 27.94 20.73 -48.87
C ASN I 184 26.98 21.80 -48.44
N VAL I 185 26.02 21.47 -47.61
CA VAL I 185 24.88 22.35 -47.43
C VAL I 185 24.80 23.08 -46.20
N PRO I 186 25.45 23.38 -45.44
CA PRO I 186 25.52 24.02 -44.16
C PRO I 186 26.93 24.19 -43.78
N GLN I 187 27.27 25.42 -43.20
CA GLN I 187 28.52 25.80 -42.57
C GLN I 187 28.76 25.12 -41.26
N SER I 188 27.64 24.53 -40.64
CA SER I 188 27.64 23.76 -39.40
C SER I 188 28.62 22.59 -39.50
N LYS I 189 29.51 22.49 -38.53
CA LYS I 189 30.55 21.47 -38.55
C LYS I 189 30.18 20.03 -38.16
N GLN I 190 30.95 19.11 -38.72
CA GLN I 190 30.79 17.70 -38.43
C GLN I 190 31.74 17.48 -37.28
N ARG I 191 31.52 16.41 -36.53
CA ARG I 191 32.39 16.09 -35.42
C ARG I 191 32.75 14.61 -35.48
N LEU I 192 34.03 14.28 -35.61
CA LEU I 192 34.47 12.88 -35.58
C LEU I 192 35.28 12.81 -34.30
N LYS I 193 34.69 12.22 -33.25
CA LYS I 193 35.36 12.12 -31.97
C LYS I 193 36.11 10.79 -31.84
N LEU I 194 37.37 10.87 -31.45
CA LEU I 194 38.19 9.67 -31.29
C LEU I 194 38.82 9.62 -29.92
N GLU I 195 38.63 8.50 -29.23
CA GLU I 195 39.26 8.33 -27.93
C GLU I 195 40.27 7.21 -28.08
N PHE I 196 41.55 7.54 -27.91
CA PHE I 196 42.62 6.56 -28.04
C PHE I 196 42.98 5.81 -26.77
N ALA I 197 43.68 4.70 -26.95
CA ALA I 197 44.17 3.91 -25.83
C ALA I 197 45.14 4.84 -25.08
N ASN I 198 45.36 4.55 -23.81
CA ASN I 198 46.31 5.33 -23.01
C ASN I 198 47.10 4.38 -22.13
N ASN I 199 47.96 4.93 -21.26
CA ASN I 199 48.78 4.05 -20.42
C ASN I 199 47.99 3.27 -19.40
N ASN I 200 46.72 3.61 -19.25
CA ASN I 200 45.85 2.92 -18.30
C ASN I 200 44.99 1.85 -18.97
N THR I 201 44.77 1.94 -20.28
CA THR I 201 43.92 0.94 -20.94
C THR I 201 44.67 -0.07 -21.80
N ALA I 202 45.82 0.34 -22.34
CA ALA I 202 46.58 -0.52 -23.26
C ALA I 202 47.32 -1.72 -22.68
N PHE I 203 47.58 -1.72 -21.38
CA PHE I 203 48.35 -2.79 -20.79
C PHE I 203 47.68 -3.51 -19.64
N ALA I 204 47.55 -4.83 -19.77
CA ALA I 204 46.89 -5.63 -18.75
C ALA I 204 47.86 -6.54 -18.01
N ALA I 205 47.76 -6.52 -16.70
CA ALA I 205 48.61 -7.36 -15.86
C ALA I 205 48.13 -8.81 -15.98
N VAL I 206 49.02 -9.76 -15.70
CA VAL I 206 48.64 -11.16 -15.75
C VAL I 206 47.44 -11.30 -14.81
N GLY I 207 46.42 -12.03 -15.25
CA GLY I 207 45.26 -12.21 -14.39
C GLY I 207 44.20 -11.12 -14.51
N ALA I 208 44.53 -10.02 -15.18
CA ALA I 208 43.57 -8.95 -15.35
C ALA I 208 42.79 -9.17 -16.65
N ASN I 209 41.64 -8.52 -16.79
CA ASN I 209 40.81 -8.65 -18.00
C ASN I 209 41.53 -8.00 -19.18
N PRO I 210 41.81 -8.76 -20.25
CA PRO I 210 42.51 -8.19 -21.42
C PRO I 210 41.59 -7.62 -22.50
N LEU I 211 40.29 -7.62 -22.26
CA LEU I 211 39.33 -7.14 -23.27
C LEU I 211 39.67 -5.85 -23.99
N GLU I 212 39.96 -4.79 -23.24
CA GLU I 212 40.26 -3.48 -23.83
C GLU I 212 41.73 -3.18 -24.01
N ALA I 213 42.60 -4.12 -23.64
CA ALA I 213 44.03 -3.91 -23.74
C ALA I 213 44.66 -4.33 -25.07
N ILE I 214 45.87 -3.85 -25.29
CA ILE I 214 46.64 -4.17 -26.50
C ILE I 214 47.66 -5.26 -26.16
N TYR I 215 48.32 -5.13 -25.00
CA TYR I 215 49.29 -6.12 -24.55
C TYR I 215 49.00 -6.55 -23.12
N GLN I 216 49.33 -7.80 -22.81
CA GLN I 216 49.14 -8.34 -21.47
C GLN I 216 50.37 -9.15 -21.10
N GLY I 217 50.74 -9.13 -19.83
CA GLY I 217 51.90 -9.89 -19.43
C GLY I 217 52.53 -9.38 -18.15
N ALA I 218 53.53 -10.11 -17.67
CA ALA I 218 54.21 -9.79 -16.42
C ALA I 218 54.87 -8.42 -16.37
N GLY I 219 55.23 -7.87 -17.53
CA GLY I 219 55.87 -6.56 -17.55
C GLY I 219 54.92 -5.40 -17.83
N ALA I 220 53.62 -5.69 -17.83
CA ALA I 220 52.61 -4.68 -18.16
C ALA I 220 52.65 -3.38 -17.35
N ALA I 221 52.81 -3.49 -16.03
CA ALA I 221 52.84 -2.32 -15.16
C ALA I 221 53.88 -1.28 -15.59
N ASP I 222 54.95 -1.73 -16.24
CA ASP I 222 56.00 -0.83 -16.69
C ASP I 222 56.02 -0.55 -18.19
N CYS I 223 54.90 -0.81 -18.86
CA CYS I 223 54.82 -0.51 -20.29
C CYS I 223 54.22 0.88 -20.42
N GLU I 224 54.56 1.56 -21.51
CA GLU I 224 54.03 2.90 -21.74
C GLU I 224 54.12 3.26 -23.19
N PHE I 225 53.30 4.22 -23.61
CA PHE I 225 53.36 4.69 -24.98
C PHE I 225 54.48 5.70 -25.11
N GLU I 226 55.30 5.57 -26.14
CA GLU I 226 56.35 6.54 -26.40
C GLU I 226 55.58 7.67 -27.07
N GLU I 227 54.64 7.30 -27.95
CA GLU I 227 53.78 8.26 -28.64
C GLU I 227 52.79 7.56 -29.55
N ILE I 228 51.76 8.31 -29.95
CA ILE I 228 50.72 7.82 -30.84
C ILE I 228 50.50 8.90 -31.89
N SER I 229 50.21 8.48 -33.10
CA SER I 229 49.95 9.42 -34.19
C SER I 229 48.74 8.91 -34.97
N TYR I 230 47.96 9.83 -35.51
CA TYR I 230 46.80 9.44 -36.28
C TYR I 230 46.70 10.36 -37.47
N THR I 231 46.12 9.85 -38.54
CA THR I 231 45.88 10.62 -39.74
C THR I 231 44.49 10.20 -40.17
N VAL I 232 43.63 11.18 -40.41
CA VAL I 232 42.27 10.89 -40.84
C VAL I 232 42.15 11.27 -42.31
N TYR I 233 41.64 10.34 -43.11
CA TYR I 233 41.41 10.60 -44.52
C TYR I 233 39.90 10.60 -44.73
N GLN I 234 39.38 11.62 -45.41
CA GLN I 234 37.94 11.70 -45.64
C GLN I 234 37.62 11.27 -47.06
N SER I 235 36.64 10.38 -47.20
CA SER I 235 36.22 9.90 -48.51
C SER I 235 34.87 10.52 -48.84
N TYR I 236 34.80 11.19 -49.98
CA TYR I 236 33.55 11.83 -50.37
C TYR I 236 33.38 11.88 -51.89
N LEU I 237 32.20 12.30 -52.31
CA LEU I 237 31.90 12.43 -53.73
C LEU I 237 31.81 13.91 -54.03
N ASP I 238 32.54 14.35 -55.04
CA ASP I 238 32.54 15.75 -55.42
C ASP I 238 31.91 15.89 -56.81
N GLN I 239 31.68 17.14 -57.24
CA GLN I 239 31.09 17.40 -58.55
C GLN I 239 29.72 16.75 -58.66
N LEU I 240 28.87 16.99 -57.67
CA LEU I 240 27.55 16.41 -57.67
C LEU I 240 26.74 16.86 -58.87
N PRO I 241 25.98 15.93 -59.48
CA PRO I 241 25.15 16.25 -60.66
C PRO I 241 23.97 17.15 -60.35
N VAL I 242 23.72 18.10 -61.24
CA VAL I 242 22.61 19.04 -61.09
C VAL I 242 21.59 18.82 -62.19
N GLY I 243 20.32 19.05 -61.87
CA GLY I 243 19.26 18.87 -62.85
C GLY I 243 18.36 20.09 -62.89
N GLN I 244 17.09 20.12 -63.42
CA GLN I 244 16.12 21.22 -63.36
C GLN I 244 15.57 21.55 -61.98
N ASN I 245 15.89 20.74 -61.07
CA ASN I 245 15.59 20.81 -59.68
C ASN I 245 16.73 21.36 -58.83
N GLY I 246 17.62 21.19 -59.46
CA GLY I 246 18.92 21.37 -58.81
C GLY I 246 19.65 20.05 -58.60
N TYR I 247 20.35 19.94 -57.48
CA TYR I 247 21.10 18.73 -57.16
C TYR I 247 20.25 17.47 -57.23
N ILE I 248 20.71 16.50 -58.01
CA ILE I 248 20.02 15.22 -58.14
C ILE I 248 20.53 14.38 -56.97
N LEU I 249 19.67 14.15 -55.98
CA LEU I 249 20.08 13.42 -54.78
C LEU I 249 19.15 12.30 -54.31
N PRO I 250 19.73 11.20 -53.80
CA PRO I 250 18.93 10.08 -53.31
C PRO I 250 18.43 10.49 -51.91
N LEU I 251 17.22 11.01 -51.85
CA LEU I 251 16.64 11.50 -50.61
C LEU I 251 16.44 10.46 -49.50
N ILE I 252 16.18 9.20 -49.87
CA ILE I 252 16.03 8.15 -48.87
C ILE I 252 17.42 7.84 -48.32
N ASP I 253 18.40 7.65 -49.20
CA ASP I 253 19.77 7.37 -48.77
C ASP I 253 20.25 8.40 -47.75
N LEU I 254 20.12 9.68 -48.12
CA LEU I 254 20.57 10.76 -47.27
C LEU I 254 19.74 11.06 -46.03
N SER I 255 18.55 10.47 -45.92
CA SER I 255 17.70 10.68 -44.75
C SER I 255 17.68 9.42 -43.88
N THR I 256 18.58 8.49 -44.18
CA THR I 256 18.67 7.25 -43.43
C THR I 256 20.02 7.24 -42.71
N LEU I 257 20.04 6.70 -41.50
CA LEU I 257 21.29 6.63 -40.74
C LEU I 257 21.80 5.19 -40.78
N TYR I 258 23.09 5.03 -41.03
CA TYR I 258 23.70 3.71 -41.02
C TYR I 258 24.69 3.87 -39.87
N ASN I 259 24.38 3.20 -38.77
CA ASN I 259 25.19 3.32 -37.55
C ASN I 259 25.66 2.01 -36.95
N LEU I 260 26.76 2.09 -36.21
CA LEU I 260 27.24 0.94 -35.45
C LEU I 260 27.10 1.44 -34.00
N GLU I 261 26.67 0.57 -33.11
CA GLU I 261 26.53 0.91 -31.70
C GLU I 261 26.84 -0.30 -30.83
N ASN I 262 27.31 -0.08 -29.60
CA ASN I 262 27.60 -1.19 -28.72
C ASN I 262 26.83 -1.07 -27.41
N SER I 263 26.77 -2.14 -26.65
CA SER I 263 26.09 -2.13 -25.35
C SER I 263 26.65 -3.28 -24.54
N ALA I 264 26.33 -3.31 -23.25
CA ALA I 264 26.80 -4.38 -22.37
C ALA I 264 25.60 -4.89 -21.59
N GLN I 265 25.56 -6.21 -21.40
CA GLN I 265 24.47 -6.85 -20.67
C GLN I 265 25.07 -7.85 -19.69
N ALA I 266 24.48 -7.96 -18.51
CA ALA I 266 24.95 -8.92 -17.52
C ALA I 266 23.77 -9.67 -16.91
N GLY I 267 24.05 -10.71 -16.13
CA GLY I 267 22.98 -11.48 -15.52
C GLY I 267 22.90 -12.89 -16.08
N LEU I 268 24.02 -13.41 -16.55
CA LEU I 268 24.06 -14.76 -17.11
C LEU I 268 24.12 -15.83 -16.02
N THR I 269 23.43 -16.95 -16.28
CA THR I 269 23.40 -18.07 -15.34
C THR I 269 23.54 -19.38 -16.11
N PRO I 270 24.37 -20.30 -15.61
CA PRO I 270 24.55 -21.58 -16.31
C PRO I 270 23.26 -22.26 -16.75
N ASN I 271 23.26 -22.71 -18.01
CA ASN I 271 22.15 -23.43 -18.61
C ASN I 271 20.81 -22.70 -18.73
N VAL I 272 20.83 -21.38 -18.57
CA VAL I 272 19.61 -20.60 -18.71
C VAL I 272 19.74 -19.65 -19.89
N ASP I 273 18.70 -19.54 -20.71
CA ASP I 273 18.74 -18.65 -21.85
C ASP I 273 18.91 -17.19 -21.42
N PHE I 274 19.97 -16.55 -21.93
CA PHE I 274 20.23 -15.14 -21.66
C PHE I 274 19.80 -14.46 -22.97
N VAL I 275 18.76 -13.63 -22.88
CA VAL I 275 18.21 -12.95 -24.05
C VAL I 275 18.46 -11.46 -24.08
N VAL I 276 19.05 -10.97 -25.17
CA VAL I 276 19.29 -9.55 -25.34
C VAL I 276 18.28 -9.10 -26.39
N GLN I 277 17.30 -8.31 -25.97
CA GLN I 277 16.27 -7.85 -26.89
C GLN I 277 16.75 -6.80 -27.88
N TYR I 278 16.22 -6.87 -29.10
CA TYR I 278 16.54 -5.90 -30.14
C TYR I 278 15.47 -4.84 -29.98
N ALA I 279 15.80 -3.59 -30.27
CA ALA I 279 14.83 -2.50 -30.16
C ALA I 279 14.00 -2.46 -31.44
N ASN I 280 12.89 -1.72 -31.43
CA ASN I 280 12.08 -1.63 -32.64
C ASN I 280 12.56 -0.40 -33.40
N LEU I 281 12.07 -0.25 -34.63
CA LEU I 281 12.44 0.88 -35.48
C LEU I 281 13.76 0.66 -36.23
N TYR I 282 14.72 0.02 -35.58
CA TYR I 282 16.02 -0.21 -36.23
C TYR I 282 16.00 -1.47 -37.09
N ARG I 283 16.68 -1.41 -38.24
CA ARG I 283 16.79 -2.56 -39.12
C ARG I 283 18.21 -3.06 -38.87
N TYR I 284 18.35 -4.09 -38.04
CA TYR I 284 19.65 -4.62 -37.68
C TYR I 284 20.27 -5.53 -38.74
N LEU I 285 21.37 -5.07 -39.32
CA LEU I 285 22.09 -5.78 -40.39
C LEU I 285 23.03 -6.85 -39.84
N SER I 286 23.65 -6.61 -38.68
CA SER I 286 24.53 -7.61 -38.09
C SER I 286 24.57 -7.45 -36.58
N THR I 287 24.91 -8.55 -35.92
CA THR I 287 25.03 -8.57 -34.48
C THR I 287 26.33 -9.28 -34.08
N ILE I 288 27.05 -8.68 -33.14
CA ILE I 288 28.26 -9.25 -32.63
C ILE I 288 28.05 -9.36 -31.12
N ALA I 289 28.39 -10.51 -30.57
CA ALA I 289 28.25 -10.72 -29.14
C ALA I 289 29.57 -11.26 -28.63
N VAL I 290 30.16 -10.58 -27.67
CA VAL I 290 31.42 -11.01 -27.09
C VAL I 290 31.15 -11.52 -25.68
N PHE I 291 31.51 -12.78 -25.43
CA PHE I 291 31.28 -13.36 -24.10
C PHE I 291 32.52 -13.16 -23.23
N ASP I 292 32.52 -12.02 -22.53
CA ASP I 292 33.60 -11.70 -21.61
C ASP I 292 33.25 -12.47 -20.35
N ASN I 293 33.74 -13.70 -20.26
CA ASN I 293 33.44 -14.56 -19.12
C ASN I 293 34.32 -14.24 -17.92
N GLY I 294 34.09 -13.07 -17.33
CA GLY I 294 34.89 -12.67 -16.18
C GLY I 294 36.35 -12.55 -16.51
N GLY I 295 36.66 -12.00 -17.69
CA GLY I 295 38.05 -11.84 -18.09
C GLY I 295 38.62 -12.98 -18.88
N SER I 296 37.88 -14.08 -18.97
CA SER I 296 38.32 -15.25 -19.72
C SER I 296 37.56 -15.25 -21.05
N PHE I 297 38.27 -15.55 -22.13
CA PHE I 297 37.65 -15.60 -23.44
C PHE I 297 37.90 -17.01 -23.99
N ASN I 298 36.82 -17.77 -24.11
CA ASN I 298 36.92 -19.16 -24.57
C ASN I 298 36.39 -19.40 -25.96
N ALA I 299 36.93 -20.42 -26.61
CA ALA I 299 36.52 -20.79 -27.95
C ALA I 299 35.29 -21.69 -27.90
N GLY I 300 34.16 -21.08 -27.55
CA GLY I 300 32.89 -21.78 -27.49
C GLY I 300 32.65 -22.81 -26.41
N THR I 301 33.70 -23.23 -25.70
CA THR I 301 33.54 -24.25 -24.67
C THR I 301 32.71 -23.88 -23.44
N ASP I 302 32.46 -22.59 -23.26
CA ASP I 302 31.65 -22.11 -22.14
C ASP I 302 30.21 -21.79 -22.58
N ILE I 303 29.85 -22.20 -23.80
CA ILE I 303 28.51 -21.96 -24.32
C ILE I 303 27.83 -23.23 -24.81
N ASN I 304 26.53 -23.35 -24.50
CA ASN I 304 25.72 -24.50 -24.93
C ASN I 304 25.26 -24.22 -26.36
N TYR I 305 24.67 -23.04 -26.56
CA TYR I 305 24.22 -22.64 -27.89
C TYR I 305 23.92 -21.15 -27.95
N LEU I 306 23.80 -20.65 -29.19
CA LEU I 306 23.46 -19.26 -29.43
C LEU I 306 22.27 -19.31 -30.39
N SER I 307 21.49 -18.24 -30.45
CA SER I 307 20.35 -18.23 -31.34
C SER I 307 19.77 -16.83 -31.49
N GLN I 308 18.79 -16.70 -32.39
CA GLN I 308 18.06 -15.46 -32.57
C GLN I 308 16.63 -15.99 -32.46
N ARG I 309 15.83 -15.36 -31.61
CA ARG I 309 14.47 -15.83 -31.37
C ARG I 309 13.40 -14.77 -31.41
N THR I 310 12.27 -15.24 -32.21
CA THR I 310 10.98 -14.67 -32.74
C THR I 310 9.66 -15.28 -32.16
N ALA I 311 8.79 -14.40 -31.67
CA ALA I 311 7.53 -14.83 -31.08
C ALA I 311 6.73 -15.69 -32.06
N ASN I 312 6.45 -16.54 -32.04
CA ASN I 312 5.55 -17.48 -32.69
C ASN I 312 6.34 -18.60 -33.28
N PHE I 313 7.28 -18.53 -34.10
CA PHE I 313 8.12 -19.50 -34.62
C PHE I 313 9.00 -19.93 -33.49
N SER I 314 9.59 -19.90 -32.72
CA SER I 314 10.73 -20.38 -31.98
C SER I 314 11.98 -19.71 -32.56
N ASP I 315 13.10 -20.21 -32.14
CA ASP I 315 14.38 -19.84 -32.75
C ASP I 315 14.47 -20.05 -34.26
N THR I 316 15.13 -19.11 -34.94
CA THR I 316 15.32 -19.19 -36.38
C THR I 316 16.71 -19.74 -36.68
N ARG I 317 17.54 -19.84 -35.65
CA ARG I 317 18.90 -20.39 -35.82
C ARG I 317 19.59 -20.73 -34.50
N LYS I 318 19.03 -21.69 -33.80
CA LYS I 318 19.59 -22.16 -32.53
C LYS I 318 20.69 -23.15 -32.91
N LEU I 319 21.94 -22.78 -32.67
CA LEU I 319 23.09 -23.60 -33.06
C LEU I 319 24.16 -23.81 -32.01
N ASP I 320 24.84 -24.96 -32.05
CA ASP I 320 25.93 -25.20 -31.13
C ASP I 320 27.02 -24.21 -31.56
N PRO I 321 27.97 -23.88 -30.66
CA PRO I 321 29.03 -22.92 -31.00
C PRO I 321 29.84 -23.21 -32.26
N LYS I 322 30.21 -24.46 -32.51
CA LYS I 322 30.98 -24.75 -33.72
C LYS I 322 30.17 -24.54 -35.00
N THR I 323 28.89 -24.92 -34.96
CA THR I 323 28.06 -24.73 -36.15
C THR I 323 27.77 -23.26 -36.36
N TRP I 324 27.68 -22.50 -35.27
CA TRP I 324 27.48 -21.06 -35.37
C TRP I 324 28.74 -20.49 -36.03
N ALA I 325 29.91 -20.97 -35.59
CA ALA I 325 31.19 -20.52 -36.15
C ALA I 325 31.31 -20.89 -37.63
N ALA I 326 30.72 -22.02 -38.01
CA ALA I 326 30.77 -22.45 -39.41
C ALA I 326 30.07 -21.40 -40.27
N GLN I 327 28.93 -20.88 -39.83
CA GLN I 327 28.24 -19.86 -40.63
C GLN I 327 29.14 -18.63 -40.77
N THR I 328 29.85 -18.27 -39.70
CA THR I 328 30.75 -17.13 -39.76
C THR I 328 31.91 -17.39 -40.71
N ARG I 329 32.43 -18.61 -40.75
CA ARG I 329 33.53 -18.90 -41.68
C ARG I 329 33.14 -18.64 -43.14
N ARG I 330 31.86 -18.78 -43.45
CA ARG I 330 31.36 -18.51 -44.79
C ARG I 330 31.32 -17.02 -45.08
N ARG I 331 31.33 -16.20 -44.02
CA ARG I 331 31.27 -14.76 -44.19
C ARG I 331 32.63 -14.06 -44.19
N ILE I 332 33.56 -14.51 -43.35
CA ILE I 332 34.87 -13.85 -43.28
C ILE I 332 36.06 -14.76 -43.54
N ALA I 333 35.78 -15.98 -44.00
CA ALA I 333 36.82 -16.93 -44.37
C ALA I 333 37.75 -17.39 -43.24
N THR I 334 37.32 -17.19 -42.00
CA THR I 334 38.10 -17.58 -40.83
C THR I 334 37.19 -17.35 -39.61
N ASP I 335 37.72 -17.56 -38.41
CA ASP I 335 36.95 -17.34 -37.18
C ASP I 335 37.33 -15.99 -36.58
N PHE I 336 36.38 -15.35 -35.89
CA PHE I 336 36.71 -14.12 -35.17
C PHE I 336 37.45 -14.64 -33.94
N PRO I 337 38.11 -13.74 -33.17
CA PRO I 337 38.85 -14.17 -31.98
C PRO I 337 38.01 -14.90 -30.93
N LYS I 338 38.69 -15.60 -30.01
CA LYS I 338 37.98 -16.35 -28.96
C LYS I 338 36.91 -15.54 -28.22
N GLY I 339 35.73 -16.13 -28.12
CA GLY I 339 34.64 -15.49 -27.40
C GLY I 339 33.87 -14.45 -28.17
N VAL I 340 34.26 -14.23 -29.43
CA VAL I 340 33.59 -13.25 -30.30
C VAL I 340 32.67 -13.98 -31.27
N TYR I 341 31.38 -13.67 -31.24
CA TYR I 341 30.42 -14.32 -32.12
C TYR I 341 29.69 -13.34 -33.02
N TYR I 342 29.60 -13.73 -34.29
CA TYR I 342 29.01 -12.87 -35.30
C TYR I 342 27.75 -13.47 -35.91
N CYS I 343 26.84 -12.60 -36.31
CA CYS I 343 25.58 -12.99 -36.93
C CYS I 343 25.25 -12.02 -38.05
N ASP I 344 25.13 -12.55 -39.27
CA ASP I 344 24.80 -11.76 -40.47
C ASP I 344 23.29 -11.82 -40.74
N ASN I 345 22.64 -10.66 -40.79
CA ASN I 345 21.20 -10.56 -41.10
C ASN I 345 21.04 -9.48 -42.18
N ARG I 346 22.04 -9.34 -43.04
CA ARG I 346 22.03 -8.30 -44.06
C ARG I 346 20.92 -8.38 -45.11
N ASP I 347 20.63 -9.58 -45.58
CA ASP I 347 19.59 -9.73 -46.60
C ASP I 347 18.18 -9.56 -46.05
N LYS I 348 18.00 -9.91 -44.77
CA LYS I 348 16.71 -9.77 -44.10
C LYS I 348 16.98 -9.26 -42.70
N PRO I 349 17.18 -7.94 -42.57
CA PRO I 349 17.46 -7.26 -41.30
C PRO I 349 16.42 -7.53 -40.21
N ILE I 350 16.89 -7.69 -38.98
CA ILE I 350 16.00 -7.89 -37.84
C ILE I 350 15.26 -6.56 -37.70
N TYR I 351 13.93 -6.60 -37.77
CA TYR I 351 13.10 -5.42 -37.67
C TYR I 351 11.81 -5.86 -36.95
N THR I 352 11.72 -5.56 -35.66
CA THR I 352 10.59 -5.98 -34.84
C THR I 352 9.26 -5.26 -35.01
N LEU I 353 8.86 -4.40 -35.29
CA LEU I 353 7.99 -3.20 -35.16
C LEU I 353 7.59 -2.99 -33.68
N GLN I 354 7.59 -4.01 -32.87
CA GLN I 354 7.33 -3.90 -31.44
C GLN I 354 8.68 -4.20 -30.74
N TYR I 355 9.06 -3.44 -29.69
CA TYR I 355 10.28 -3.63 -28.90
C TYR I 355 10.44 -5.02 -28.28
N GLY I 356 11.49 -5.74 -28.69
CA GLY I 356 11.75 -7.05 -28.15
C GLY I 356 11.03 -8.22 -28.79
N ASN I 357 10.45 -8.01 -29.74
CA ASN I 357 9.88 -9.10 -30.51
C ASN I 357 10.94 -10.08 -30.96
N VAL I 358 12.00 -9.63 -31.07
CA VAL I 358 13.15 -10.47 -31.41
C VAL I 358 14.31 -10.28 -30.45
N GLY I 359 14.98 -11.37 -30.10
CA GLY I 359 16.11 -11.28 -29.19
C GLY I 359 17.28 -12.15 -29.63
N PHE I 360 18.47 -11.80 -29.15
CA PHE I 360 19.68 -12.55 -29.43
C PHE I 360 19.89 -13.41 -28.20
N VAL I 361 20.07 -14.71 -28.41
CA VAL I 361 20.20 -15.63 -27.29
C VAL I 361 21.52 -16.33 -27.10
N VAL I 362 21.95 -16.39 -25.85
CA VAL I 362 23.14 -17.12 -25.47
C VAL I 362 22.82 -17.95 -24.24
N ASN I 363 22.93 -19.27 -24.36
CA ASN I 363 22.70 -20.15 -23.21
C ASN I 363 24.10 -20.62 -22.83
N PRO I 364 24.66 -20.04 -21.75
CA PRO I 364 26.00 -20.37 -21.26
C PRO I 364 26.13 -21.71 -20.53
N LYS I 365 27.28 -22.36 -20.73
CA LYS I 365 27.55 -23.64 -20.08
C LYS I 365 28.20 -23.34 -18.73
N THR I 366 29.12 -22.39 -18.72
CA THR I 366 29.80 -21.99 -17.49
C THR I 366 29.84 -20.47 -17.39
N VAL I 367 29.56 -19.95 -16.19
CA VAL I 367 29.54 -18.51 -15.98
C VAL I 367 30.45 -18.12 -14.81
N ASN I 368 31.50 -17.37 -15.13
CA ASN I 368 32.44 -16.92 -14.10
C ASN I 368 31.94 -15.63 -13.47
N GLN I 369 32.64 -15.18 -12.43
CA GLN I 369 32.28 -13.95 -11.74
C GLN I 369 32.49 -12.77 -12.70
N ASN I 370 31.56 -11.82 -12.68
CA ASN I 370 31.64 -10.63 -13.53
C ASN I 370 31.51 -10.95 -15.02
N ALA I 371 30.69 -11.95 -15.34
CA ALA I 371 30.48 -12.31 -16.74
C ALA I 371 29.51 -11.32 -17.38
N ARG I 372 29.65 -11.12 -18.68
CA ARG I 372 28.77 -10.22 -19.37
C ARG I 372 28.95 -10.41 -20.87
N LEU I 373 27.94 -9.97 -21.61
CA LEU I 373 27.97 -10.03 -23.06
C LEU I 373 28.11 -8.60 -23.54
N LEU I 374 29.11 -8.36 -24.37
CA LEU I 374 29.33 -7.05 -24.95
C LEU I 374 28.75 -7.17 -26.37
N MET I 375 27.67 -6.44 -26.62
CA MET I 375 26.98 -6.48 -27.90
C MET I 375 27.42 -5.37 -28.85
N GLY I 376 27.41 -5.69 -30.14
CA GLY I 376 27.76 -4.71 -31.14
C GLY I 376 26.74 -4.83 -32.27
N TYR I 377 26.17 -3.71 -32.71
CA TYR I 377 25.17 -3.73 -33.77
C TYR I 377 25.44 -2.81 -34.96
N GLU I 378 25.00 -3.26 -36.13
CA GLU I 378 25.07 -2.48 -37.37
C GLU I 378 23.59 -2.32 -37.71
N TYR I 379 23.10 -1.11 -37.95
CA TYR I 379 21.69 -0.98 -38.28
C TYR I 379 21.40 0.25 -39.12
N PHE I 380 20.28 0.22 -39.74
CA PHE I 380 19.80 1.32 -40.56
C PHE I 380 18.59 1.85 -39.80
N THR I 381 18.74 3.24 -40.17
CA THR I 381 17.55 3.84 -39.57
C THR I 381 17.30 5.16 -40.29
N SER I 382 15.80 5.09 -39.91
CA SER I 382 15.26 6.34 -40.52
C SER I 382 15.60 7.50 -39.58
N ARG I 383 16.34 8.42 -40.11
CA ARG I 383 16.95 9.45 -39.25
C ARG I 383 15.95 10.10 -38.31
N THR I 384 14.73 10.27 -38.71
CA THR I 384 13.65 10.87 -37.93
C THR I 384 13.17 10.00 -36.81
N GLU I 385 13.06 8.65 -37.10
CA GLU I 385 12.65 7.55 -36.14
C GLU I 385 13.68 7.46 -34.96
N LEU I 386 14.96 7.48 -35.32
CA LEU I 386 16.04 7.50 -34.29
C LEU I 386 16.01 8.78 -33.44
N VAL I 387 15.73 9.88 -34.10
CA VAL I 387 15.56 11.14 -33.40
C VAL I 387 14.44 11.10 -32.34
N ASN I 388 13.22 10.51 -32.77
CA ASN I 388 12.12 10.64 -31.87
C ASN I 388 11.73 9.36 -31.13
N ALA I 389 11.87 8.17 -31.62
CA ALA I 389 11.35 6.90 -31.03
C ALA I 389 12.33 5.81 -30.85
N GLY I 390 13.38 5.76 -30.42
CA GLY I 390 14.42 4.70 -30.29
C GLY I 390 15.07 4.49 -28.85
N THR I 391 15.35 3.13 -28.19
CA THR I 391 16.35 2.77 -27.18
C THR I 391 16.94 1.44 -27.63
N ILE I 392 17.91 0.98 -26.88
CA ILE I 392 18.46 -0.37 -27.16
C ILE I 392 18.10 -1.32 -26.01
N SER I 393 18.01 -3.00 -26.29
CA SER I 393 18.13 -3.33 -24.86
C SER I 393 16.90 -3.32 -24.16
N THR I 394 16.56 -4.67 -23.58
CA THR I 394 15.37 -5.07 -22.82
C THR I 394 15.87 -5.62 -21.49
N THR I 395 16.73 -5.52 -20.99
CA THR I 395 17.30 -6.09 -19.75
C THR I 395 17.05 -7.61 -19.62
N VAL J 4 -28.76 -0.12 15.34
CA VAL J 4 -30.01 -0.55 14.61
C VAL J 4 -30.72 -1.51 15.56
N GLN J 5 -30.80 -1.09 16.81
CA GLN J 5 -31.46 -1.97 17.80
C GLN J 5 -32.96 -1.80 17.79
N GLN J 6 -33.68 -2.80 18.10
CA GLN J 6 -35.15 -2.92 18.19
C GLN J 6 -35.53 -3.36 19.60
N LEU J 7 -36.82 -3.09 20.02
CA LEU J 7 -37.86 -2.34 19.20
C LEU J 7 -37.71 -0.83 19.25
N THR J 8 -38.31 -0.05 18.45
CA THR J 8 -38.22 1.47 18.44
C THR J 8 -39.56 1.94 18.77
N PRO J 9 -39.44 3.33 19.13
CA PRO J 9 -40.58 4.01 19.53
C PRO J 9 -41.73 4.25 18.64
N ALA J 10 -41.49 4.12 17.28
CA ALA J 10 -42.56 4.13 16.31
C ALA J 10 -43.56 3.05 16.41
N GLN J 11 -43.20 1.89 17.15
CA GLN J 11 -44.15 0.85 17.54
C GLN J 11 -44.88 1.15 18.78
N GLN J 12 -44.45 2.07 19.63
CA GLN J 12 -45.19 2.58 20.79
C GLN J 12 -46.36 3.39 20.26
N ALA J 13 -46.01 4.28 19.21
CA ALA J 13 -47.11 5.02 18.55
C ALA J 13 -48.11 4.13 17.78
N ALA J 14 -47.58 3.21 17.00
CA ALA J 14 -48.36 2.18 16.29
C ALA J 14 -49.16 1.28 17.22
N LEU J 15 -48.76 1.19 18.48
CA LEU J 15 -49.43 0.35 19.47
C LEU J 15 -50.58 1.07 20.17
N ARG J 16 -50.66 2.33 20.02
CA ARG J 16 -51.60 3.14 20.73
C ARG J 16 -52.48 4.06 19.91
N ASN J 17 -53.53 4.46 20.57
CA ASN J 17 -54.44 5.47 20.01
C ASN J 17 -54.04 6.70 20.87
N GLN J 18 -53.54 7.80 20.35
CA GLN J 18 -53.10 8.93 21.14
C GLN J 18 -54.42 9.65 21.50
N GLN J 19 -55.42 9.29 20.90
CA GLN J 19 -56.62 9.89 21.46
C GLN J 19 -57.00 9.23 22.78
N ALA J 20 -56.89 7.90 22.82
CA ALA J 20 -57.20 7.12 24.01
C ALA J 20 -56.25 7.46 25.15
N MET J 21 -54.96 7.50 24.85
CA MET J 21 -53.94 7.82 25.84
C MET J 21 -54.06 9.27 26.29
N ALA J 22 -54.31 10.15 25.33
CA ALA J 22 -54.46 11.57 25.64
C ALA J 22 -55.63 11.76 26.61
N ALA J 23 -56.73 11.07 26.33
CA ALA J 23 -57.90 11.14 27.17
C ALA J 23 -57.63 10.53 28.54
N ASN J 24 -57.06 9.33 28.54
CA ASN J 24 -56.74 8.62 29.77
C ASN J 24 -55.94 9.52 30.71
N LEU J 25 -54.86 10.08 30.18
CA LEU J 25 -54.01 10.96 30.98
C LEU J 25 -54.74 12.19 31.52
N GLN J 26 -55.62 12.78 30.71
CA GLN J 26 -56.37 13.95 31.14
C GLN J 26 -57.31 13.56 32.27
N ALA J 27 -57.98 12.42 32.11
CA ALA J 27 -58.91 11.93 33.12
C ALA J 27 -58.18 11.65 34.43
N ARG J 28 -56.98 11.08 34.33
CA ARG J 28 -56.18 10.77 35.51
C ARG J 28 -55.91 12.05 36.30
N GLN J 29 -55.49 13.08 35.58
CA GLN J 29 -55.18 14.36 36.20
C GLN J 29 -56.39 14.99 36.86
N ILE J 30 -57.56 14.87 36.23
CA ILE J 30 -58.78 15.43 36.82
C ILE J 30 -59.10 14.68 38.11
N VAL J 31 -58.96 13.36 38.07
CA VAL J 31 -59.24 12.56 39.25
C VAL J 31 -58.30 12.93 40.39
N LEU J 32 -57.01 13.03 40.10
CA LEU J 32 -56.03 13.38 41.14
C LEU J 32 -56.29 14.78 41.69
N GLN J 33 -56.67 15.70 40.81
CA GLN J 33 -56.95 17.07 41.19
C GLN J 33 -58.25 17.23 41.99
N GLN J 34 -59.29 16.52 41.59
CA GLN J 34 -60.60 16.62 42.22
C GLN J 34 -60.93 15.71 43.40
N SER J 35 -58.91 14.35 43.31
CA SER J 35 -59.20 13.38 44.37
C SER J 35 -58.33 13.66 45.60
N TYR J 36 -58.60 12.94 46.68
CA TYR J 36 -57.79 13.10 47.88
C TYR J 36 -57.25 11.75 48.30
N PRO J 37 -55.93 11.68 48.57
CA PRO J 37 -55.24 10.45 48.98
C PRO J 37 -55.60 10.03 50.39
N VAL J 38 -55.81 8.72 50.57
CA VAL J 38 -56.15 8.18 51.88
C VAL J 38 -55.33 6.93 52.12
N ILE J 39 -54.84 6.78 53.34
CA ILE J 39 -54.13 5.55 53.71
C ILE J 39 -54.94 5.11 54.92
N GLN J 40 -55.44 3.89 54.87
CA GLN J 40 -56.32 3.39 55.91
C GLN J 40 -56.08 1.96 56.30
N GLN J 41 -56.12 1.67 57.60
CA GLN J 41 -55.93 0.31 58.04
C GLN J 41 -57.12 -0.53 57.59
N VAL J 42 -56.86 -1.69 57.03
CA VAL J 42 -57.97 -2.55 56.61
C VAL J 42 -58.01 -3.83 57.41
N GLU J 43 -56.89 -4.21 58.01
CA GLU J 43 -56.85 -5.44 58.78
C GLU J 43 -55.58 -5.63 59.62
N THR J 44 -55.76 -6.17 60.82
CA THR J 44 -54.63 -6.47 61.70
C THR J 44 -54.89 -7.86 62.27
N GLN J 45 -53.83 -8.61 62.50
CA GLN J 45 -54.00 -9.95 63.05
C GLN J 45 -52.72 -10.46 63.67
N THR J 46 -52.86 -11.20 64.77
CA THR J 46 -51.73 -11.77 65.47
C THR J 46 -51.95 -13.28 65.49
N PHE J 47 -50.91 -14.04 65.24
CA PHE J 47 -51.06 -15.48 65.18
C PHE J 47 -49.76 -16.21 65.50
N ASP J 48 -49.86 -17.53 65.60
CA ASP J 48 -48.72 -18.39 65.86
C ASP J 48 -48.52 -19.22 64.61
N PRO J 49 -47.37 -19.06 63.94
CA PRO J 49 -47.01 -19.78 62.71
C PRO J 49 -47.16 -21.31 62.82
N ALA J 50 -47.17 -21.83 64.05
CA ALA J 50 -47.31 -23.26 64.23
C ALA J 50 -48.72 -23.71 63.80
N ASN J 51 -49.69 -22.81 63.92
CA ASN J 51 -51.07 -23.09 63.57
C ASN J 51 -51.48 -22.68 62.16
N ARG J 52 -50.96 -21.55 61.71
CA ARG J 52 -51.27 -21.06 60.37
C ARG J 52 -50.29 -19.99 59.93
N SER J 53 -50.11 -19.87 58.62
CA SER J 53 -49.17 -18.89 58.08
C SER J 53 -49.61 -18.29 56.75
N VAL J 54 -50.79 -18.71 56.27
CA VAL J 54 -51.32 -18.19 55.01
C VAL J 54 -52.61 -17.42 55.29
N PHE J 55 -52.68 -16.17 54.85
CA PHE J 55 -53.87 -15.35 55.07
C PHE J 55 -54.33 -14.65 53.81
N ASP J 56 -55.65 -14.52 53.67
CA ASP J 56 -56.23 -13.85 52.52
C ASP J 56 -56.90 -12.60 53.05
N VAL J 57 -56.30 -11.44 52.80
CA VAL J 57 -56.82 -10.16 53.25
C VAL J 57 -57.79 -9.58 52.23
N THR J 58 -58.90 -9.05 52.70
CA THR J 58 -59.89 -8.49 51.80
C THR J 58 -59.84 -6.97 51.87
N PRO J 59 -59.31 -6.34 50.83
CA PRO J 59 -59.21 -4.87 50.75
C PRO J 59 -60.60 -4.25 50.67
N ALA J 60 -60.67 -2.95 50.91
CA ALA J 60 -61.94 -2.25 50.81
C ALA J 60 -62.12 -1.88 49.33
N ASN J 61 -63.35 -1.95 48.84
CA ASN J 61 -63.63 -1.59 47.45
C ASN J 61 -64.03 -0.11 47.42
N VAL J 62 -63.03 0.76 47.38
CA VAL J 62 -63.30 2.20 47.34
C VAL J 62 -62.33 2.96 46.45
N GLY J 63 -62.88 3.82 45.59
CA GLY J 63 -62.08 4.63 44.69
C GLY J 63 -61.04 3.89 43.85
N ILE J 64 -59.91 4.55 43.63
CA ILE J 64 -58.81 3.97 42.87
C ILE J 64 -57.75 3.52 43.87
N VAL J 65 -57.48 2.22 43.90
CA VAL J 65 -56.51 1.66 44.83
C VAL J 65 -55.10 1.71 44.23
N LYS J 66 -54.17 2.27 45.00
CA LYS J 66 -52.78 2.43 44.55
C LYS J 66 -51.85 1.36 45.08
N GLY J 67 -52.10 0.87 46.28
CA GLY J 67 -51.23 -0.15 46.83
C GLY J 67 -51.52 -0.46 48.28
N PHE J 68 -50.72 -1.35 48.87
CA PHE J 68 -50.91 -1.74 50.25
C PHE J 68 -49.60 -1.70 51.01
N LEU J 69 -49.60 -1.10 52.19
CA LEU J 69 -48.41 -1.06 53.02
C LEU J 69 -48.64 -2.15 54.05
N VAL J 70 -47.76 -3.14 54.07
CA VAL J 70 -47.92 -4.24 55.00
C VAL J 70 -46.86 -4.19 56.09
N LYS J 71 -47.32 -4.03 57.33
CA LYS J 71 -46.45 -3.97 58.50
C LYS J 71 -46.45 -5.36 59.14
N VAL J 72 -45.27 -5.90 59.39
CA VAL J 72 -45.14 -7.22 60.00
C VAL J 72 -44.21 -7.14 61.20
N THR J 73 -44.65 -7.65 62.35
CA THR J 73 -43.81 -7.66 63.54
C THR J 73 -43.75 -9.11 64.00
N ALA J 74 -42.65 -9.49 64.63
CA ALA J 74 -42.52 -10.87 65.08
C ALA J 74 -41.56 -10.97 66.25
N ALA J 75 -41.79 -11.97 67.09
CA ALA J 75 -40.92 -12.25 68.22
C ALA J 75 -40.41 -13.66 67.95
N ILE J 76 -39.09 -13.82 67.95
CA ILE J 76 -38.45 -15.08 67.69
C ILE J 76 -37.66 -15.50 68.93
N THR J 77 -37.91 -16.70 69.42
CA THR J 77 -37.22 -17.21 70.59
C THR J 77 -36.22 -18.30 70.24
N ASN J 78 -34.98 -18.13 70.66
CA ASN J 78 -33.96 -19.14 70.45
C ASN J 78 -33.99 -20.00 71.71
N ASN J 79 -34.65 -21.15 71.64
CA ASN J 79 -34.74 -22.04 72.79
C ASN J 79 -33.56 -23.00 72.91
N HIS J 80 -32.56 -22.82 72.07
CA HIS J 80 -31.40 -23.71 72.12
C HIS J 80 -30.73 -23.54 73.47
N ALA J 81 -30.08 -24.59 73.94
CA ALA J 81 -29.40 -24.55 75.23
C ALA J 81 -28.18 -23.63 75.25
N THR J 82 -27.36 -23.69 74.21
CA THR J 82 -26.13 -22.90 74.18
C THR J 82 -25.70 -22.22 72.87
N GLU J 83 -26.35 -22.53 71.76
CA GLU J 83 -25.97 -21.95 70.48
C GLU J 83 -26.86 -20.81 69.99
N ALA J 84 -26.23 -19.79 69.40
CA ALA J 84 -26.95 -18.64 68.89
C ALA J 84 -27.22 -18.79 67.40
N VAL J 85 -27.93 -17.82 66.83
CA VAL J 85 -28.19 -17.78 65.40
C VAL J 85 -27.98 -16.32 64.99
N ALA J 86 -27.69 -16.10 63.71
CA ALA J 86 -27.46 -14.75 63.22
C ALA J 86 -28.28 -14.53 61.95
N LEU J 87 -28.62 -13.26 61.71
CA LEU J 87 -29.38 -12.91 60.51
C LEU J 87 -28.76 -13.42 59.23
N THR J 88 -29.61 -13.87 58.31
CA THR J 88 -29.15 -14.28 56.99
C THR J 88 -29.01 -12.93 56.23
N ASP J 89 -28.56 -12.96 54.98
CA ASP J 89 -28.42 -11.74 54.20
C ASP J 89 -29.77 -11.03 53.99
N PHE J 90 -30.87 -11.79 53.85
CA PHE J 90 -32.17 -11.17 53.63
C PHE J 90 -32.87 -10.86 54.95
N GLY J 91 -32.54 -11.62 56.00
CA GLY J 91 -33.12 -11.36 57.31
C GLY J 91 -34.62 -11.14 57.39
N PRO J 92 -35.06 -10.01 57.97
CA PRO J 92 -36.50 -9.76 58.09
C PRO J 92 -37.26 -9.65 56.77
N ALA J 93 -36.54 -9.50 55.65
CA ALA J 93 -37.23 -9.43 54.37
C ALA J 93 -37.87 -10.78 54.05
N ASN J 94 -37.51 -11.80 54.81
CA ASN J 94 -38.13 -13.13 54.61
C ASN J 94 -39.28 -13.40 55.59
N LEU J 95 -39.75 -12.37 56.30
CA LEU J 95 -40.88 -12.54 57.21
C LEU J 95 -42.13 -12.87 56.39
N VAL J 96 -42.17 -12.37 55.16
CA VAL J 96 -43.26 -12.71 54.24
C VAL J 96 -42.58 -13.56 53.16
N GLN J 97 -43.05 -14.78 52.95
CA GLN J 97 -42.45 -15.63 51.93
C GLN J 97 -42.98 -15.30 50.54
N ARG J 98 -44.29 -15.07 50.44
CA ARG J 98 -44.91 -14.74 49.15
C ARG J 98 -46.13 -13.85 49.29
N VAL J 99 -46.43 -13.17 48.19
CA VAL J 99 -47.58 -12.29 48.10
C VAL J 99 -48.27 -12.51 46.75
N ILE J 100 -49.60 -12.47 46.73
CA ILE J 100 -50.32 -12.55 45.47
C ILE J 100 -51.51 -11.61 45.57
N TYR J 101 -51.74 -10.83 44.53
CA TYR J 101 -52.89 -9.93 44.53
C TYR J 101 -53.83 -10.22 43.35
N TYR J 102 -55.13 -10.33 43.63
CA TYR J 102 -56.14 -10.53 42.60
C TYR J 102 -57.07 -9.32 42.64
N ASP J 103 -57.37 -8.72 41.48
CA ASP J 103 -58.26 -7.57 41.47
C ASP J 103 -59.74 -8.01 41.41
N PRO J 104 -60.69 -7.06 41.44
CA PRO J 104 -62.12 -7.40 41.40
C PRO J 104 -62.57 -8.22 40.19
N ASP J 105 -61.78 -8.18 39.11
CA ASP J 105 -62.09 -8.92 37.89
C ASP J 105 -61.38 -10.27 37.85
N ASN J 106 -60.89 -10.72 39.01
CA ASN J 106 -60.23 -12.02 39.10
C ASN J 106 -58.89 -12.07 38.34
N GLN J 107 -58.34 -10.91 37.99
CA GLN J 107 -57.05 -10.87 37.28
C GLN J 107 -55.92 -10.69 38.29
N ARG J 108 -54.88 -11.50 38.17
CA ARG J 108 -53.74 -11.38 39.07
C ARG J 108 -52.80 -10.27 38.65
N HIS J 109 -52.22 -9.60 39.65
CA HIS J 109 -51.24 -8.60 39.34
C HIS J 109 -49.94 -9.20 39.89
N THR J 110 -49.40 -8.64 40.97
CA THR J 110 -48.17 -9.18 41.52
C THR J 110 -48.31 -10.60 42.12
N GLU J 111 -47.33 -11.44 41.83
CA GLU J 111 -47.23 -12.79 42.39
C GLU J 111 -45.73 -13.02 42.53
N THR J 112 -45.20 -12.73 43.71
CA THR J 112 -43.76 -12.89 43.89
C THR J 112 -43.37 -13.17 45.34
N SER J 113 -42.07 -13.30 45.58
CA SER J 113 -41.55 -13.57 46.92
C SER J 113 -41.43 -12.29 47.74
N GLY J 114 -41.41 -12.44 49.06
CA GLY J 114 -41.26 -11.27 49.91
C GLY J 114 -39.91 -10.60 49.67
N TRP J 115 -38.85 -11.38 49.50
CA TRP J 115 -37.55 -10.73 49.29
C TRP J 115 -37.47 -9.98 47.95
N HIS J 116 -38.12 -10.50 46.90
CA HIS J 116 -38.07 -9.79 45.62
C HIS J 116 -38.88 -8.49 45.76
N LEU J 117 -40.06 -8.59 46.38
CA LEU J 117 -40.89 -7.41 46.58
C LEU J 117 -40.10 -6.33 47.33
N HIS J 118 -39.38 -6.76 48.37
CA HIS J 118 -38.58 -5.82 49.16
C HIS J 118 -37.46 -5.17 48.31
N PHE J 119 -36.78 -5.96 47.49
CA PHE J 119 -35.72 -5.39 46.67
C PHE J 119 -36.27 -4.38 45.67
N VAL J 120 -37.47 -4.61 45.15
CA VAL J 120 -38.08 -3.66 44.23
C VAL J 120 -38.46 -2.39 45.01
N ASN J 121 -38.96 -2.56 46.23
CA ASN J 121 -39.31 -1.41 47.08
C ASN J 121 -38.05 -0.52 47.22
N THR J 122 -36.91 -1.16 47.44
CA THR J 122 -35.63 -0.45 47.55
C THR J 122 -35.26 0.21 46.22
N ALA J 123 -35.33 -0.52 45.11
CA ALA J 123 -34.99 0.05 43.80
C ALA J 123 -35.85 1.28 43.50
N LYS J 124 -37.14 1.22 43.83
CA LYS J 124 -38.04 2.35 43.57
C LYS J 124 -37.79 3.54 44.48
N GLN J 125 -37.34 3.30 45.71
CA GLN J 125 -37.03 4.40 46.62
C GLN J 125 -35.69 5.06 46.26
N GLY J 126 -34.76 4.28 45.72
CA GLY J 126 -33.45 4.82 45.39
C GLY J 126 -32.49 4.67 46.57
N ALA J 127 -32.90 3.88 47.56
CA ALA J 127 -32.08 3.59 48.75
C ALA J 127 -32.76 2.45 49.50
N PRO J 128 -32.03 1.76 50.40
CA PRO J 128 -32.64 0.65 51.16
C PRO J 128 -33.99 1.12 51.69
N PHE J 129 -35.04 0.40 51.32
CA PHE J 129 -36.41 0.77 51.69
C PHE J 129 -36.64 1.10 53.16
N LEU J 130 -37.21 2.29 53.39
CA LEU J 130 -37.53 2.79 54.72
C LEU J 130 -36.35 2.75 55.70
N SER J 131 -35.14 2.89 55.18
CA SER J 131 -33.95 2.88 56.03
C SER J 131 -33.68 4.28 56.62
N SER J 132 -32.81 4.30 57.62
CA SER J 132 -32.38 5.53 58.26
C SER J 132 -30.90 5.69 57.90
N MET J 133 -30.61 6.73 57.13
CA MET J 133 -29.24 7.03 56.69
C MET J 133 -28.43 7.58 57.85
N VAL J 134 -27.17 7.19 57.93
CA VAL J 134 -26.32 7.70 59.00
C VAL J 134 -25.60 8.97 58.54
N THR J 135 -25.60 10.01 59.40
CA THR J 135 -24.90 11.27 59.09
C THR J 135 -24.18 11.75 60.34
N ASP J 136 -23.38 12.81 60.18
CA ASP J 136 -22.64 13.39 61.30
C ASP J 136 -23.49 14.39 62.07
N SER J 137 -24.79 14.48 61.80
CA SER J 137 -25.57 15.49 62.51
C SER J 137 -25.55 15.33 64.03
N PRO J 138 -25.24 16.42 64.76
CA PRO J 138 -25.22 16.35 66.24
C PRO J 138 -26.64 16.30 66.78
N ILE J 139 -27.60 16.80 65.99
CA ILE J 139 -29.02 16.77 66.38
C ILE J 139 -29.38 15.28 66.34
N LYS J 140 -30.11 14.79 67.34
CA LYS J 140 -30.34 13.35 67.38
C LYS J 140 -31.33 12.67 66.46
N TYR J 141 -31.13 12.89 65.16
CA TYR J 141 -31.88 12.17 64.12
C TYR J 141 -31.20 10.80 64.16
N GLY J 142 -31.79 9.81 63.51
CA GLY J 142 -31.16 8.50 63.49
C GLY J 142 -32.18 7.40 63.49
N ASP J 143 -31.75 6.22 63.91
CA ASP J 143 -32.69 5.11 63.99
C ASP J 143 -33.37 5.23 65.35
N VAL J 144 -34.38 6.09 65.37
CA VAL J 144 -35.15 6.38 66.56
C VAL J 144 -36.37 5.47 66.69
N MET J 145 -37.02 5.23 65.56
CA MET J 145 -38.26 4.46 65.51
C MET J 145 -38.17 3.01 65.05
N ASN J 146 -36.98 2.54 64.71
CA ASN J 146 -36.80 1.15 64.30
C ASN J 146 -37.89 0.66 63.34
N VAL J 147 -38.06 1.41 62.25
CA VAL J 147 -39.09 1.09 61.26
C VAL J 147 -38.91 -0.29 60.64
N ILE J 148 -37.71 -0.61 60.17
CA ILE J 148 -37.42 -1.95 59.66
C ILE J 148 -36.24 -2.32 60.54
N ASP J 149 -36.40 -3.39 61.31
CA ASP J 149 -35.40 -3.70 62.33
C ASP J 149 -35.38 -5.17 62.69
N ALA J 150 -34.20 -5.68 63.03
CA ALA J 150 -34.04 -7.07 63.46
C ALA J 150 -32.68 -7.25 64.15
N PRO J 151 -32.65 -7.96 65.29
CA PRO J 151 -31.40 -8.20 66.02
C PRO J 151 -30.41 -8.94 65.13
N ALA J 152 -29.15 -8.50 65.12
CA ALA J 152 -28.12 -9.13 64.31
C ALA J 152 -27.96 -10.60 64.71
N THR J 153 -28.13 -10.88 65.99
CA THR J 153 -28.04 -12.23 66.48
C THR J 153 -29.06 -12.40 67.59
N ILE J 154 -29.46 -13.64 67.84
CA ILE J 154 -30.38 -13.95 68.93
C ILE J 154 -29.63 -15.05 69.65
N ALA J 155 -29.15 -14.75 70.86
CA ALA J 155 -28.38 -15.71 71.64
C ALA J 155 -29.26 -16.83 72.21
N ALA J 156 -28.62 -17.93 72.57
CA ALA J 156 -29.32 -19.08 73.16
C ALA J 156 -30.14 -18.59 74.33
N GLY J 157 -31.43 -18.89 74.31
CA GLY J 157 -32.31 -18.50 75.39
C GLY J 157 -32.94 -17.13 75.25
N ALA J 158 -32.52 -16.36 74.25
CA ALA J 158 -33.05 -15.02 74.06
C ALA J 158 -34.25 -14.93 73.10
N THR J 159 -34.96 -13.82 73.18
CA THR J 159 -36.08 -13.57 72.30
C THR J 159 -35.83 -12.23 71.60
N GLY J 160 -35.89 -12.24 70.27
CA GLY J 160 -35.66 -11.02 69.51
C GLY J 160 -36.94 -10.50 68.90
N GLU J 161 -37.03 -9.19 68.77
CA GLU J 161 -38.21 -8.53 68.19
C GLU J 161 -37.84 -7.94 66.83
N LEU J 162 -38.66 -8.23 65.83
CA LEU J 162 -38.41 -7.78 64.47
C LEU J 162 -39.56 -6.97 63.90
N THR J 163 -39.24 -6.06 62.98
CA THR J 163 -40.26 -5.24 62.31
C THR J 163 -39.88 -5.16 60.85
N MET J 164 -40.85 -5.40 59.97
CA MET J 164 -40.60 -5.35 58.53
C MET J 164 -41.79 -4.69 57.85
N TYR J 165 -41.51 -3.94 56.78
CA TYR J 165 -42.56 -3.29 56.00
C TYR J 165 -42.37 -3.65 54.52
N TYR J 166 -43.49 -3.84 53.82
CA TYR J 166 -43.48 -4.13 52.39
C TYR J 166 -44.54 -3.24 51.75
N TRP J 167 -44.26 -2.76 50.55
CA TRP J 167 -45.25 -1.99 49.84
C TRP J 167 -45.64 -2.84 48.64
N VAL J 168 -46.91 -3.25 48.58
CA VAL J 168 -47.38 -4.04 47.44
C VAL J 168 -47.99 -2.99 46.52
N PRO J 169 -47.34 -2.74 45.38
CA PRO J 169 -47.86 -1.74 44.44
C PRO J 169 -48.90 -2.24 43.45
N LEU J 170 -49.83 -1.36 43.11
CA LEU J 170 -50.80 -1.65 42.05
C LEU J 170 -50.41 -0.52 41.10
N ALA J 171 -50.55 0.73 41.55
CA ALA J 171 -50.15 1.88 40.74
C ALA J 171 -48.62 1.87 40.71
N TYR J 172 -48.03 2.33 39.62
CA TYR J 172 -46.59 2.36 39.50
C TYR J 172 -45.93 3.30 40.54
N SER J 173 -46.52 4.48 40.74
CA SER J 173 -45.99 5.43 41.71
C SER J 173 -47.09 6.36 42.23
N GLU J 174 -46.71 7.38 43.00
CA GLU J 174 -47.70 8.33 43.51
C GLU J 174 -48.22 9.24 42.40
N THR J 175 -47.43 9.41 41.35
CA THR J 175 -47.81 10.28 40.24
C THR J 175 -48.14 9.56 38.92
N ASP J 176 -47.79 8.29 38.84
CA ASP J 176 -48.08 7.49 37.64
C ASP J 176 -49.06 6.39 38.05
N LEU J 177 -50.32 6.54 37.66
CA LEU J 177 -51.34 5.58 38.06
C LEU J 177 -51.44 4.32 37.21
N THR J 178 -50.48 4.11 36.31
CA THR J 178 -50.46 2.92 35.49
C THR J 178 -50.47 1.73 36.44
N GLY J 179 -51.42 0.81 36.25
CA GLY J 179 -51.49 -0.37 37.10
C GLY J 179 -52.43 -0.24 38.28
N ALA J 180 -52.93 0.96 38.52
CA ALA J 180 -53.87 1.16 39.62
C ALA J 180 -55.17 0.39 39.33
N VAL J 181 -55.94 0.16 40.38
CA VAL J 181 -57.21 -0.58 40.29
C VAL J 181 -58.45 0.22 40.70
N LEU J 182 -59.44 0.28 39.82
CA LEU J 182 -60.69 0.98 40.14
C LEU J 182 -61.53 -0.02 40.94
N ALA J 183 -61.79 0.28 42.20
CA ALA J 183 -62.53 -0.62 43.08
C ALA J 183 -63.86 -0.11 43.63
N ASN J 184 -64.65 0.80 42.73
CA ASN J 184 -65.68 1.28 43.31
C ASN J 184 -66.60 0.49 44.06
N VAL J 185 -66.94 0.49 45.18
CA VAL J 185 -67.84 -0.14 45.97
C VAL J 185 -69.08 -0.65 45.33
N PRO J 186 -68.97 -1.79 44.76
CA PRO J 186 -69.92 -2.56 44.04
C PRO J 186 -69.89 -3.83 44.49
N GLN J 187 -69.09 -4.22 45.62
CA GLN J 187 -69.22 -5.46 46.31
C GLN J 187 -68.39 -6.60 45.79
N SER J 188 -67.88 -6.96 44.30
CA SER J 188 -66.82 -8.12 43.93
C SER J 188 -65.45 -7.92 44.57
N LYS J 189 -65.00 -8.91 45.38
CA LYS J 189 -63.86 -8.66 46.26
C LYS J 189 -62.44 -8.80 45.68
N GLN J 190 -61.54 -8.05 46.30
CA GLN J 190 -60.13 -8.08 45.94
C GLN J 190 -59.58 -9.14 46.85
N ARG J 191 -58.43 -9.68 46.50
CA ARG J 191 -57.79 -10.68 47.32
C ARG J 191 -56.31 -10.33 47.45
N LEU J 192 -55.83 -10.08 48.67
CA LEU J 192 -54.41 -9.84 48.89
C LEU J 192 -53.97 -11.06 49.71
N LYS J 193 -53.30 -12.00 49.05
CA LYS J 193 -52.86 -13.21 49.73
C LYS J 193 -51.44 -13.07 50.26
N LEU J 194 -51.27 -13.42 51.53
CA LEU J 194 -49.96 -13.31 52.17
C LEU J 194 -49.54 -14.62 52.81
N GLU J 195 -48.36 -15.10 52.47
CA GLU J 195 -47.86 -16.32 53.09
C GLU J 195 -46.65 -15.92 53.91
N PHE J 196 -46.76 -16.09 55.23
CA PHE J 196 -45.68 -15.73 56.14
C PHE J 196 -44.67 -16.83 56.41
N ALA J 197 -43.51 -16.42 56.92
CA ALA J 197 -42.48 -17.36 57.32
C ALA J 197 -43.10 -18.22 58.42
N ASN J 198 -42.55 -19.40 58.63
CA ASN J 198 -43.03 -20.29 59.69
C ASN J 198 -41.81 -20.95 60.36
N ASN J 199 -42.06 -21.85 61.30
CA ASN J 199 -40.94 -22.49 61.99
C ASN J 199 -40.10 -23.38 61.11
N ASN J 200 -40.59 -23.66 59.90
CA ASN J 200 -39.86 -24.50 58.96
C ASN J 200 -39.07 -23.67 57.94
N THR J 201 -39.44 -22.42 57.71
CA THR J 201 -38.71 -21.63 56.72
C THR J 201 -37.78 -20.56 57.29
N ALA J 202 -38.11 -20.05 58.48
CA ALA J 202 -37.35 -18.97 59.09
C ALA J 202 -35.96 -19.28 59.64
N PHE J 203 -35.68 -20.55 59.92
CA PHE J 203 -34.41 -20.90 60.54
C PHE J 203 -33.60 -21.94 59.78
N ALA J 204 -32.37 -21.56 59.45
CA ALA J 204 -31.48 -22.45 58.71
C ALA J 204 -30.33 -22.97 59.55
N ALA J 205 -30.11 -24.27 59.47
CA ALA J 205 -29.02 -24.90 60.21
C ALA J 205 -27.71 -24.53 59.51
N VAL J 206 -26.60 -24.60 60.24
CA VAL J 206 -25.31 -24.31 59.66
C VAL J 206 -25.16 -25.26 58.47
N GLY J 207 -24.68 -24.74 57.34
CA GLY J 207 -24.51 -25.60 56.18
C GLY J 207 -25.74 -25.73 55.30
N ALA J 208 -26.89 -25.26 55.78
CA ALA J 208 -28.11 -25.34 54.99
C ALA J 208 -28.25 -24.05 54.16
N ASN J 209 -29.08 -24.09 53.12
CA ASN J 209 -29.28 -22.91 52.25
C ASN J 209 -30.03 -21.83 53.05
N PRO J 210 -29.45 -20.63 53.19
CA PRO J 210 -30.12 -19.57 53.94
C PRO J 210 -31.02 -18.64 53.11
N LEU J 211 -31.16 -18.92 51.82
CA LEU J 211 -31.95 -18.08 50.92
C LEU J 211 -33.29 -17.58 51.44
N GLU J 212 -34.13 -18.50 51.91
CA GLU J 212 -35.47 -18.15 52.38
C GLU J 212 -35.59 -17.95 53.89
N ALA J 213 -34.48 -18.11 54.60
CA ALA J 213 -34.49 -17.98 56.05
C ALA J 213 -34.25 -16.57 56.58
N ILE J 214 -34.59 -16.39 57.86
CA ILE J 214 -34.39 -15.12 58.54
C ILE J 214 -33.12 -15.21 59.41
N TYR J 215 -32.94 -16.34 60.09
CA TYR J 215 -31.75 -16.56 60.91
C TYR J 215 -31.11 -17.90 60.59
N GLN J 216 -29.79 -17.96 60.73
CA GLN J 216 -29.04 -19.19 60.47
C GLN J 216 -28.01 -19.34 61.58
N GLY J 217 -27.74 -20.58 61.98
CA GLY J 217 -26.75 -20.79 63.01
C GLY J 217 -26.92 -22.11 63.73
N ALA J 218 -25.98 -22.41 64.62
CA ALA J 218 -25.96 -23.66 65.36
C ALA J 218 -27.20 -23.93 66.22
N GLY J 219 -27.89 -22.88 66.64
CA GLY J 219 -29.07 -23.07 67.46
C GLY J 219 -30.39 -23.04 66.69
N ALA J 220 -30.30 -23.04 65.36
CA ALA J 220 -31.48 -22.95 64.51
C ALA J 220 -32.59 -23.98 64.75
N ALA J 221 -32.21 -25.25 64.91
CA ALA J 221 -33.19 -26.32 65.13
C ALA J 221 -34.13 -26.03 66.32
N ASP J 222 -33.66 -25.26 67.29
CA ASP J 222 -34.47 -24.94 68.46
C ASP J 222 -35.01 -23.52 68.50
N CYS J 223 -35.05 -22.86 67.35
CA CYS J 223 -35.61 -21.52 67.28
C CYS J 223 -37.08 -21.67 66.90
N GLU J 224 -37.90 -20.72 67.31
CA GLU J 224 -39.31 -20.75 66.98
C GLU J 224 -39.92 -19.39 67.10
N PHE J 225 -41.05 -19.19 66.43
CA PHE J 225 -41.75 -17.93 66.53
C PHE J 225 -42.60 -17.93 67.79
N GLU J 226 -42.55 -16.85 68.56
CA GLU J 226 -43.39 -16.73 69.74
C GLU J 226 -44.73 -16.31 69.14
N GLU J 227 -44.66 -15.43 68.15
CA GLU J 227 -45.84 -14.96 67.42
C GLU J 227 -45.48 -13.98 66.32
N ILE J 228 -46.42 -13.78 65.42
CA ILE J 228 -46.27 -12.85 64.29
C ILE J 228 -47.54 -12.04 64.22
N SER J 229 -47.41 -10.77 63.85
CA SER J 229 -48.56 -9.89 63.72
C SER J 229 -48.38 -9.09 62.43
N TYR J 230 -49.49 -8.75 61.79
CA TYR J 230 -49.42 -7.98 60.57
C TYR J 230 -50.55 -6.98 60.59
N THR J 231 -50.33 -5.87 59.91
CA THR J 231 -51.35 -4.83 59.77
C THR J 231 -51.22 -4.39 58.33
N VAL J 232 -52.33 -4.38 57.62
CA VAL J 232 -52.33 -3.97 56.23
C VAL J 232 -52.99 -2.61 56.13
N TYR J 233 -52.31 -1.66 55.48
CA TYR J 233 -52.86 -0.33 55.27
C TYR J 233 -53.12 -0.21 53.77
N GLN J 234 -54.30 0.26 53.40
CA GLN J 234 -54.64 0.41 51.99
C GLN J 234 -54.53 1.87 51.57
N SER J 235 -53.83 2.13 50.48
CA SER J 235 -53.67 3.49 49.96
C SER J 235 -54.52 3.64 48.71
N TYR J 236 -55.40 4.64 48.72
CA TYR J 236 -56.27 4.85 47.59
C TYR J 236 -56.62 6.31 47.41
N LEU J 237 -57.29 6.60 46.29
CA LEU J 237 -57.73 7.92 45.98
C LEU J 237 -59.23 7.97 46.11
N ASP J 238 -59.74 8.92 46.88
CA ASP J 238 -61.15 9.10 47.08
C ASP J 238 -61.69 10.43 46.46
N GLN J 239 -63.03 10.46 46.38
CA GLN J 239 -63.98 11.43 45.80
C GLN J 239 -64.01 11.20 44.27
N LEU J 240 -64.37 9.89 43.97
CA LEU J 240 -64.45 9.31 42.59
C LEU J 240 -65.35 10.24 41.76
N PRO J 241 -64.82 10.79 40.66
CA PRO J 241 -65.52 11.85 39.88
C PRO J 241 -66.76 11.48 39.18
N VAL J 242 -67.78 12.25 39.11
CA VAL J 242 -68.82 11.77 38.22
C VAL J 242 -69.06 12.85 37.20
N GLY J 243 -69.37 12.47 35.96
CA GLY J 243 -69.64 13.44 34.86
C GLY J 243 -70.98 13.09 34.14
N GLN J 244 -71.19 13.57 32.90
CA GLN J 244 -72.44 13.29 32.16
C GLN J 244 -72.44 11.87 31.61
N ASN J 245 -71.34 11.19 31.82
CA ASN J 245 -71.14 9.84 31.32
C ASN J 245 -71.22 8.90 32.50
N GLY J 246 -71.00 9.54 33.62
CA GLY J 246 -70.93 8.87 34.86
C GLY J 246 -69.49 9.05 35.34
N TYR J 247 -68.98 8.00 35.95
CA TYR J 247 -67.63 8.05 36.52
C TYR J 247 -66.57 8.47 35.50
N ILE J 248 -65.80 9.50 35.85
CA ILE J 248 -64.73 9.97 35.00
C ILE J 248 -63.53 9.08 35.35
N LEU J 249 -63.15 8.20 34.43
CA LEU J 249 -62.07 7.26 34.69
C LEU J 249 -61.02 7.12 33.59
N PRO J 250 -59.73 6.95 33.99
CA PRO J 250 -58.65 6.79 33.04
C PRO J 250 -58.72 5.33 32.55
N LEU J 251 -58.76 4.84 31.59
CA LEU J 251 -58.95 3.50 31.04
C LEU J 251 -57.68 2.74 30.68
N ILE J 252 -56.63 3.44 30.26
CA ILE J 252 -55.38 2.79 29.92
C ILE J 252 -54.73 2.34 31.23
N ASP J 253 -54.67 3.25 32.21
CA ASP J 253 -54.08 2.93 33.51
C ASP J 253 -54.69 1.66 34.09
N LEU J 254 -56.03 1.65 34.15
CA LEU J 254 -56.77 0.53 34.72
C LEU J 254 -56.82 -0.76 33.89
N SER J 255 -56.39 -0.70 32.63
CA SER J 255 -56.39 -1.88 31.78
C SER J 255 -54.95 -2.36 31.55
N THR J 256 -54.02 -1.80 32.32
CA THR J 256 -52.62 -2.17 32.21
C THR J 256 -52.21 -2.85 33.51
N LEU J 257 -51.57 -3.53 33.61
CA LEU J 257 -51.18 -4.21 34.85
C LEU J 257 -49.72 -3.89 35.14
N TYR J 258 -49.41 -3.56 36.39
CA TYR J 258 -48.05 -3.30 36.80
C TYR J 258 -47.84 -4.42 37.82
N ASN J 259 -47.04 -5.40 37.44
CA ASN J 259 -46.80 -6.58 38.26
C ASN J 259 -45.36 -6.90 38.55
N LEU J 260 -45.13 -7.60 39.66
CA LEU J 260 -43.81 -8.11 39.98
C LEU J 260 -44.04 -9.63 39.94
N GLU J 261 -43.09 -10.37 39.39
CA GLU J 261 -43.18 -11.83 39.33
C GLU J 261 -41.79 -12.44 39.47
N ASN J 262 -41.72 -13.67 39.99
CA ASN J 262 -40.42 -14.32 40.14
C ASN J 262 -40.41 -15.66 39.41
N SER J 263 -39.24 -16.22 39.20
CA SER J 263 -39.11 -17.52 38.55
C SER J 263 -37.76 -18.09 38.94
N ALA J 264 -37.53 -19.37 38.65
CA ALA J 264 -36.26 -20.01 38.97
C ALA J 264 -35.79 -20.74 37.72
N GLN J 265 -34.49 -20.69 37.48
CA GLN J 265 -33.88 -21.32 36.33
C GLN J 265 -32.64 -22.08 36.78
N ALA J 266 -32.39 -23.25 36.20
CA ALA J 266 -31.20 -24.04 36.55
C ALA J 266 -30.54 -24.54 35.27
N GLY J 267 -29.34 -25.10 35.41
CA GLY J 267 -28.63 -25.61 34.25
C GLY J 267 -27.37 -24.82 33.94
N LEU J 268 -26.79 -24.20 34.98
CA LEU J 268 -25.58 -23.41 34.80
C LEU J 268 -24.32 -24.28 34.71
N THR J 269 -23.39 -23.86 33.86
CA THR J 269 -22.13 -24.57 33.68
C THR J 269 -20.99 -23.57 33.61
N PRO J 270 -19.88 -23.85 34.31
CA PRO J 270 -18.73 -22.93 34.29
C PRO J 270 -18.34 -22.43 32.91
N ASN J 271 -18.13 -21.12 32.81
CA ASN J 271 -17.72 -20.44 31.60
C ASN J 271 -18.63 -20.51 30.38
N VAL J 272 -19.89 -20.91 30.60
CA VAL J 272 -20.84 -20.98 29.51
C VAL J 272 -21.97 -19.97 29.76
N ASP J 273 -22.37 -19.25 28.72
CA ASP J 273 -23.45 -18.27 28.87
C ASP J 273 -24.76 -18.96 29.27
N PHE J 274 -25.33 -18.53 30.40
CA PHE J 274 -26.61 -19.04 30.88
C PHE J 274 -27.58 -17.90 30.54
N VAL J 275 -28.51 -18.18 29.64
CA VAL J 275 -29.47 -17.18 29.17
C VAL J 275 -30.90 -17.42 29.63
N VAL J 276 -31.48 -16.40 30.28
CA VAL J 276 -32.87 -16.49 30.72
C VAL J 276 -33.65 -15.59 29.78
N GLN J 277 -34.47 -16.18 28.92
CA GLN J 277 -35.24 -15.40 27.96
C GLN J 277 -36.37 -14.60 28.58
N TYR J 278 -36.60 -13.42 28.02
CA TYR J 278 -37.69 -12.55 28.47
C TYR J 278 -38.86 -12.95 27.57
N ALA J 279 -40.08 -12.88 28.08
CA ALA J 279 -41.26 -13.22 27.28
C ALA J 279 -41.65 -12.02 26.44
N ASN J 280 -42.52 -12.22 25.45
CA ASN J 280 -42.96 -11.08 24.65
C ASN J 280 -44.22 -10.53 25.29
N LEU J 281 -44.68 -9.37 24.81
CA LEU J 281 -45.88 -8.73 25.34
C LEU J 281 -45.62 -7.89 26.59
N TYR J 282 -44.74 -8.36 27.47
CA TYR J 282 -44.44 -7.63 28.70
C TYR J 282 -43.38 -6.56 28.48
N ARG J 283 -43.56 -5.42 29.14
CA ARG J 283 -42.58 -4.33 29.06
C ARG J 283 -41.85 -4.42 30.40
N TYR J 284 -40.68 -5.05 30.39
CA TYR J 284 -39.91 -5.24 31.61
C TYR J 284 -39.13 -4.01 32.06
N LEU J 285 -39.54 -3.47 33.21
CA LEU J 285 -38.94 -2.27 33.80
C LEU J 285 -37.65 -2.57 34.57
N SER J 286 -37.59 -3.72 35.24
CA SER J 286 -36.38 -4.08 35.97
C SER J 286 -36.24 -5.59 36.06
N THR J 287 -35.01 -6.03 36.26
CA THR J 287 -34.70 -7.43 36.39
C THR J 287 -33.76 -7.63 37.58
N ILE J 288 -34.06 -8.63 38.39
CA ILE J 288 -33.23 -8.98 39.52
C ILE J 288 -32.88 -10.45 39.31
N ALA J 289 -31.61 -10.77 39.49
CA ALA J 289 -31.15 -12.15 39.34
C ALA J 289 -30.33 -12.48 40.57
N VAL J 290 -30.75 -13.53 41.28
CA VAL J 290 -30.03 -13.96 42.47
C VAL J 290 -29.31 -15.27 42.16
N PHE J 291 -27.99 -15.27 42.32
CA PHE J 291 -27.21 -16.47 42.04
C PHE J 291 -27.08 -17.32 43.30
N ASP J 292 -28.03 -18.22 43.48
CA ASP J 292 -28.04 -19.12 44.61
C ASP J 292 -27.09 -20.24 44.17
N ASN J 293 -25.81 -20.08 44.48
CA ASN J 293 -24.81 -21.05 44.07
C ASN J 293 -24.76 -22.26 45.01
N GLY J 294 -25.82 -23.06 44.97
CA GLY J 294 -25.89 -24.23 45.83
C GLY J 294 -25.86 -23.86 47.30
N GLY J 295 -26.57 -22.79 47.66
CA GLY J 295 -26.60 -22.37 49.05
C GLY J 295 -25.55 -21.35 49.44
N SER J 296 -24.61 -21.10 48.53
CA SER J 296 -23.55 -20.12 48.78
C SER J 296 -23.90 -18.86 48.00
N PHE J 297 -23.72 -17.72 48.65
CA PHE J 297 -23.99 -16.43 48.00
C PHE J 297 -22.70 -15.63 48.04
N ASN J 298 -22.13 -15.41 46.85
CA ASN J 298 -20.86 -14.71 46.73
C ASN J 298 -20.96 -13.32 46.14
N ALA J 299 -20.01 -12.47 46.53
CA ALA J 299 -19.96 -11.11 46.04
C ALA J 299 -19.26 -11.05 44.68
N GLY J 300 -19.94 -11.56 43.67
CA GLY J 300 -19.44 -11.54 42.31
C GLY J 300 -18.26 -12.43 41.93
N THR J 301 -17.57 -13.00 42.92
CA THR J 301 -16.40 -13.84 42.63
C THR J 301 -16.66 -15.14 41.89
N ASP J 302 -17.92 -15.58 41.85
CA ASP J 302 -18.28 -16.80 41.12
C ASP J 302 -18.89 -16.48 39.74
N ILE J 303 -18.76 -15.23 39.30
CA ILE J 303 -19.30 -14.82 38.01
C ILE J 303 -18.25 -14.14 37.13
N ASN J 304 -18.25 -14.47 35.84
CA ASN J 304 -17.34 -13.88 34.86
C ASN J 304 -17.94 -12.55 34.42
N TYR J 305 -19.21 -12.59 34.01
CA TYR J 305 -19.92 -11.38 33.61
C TYR J 305 -21.42 -11.59 33.52
N LEU J 306 -22.15 -10.49 33.46
CA LEU J 306 -23.60 -10.51 33.32
C LEU J 306 -23.90 -9.61 32.14
N SER J 307 -25.05 -9.79 31.52
CA SER J 307 -25.39 -8.96 30.36
C SER J 307 -26.86 -9.09 30.01
N GLN J 308 -27.30 -8.26 29.10
CA GLN J 308 -28.60 -8.28 28.49
C GLN J 308 -28.31 -8.43 27.01
N ARG J 309 -28.88 -9.46 26.46
CA ARG J 309 -28.49 -9.74 25.12
C ARG J 309 -29.57 -9.71 24.18
N THR J 310 -29.16 -9.49 23.01
CA THR J 310 -30.28 -9.52 22.28
C THR J 310 -30.14 -10.24 21.07
N ALA J 311 -31.02 -9.67 20.37
CA ALA J 311 -31.26 -10.24 19.13
C ALA J 311 -31.17 -9.33 17.94
N ASN J 312 -30.04 -8.77 17.86
CA ASN J 312 -29.41 -8.11 16.73
C ASN J 312 -28.04 -7.66 17.03
N PHE J 313 -27.81 -6.86 18.10
CA PHE J 313 -26.63 -6.31 18.57
C PHE J 313 -25.86 -7.41 19.19
N SER J 314 -26.05 -8.34 19.66
CA SER J 314 -25.12 -8.87 20.63
C SER J 314 -25.60 -8.36 21.98
N ASP J 315 -24.67 -8.13 22.90
CA ASP J 315 -24.95 -7.54 24.21
C ASP J 315 -25.02 -6.02 24.24
N THR J 316 -25.97 -5.50 25.03
CA THR J 316 -26.12 -4.07 25.17
C THR J 316 -25.44 -3.60 26.46
N ARG J 317 -25.04 -4.56 27.29
CA ARG J 317 -24.34 -4.24 28.55
C ARG J 317 -23.67 -5.43 29.20
N LYS J 318 -22.68 -5.98 28.51
CA LYS J 318 -21.92 -7.11 29.02
C LYS J 318 -20.86 -6.51 29.95
N LEU J 319 -21.00 -6.76 31.25
CA LEU J 319 -20.10 -6.17 32.25
C LEU J 319 -19.55 -7.13 33.29
N ASP J 320 -18.35 -6.84 33.80
CA ASP J 320 -17.78 -7.66 34.86
C ASP J 320 -18.67 -7.37 36.08
N PRO J 321 -18.68 -8.26 37.08
CA PRO J 321 -19.53 -8.05 38.26
C PRO J 321 -19.38 -6.73 39.00
N LYS J 322 -18.14 -6.24 39.19
CA LYS J 322 -17.98 -4.96 39.88
C LYS J 322 -18.54 -3.78 39.08
N THR J 323 -18.35 -3.80 37.77
CA THR J 323 -18.86 -2.72 36.94
C THR J 323 -20.39 -2.79 36.88
N TRP J 324 -20.93 -4.00 36.93
CA TRP J 324 -22.37 -4.18 36.94
C TRP J 324 -22.87 -3.57 38.26
N ALA J 325 -22.16 -3.87 39.35
CA ALA J 325 -22.53 -3.34 40.67
C ALA J 325 -22.42 -1.82 40.70
N ALA J 326 -21.47 -1.26 39.95
CA ALA J 326 -21.31 0.19 39.91
C ALA J 326 -22.59 0.82 39.37
N GLN J 327 -23.18 0.25 38.31
CA GLN J 327 -24.42 0.81 37.77
C GLN J 327 -25.51 0.76 38.85
N THR J 328 -25.56 -0.33 39.62
CA THR J 328 -26.55 -0.43 40.68
C THR J 328 -26.31 0.60 41.77
N ARG J 329 -25.06 0.88 42.10
CA ARG J 329 -24.79 1.90 43.13
C ARG J 329 -25.36 3.27 42.77
N ARG J 330 -25.48 3.54 41.47
CA ARG J 330 -26.05 4.80 40.98
C ARG J 330 -27.57 4.80 41.18
N ARG J 331 -28.16 3.61 41.33
CA ARG J 331 -29.60 3.50 41.47
C ARG J 331 -30.09 3.43 42.91
N ILE J 332 -29.36 2.74 43.78
CA ILE J 332 -29.80 2.62 45.18
C ILE J 332 -28.79 3.09 46.22
N ALA J 333 -27.73 3.75 45.75
CA ALA J 333 -26.73 4.33 46.64
C ALA J 333 -25.94 3.34 47.51
N THR J 334 -25.97 2.06 47.12
CA THR J 334 -25.27 1.02 47.86
C THR J 334 -25.38 -0.26 47.01
N ASP J 335 -24.88 -1.37 47.54
CA ASP J 335 -24.98 -2.66 46.82
C ASP J 335 -26.12 -3.48 47.41
N PHE J 336 -26.75 -4.31 46.58
CA PHE J 336 -27.76 -5.23 47.09
C PHE J 336 -26.93 -6.31 47.78
N PRO J 337 -27.56 -7.20 48.58
CA PRO J 337 -26.81 -8.25 49.27
C PRO J 337 -26.02 -9.19 48.34
N LYS J 338 -25.07 -9.93 48.92
CA LYS J 338 -24.25 -10.86 48.13
C LYS J 338 -25.05 -11.78 47.21
N GLY J 339 -24.63 -11.83 45.95
CA GLY J 339 -25.27 -12.70 44.97
C GLY J 339 -26.54 -12.16 44.36
N VAL J 340 -26.94 -10.95 44.75
CA VAL J 340 -28.15 -10.31 44.22
C VAL J 340 -27.75 -9.25 43.21
N TYR J 341 -28.23 -9.39 41.97
CA TYR J 341 -27.90 -8.47 40.90
C TYR J 341 -29.12 -7.78 40.32
N TYR J 342 -29.00 -6.47 40.14
CA TYR J 342 -30.10 -5.66 39.66
C TYR J 342 -29.81 -5.01 38.32
N CYS J 343 -30.88 -4.81 37.55
CA CYS J 343 -30.78 -4.20 36.23
C CYS J 343 -31.98 -3.27 36.02
N ASP J 344 -31.70 -2.00 35.81
CA ASP J 344 -32.76 -0.97 35.58
C ASP J 344 -32.97 -0.77 34.08
N ASN J 345 -34.19 -0.96 33.61
CA ASN J 345 -34.55 -0.74 32.19
C ASN J 345 -35.83 0.12 32.18
N ARG J 346 -35.98 0.98 33.18
CA ARG J 346 -37.18 1.80 33.31
C ARG J 346 -37.46 2.79 32.17
N ASP J 347 -36.43 3.46 31.70
CA ASP J 347 -36.61 4.44 30.63
C ASP J 347 -36.87 3.81 29.27
N LYS J 348 -36.32 2.62 29.07
CA LYS J 348 -36.53 1.87 27.81
C LYS J 348 -36.73 0.41 28.19
N PRO J 349 -37.96 0.04 28.59
CA PRO J 349 -38.33 -1.31 28.99
C PRO J 349 -38.01 -2.37 27.94
N ILE J 350 -37.57 -3.53 28.39
CA ILE J 350 -37.27 -4.65 27.50
C ILE J 350 -38.65 -5.07 26.98
N TYR J 351 -38.81 -5.05 25.65
CA TYR J 351 -40.07 -5.40 25.01
C TYR J 351 -39.69 -6.08 23.68
N THR J 352 -39.75 -7.41 23.66
CA THR J 352 -39.36 -8.19 22.49
C THR J 352 -40.28 -8.21 21.28
N LEU J 353 -41.22 -8.11 21.01
CA LEU J 353 -42.50 -8.50 20.32
C LEU J 353 -42.48 -10.00 19.99
N GLN J 354 -41.33 -10.62 19.86
CA GLN J 354 -41.21 -12.05 19.64
C GLN J 354 -40.59 -12.63 20.93
N TYR J 355 -41.08 -13.78 21.44
CA TYR J 355 -40.56 -14.47 22.63
C TYR J 355 -39.09 -14.81 22.61
N GLY J 356 -38.32 -14.23 23.52
CA GLY J 356 -36.90 -14.53 23.59
C GLY J 356 -35.98 -13.70 22.69
N ASN J 357 -36.44 -12.83 22.13
CA ASN J 357 -35.61 -11.90 21.40
C ASN J 357 -34.61 -11.24 22.29
N VAL J 358 -34.90 -11.16 23.41
CA VAL J 358 -33.98 -10.61 24.41
C VAL J 358 -33.82 -11.56 25.61
N GLY J 359 -32.60 -11.67 26.11
CA GLY J 359 -32.35 -12.53 27.25
C GLY J 359 -31.43 -11.89 28.27
N PHE J 360 -31.51 -12.37 29.51
CA PHE J 360 -30.67 -11.90 30.60
C PHE J 360 -29.55 -12.94 30.69
N VAL J 361 -28.31 -12.50 30.68
CA VAL J 361 -27.19 -13.42 30.68
C VAL J 361 -26.29 -13.42 31.89
N VAL J 362 -25.92 -14.62 32.32
CA VAL J 362 -24.98 -14.80 33.41
C VAL J 362 -23.99 -15.89 32.97
N ASN J 363 -22.72 -15.52 32.89
CA ASN J 363 -21.68 -16.50 32.55
C ASN J 363 -20.95 -16.73 33.88
N PRO J 364 -21.22 -17.87 34.53
CA PRO J 364 -20.62 -18.23 35.81
C PRO J 364 -19.17 -18.69 35.76
N LYS J 365 -18.41 -18.32 36.78
CA LYS J 365 -17.02 -18.73 36.87
C LYS J 365 -16.95 -20.07 37.58
N THR J 366 -17.74 -20.22 38.64
CA THR J 366 -17.80 -21.47 39.40
C THR J 366 -19.26 -21.84 39.66
N VAL J 367 -19.57 -23.12 39.47
CA VAL J 367 -20.94 -23.60 39.68
C VAL J 367 -20.96 -24.77 40.66
N ASN J 368 -21.60 -24.55 41.80
CA ASN J 368 -21.72 -25.60 42.81
C ASN J 368 -22.93 -26.48 42.53
N GLN J 369 -23.07 -27.55 43.29
CA GLN J 369 -24.19 -28.46 43.15
C GLN J 369 -25.49 -27.73 43.51
N ASN J 370 -26.54 -27.96 42.73
CA ASN J 370 -27.84 -27.34 42.97
C ASN J 370 -27.83 -25.83 42.76
N ALA J 371 -27.03 -25.36 41.81
CA ALA J 371 -26.97 -23.94 41.52
C ALA J 371 -28.19 -23.54 40.70
N ARG J 372 -28.60 -22.29 40.85
CA ARG J 372 -29.74 -21.80 40.10
C ARG J 372 -29.81 -20.29 40.22
N LEU J 373 -30.51 -19.69 39.27
CA LEU J 373 -30.73 -18.26 39.27
C LEU J 373 -32.18 -18.04 39.62
N LEU J 374 -32.43 -17.22 40.63
CA LEU J 374 -33.78 -16.87 41.02
C LEU J 374 -34.01 -15.49 40.42
N MET J 375 -34.92 -15.42 39.45
CA MET J 375 -35.23 -14.18 38.74
C MET J 375 -36.41 -13.45 39.32
N GLY J 376 -36.35 -12.12 39.25
CA GLY J 376 -37.43 -11.28 39.72
C GLY J 376 -37.67 -10.21 38.67
N TYR J 377 -38.93 -10.00 38.28
CA TYR J 377 -39.26 -9.01 37.25
C TYR J 377 -40.33 -8.00 37.65
N GLU J 378 -40.18 -6.78 37.13
CA GLU J 378 -41.16 -5.70 37.28
C GLU J 378 -41.58 -5.46 35.84
N TYR J 379 -42.87 -5.47 35.54
CA TYR J 379 -43.26 -5.23 34.15
C TYR J 379 -44.65 -4.63 34.03
N PHE J 380 -44.96 -4.11 32.85
CA PHE J 380 -46.26 -3.54 32.51
C PHE J 380 -46.78 -4.46 31.41
N THR J 381 -48.09 -4.67 31.37
CA THR J 381 -48.69 -5.45 30.30
C THR J 381 -50.17 -5.11 30.27
N SER J 382 -50.76 -5.09 29.09
CA SER J 382 -52.17 -4.75 28.96
C SER J 382 -53.06 -5.90 29.42
N ARG J 383 -54.21 -5.55 29.98
CA ARG J 383 -55.17 -6.54 30.45
C ARG J 383 -55.65 -7.39 29.28
N THR J 384 -58.26 -4.72 29.45
CA THR J 384 -59.54 -4.15 28.75
C THR J 384 -60.48 -3.09 29.51
N GLU J 385 -61.13 -1.70 28.80
CA GLU J 385 -62.03 -0.86 29.18
C GLU J 385 -63.39 -0.55 28.27
N LEU J 386 -64.55 -0.21 28.94
CA LEU J 386 -65.96 0.18 28.34
C LEU J 386 -66.44 1.39 29.21
N VAL J 387 -67.59 2.09 28.97
CA VAL J 387 -68.06 3.31 29.83
C VAL J 387 -69.61 3.34 30.17
N ASN J 388 -70.04 2.40 31.22
CA ASN J 388 -71.49 2.29 31.55
C ASN J 388 -71.87 1.94 32.94
N ALA J 389 -72.82 2.40 33.55
CA ALA J 389 -73.30 2.03 34.86
C ALA J 389 -74.61 2.53 35.12
N GLY J 390 -75.41 1.97 35.91
CA GLY J 390 -76.58 2.76 36.29
C GLY J 390 -77.03 2.51 37.63
N THR J 391 -77.76 3.42 38.20
CA THR J 391 -78.38 3.10 39.45
C THR J 391 -79.60 3.93 39.59
N ILE J 392 -80.69 3.25 39.97
CA ILE J 392 -81.94 3.98 40.20
C ILE J 392 -82.53 3.54 41.47
N SER J 393 -83.05 4.46 42.23
CA SER J 393 -83.59 3.99 43.48
C SER J 393 -84.76 4.95 43.77
N GLN K 5 -38.27 45.70 5.03
CA GLN K 5 -38.00 45.75 6.49
C GLN K 5 -36.54 46.08 6.66
N GLN K 6 -36.30 46.56 7.88
CA GLN K 6 -34.93 46.88 8.26
C GLN K 6 -34.33 45.56 8.82
N LEU K 7 -33.23 45.17 8.29
CA LEU K 7 -32.61 43.94 8.82
C LEU K 7 -31.59 44.34 9.91
N THR K 8 -32.01 44.12 11.19
CA THR K 8 -31.08 44.42 12.34
C THR K 8 -30.28 43.16 12.49
N PRO K 9 -29.11 43.27 11.97
CA PRO K 9 -28.33 42.04 11.93
C PRO K 9 -28.13 41.42 13.25
N ALA K 10 -27.99 42.17 14.28
CA ALA K 10 -27.72 41.59 15.59
C ALA K 10 -28.95 40.95 16.14
N GLN K 11 -30.07 41.65 16.06
CA GLN K 11 -31.34 41.15 16.55
C GLN K 11 -31.72 39.87 15.78
N GLN K 12 -31.46 39.92 14.50
CA GLN K 12 -31.75 38.80 13.62
C GLN K 12 -30.92 37.59 13.90
N ALA K 13 -29.62 37.78 14.06
CA ALA K 13 -28.73 36.64 14.36
C ALA K 13 -29.19 35.98 15.62
N ALA K 14 -29.70 36.84 16.54
CA ALA K 14 -30.16 36.32 17.85
C ALA K 14 -31.42 35.51 17.61
N LEU K 15 -32.22 36.07 16.73
CA LEU K 15 -33.50 35.37 16.38
C LEU K 15 -33.13 34.04 15.77
N ARG K 16 -32.13 34.12 14.89
CA ARG K 16 -31.66 32.89 14.19
C ARG K 16 -31.16 31.87 15.19
N ASN K 17 -30.61 32.41 16.29
CA ASN K 17 -30.11 31.48 17.35
C ASN K 17 -31.30 30.66 17.85
N GLN K 18 -32.21 31.78 18.43
CA GLN K 18 -33.36 31.38 19.22
C GLN K 18 -34.04 30.21 18.53
N GLN K 19 -34.03 30.24 17.20
CA GLN K 19 -34.62 29.18 16.40
C GLN K 19 -33.64 27.99 16.40
N ALA K 20 -32.36 28.30 16.48
CA ALA K 20 -31.31 27.29 16.52
C ALA K 20 -31.42 26.50 17.82
N MET K 21 -31.63 27.23 18.92
CA MET K 21 -31.76 26.62 20.24
C MET K 21 -32.96 25.70 20.26
N ALA K 22 -34.08 26.17 19.73
CA ALA K 22 -35.32 25.39 19.70
C ALA K 22 -35.15 24.15 18.85
N ALA K 23 -34.49 24.29 17.71
CA ALA K 23 -34.27 23.16 16.80
C ALA K 23 -33.41 22.12 17.51
N ASN K 24 -32.37 22.58 18.19
CA ASN K 24 -31.46 21.71 18.91
C ASN K 24 -32.22 20.90 19.97
N LEU K 25 -32.93 21.59 20.84
CA LEU K 25 -33.69 20.92 21.88
C LEU K 25 -34.65 19.88 21.31
N GLN K 26 -35.37 20.23 20.25
CA GLN K 26 -36.31 19.29 19.63
C GLN K 26 -35.57 18.06 19.11
N ALA K 27 -34.44 18.29 18.45
CA ALA K 27 -33.65 17.20 17.92
C ALA K 27 -33.18 16.30 19.07
N ARG K 28 -32.77 16.92 20.17
CA ARG K 28 -32.30 16.17 21.34
C ARG K 28 -33.45 15.30 21.86
N GLN K 29 -34.61 15.91 22.05
CA GLN K 29 -35.77 15.18 22.55
C GLN K 29 -36.14 14.00 21.67
N ILE K 30 -36.06 14.17 20.36
CA ILE K 30 -36.37 13.10 19.42
C ILE K 30 -35.34 11.99 19.49
N VAL K 31 -34.06 12.35 19.55
CA VAL K 31 -33.00 11.35 19.65
C VAL K 31 -33.20 10.52 20.91
N LEU K 32 -33.46 11.17 22.04
CA LEU K 32 -33.66 10.47 23.30
C LEU K 32 -34.86 9.54 23.28
N GLN K 33 -35.94 9.97 22.64
CA GLN K 33 -37.14 9.15 22.59
C GLN K 33 -37.08 8.02 21.57
N GLN K 34 -36.42 8.25 20.44
CA GLN K 34 -36.32 7.24 19.38
C GLN K 34 -35.17 6.23 19.47
N SER K 35 -33.00 5.82 19.51
CA SER K 35 -31.78 5.02 19.61
C SER K 35 -31.81 4.19 20.89
N TYR K 36 -30.88 3.25 21.01
CA TYR K 36 -30.82 2.43 22.23
C TYR K 36 -29.42 2.54 22.82
N PRO K 37 -29.33 2.84 24.12
CA PRO K 37 -28.02 2.96 24.76
C PRO K 37 -27.28 1.63 24.87
N VAL K 38 -25.97 1.68 24.73
CA VAL K 38 -25.12 0.49 24.82
C VAL K 38 -23.87 0.87 25.59
N ILE K 39 -23.37 -0.05 26.39
CA ILE K 39 -22.12 0.17 27.09
C ILE K 39 -21.37 -1.14 26.84
N GLN K 40 -20.19 -1.04 26.23
CA GLN K 40 -19.42 -2.23 25.91
C GLN K 40 -17.93 -2.04 26.13
N GLN K 41 -17.27 -3.11 26.55
CA GLN K 41 -15.85 -3.08 26.80
C GLN K 41 -15.11 -2.79 25.50
N VAL K 42 -14.12 -1.91 25.59
CA VAL K 42 -13.29 -1.52 24.46
C VAL K 42 -11.90 -2.14 24.57
N GLU K 43 -11.35 -2.14 25.77
CA GLU K 43 -10.01 -2.66 25.97
C GLU K 43 -9.69 -2.91 27.43
N THR K 44 -8.89 -3.94 27.70
CA THR K 44 -8.45 -4.22 29.06
C THR K 44 -6.95 -4.53 28.98
N GLN K 45 -6.20 -4.08 29.98
CA GLN K 45 -4.78 -4.40 30.02
C GLN K 45 -4.30 -4.42 31.45
N THR K 46 -3.36 -5.33 31.71
CA THR K 46 -2.77 -5.46 33.04
C THR K 46 -1.27 -5.25 32.83
N PHE K 47 -0.66 -4.42 33.67
CA PHE K 47 0.74 -4.08 33.50
C PHE K 47 1.36 -3.65 34.82
N ASP K 48 2.68 -3.47 34.79
CA ASP K 48 3.44 -2.99 35.94
C ASP K 48 3.84 -1.59 35.50
N PRO K 49 3.41 -0.55 36.24
CA PRO K 49 3.77 0.81 35.84
C PRO K 49 5.27 1.10 35.83
N ALA K 50 6.06 0.18 36.39
CA ALA K 50 7.52 0.36 36.39
C ALA K 50 8.00 0.12 34.95
N ASN K 51 7.17 -0.58 34.18
CA ASN K 51 7.46 -0.90 32.79
C ASN K 51 6.87 0.14 31.84
N ARG K 52 5.60 0.47 32.07
CA ARG K 52 4.92 1.44 31.22
C ARG K 52 3.74 2.04 31.98
N SER K 53 3.53 3.35 31.88
CA SER K 53 2.41 3.97 32.60
C SER K 53 1.49 4.82 31.73
N VAL K 54 1.82 4.97 30.44
CA VAL K 54 0.97 5.75 29.55
C VAL K 54 0.37 4.88 28.46
N PHE K 55 -0.95 4.95 28.30
CA PHE K 55 -1.64 4.13 27.32
C PHE K 55 -2.59 4.92 26.45
N ASP K 56 -2.57 4.65 25.15
CA ASP K 56 -3.46 5.32 24.22
C ASP K 56 -4.51 4.29 23.81
N VAL K 57 -5.71 4.44 24.34
CA VAL K 57 -6.81 3.52 24.04
C VAL K 57 -7.57 4.04 22.82
N THR K 58 -7.94 3.12 21.93
CA THR K 58 -8.66 3.49 20.72
C THR K 58 -10.12 3.08 20.77
N PRO K 59 -11.02 4.04 21.08
CA PRO K 59 -12.45 3.75 21.16
C PRO K 59 -12.99 3.27 19.81
N ALA K 60 -14.07 2.52 19.85
CA ALA K 60 -14.70 2.01 18.62
C ALA K 60 -15.49 3.16 17.99
N ASN K 61 -15.52 3.24 16.67
CA ASN K 61 -16.28 4.29 16.02
C ASN K 61 -17.69 3.81 15.75
N VAL K 62 -18.61 4.09 16.66
CA VAL K 62 -19.99 3.69 16.48
C VAL K 62 -20.97 4.69 17.07
N GLY K 63 -21.94 5.10 16.26
CA GLY K 63 -22.96 6.03 16.69
C GLY K 63 -22.48 7.26 17.43
N ILE K 64 -23.31 7.74 18.35
CA ILE K 64 -22.99 8.91 19.14
C ILE K 64 -22.38 8.42 20.45
N VAL K 65 -21.15 8.85 20.73
CA VAL K 65 -20.44 8.44 21.95
C VAL K 65 -20.72 9.43 23.09
N LYS K 66 -21.14 8.92 24.24
CA LYS K 66 -21.48 9.76 25.39
C LYS K 66 -20.36 9.86 26.42
N GLY K 67 -19.54 8.83 26.52
CA GLY K 67 -18.46 8.85 27.50
C GLY K 67 -17.85 7.49 27.74
N PHE K 68 -16.90 7.44 28.67
CA PHE K 68 -16.21 6.19 28.97
C PHE K 68 -16.13 5.93 30.47
N LEU K 69 -16.44 4.71 30.86
CA LEU K 69 -16.33 4.32 32.26
C LEU K 69 -15.02 3.53 32.32
N VAL K 70 -14.10 4.00 33.14
CA VAL K 70 -12.80 3.36 33.25
C VAL K 70 -12.64 2.72 34.64
N LYS K 71 -12.53 1.39 34.63
CA LYS K 71 -12.32 0.61 35.85
C LYS K 71 -10.80 0.48 36.00
N VAL K 72 -10.28 0.76 37.19
CA VAL K 72 -8.85 0.64 37.44
C VAL K 72 -8.63 -0.15 38.73
N THR K 73 -7.82 -1.20 38.68
CA THR K 73 -7.53 -1.94 39.90
C THR K 73 -6.00 -1.94 40.06
N ALA K 74 -5.54 -2.16 41.28
CA ALA K 74 -4.11 -2.17 41.51
C ALA K 74 -3.78 -2.92 42.77
N ALA K 75 -2.55 -3.43 42.84
CA ALA K 75 -2.05 -4.13 44.02
C ALA K 75 -0.78 -3.36 44.38
N ILE K 76 -0.68 -2.98 45.66
CA ILE K 76 0.47 -2.23 46.13
C ILE K 76 1.09 -2.94 47.31
N THR K 77 2.42 -3.04 47.32
CA THR K 77 3.10 -3.73 48.41
C THR K 77 4.02 -2.79 49.15
N ASN K 78 3.95 -2.84 50.48
CA ASN K 78 4.80 -2.00 51.32
C ASN K 78 5.89 -2.94 51.82
N ASN K 79 7.09 -2.81 51.30
CA ASN K 79 8.18 -3.67 51.75
C ASN K 79 9.09 -3.02 52.77
N HIS K 80 8.65 -1.92 53.39
CA HIS K 80 9.49 -1.28 54.37
C HIS K 80 9.66 -2.27 55.51
N ALA K 81 10.80 -2.20 56.19
CA ALA K 81 11.08 -3.12 57.27
C ALA K 81 10.15 -2.96 58.47
N THR K 82 9.73 -1.73 58.76
CA THR K 82 8.90 -1.52 59.94
C THR K 82 7.75 -0.52 59.85
N GLU K 83 7.83 0.44 58.95
CA GLU K 83 6.82 1.50 58.86
C GLU K 83 5.68 1.30 57.87
N ALA K 84 4.50 1.81 58.25
CA ALA K 84 3.33 1.71 57.39
C ALA K 84 3.18 2.97 56.55
N VAL K 85 2.15 2.97 55.70
CA VAL K 85 1.81 4.15 54.91
C VAL K 85 0.29 4.22 55.04
N ALA K 86 -0.26 5.41 54.89
CA ALA K 86 -1.68 5.63 55.02
C ALA K 86 -2.19 6.38 53.81
N LEU K 87 -3.47 6.17 53.47
CA LEU K 87 -4.06 6.86 52.33
C LEU K 87 -3.94 8.36 52.46
N THR K 88 -3.72 9.03 51.33
CA THR K 88 -3.69 10.49 51.30
C THR K 88 -5.18 10.86 51.22
N ASP K 89 -5.49 12.14 51.22
CA ASP K 89 -6.89 12.58 51.13
C ASP K 89 -7.54 12.15 49.80
N PHE K 90 -6.76 12.12 48.72
CA PHE K 90 -7.32 11.73 47.42
C PHE K 90 -7.23 10.21 47.20
N GLY K 91 -6.23 9.59 47.82
CA GLY K 91 -6.10 8.15 47.74
C GLY K 91 -6.18 7.52 46.36
N PRO K 92 -7.11 6.57 46.17
CA PRO K 92 -7.23 5.91 44.87
C PRO K 92 -7.61 6.80 43.70
N ALA K 93 -8.11 8.00 43.97
CA ALA K 93 -8.47 8.92 42.87
C ALA K 93 -7.18 9.32 42.13
N ASN K 94 -6.03 9.07 42.76
CA ASN K 94 -4.76 9.39 42.13
C ASN K 94 -4.14 8.20 41.37
N LEU K 95 -4.90 7.13 41.18
CA LEU K 95 -4.42 5.97 40.41
C LEU K 95 -4.20 6.39 38.96
N VAL K 96 -5.05 7.31 38.49
CA VAL K 96 -4.88 7.87 37.14
C VAL K 96 -4.40 9.30 37.40
N GLN K 97 -3.25 9.65 36.84
CA GLN K 97 -2.70 10.98 36.99
C GLN K 97 -3.32 11.97 36.01
N ARG K 98 -3.48 11.54 34.76
CA ARG K 98 -4.06 12.41 33.75
C ARG K 98 -4.85 11.65 32.69
N VAL K 99 -5.86 12.31 32.13
CA VAL K 99 -6.68 11.71 31.09
C VAL K 99 -6.87 12.76 30.02
N ILE K 100 -6.70 12.37 28.75
CA ILE K 100 -6.89 13.32 27.64
C ILE K 100 -7.66 12.60 26.54
N TYR K 101 -8.69 13.26 26.01
CA TYR K 101 -9.49 12.68 24.93
C TYR K 101 -9.43 13.55 23.67
N TYR K 102 -9.31 12.91 22.51
CA TYR K 102 -9.33 13.61 21.21
C TYR K 102 -10.40 12.92 20.37
N ASP K 103 -11.23 13.70 19.68
CA ASP K 103 -12.29 13.11 18.86
C ASP K 103 -11.77 12.73 17.45
N PRO K 104 -12.64 12.21 16.57
CA PRO K 104 -12.20 11.83 15.22
C PRO K 104 -11.56 12.94 14.38
N ASP K 105 -11.83 14.20 14.70
CA ASP K 105 -11.22 15.32 13.96
C ASP K 105 -9.96 15.79 14.69
N ASN K 106 -9.57 15.01 15.69
CA ASN K 106 -8.42 15.30 16.54
C ASN K 106 -8.57 16.57 17.36
N GLN K 107 -9.81 16.94 17.65
CA GLN K 107 -10.10 18.08 18.48
C GLN K 107 -10.06 17.53 19.92
N ARG K 108 -9.30 18.21 20.78
CA ARG K 108 -9.14 17.79 22.16
C ARG K 108 -10.37 18.21 22.96
N HIS K 109 -10.87 17.32 23.83
CA HIS K 109 -11.99 17.69 24.68
C HIS K 109 -11.36 17.76 26.08
N THR K 110 -11.77 16.90 26.99
CA THR K 110 -11.20 16.92 28.32
C THR K 110 -9.71 16.61 28.39
N GLU K 111 -9.00 17.30 29.28
CA GLU K 111 -7.59 17.08 29.56
C GLU K 111 -7.44 17.54 31.01
N THR K 112 -7.44 16.59 31.94
CA THR K 112 -7.33 16.96 33.34
C THR K 112 -6.77 15.85 34.19
N SER K 113 -6.65 16.11 35.49
CA SER K 113 -6.11 15.13 36.42
C SER K 113 -7.17 14.12 36.86
N GLY K 114 -6.72 12.95 37.29
CA GLY K 114 -7.66 11.95 37.79
C GLY K 114 -8.42 12.52 38.98
N TRP K 115 -7.76 13.24 39.89
CA TRP K 115 -8.48 13.76 41.04
C TRP K 115 -9.56 14.77 40.65
N HIS K 116 -9.29 15.62 39.67
CA HIS K 116 -10.30 16.61 39.28
C HIS K 116 -11.49 15.91 38.61
N LEU K 117 -11.20 14.97 37.72
CA LEU K 117 -12.26 14.24 37.04
C LEU K 117 -13.14 13.54 38.06
N HIS K 118 -12.50 12.93 39.06
CA HIS K 118 -13.24 12.25 40.11
C HIS K 118 -14.14 13.22 40.90
N PHE K 119 -13.63 14.40 41.25
CA PHE K 119 -14.46 15.35 41.99
C PHE K 119 -15.65 15.80 41.17
N VAL K 120 -15.48 15.94 39.86
CA VAL K 120 -16.62 16.32 39.02
C VAL K 120 -17.61 15.15 38.95
N ASN K 121 -17.10 13.91 38.87
CA ASN K 121 -18.00 12.73 38.86
C ASN K 121 -18.87 12.79 40.13
N THR K 122 -18.25 13.11 41.26
CA THR K 122 -18.99 13.22 42.52
C THR K 122 -20.01 14.37 42.47
N ALA K 123 -19.57 15.55 42.00
CA ALA K 123 -20.49 16.68 41.92
C ALA K 123 -21.71 16.36 41.05
N LYS K 124 -21.48 15.68 39.92
CA LYS K 124 -22.58 15.34 39.02
C LYS K 124 -23.49 14.25 39.61
N GLN K 125 -22.96 13.38 40.46
CA GLN K 125 -23.81 12.35 41.07
C GLN K 125 -24.63 12.93 42.23
N GLY K 126 -24.08 13.92 42.91
CA GLY K 126 -24.77 14.52 44.05
C GLY K 126 -24.38 13.81 45.33
N ALA K 127 -23.32 12.99 45.25
CA ALA K 127 -22.81 12.22 46.39
C ALA K 127 -21.46 11.64 45.98
N PRO K 128 -20.61 11.23 46.94
CA PRO K 128 -19.31 10.65 46.58
C PRO K 128 -19.53 9.58 45.50
N PHE K 129 -18.87 9.76 44.38
CA PHE K 129 -19.03 8.91 43.21
C PHE K 129 -18.96 7.40 43.48
N LEU K 130 -20.01 6.70 43.06
CA LEU K 130 -20.13 5.25 43.22
C LEU K 130 -19.88 4.74 44.64
N SER K 131 -20.18 5.59 45.63
CA SER K 131 -19.99 5.18 47.02
C SER K 131 -21.19 4.36 47.53
N SER K 132 -20.98 3.70 48.67
CA SER K 132 -22.04 2.94 49.33
C SER K 132 -22.38 3.71 50.61
N MET K 133 -23.62 4.19 50.70
CA MET K 133 -24.10 4.95 51.86
C MET K 133 -24.34 4.01 53.03
N VAL K 134 -24.02 4.45 54.24
CA VAL K 134 -24.21 3.64 55.43
C VAL K 134 -25.62 3.90 56.01
N THR K 135 -26.36 2.83 56.32
CA THR K 135 -27.69 2.97 56.90
C THR K 135 -27.87 1.94 58.01
N ASP K 136 -28.99 2.03 58.72
CA ASP K 136 -29.31 1.12 59.81
C ASP K 136 -30.01 -0.15 59.29
N SER K 137 -30.08 -0.35 57.97
CA SER K 137 -30.80 -1.52 57.48
C SER K 137 -30.23 -2.87 57.94
N PRO K 138 -31.07 -3.75 58.51
CA PRO K 138 -30.58 -5.06 58.96
C PRO K 138 -30.34 -5.99 57.76
N ILE K 139 -30.99 -5.71 56.64
CA ILE K 139 -30.80 -6.50 55.41
C ILE K 139 -29.36 -6.15 55.00
N LYS K 140 -28.58 -7.14 54.56
CA LYS K 140 -27.17 -6.89 54.29
C LYS K 140 -26.70 -6.16 53.03
N TYR K 141 -27.26 -4.97 52.86
CA TYR K 141 -26.84 -4.04 51.81
C TYR K 141 -25.54 -3.52 52.40
N GLY K 142 -24.76 -2.79 51.62
CA GLY K 142 -23.54 -2.23 52.15
C GLY K 142 -22.42 -2.30 51.15
N ASP K 143 -21.19 -2.21 51.62
CA ASP K 143 -20.05 -2.32 50.72
C ASP K 143 -19.86 -3.83 50.51
N VAL K 144 -20.60 -4.35 49.53
CA VAL K 144 -20.57 -5.78 49.21
C VAL K 144 -19.60 -6.04 48.08
N MET K 145 -19.63 -5.18 47.07
CA MET K 145 -18.84 -5.35 45.87
C MET K 145 -17.55 -4.55 45.72
N ASN K 146 -17.25 -3.71 46.71
CA ASN K 146 -16.04 -2.89 46.70
C ASN K 146 -15.76 -2.21 45.36
N VAL K 147 -16.74 -1.49 44.88
CA VAL K 147 -16.66 -0.80 43.60
C VAL K 147 -15.53 0.22 43.58
N ILE K 148 -15.46 1.08 44.60
CA ILE K 148 -14.33 2.01 44.73
C ILE K 148 -13.85 1.71 46.14
N ASP K 149 -12.60 1.28 46.26
CA ASP K 149 -12.09 0.83 47.56
C ASP K 149 -10.56 0.85 47.64
N ALA K 150 -10.04 1.08 48.84
CA ALA K 150 -8.59 1.07 49.07
C ALA K 150 -8.37 0.96 50.58
N PRO K 151 -7.45 0.08 51.00
CA PRO K 151 -7.23 -0.03 52.45
C PRO K 151 -6.73 1.28 53.05
N ALA K 152 -7.23 1.61 54.25
CA ALA K 152 -6.86 2.86 54.90
C ALA K 152 -5.35 2.94 55.15
N THR K 153 -4.74 1.78 55.40
CA THR K 153 -3.31 1.71 55.63
C THR K 153 -2.76 0.44 55.03
N ILE K 154 -1.46 0.44 54.71
CA ILE K 154 -0.80 -0.77 54.23
C ILE K 154 0.41 -0.88 55.14
N ALA K 155 0.39 -1.87 56.02
CA ALA K 155 1.46 -2.10 56.98
C ALA K 155 2.74 -2.62 56.36
N ALA K 156 3.85 -2.46 57.07
CA ALA K 156 5.13 -2.97 56.58
C ALA K 156 4.95 -4.45 56.28
N GLY K 157 5.36 -4.86 55.08
CA GLY K 157 5.25 -6.25 54.68
C GLY K 157 3.94 -6.70 54.04
N ALA K 158 2.95 -5.80 53.98
CA ALA K 158 1.64 -6.14 53.44
C ALA K 158 1.41 -5.66 52.02
N THR K 159 0.40 -6.28 51.38
CA THR K 159 -0.02 -5.94 50.04
C THR K 159 -1.50 -5.53 50.09
N GLY K 160 -1.84 -4.38 49.54
CA GLY K 160 -3.22 -3.93 49.55
C GLY K 160 -3.78 -3.92 48.14
N GLU K 161 -5.08 -4.10 48.01
CA GLU K 161 -5.74 -4.12 46.71
C GLU K 161 -6.65 -2.90 46.60
N LEU K 162 -6.64 -2.24 45.45
CA LEU K 162 -7.47 -1.05 45.28
C LEU K 162 -8.32 -1.17 44.02
N THR K 163 -9.47 -0.49 44.04
CA THR K 163 -10.34 -0.45 42.89
C THR K 163 -10.81 1.01 42.77
N MET K 164 -10.83 1.52 41.55
CA MET K 164 -11.23 2.89 41.31
C MET K 164 -11.97 2.98 39.98
N TYR K 165 -12.95 3.88 39.91
CA TYR K 165 -13.69 4.09 38.67
C TYR K 165 -13.72 5.56 38.32
N TYR K 166 -13.61 5.88 37.03
CA TYR K 166 -13.71 7.25 36.55
C TYR K 166 -14.68 7.28 35.38
N TRP K 167 -15.51 8.30 35.30
CA TRP K 167 -16.38 8.43 34.14
C TRP K 167 -15.80 9.61 33.35
N VAL K 168 -15.37 9.35 32.12
CA VAL K 168 -14.81 10.41 31.26
C VAL K 168 -15.98 10.83 30.37
N PRO K 169 -16.54 12.02 30.62
CA PRO K 169 -17.69 12.47 29.83
C PRO K 169 -17.40 13.15 28.50
N LEU K 170 -18.31 12.95 27.54
CA LEU K 170 -18.25 13.66 26.26
C LEU K 170 -19.59 14.40 26.37
N ALA K 171 -20.68 13.64 26.44
CA ALA K 171 -22.01 14.22 26.60
C ALA K 171 -22.09 14.75 28.03
N TYR K 172 -22.86 15.82 28.23
CA TYR K 172 -23.00 16.39 29.57
C TYR K 172 -23.71 15.43 30.54
N SER K 173 -24.75 14.76 30.07
CA SER K 173 -25.47 13.82 30.92
C SER K 173 -26.18 12.77 30.07
N GLU K 174 -26.96 11.91 30.71
CA GLU K 174 -27.70 10.89 29.99
C GLU K 174 -28.82 11.49 29.13
N THR K 175 -29.31 12.66 29.51
CA THR K 175 -30.39 13.31 28.78
C THR K 175 -29.99 14.56 28.00
N ASP K 176 -28.83 15.11 28.32
CA ASP K 176 -28.34 16.30 27.62
C ASP K 176 -27.11 15.88 26.82
N LEU K 177 -27.26 15.76 25.51
CA LEU K 177 -26.18 15.33 24.63
C LEU K 177 -25.17 16.40 24.23
N THR K 178 -25.21 17.56 24.87
CA THR K 178 -24.25 18.61 24.59
C THR K 178 -22.86 18.04 24.87
N GLY K 179 -21.97 18.12 23.90
CA GLY K 179 -20.62 17.61 24.09
C GLY K 179 -20.40 16.20 23.56
N ALA K 180 -21.46 15.50 23.18
CA ALA K 180 -21.33 14.15 22.65
C ALA K 180 -20.55 14.16 21.34
N VAL K 181 -20.06 13.01 20.94
CA VAL K 181 -19.27 12.89 19.71
C VAL K 181 -19.86 11.90 18.72
N LEU K 182 -19.93 12.22 17.47
CA LEU K 182 -20.83 12.00 16.36
C LEU K 182 -20.17 10.95 15.48
N ALA K 183 -20.77 9.76 15.41
CA ALA K 183 -20.21 8.68 14.61
C ALA K 183 -21.18 8.22 13.53
N ASN K 184 -21.25 8.95 12.45
CA ASN K 184 -22.07 8.63 11.30
C ASN K 184 -20.98 8.61 10.12
N VAL K 185 -19.77 8.42 10.57
CA VAL K 185 -18.73 8.81 9.68
C VAL K 185 -17.43 8.17 9.42
N PRO K 186 -16.79 9.13 8.80
CA PRO K 186 -15.36 9.13 8.50
C PRO K 186 -14.26 9.66 9.50
N GLN K 187 -14.22 9.98 10.05
CA GLN K 187 -13.28 10.83 10.76
C GLN K 187 -11.93 10.14 11.22
N SER K 188 -10.84 9.96 11.69
CA SER K 188 -9.56 10.15 12.35
C SER K 188 -9.61 8.95 13.44
N LYS K 189 -9.43 9.21 14.79
CA LYS K 189 -9.40 8.75 16.09
C LYS K 189 -9.24 9.61 17.25
N GLN K 190 -10.19 9.33 18.11
CA GLN K 190 -9.91 9.96 19.39
C GLN K 190 -8.67 9.25 19.91
N ARG K 191 -8.10 9.77 20.99
CA ARG K 191 -6.93 9.16 21.59
C ARG K 191 -7.02 9.30 23.08
N LEU K 192 -8.14 7.99 23.56
CA LEU K 192 -8.37 8.23 24.98
C LEU K 192 -7.03 7.89 25.62
N LYS K 193 -6.27 8.91 26.02
CA LYS K 193 -4.96 8.69 26.62
C LYS K 193 -5.07 8.65 28.14
N LEU K 194 -4.56 7.58 28.73
CA LEU K 194 -4.58 7.42 30.17
C LEU K 194 -3.14 7.39 30.69
N GLU K 195 -2.81 8.29 31.60
CA GLU K 195 -1.48 8.34 32.20
C GLU K 195 -1.65 7.91 33.66
N PHE K 196 -1.13 6.73 33.97
CA PHE K 196 -1.28 6.17 35.32
C PHE K 196 -0.21 6.55 36.32
N ALA K 197 -0.53 6.32 37.59
CA ALA K 197 0.42 6.56 38.67
C ALA K 197 1.54 5.53 38.52
N ASN K 198 2.70 5.80 39.12
CA ASN K 198 3.82 4.87 39.15
C ASN K 198 4.42 4.99 40.54
N ASN K 199 5.53 4.28 40.82
CA ASN K 199 6.10 4.36 42.16
C ASN K 199 6.53 5.75 42.59
N ASN K 200 6.84 6.61 41.62
CA ASN K 200 7.29 7.97 41.92
C ASN K 200 6.15 8.89 42.37
N THR K 201 5.00 8.80 41.69
CA THR K 201 3.85 9.63 42.04
C THR K 201 2.95 9.10 43.14
N ALA K 202 2.87 7.78 43.27
CA ALA K 202 1.94 7.20 44.24
C ALA K 202 2.31 7.21 45.70
N PHE K 203 3.59 7.30 46.01
CA PHE K 203 4.04 7.23 47.40
C PHE K 203 4.79 8.47 47.88
N ALA K 204 4.26 9.11 48.92
CA ALA K 204 4.88 10.32 49.47
C ALA K 204 5.51 10.08 50.84
N ALA K 205 6.73 10.55 51.01
CA ALA K 205 7.43 10.40 52.29
C ALA K 205 6.77 11.37 53.28
N VAL K 206 7.01 11.16 54.57
CA VAL K 206 6.46 12.05 55.59
C VAL K 206 7.01 13.44 55.28
N GLY K 207 6.16 14.46 55.35
CA GLY K 207 6.65 15.80 55.07
C GLY K 207 6.63 16.21 53.61
N ALA K 208 6.47 15.25 52.71
CA ALA K 208 6.41 15.57 51.28
C ALA K 208 4.97 15.96 50.92
N ASN K 209 4.78 16.62 49.79
CA ASN K 209 3.44 17.04 49.34
C ASN K 209 2.62 15.81 48.91
N PRO K 210 1.48 15.54 49.58
CA PRO K 210 0.65 14.37 49.21
C PRO K 210 -0.36 14.58 48.07
N LEU K 211 -0.38 15.75 47.48
CA LEU K 211 -1.34 16.08 46.42
C LEU K 211 -1.63 15.01 45.35
N GLU K 212 -0.57 14.48 44.74
CA GLU K 212 -0.70 13.51 43.66
C GLU K 212 -0.52 12.07 44.08
N ALA K 213 -0.24 11.87 45.36
CA ALA K 213 0.02 10.53 45.89
C ALA K 213 -1.21 9.76 46.35
N ILE K 214 -1.05 8.45 46.45
CA ILE K 214 -2.12 7.56 46.89
C ILE K 214 -1.90 7.22 48.37
N TYR K 215 -0.64 6.98 48.74
CA TYR K 215 -0.28 6.66 50.12
C TYR K 215 0.89 7.52 50.59
N GLN K 216 0.88 7.86 51.87
CA GLN K 216 1.95 8.66 52.47
C GLN K 216 2.28 8.07 53.85
N GLY K 217 3.57 8.03 54.18
CA GLY K 217 3.96 7.48 55.46
C GLY K 217 5.44 7.17 55.51
N ALA K 218 5.91 6.80 56.70
CA ALA K 218 7.32 6.49 56.91
C ALA K 218 7.82 5.29 56.12
N GLY K 219 6.90 4.50 55.55
CA GLY K 219 7.32 3.36 54.77
C GLY K 219 7.32 3.59 53.26
N ALA K 220 7.01 4.82 52.86
CA ALA K 220 6.89 5.21 51.44
C ALA K 220 8.02 4.79 50.48
N ALA K 221 9.27 5.03 50.88
CA ALA K 221 10.41 4.70 50.02
C ALA K 221 10.43 3.24 49.57
N ASP K 222 9.88 2.34 50.36
CA ASP K 222 9.89 0.92 50.01
C ASP K 222 8.56 0.38 49.48
N CYS K 223 7.67 1.28 49.07
CA CYS K 223 6.39 0.87 48.51
C CYS K 223 6.55 0.73 47.00
N GLU K 224 5.87 -0.26 46.44
CA GLU K 224 5.89 -0.51 45.01
C GLU K 224 4.56 -1.05 44.51
N PHE K 225 4.17 -0.65 43.30
CA PHE K 225 3.00 -1.23 42.69
C PHE K 225 3.46 -2.64 42.28
N GLU K 226 2.56 -3.61 42.30
CA GLU K 226 2.86 -4.96 41.83
C GLU K 226 2.25 -5.00 40.43
N GLU K 227 1.10 -4.34 40.29
CA GLU K 227 0.42 -4.28 39.01
C GLU K 227 -0.75 -3.31 39.04
N ILE K 228 -1.16 -2.89 37.85
CA ILE K 228 -2.32 -2.04 37.69
C ILE K 228 -3.05 -2.65 36.50
N SER K 229 -4.38 -2.61 36.53
CA SER K 229 -5.17 -3.13 35.42
C SER K 229 -6.27 -2.12 35.14
N TYR K 230 -6.64 -1.99 33.87
CA TYR K 230 -7.72 -1.07 33.52
C TYR K 230 -8.59 -1.75 32.50
N THR K 231 -9.85 -1.35 32.49
CA THR K 231 -10.83 -1.85 31.54
C THR K 231 -11.63 -0.63 31.19
N VAL K 232 -11.68 -0.31 29.90
CA VAL K 232 -12.43 0.85 29.44
C VAL K 232 -13.71 0.38 28.79
N TYR K 233 -14.83 0.94 29.24
CA TYR K 233 -16.14 0.63 28.68
C TYR K 233 -16.61 1.90 27.97
N GLN K 234 -17.10 1.74 26.76
CA GLN K 234 -17.56 2.88 25.98
C GLN K 234 -19.08 2.90 25.99
N SER K 235 -19.63 4.06 26.33
CA SER K 235 -21.08 4.25 26.38
C SER K 235 -21.50 5.06 25.16
N TYR K 236 -22.42 4.52 24.38
CA TYR K 236 -22.87 5.22 23.17
C TYR K 236 -24.32 4.91 22.83
N LEU K 237 -24.82 5.58 21.78
CA LEU K 237 -26.18 5.37 21.32
C LEU K 237 -26.11 4.75 19.94
N ASP K 238 -26.79 3.63 19.77
CA ASP K 238 -26.80 2.90 18.51
C ASP K 238 -28.17 3.00 17.85
N GLN K 239 -28.27 2.57 16.59
CA GLN K 239 -29.52 2.62 15.85
C GLN K 239 -30.04 4.05 15.79
N LEU K 240 -29.21 4.96 15.32
CA LEU K 240 -29.57 6.36 15.22
C LEU K 240 -30.75 6.54 14.27
N PRO K 241 -31.76 7.33 14.68
CA PRO K 241 -32.94 7.57 13.86
C PRO K 241 -32.62 8.27 12.55
N VAL K 242 -33.24 7.81 11.46
CA VAL K 242 -33.02 8.38 10.14
C VAL K 242 -34.32 9.02 9.66
N GLY K 243 -34.20 10.20 9.03
CA GLY K 243 -35.38 10.88 8.52
C GLY K 243 -35.20 11.36 7.10
N GLN K 244 -35.59 11.97 6.60
CA GLN K 244 -35.59 12.74 5.38
C GLN K 244 -34.22 13.09 4.86
N ASN K 245 -33.43 14.05 5.04
CA ASN K 245 -32.14 14.44 4.74
C ASN K 245 -31.42 13.25 5.21
N GLY K 246 -31.32 12.11 6.04
CA GLY K 246 -30.38 11.25 6.71
C GLY K 246 -30.62 11.24 8.21
N TYR K 247 -29.54 11.08 8.97
CA TYR K 247 -29.63 11.04 10.43
C TYR K 247 -30.24 12.30 11.04
N ILE K 248 -31.13 12.10 12.00
CA ILE K 248 -31.74 13.20 12.73
C ILE K 248 -30.74 13.43 13.87
N LEU K 249 -30.01 14.53 13.80
CA LEU K 249 -28.97 14.81 14.79
C LEU K 249 -29.01 16.22 15.40
N PRO K 250 -28.78 16.33 16.71
CA PRO K 250 -28.78 17.64 17.38
C PRO K 250 -27.45 18.32 17.02
N LEU K 251 -27.49 19.16 15.97
CA LEU K 251 -26.29 19.83 15.49
C LEU K 251 -25.57 20.73 16.48
N ILE K 252 -26.28 21.41 17.35
CA ILE K 252 -25.61 22.25 18.34
C ILE K 252 -24.92 21.34 19.37
N ASP K 253 -25.64 20.33 19.85
CA ASP K 253 -25.10 19.38 20.82
C ASP K 253 -23.76 18.82 20.34
N LEU K 254 -23.76 18.27 19.13
CA LEU K 254 -22.58 17.64 18.54
C LEU K 254 -21.43 18.54 18.07
N SER K 255 -21.63 19.85 18.09
CA SER K 255 -20.57 20.77 17.69
C SER K 255 -20.15 21.62 18.89
N THR K 256 -20.56 21.19 20.07
CA THR K 256 -20.19 21.88 21.29
C THR K 256 -19.26 20.94 22.05
N LEU K 257 -18.24 21.49 22.71
CA LEU K 257 -17.33 20.67 23.49
C LEU K 257 -17.69 20.84 24.97
N TYR K 258 -17.77 19.72 25.69
CA TYR K 258 -18.01 19.76 27.11
C TYR K 258 -16.70 19.20 27.64
N ASN K 259 -15.89 20.08 28.25
CA ASN K 259 -14.56 19.70 28.74
C ASN K 259 -14.25 20.00 30.20
N LEU K 260 -13.27 19.25 30.72
CA LEU K 260 -12.75 19.49 32.06
C LEU K 260 -11.28 19.78 31.81
N GLU K 261 -10.74 20.74 32.55
CA GLU K 261 -9.32 21.13 32.47
C GLU K 261 -8.92 21.67 33.82
N ASN K 262 -7.62 21.63 34.12
CA ASN K 262 -7.17 22.17 35.38
C ASN K 262 -5.86 22.93 35.17
N SER K 263 -5.52 23.79 36.11
CA SER K 263 -4.29 24.57 36.02
C SER K 263 -3.87 24.94 37.43
N ALA K 264 -2.66 25.48 37.56
CA ALA K 264 -2.14 25.88 38.87
C ALA K 264 -1.83 27.37 38.86
N GLN K 265 -2.23 28.06 39.93
CA GLN K 265 -1.99 29.48 40.05
C GLN K 265 -1.24 29.75 41.36
N ALA K 266 -0.24 30.62 41.30
CA ALA K 266 0.53 30.97 42.48
C ALA K 266 0.58 32.48 42.66
N GLY K 267 1.04 32.93 43.82
CA GLY K 267 1.12 34.36 44.09
C GLY K 267 0.25 34.82 45.25
N LEU K 268 -0.04 33.92 46.17
CA LEU K 268 -0.89 34.23 47.32
C LEU K 268 -0.13 34.88 48.47
N THR K 269 -0.75 35.87 49.09
CA THR K 269 -0.17 36.56 50.23
C THR K 269 -1.29 36.81 51.23
N PRO K 270 -1.01 36.64 52.53
CA PRO K 270 -1.99 36.83 53.61
C PRO K 270 -2.86 38.08 53.55
N ASN K 271 -4.16 37.86 53.74
CA ASN K 271 -5.16 38.92 53.77
C ASN K 271 -5.35 39.72 52.50
N VAL K 272 -4.80 39.22 51.41
CA VAL K 272 -4.95 39.91 50.13
C VAL K 272 -5.78 39.02 49.21
N ASP K 273 -6.70 39.63 48.47
CA ASP K 273 -7.55 38.89 47.54
C ASP K 273 -6.73 38.29 46.41
N PHE K 274 -6.76 36.97 46.30
CA PHE K 274 -6.08 36.28 45.21
C PHE K 274 -7.18 36.04 44.20
N VAL K 275 -7.07 36.65 43.02
CA VAL K 275 -8.11 36.52 42.01
C VAL K 275 -7.67 35.74 40.78
N VAL K 276 -8.42 34.69 40.45
CA VAL K 276 -8.14 33.87 39.28
C VAL K 276 -9.21 34.20 38.24
N GLN K 277 -8.84 34.96 37.22
CA GLN K 277 -9.79 35.36 36.20
C GLN K 277 -10.29 34.20 35.35
N TYR K 278 -11.58 34.22 35.02
CA TYR K 278 -12.13 33.19 34.16
C TYR K 278 -11.69 33.54 32.73
N ALA K 279 -11.09 32.57 32.06
CA ALA K 279 -10.55 32.71 30.70
C ALA K 279 -11.55 32.88 29.57
N ASN K 280 -12.12 33.83 29.13
CA ASN K 280 -13.33 34.33 28.51
C ASN K 280 -13.77 33.46 27.41
N LEU K 281 -15.13 33.58 27.14
CA LEU K 281 -15.73 32.85 26.03
C LEU K 281 -16.27 31.48 26.42
N TYR K 282 -15.63 30.80 27.37
CA TYR K 282 -16.12 29.49 27.83
C TYR K 282 -17.32 29.71 28.73
N ARG K 283 -18.21 28.72 28.78
CA ARG K 283 -19.37 28.80 29.67
C ARG K 283 -19.00 27.84 30.80
N TYR K 284 -18.50 28.41 31.90
CA TYR K 284 -18.06 27.63 33.05
C TYR K 284 -19.19 27.13 33.96
N LEU K 285 -19.40 25.82 33.94
CA LEU K 285 -20.44 25.15 34.70
C LEU K 285 -20.06 24.93 36.17
N SER K 286 -18.80 24.65 36.44
CA SER K 286 -18.34 24.48 37.81
C SER K 286 -16.87 24.82 37.93
N THR K 287 -16.47 25.15 39.14
CA THR K 287 -15.11 25.50 39.46
C THR K 287 -14.70 24.81 40.75
N ILE K 288 -13.52 24.21 40.72
CA ILE K 288 -12.97 23.55 41.90
C ILE K 288 -11.66 24.25 42.16
N ALA K 289 -11.43 24.63 43.41
CA ALA K 289 -10.20 25.29 43.81
C ALA K 289 -9.60 24.48 44.95
N VAL K 290 -8.36 24.00 44.76
CA VAL K 290 -7.68 23.25 45.79
C VAL K 290 -6.55 24.12 46.33
N PHE K 291 -6.62 24.41 47.63
CA PHE K 291 -5.59 25.23 48.24
C PHE K 291 -4.45 24.34 48.75
N ASP K 292 -3.48 24.11 47.87
CA ASP K 292 -2.30 23.34 48.23
C ASP K 292 -1.40 24.34 48.91
N ASN K 293 -1.54 24.45 50.23
CA ASN K 293 -0.76 25.39 51.01
C ASN K 293 0.63 24.85 51.32
N GLY K 294 1.48 24.78 50.29
CA GLY K 294 2.82 24.27 50.48
C GLY K 294 2.85 22.83 50.96
N GLY K 295 1.94 22.00 50.47
CA GLY K 295 1.90 20.61 50.88
C GLY K 295 0.96 20.36 52.03
N SER K 296 0.44 21.43 52.60
CA SER K 296 -0.51 21.31 53.70
C SER K 296 -1.92 21.54 53.15
N PHE K 297 -2.85 20.69 53.57
CA PHE K 297 -4.24 20.80 53.14
C PHE K 297 -5.06 20.96 54.41
N ASN K 298 -5.63 22.16 54.56
CA ASN K 298 -6.38 22.51 55.75
C ASN K 298 -7.88 22.65 55.54
N ALA K 299 -8.63 22.34 56.60
CA ALA K 299 -10.09 22.45 56.56
C ALA K 299 -10.56 23.89 56.78
N GLY K 300 -10.31 24.74 55.78
CA GLY K 300 -10.73 26.12 55.82
C GLY K 300 -10.05 27.10 56.76
N THR K 301 -9.32 26.59 57.74
CA THR K 301 -8.65 27.44 58.73
C THR K 301 -7.59 28.40 58.19
N ASP K 302 -7.13 28.17 56.96
CA ASP K 302 -6.12 29.05 56.37
C ASP K 302 -6.72 30.04 55.37
N ILE K 303 -8.05 30.16 55.39
CA ILE K 303 -8.78 31.05 54.48
C ILE K 303 -9.74 31.99 55.21
N ASN K 304 -9.77 33.27 54.81
CA ASN K 304 -10.68 34.25 55.39
C ASN K 304 -12.04 34.08 54.69
N TYR K 305 -12.02 34.07 53.36
CA TYR K 305 -13.23 33.90 52.57
C TYR K 305 -12.92 33.52 51.13
N LEU K 306 -13.96 33.07 50.42
CA LEU K 306 -13.87 32.72 49.01
C LEU K 306 -15.02 33.46 48.33
N SER K 307 -14.92 33.68 47.03
CA SER K 307 -15.99 34.38 46.35
C SER K 307 -15.86 34.30 44.84
N GLN K 308 -16.91 34.75 44.17
CA GLN K 308 -16.92 34.86 42.72
C GLN K 308 -17.24 36.34 42.58
N ARG K 309 -16.45 37.06 41.80
CA ARG K 309 -16.60 38.50 41.67
C ARG K 309 -16.57 38.92 40.21
N THR K 310 -17.38 39.92 39.86
CA THR K 310 -17.43 40.40 38.49
C THR K 310 -16.78 41.77 38.39
N ALA K 311 -16.54 42.20 37.16
CA ALA K 311 -15.95 43.51 36.92
C ALA K 311 -16.90 44.54 37.52
N ASN K 312 -17.11 44.79 38.59
CA ASN K 312 -17.34 46.06 39.34
C ASN K 312 -16.89 45.91 40.76
N PHE K 313 -16.35 44.81 41.11
CA PHE K 313 -15.93 44.51 42.45
C PHE K 313 -17.05 44.09 43.36
N SER K 314 -18.03 43.66 42.63
CA SER K 314 -19.28 43.20 43.21
C SER K 314 -19.26 41.68 43.37
N ASP K 315 -19.33 41.21 44.61
CA ASP K 315 -19.31 39.77 44.92
C ASP K 315 -20.72 39.19 44.94
N THR K 316 -20.91 38.06 44.25
CA THR K 316 -22.21 37.39 44.21
C THR K 316 -22.33 36.32 45.30
N ARG K 317 -21.21 35.95 45.90
CA ARG K 317 -21.22 34.96 46.97
C ARG K 317 -19.93 34.96 47.79
N LYS K 318 -19.64 36.07 48.45
CA LYS K 318 -18.46 36.20 49.28
C LYS K 318 -18.78 35.55 50.64
N LEU K 319 -18.23 34.36 50.85
CA LEU K 319 -18.52 33.59 52.04
C LEU K 319 -17.33 33.09 52.86
N ASP K 320 -17.53 33.00 54.16
CA ASP K 320 -16.51 32.46 55.06
C ASP K 320 -16.43 30.99 54.65
N PRO K 321 -15.33 30.31 54.96
CA PRO K 321 -15.19 28.91 54.57
C PRO K 321 -16.29 27.92 54.99
N LYS K 322 -16.79 28.03 56.22
CA LYS K 322 -17.83 27.08 56.63
C LYS K 322 -19.14 27.30 55.87
N THR K 323 -19.46 28.55 55.57
CA THR K 323 -20.70 28.83 54.85
C THR K 323 -20.55 28.41 53.41
N TRP K 324 -19.33 28.55 52.88
CA TRP K 324 -19.06 28.11 51.51
C TRP K 324 -19.26 26.58 51.50
N ALA K 325 -18.72 25.91 52.50
CA ALA K 325 -18.84 24.45 52.64
C ALA K 325 -20.32 24.04 52.76
N ALA K 326 -21.10 24.87 53.44
CA ALA K 326 -22.53 24.59 53.61
C ALA K 326 -23.18 24.47 52.25
N GLN K 327 -22.87 25.39 51.33
CA GLN K 327 -23.46 25.33 49.99
C GLN K 327 -23.08 24.03 49.28
N THR K 328 -21.85 23.60 49.49
CA THR K 328 -21.39 22.36 48.87
C THR K 328 -22.10 21.16 49.49
N ARG K 329 -22.35 21.20 50.81
CA ARG K 329 -23.04 20.08 51.43
C ARG K 329 -24.43 19.89 50.83
N ARG K 330 -25.03 20.96 50.30
CA ARG K 330 -26.34 20.88 49.68
C ARG K 330 -26.23 20.22 48.31
N ARG K 331 -25.03 20.25 47.74
CA ARG K 331 -24.80 19.67 46.42
C ARG K 331 -24.34 18.21 46.43
N ILE K 332 -23.44 17.84 47.34
CA ILE K 332 -22.93 16.46 47.37
C ILE K 332 -23.17 15.70 48.68
N ALA K 333 -24.00 16.26 49.54
CA ALA K 333 -24.39 15.64 50.81
C ALA K 333 -23.26 15.39 51.80
N THR K 334 -22.13 16.06 51.60
CA THR K 334 -20.97 15.91 52.48
C THR K 334 -19.94 16.96 52.05
N ASP K 335 -18.75 16.96 52.65
CA ASP K 335 -17.71 17.93 52.26
C ASP K 335 -16.69 17.25 51.36
N PHE K 336 -16.06 18.04 50.48
CA PHE K 336 -14.97 17.51 49.66
C PHE K 336 -13.77 17.44 50.64
N PRO K 337 -12.69 16.73 50.29
CA PRO K 337 -11.53 16.62 51.19
C PRO K 337 -10.92 17.96 51.57
N LYS K 338 -10.11 17.95 52.64
CA LYS K 338 -9.46 19.16 53.15
C LYS K 338 -8.82 20.00 52.05
N GLY K 339 -9.13 21.29 52.06
CA GLY K 339 -8.53 22.19 51.09
C GLY K 339 -9.16 22.19 49.70
N VAL K 340 -10.19 21.38 49.49
CA VAL K 340 -10.87 21.33 48.20
C VAL K 340 -12.20 22.10 48.27
N TYR K 341 -12.34 23.11 47.43
CA TYR K 341 -13.53 23.93 47.43
C TYR K 341 -14.23 23.86 46.08
N TYR K 342 -15.55 23.75 46.13
CA TYR K 342 -16.37 23.60 44.95
C TYR K 342 -17.37 24.73 44.77
N CYS K 343 -17.66 25.06 43.53
CA CYS K 343 -18.61 26.11 43.19
C CYS K 343 -19.46 25.66 42.00
N ASP K 344 -20.77 25.57 42.20
CA ASP K 344 -21.74 25.16 41.17
C ASP K 344 -22.29 26.38 40.41
N ASN K 345 -22.15 26.40 39.10
CA ASN K 345 -22.66 27.50 38.25
C ASN K 345 -23.39 26.85 37.08
N ARG K 346 -23.95 25.67 37.30
CA ARG K 346 -24.62 24.93 36.24
C ARG K 346 -25.82 25.60 35.58
N ASP K 347 -26.72 26.15 36.38
CA ASP K 347 -27.91 26.81 35.85
C ASP K 347 -27.62 28.16 35.20
N LYS K 348 -26.57 28.84 35.67
CA LYS K 348 -26.17 30.14 35.12
C LYS K 348 -24.64 30.14 35.02
N PRO K 349 -24.10 29.45 34.00
CA PRO K 349 -22.66 29.33 33.76
C PRO K 349 -21.95 30.67 33.73
N ILE K 350 -20.74 30.72 34.28
CA ILE K 350 -19.96 31.95 34.25
C ILE K 350 -19.60 32.16 32.79
N TYR K 351 -19.93 33.32 32.25
CA TYR K 351 -19.67 33.59 30.85
C TYR K 351 -19.34 35.06 30.64
N THR K 352 -18.05 35.39 30.59
CA THR K 352 -17.64 36.77 30.38
C THR K 352 -18.18 37.10 29.00
N LEU K 353 -18.51 38.37 28.79
CA LEU K 353 -19.10 38.86 27.54
C LEU K 353 -20.60 38.93 27.79
N GLN K 354 -21.00 38.44 28.95
CA GLN K 354 -22.40 38.44 29.36
C GLN K 354 -22.48 39.43 30.53
N TYR K 355 -21.36 39.61 31.23
CA TYR K 355 -21.26 40.52 32.35
C TYR K 355 -19.85 40.82 32.80
N GLY K 356 -19.04 41.33 31.88
CA GLY K 356 -17.67 41.68 32.17
C GLY K 356 -16.84 40.53 32.68
N ASN K 357 -15.57 40.79 32.95
CA ASN K 357 -14.66 39.77 33.45
C ASN K 357 -15.13 39.29 34.83
N VAL K 358 -14.99 38.00 35.09
CA VAL K 358 -15.37 37.45 36.37
C VAL K 358 -14.15 36.74 36.91
N GLY K 359 -14.05 36.66 38.22
CA GLY K 359 -12.91 35.97 38.80
C GLY K 359 -13.30 35.13 40.00
N PHE K 360 -12.52 34.09 40.27
CA PHE K 360 -12.77 33.26 41.42
C PHE K 360 -11.80 33.84 42.45
N VAL K 361 -12.28 34.10 43.65
CA VAL K 361 -11.45 34.73 44.66
C VAL K 361 -11.20 33.95 45.95
N VAL K 362 -9.97 33.98 46.41
CA VAL K 362 -9.60 33.37 47.68
C VAL K 362 -8.75 34.39 48.44
N ASN K 363 -9.17 34.72 49.66
CA ASN K 363 -8.41 35.63 50.49
C ASN K 363 -7.88 34.74 51.60
N PRO K 364 -6.60 34.36 51.51
CA PRO K 364 -5.95 33.49 52.50
C PRO K 364 -5.56 34.12 53.83
N LYS K 365 -5.75 33.37 54.91
CA LYS K 365 -5.41 33.82 56.24
C LYS K 365 -3.96 33.47 56.54
N THR K 366 -3.50 32.37 55.96
CA THR K 366 -2.13 31.90 56.15
C THR K 366 -1.60 31.39 54.82
N VAL K 367 -0.35 31.72 54.52
CA VAL K 367 0.27 31.30 53.27
C VAL K 367 1.67 30.75 53.51
N ASN K 368 1.81 29.43 53.34
CA ASN K 368 3.10 28.77 53.51
C ASN K 368 3.91 28.88 52.23
N GLN K 369 5.18 28.48 52.31
CA GLN K 369 6.07 28.52 51.16
C GLN K 369 5.58 27.53 50.10
N ASN K 370 5.62 27.95 48.84
CA ASN K 370 5.19 27.12 47.73
C ASN K 370 3.68 26.89 47.71
N ALA K 371 2.93 27.88 48.20
CA ALA K 371 1.48 27.80 48.22
C ALA K 371 0.95 28.07 46.82
N ARG K 372 -0.17 27.43 46.47
CA ARG K 372 -0.76 27.63 45.16
C ARG K 372 -2.20 27.13 45.13
N LEU K 373 -2.96 27.62 44.15
CA LEU K 373 -4.34 27.18 43.98
C LEU K 373 -4.40 26.35 42.72
N LEU K 374 -4.90 25.13 42.84
CA LEU K 374 -5.05 24.25 41.70
C LEU K 374 -6.51 24.41 41.32
N MET K 375 -6.73 24.95 40.13
CA MET K 375 -8.06 25.23 39.61
C MET K 375 -8.56 24.16 38.65
N GLY K 376 -9.79 23.70 38.87
CA GLY K 376 -10.38 22.72 37.99
C GLY K 376 -11.67 23.30 37.42
N TYR K 377 -11.81 23.27 36.10
CA TYR K 377 -13.00 23.81 35.46
C TYR K 377 -13.75 22.79 34.63
N GLU K 378 -15.06 22.98 34.59
CA GLU K 378 -15.98 22.18 33.83
C GLU K 378 -16.64 23.24 32.93
N TYR K 379 -16.59 23.08 31.61
CA TYR K 379 -17.17 24.12 30.75
C TYR K 379 -17.64 23.66 29.38
N PHE K 380 -18.42 24.51 28.72
CA PHE K 380 -18.92 24.26 27.37
C PHE K 380 -18.25 25.31 26.50
N THR K 381 -18.02 25.96 25.90
CA THR K 381 -18.24 27.28 25.30
C THR K 381 -18.07 27.10 23.88
N SER K 382 -18.73 27.77 23.04
CA SER K 382 -18.44 27.55 21.57
C SER K 382 -18.06 28.65 20.96
N ARG K 383 -18.24 28.75 19.68
CA ARG K 383 -18.01 29.94 18.89
C ARG K 383 -18.81 31.18 19.38
N THR K 384 -18.53 32.32 18.99
CA THR K 384 -19.02 33.66 19.27
C THR K 384 -18.99 34.72 18.08
N GLU K 385 -20.05 35.41 17.83
CA GLU K 385 -20.18 36.45 16.75
C GLU K 385 -20.81 37.83 17.03
N LEU K 386 -20.55 38.78 16.05
CA LEU K 386 -21.01 40.16 16.21
C LEU K 386 -20.77 41.12 15.03
N VAL K 387 -21.36 42.30 15.13
CA VAL K 387 -21.21 43.30 14.07
C VAL K 387 -21.90 44.63 14.39
N ASN K 388 -21.46 45.67 13.71
CA ASN K 388 -22.03 47.01 13.92
C ASN K 388 -23.52 47.26 13.66
N GLN L 6 -69.68 31.97 26.82
CA GLN L 6 -70.09 30.75 27.40
C GLN L 6 -69.25 30.42 28.65
N LEU L 7 -69.83 29.65 29.57
CA LEU L 7 -69.09 29.31 30.75
C LEU L 7 -69.64 30.14 31.86
N THR L 8 -70.27 31.29 31.50
CA THR L 8 -70.99 32.19 32.44
C THR L 8 -70.10 32.74 33.53
N PRO L 9 -70.68 32.97 34.70
CA PRO L 9 -69.99 33.57 35.84
C PRO L 9 -68.78 32.80 36.34
N ALA L 10 -68.94 31.49 36.58
CA ALA L 10 -67.90 30.69 37.19
C ALA L 10 -66.67 30.72 36.36
N GLN L 11 -66.96 30.56 35.08
CA GLN L 11 -66.05 30.40 34.04
C GLN L 11 -65.26 31.63 33.81
N GLN L 12 -65.93 32.79 34.00
CA GLN L 12 -65.15 34.03 34.05
C GLN L 12 -63.99 34.05 35.08
N ALA L 13 -64.34 33.66 36.30
CA ALA L 13 -63.40 33.61 37.47
C ALA L 13 -62.34 32.52 37.38
N ALA L 14 -62.72 31.40 36.75
CA ALA L 14 -61.76 30.33 36.48
C ALA L 14 -60.80 30.75 35.41
N LEU L 15 -61.32 31.40 34.34
CA LEU L 15 -60.48 31.93 33.26
C LEU L 15 -59.46 32.97 33.76
N ARG L 16 -59.93 33.81 34.68
CA ARG L 16 -59.12 34.88 35.26
C ARG L 16 -58.02 34.23 36.10
N ASN L 17 -58.41 33.20 36.82
CA ASN L 17 -57.45 32.50 37.70
C ASN L 17 -56.35 31.88 36.86
N GLN L 18 -56.74 31.29 35.75
CA GLN L 18 -55.82 30.69 34.80
C GLN L 18 -54.96 31.67 34.06
N GLN L 19 -55.38 32.85 33.72
CA GLN L 19 -54.55 33.86 33.11
C GLN L 19 -53.53 34.40 34.18
N ALA L 20 -54.06 34.38 35.40
CA ALA L 20 -53.19 34.94 36.43
C ALA L 20 -52.10 33.93 36.79
N MET L 21 -52.50 32.67 36.93
CA MET L 21 -51.59 31.60 37.26
C MET L 21 -50.54 31.44 36.17
N ALA L 22 -51.00 31.46 34.91
CA ALA L 22 -50.10 31.32 33.77
C ALA L 22 -49.13 32.49 33.69
N ALA L 23 -49.63 33.69 33.93
CA ALA L 23 -48.79 34.89 33.88
C ALA L 23 -47.72 34.80 34.96
N ASN L 24 -48.13 34.36 36.15
CA ASN L 24 -47.22 34.22 37.29
C ASN L 24 -46.10 33.25 36.94
N LEU L 25 -46.47 32.03 36.53
CA LEU L 25 -45.47 31.04 36.18
C LEU L 25 -44.49 31.54 35.12
N GLN L 26 -45.00 32.20 34.08
CA GLN L 26 -44.12 32.72 33.03
C GLN L 26 -43.16 33.76 33.60
N ALA L 27 -43.68 34.64 34.43
CA ALA L 27 -42.86 35.67 35.05
C ALA L 27 -41.76 35.00 35.90
N ARG L 28 -42.14 33.96 36.63
CA ARG L 28 -41.19 33.24 37.47
C ARG L 28 -40.09 32.64 36.60
N GLN L 29 -40.49 31.96 35.54
CA GLN L 29 -39.53 31.33 34.63
C GLN L 29 -38.56 32.34 34.04
N ILE L 30 -39.06 33.52 33.68
CA ILE L 30 -38.22 34.56 33.12
C ILE L 30 -37.25 35.12 34.16
N VAL L 31 -37.75 35.36 35.37
CA VAL L 31 -36.88 35.86 36.43
C VAL L 31 -35.74 34.87 36.69
N LEU L 32 -36.08 33.60 36.79
CA LEU L 32 -35.07 32.57 37.04
C LEU L 32 -34.03 32.47 35.93
N GLN L 33 -34.48 32.61 34.68
CA GLN L 33 -33.55 32.51 33.57
C GLN L 33 -32.71 33.76 33.34
N GLN L 34 -33.29 34.93 33.58
CA GLN L 34 -32.59 36.21 33.36
C GLN L 34 -31.74 36.75 34.51
N SER L 35 -32.18 36.53 35.75
CA SER L 35 -31.45 37.04 36.91
C SER L 35 -30.31 36.09 37.26
N TYR L 36 -29.89 37.89 39.11
CA TYR L 36 -28.73 37.10 39.45
C TYR L 36 -28.66 36.88 40.95
N PRO L 37 -28.28 35.66 41.36
CA PRO L 37 -28.38 35.31 42.76
C PRO L 37 -27.43 36.14 43.54
N VAL L 38 -27.66 36.40 44.77
CA VAL L 38 -26.56 37.04 45.49
C VAL L 38 -26.76 36.63 46.90
N ILE L 39 -25.68 36.30 47.58
CA ILE L 39 -25.75 35.98 48.99
C ILE L 39 -24.60 36.79 49.57
N GLN L 40 -24.90 37.69 50.50
CA GLN L 40 -23.86 38.55 51.08
C GLN L 40 -24.05 38.76 52.57
N GLN L 41 -22.92 38.87 53.27
CA GLN L 41 -22.96 39.08 54.70
C GLN L 41 -23.61 40.41 55.02
N VAL L 42 -24.47 40.40 56.03
CA VAL L 42 -25.20 41.59 56.47
C VAL L 42 -24.61 42.09 57.80
N GLU L 43 -24.31 41.16 58.70
CA GLU L 43 -23.81 41.54 60.01
C GLU L 43 -23.20 40.37 60.75
N THR L 44 -22.17 40.64 61.54
CA THR L 44 -21.55 39.62 62.38
C THR L 44 -21.33 40.23 63.75
N GLN L 45 -21.53 39.44 64.80
CA GLN L 45 -21.27 39.93 66.14
C GLN L 45 -20.89 38.78 67.05
N THR L 46 -19.97 39.07 67.98
CA THR L 46 -19.51 38.08 68.95
C THR L 46 -19.84 38.69 70.31
N PHE L 47 -20.44 37.89 71.19
CA PHE L 47 -20.87 38.40 72.48
C PHE L 47 -20.96 37.27 73.50
N ASP L 48 -21.19 37.66 74.75
CA ASP L 48 -21.38 36.71 75.86
C ASP L 48 -22.87 36.87 76.16
N PRO L 49 -23.65 35.78 76.03
CA PRO L 49 -25.09 35.90 76.31
C PRO L 49 -25.42 36.30 77.75
N ALA L 50 -24.42 36.28 78.63
CA ALA L 50 -24.65 36.70 80.02
C ALA L 50 -24.83 38.21 80.01
N ASN L 51 -24.31 38.84 78.96
CA ASN L 51 -24.39 40.29 78.80
C ASN L 51 -25.62 40.69 77.98
N ARG L 52 -25.83 40.01 76.87
CA ARG L 52 -26.96 40.32 76.01
C ARG L 52 -27.28 39.08 75.14
N SER L 53 -28.57 38.76 74.99
CA SER L 53 -28.93 37.60 74.16
C SER L 53 -29.94 37.88 73.05
N VAL L 54 -30.45 39.11 72.99
CA VAL L 54 -31.41 39.46 71.93
C VAL L 54 -30.82 40.49 70.98
N PHE L 55 -30.88 40.21 69.68
CA PHE L 55 -30.32 41.11 68.69
C PHE L 55 -31.28 41.39 67.55
N ASP L 56 -31.37 42.67 67.15
CA ASP L 56 -32.22 43.06 66.05
C ASP L 56 -31.30 43.38 64.89
N VAL L 57 -31.25 42.48 63.91
CA VAL L 57 -30.41 42.64 62.73
C VAL L 57 -31.20 43.39 61.66
N THR L 58 -30.54 44.33 60.98
CA THR L 58 -31.18 45.12 59.94
C THR L 58 -30.73 44.73 58.55
N PRO L 59 -31.52 43.90 57.84
CA PRO L 59 -31.17 43.46 56.49
C PRO L 59 -31.05 44.65 55.54
N ALA L 60 -30.27 44.48 54.48
CA ALA L 60 -30.08 45.54 53.49
C ALA L 60 -31.32 45.56 52.59
N ASN L 61 -31.75 46.75 52.16
CA ASN L 61 -32.91 46.82 51.28
C ASN L 61 -32.45 46.76 49.84
N VAL L 62 -32.46 45.56 49.26
CA VAL L 62 -32.05 45.40 47.87
C VAL L 62 -32.82 44.30 47.17
N GLY L 63 -33.39 44.62 46.02
CA GLY L 63 -34.13 43.66 45.24
C GLY L 63 -35.15 42.82 45.98
N ILE L 64 -35.33 41.59 45.50
CA ILE L 64 -36.26 40.65 46.10
C ILE L 64 -35.46 39.78 47.07
N VAL L 65 -35.85 39.79 48.33
CA VAL L 65 -35.16 39.02 49.38
C VAL L 65 -35.80 37.62 49.51
N LYS L 66 -34.98 36.58 49.44
CA LYS L 66 -35.46 35.20 49.52
C LYS L 66 -35.34 34.58 50.90
N GLY L 67 -34.34 35.01 51.66
CA GLY L 67 -34.16 34.46 52.99
C GLY L 67 -32.80 34.80 53.59
N PHE L 68 -32.55 34.25 54.78
CA PHE L 68 -31.29 34.52 55.46
C PHE L 68 -30.65 33.24 55.99
N LEU L 69 -29.34 33.13 55.76
CA LEU L 69 -28.61 31.97 56.28
C LEU L 69 -27.88 32.54 57.50
N VAL L 70 -28.16 31.96 58.66
CA VAL L 70 -27.56 32.42 59.90
C VAL L 70 -26.58 31.38 60.45
N LYS L 71 -25.31 31.77 60.49
CA LYS L 71 -24.24 30.94 61.03
C LYS L 71 -24.13 31.31 62.52
N VAL L 72 -24.12 30.31 63.40
CA VAL L 72 -23.99 30.56 64.83
C VAL L 72 -22.90 29.66 65.40
N THR L 73 -21.92 30.24 66.09
CA THR L 73 -20.90 29.41 66.72
C THR L 73 -20.92 29.73 68.22
N ALA L 74 -20.40 28.83 69.03
CA ALA L 74 -20.38 29.07 70.46
C ALA L 74 -19.33 28.21 71.12
N ALA L 75 -18.89 28.67 72.29
CA ALA L 75 -17.91 27.94 73.09
C ALA L 75 -18.60 27.79 74.46
N ILE L 76 -18.64 26.56 74.97
CA ILE L 76 -19.28 26.29 76.24
C ILE L 76 -18.30 25.61 77.17
N THR L 77 -18.26 26.03 78.42
CA THR L 77 -17.33 25.43 79.37
C THR L 77 -18.08 24.78 80.52
N ASN L 78 -17.67 23.56 80.87
CA ASN L 78 -18.29 22.85 81.97
C ASN L 78 -17.29 22.97 83.12
N ASN L 79 -17.61 23.80 84.11
CA ASN L 79 -16.70 23.95 85.23
C ASN L 79 -17.10 23.13 86.45
N HIS L 80 -17.96 22.14 86.28
CA HIS L 80 -18.36 21.33 87.41
C HIS L 80 -17.11 20.61 87.88
N ALA L 81 -17.04 20.33 89.18
CA ALA L 81 -15.87 19.66 89.73
C ALA L 81 -15.68 18.24 89.23
N THR L 82 -16.77 17.52 88.97
CA THR L 82 -16.62 16.13 88.56
C THR L 82 -17.57 15.58 87.49
N GLU L 83 -18.73 16.19 87.34
CA GLU L 83 -19.73 15.66 86.40
C GLU L 83 -19.77 16.26 85.00
N ALA L 84 -20.11 15.42 84.02
CA ALA L 84 -20.18 15.87 82.63
C ALA L 84 -21.62 16.25 82.29
N VAL L 85 -21.80 16.71 81.05
CA VAL L 85 -23.13 17.01 80.53
C VAL L 85 -23.10 16.39 79.14
N ALA L 86 -24.27 16.04 78.64
CA ALA L 86 -24.38 15.42 77.32
C ALA L 86 -25.42 16.17 76.49
N LEU L 87 -25.25 16.14 75.17
CA LEU L 87 -26.20 16.81 74.30
C LEU L 87 -27.62 16.33 74.51
N THR L 88 -28.57 17.26 74.41
CA THR L 88 -29.97 16.90 74.49
C THR L 88 -30.30 16.42 73.06
N ASP L 89 -31.54 15.97 72.84
CA ASP L 89 -31.91 15.52 71.50
C ASP L 89 -31.83 16.63 70.45
N PHE L 90 -32.12 17.87 70.85
CA PHE L 90 -32.07 18.99 69.90
C PHE L 90 -30.67 19.62 69.84
N GLY L 91 -29.94 19.52 70.95
CA GLY L 91 -28.58 20.02 70.99
C GLY L 91 -28.34 21.43 70.45
N PRO L 92 -27.44 21.56 69.46
CA PRO L 92 -27.15 22.89 68.92
C PRO L 92 -28.31 23.60 68.24
N ALA L 93 -29.37 22.87 67.90
CA ALA L 93 -30.53 23.52 67.26
C ALA L 93 -31.15 24.49 68.27
N ASN L 94 -30.81 24.34 69.55
CA ASN L 94 -31.33 25.23 70.57
C ASN L 94 -30.41 26.43 70.87
N LEU L 95 -29.39 26.66 70.03
CA LEU L 95 -28.49 27.82 70.21
C LEU L 95 -29.30 29.10 69.97
N VAL L 96 -30.28 29.02 69.08
CA VAL L 96 -31.18 30.15 68.85
C VAL L 96 -32.51 29.69 69.43
N GLN L 97 -33.04 30.46 70.38
CA GLN L 97 -34.31 30.14 71.01
C GLN L 97 -35.49 30.58 70.16
N ARG L 98 -35.41 31.79 69.60
CA ARG L 98 -36.50 32.30 68.77
C ARG L 98 -36.01 33.21 67.66
N VAL L 99 -36.75 33.23 66.56
CA VAL L 99 -36.41 34.08 65.42
C VAL L 99 -37.71 34.73 64.96
N ILE L 100 -37.69 36.04 64.71
CA ILE L 100 -38.87 36.75 64.23
C ILE L 100 -38.45 37.70 63.12
N TYR L 101 -39.19 37.69 62.02
CA TYR L 101 -38.88 38.57 60.89
C TYR L 101 -40.06 39.51 60.59
N TYR L 102 -39.76 40.78 60.32
CA TYR L 102 -40.77 41.78 59.93
C TYR L 102 -40.29 42.39 58.62
N ASP L 103 -41.20 42.56 57.66
CA ASP L 103 -40.80 43.15 56.37
C ASP L 103 -40.84 44.67 56.41
N PRO L 104 -40.53 45.34 55.27
CA PRO L 104 -40.54 46.81 55.27
C PRO L 104 -41.87 47.50 55.67
N ASP L 105 -42.99 46.79 55.56
CA ASP L 105 -44.27 47.34 55.97
C ASP L 105 -44.59 46.96 57.40
N ASN L 106 -43.59 46.37 58.06
CA ASN L 106 -43.68 45.87 59.42
C ASN L 106 -44.69 44.73 59.59
N GLN L 107 -44.91 44.00 58.52
CA GLN L 107 -45.78 42.84 58.56
C GLN L 107 -44.87 41.69 59.02
N ARG L 108 -45.31 40.97 60.03
CA ARG L 108 -44.56 39.86 60.59
C ARG L 108 -44.70 38.63 59.70
N HIS L 109 -43.59 37.92 59.45
CA HIS L 109 -43.68 36.69 58.67
C HIS L 109 -43.41 35.60 59.70
N THR L 110 -42.31 34.86 59.56
CA THR L 110 -42.00 33.82 60.51
C THR L 110 -41.74 34.31 61.94
N GLU L 111 -42.19 33.54 62.91
CA GLU L 111 -41.96 33.78 64.34
C GLU L 111 -42.03 32.38 64.95
N THR L 112 -40.87 31.78 65.21
CA THR L 112 -40.86 30.44 65.76
C THR L 112 -39.58 30.14 66.50
N SER L 113 -39.49 28.92 67.03
CA SER L 113 -38.32 28.49 67.78
C SER L 113 -37.20 28.03 66.86
N GLY L 114 -35.96 28.08 67.37
CA GLY L 114 -34.84 27.60 66.59
C GLY L 114 -35.03 26.13 66.26
N TRP L 115 -35.51 25.33 67.20
CA TRP L 115 -35.67 23.92 66.90
C TRP L 115 -36.71 23.66 65.81
N HIS L 116 -37.81 24.41 65.79
CA HIS L 116 -38.82 24.19 64.76
C HIS L 116 -38.28 24.61 63.40
N LEU L 117 -37.62 25.76 63.34
CA LEU L 117 -37.06 26.25 62.10
C LEU L 117 -36.07 25.23 61.55
N HIS L 118 -35.24 24.68 62.43
CA HIS L 118 -34.28 23.68 62.03
C HIS L 118 -34.96 22.41 61.47
N PHE L 119 -36.03 21.94 62.11
CA PHE L 119 -36.71 20.76 61.60
C PHE L 119 -37.32 21.02 60.23
N VAL L 120 -37.81 22.23 59.99
CA VAL L 120 -38.35 22.53 58.66
C VAL L 120 -37.20 22.60 57.65
N ASN L 121 -36.05 23.16 58.05
CA ASN L 121 -34.89 23.20 57.14
C ASN L 121 -34.56 21.76 56.71
N THR L 122 -34.60 20.83 57.66
CA THR L 122 -34.34 19.42 57.36
C THR L 122 -35.43 18.85 56.43
N ALA L 123 -36.69 19.10 56.75
CA ALA L 123 -37.77 18.58 55.91
C ALA L 123 -37.65 19.08 54.47
N LYS L 124 -37.30 20.36 54.31
CA LYS L 124 -37.16 20.94 52.97
C LYS L 124 -35.94 20.41 52.23
N GLN L 125 -34.89 20.03 52.95
CA GLN L 125 -33.70 19.48 52.30
C GLN L 125 -33.92 18.01 51.89
N GLY L 126 -34.71 17.29 52.68
CA GLY L 126 -34.96 15.88 52.41
C GLY L 126 -33.94 15.02 53.15
N ALA L 127 -33.23 15.65 54.08
CA ALA L 127 -32.20 14.97 54.90
C ALA L 127 -31.79 15.93 56.01
N PRO L 128 -31.18 15.42 57.11
CA PRO L 128 -30.77 16.30 58.20
C PRO L 128 -30.02 17.49 57.60
N PHE L 129 -30.53 18.69 57.90
CA PHE L 129 -30.00 19.93 57.34
C PHE L 129 -28.48 20.10 57.42
N LEU L 130 -27.88 20.34 56.26
CA LEU L 130 -26.43 20.55 56.13
C LEU L 130 -25.58 19.46 56.78
N SER L 131 -26.11 18.24 56.85
CA SER L 131 -25.36 17.13 57.43
C SER L 131 -24.39 16.52 56.43
N SER L 132 -23.46 15.71 56.94
CA SER L 132 -22.50 14.98 56.11
C SER L 132 -22.89 13.51 56.21
N MET L 133 -23.28 12.92 55.08
CA MET L 133 -23.69 11.51 55.03
C MET L 133 -22.46 10.61 55.12
N VAL L 134 -22.58 9.49 55.82
CA VAL L 134 -21.47 8.56 55.97
C VAL L 134 -21.51 7.52 54.83
N THR L 135 -20.36 7.29 54.16
CA THR L 135 -20.30 6.31 53.09
C THR L 135 -19.00 5.51 53.23
N ASP L 136 -18.86 4.50 52.37
CA ASP L 136 -17.66 3.65 52.37
C ASP L 136 -16.55 4.25 51.49
N SER L 137 -16.71 5.47 51.00
CA SER L 137 -15.69 6.00 50.10
C SER L 137 -14.29 6.12 50.74
N PRO L 138 -13.26 5.57 50.06
CA PRO L 138 -11.90 5.66 50.62
C PRO L 138 -11.31 7.07 50.43
N ILE L 139 -11.87 7.83 49.47
CA ILE L 139 -11.45 9.22 49.23
C ILE L 139 -11.95 9.95 50.50
N LYS L 140 -11.14 10.85 51.05
CA LYS L 140 -11.52 11.47 52.32
C LYS L 140 -12.56 12.57 52.41
N TYR L 141 -13.75 12.24 51.88
CA TYR L 141 -14.93 13.08 51.99
C TYR L 141 -15.33 12.80 53.43
N GLY L 142 -16.27 13.57 53.96
CA GLY L 142 -16.72 13.31 55.31
C GLY L 142 -16.96 14.60 56.06
N ASP L 143 -16.97 14.53 57.39
CA ASP L 143 -17.14 15.74 58.18
C ASP L 143 -15.77 16.39 58.22
N VAL L 144 -15.49 17.18 57.20
CA VAL L 144 -14.21 17.86 57.06
C VAL L 144 -14.28 19.28 57.62
N MET L 145 -15.39 19.95 57.32
CA MET L 145 -15.58 21.35 57.68
C MET L 145 -16.43 21.66 58.89
N ASN L 146 -17.00 20.64 59.52
CA ASN L 146 -17.84 20.80 60.70
C ASN L 146 -18.85 21.93 60.59
N VAL L 147 -19.64 21.88 59.54
CA VAL L 147 -20.65 22.88 59.25
C VAL L 147 -21.67 22.98 60.37
N ILE L 148 -22.24 21.85 60.79
CA ILE L 148 -23.14 21.84 61.96
C ILE L 148 -22.50 20.77 62.84
N ASP L 149 -22.10 21.17 64.04
CA ASP L 149 -21.34 20.27 64.90
C ASP L 149 -21.40 20.66 66.38
N ALA L 150 -21.33 19.67 67.26
CA ALA L 150 -21.32 19.90 68.71
C ALA L 150 -20.81 18.63 69.38
N PRO L 151 -19.50 19.51 70.50
CA PRO L 151 -18.95 18.40 71.28
C PRO L 151 -20.04 17.69 72.10
N ALA L 152 -19.97 16.36 72.14
CA ALA L 152 -20.97 15.57 72.85
C ALA L 152 -21.03 15.96 74.33
N THR L 153 -19.88 16.33 74.88
CA THR L 153 -19.81 16.75 76.29
C THR L 153 -18.80 17.87 76.43
N ILE L 154 -18.96 18.67 77.48
CA ILE L 154 -17.99 19.71 77.78
C ILE L 154 -17.66 19.45 79.24
N ALA L 155 -16.44 18.99 79.49
CA ALA L 155 -15.97 18.65 80.83
C ALA L 155 -15.73 19.87 81.70
N ALA L 156 -15.71 19.67 83.02
CA ALA L 156 -15.43 20.77 83.93
C ALA L 156 -14.11 21.40 83.52
N GLY L 157 -14.11 22.73 83.38
CA GLY L 157 -12.90 23.43 83.00
C GLY L 157 -12.62 23.58 81.51
N ALA L 158 -13.45 22.96 80.67
CA ALA L 158 -13.23 22.99 79.22
C ALA L 158 -14.12 23.98 78.47
N THR L 159 -13.68 24.30 77.25
CA THR L 159 -14.40 25.19 76.36
C THR L 159 -14.70 24.41 75.06
N GLY L 160 -15.96 24.40 74.64
CA GLY L 160 -16.32 23.71 73.42
C GLY L 160 -16.74 24.69 72.34
N GLU L 161 -16.54 24.31 71.08
CA GLU L 161 -16.90 25.18 69.97
C GLU L 161 -18.04 24.53 69.20
N LEU L 162 -19.16 24.70 69.28
CA LEU L 162 -20.33 24.28 68.49
C LEU L 162 -20.51 25.20 67.28
N THR L 163 -21.11 24.64 66.24
CA THR L 163 -21.42 25.41 65.04
C THR L 163 -22.85 24.99 64.64
N MET L 164 -23.66 25.95 64.26
CA MET L 164 -25.03 25.68 63.87
C MET L 164 -25.43 26.64 62.76
N TYR L 165 -26.28 26.17 61.85
CA TYR L 165 -26.79 27.01 60.76
C TYR L 165 -28.29 26.93 60.70
N TYR L 166 -28.95 28.06 60.42
CA TYR L 166 -30.40 28.10 60.24
C TYR L 166 -30.69 28.86 58.96
N TRP L 167 -31.66 28.40 58.19
CA TRP L 167 -32.07 29.16 57.01
C TRP L 167 -33.43 29.75 57.38
N VAL L 168 -33.53 31.07 57.40
CA VAL L 168 -34.80 31.75 57.70
C VAL L 168 -35.39 32.08 56.33
N PRO L 169 -36.45 31.36 55.93
CA PRO L 169 -37.05 31.61 54.62
C PRO L 169 -38.07 32.72 54.51
N LEU L 170 -38.10 33.38 53.35
CA LEU L 170 -39.12 34.38 53.04
C LEU L 170 -39.76 33.66 51.83
N ALA L 171 -38.96 33.47 50.78
CA ALA L 171 -39.42 32.75 49.59
C ALA L 171 -39.55 31.27 49.99
N TYR L 172 -40.49 30.56 49.38
CA TYR L 172 -40.69 29.15 49.68
C TYR L 172 -39.47 28.30 49.27
N SER L 173 -38.91 28.58 48.10
CA SER L 173 -37.74 27.83 47.63
C SER L 173 -36.94 28.66 46.64
N GLU L 174 -35.91 28.06 46.06
CA GLU L 174 -35.08 28.76 45.09
C GLU L 174 -35.84 29.04 43.79
N THR L 175 -36.86 28.23 43.51
CA THR L 175 -37.63 28.39 42.27
C THR L 175 -39.06 28.89 42.47
N ASP L 176 -39.55 28.82 43.69
CA ASP L 176 -40.91 29.29 43.99
C ASP L 176 -40.75 30.52 44.90
N LEU L 177 -40.99 31.70 44.33
CA LEU L 177 -40.85 32.94 45.08
C LEU L 177 -42.03 33.35 45.96
N THR L 178 -42.96 32.37 45.44
CA THR L 178 -43.95 32.61 46.50
C THR L 178 -43.15 32.86 47.78
N GLY L 179 -43.43 33.98 48.44
CA GLY L 179 -42.73 34.29 49.68
C GLY L 179 -41.53 35.21 49.52
N ALA L 180 -41.11 35.47 48.28
CA ALA L 180 -39.97 36.36 48.04
C ALA L 180 -40.29 37.78 48.51
N VAL L 181 -39.26 38.60 48.68
CA VAL L 181 -39.43 39.96 49.14
C VAL L 181 -38.86 40.99 48.17
N LEU L 182 -39.67 41.99 47.82
CA LEU L 182 -39.21 43.04 46.93
C LEU L 182 -38.59 44.11 47.82
N ALA L 183 -37.29 44.29 47.72
CA ALA L 183 -36.60 45.28 48.54
C ALA L 183 -35.89 46.32 47.68
N ASN L 184 -37.91 46.71 46.70
CA ASN L 184 -37.56 47.89 45.91
C ASN L 184 -38.44 49.07 46.32
N VAL L 185 -38.92 49.04 47.57
CA VAL L 185 -39.74 50.16 48.14
C VAL L 185 -38.96 51.08 49.15
N PRO L 186 -38.43 52.21 48.59
CA PRO L 186 -37.80 53.18 49.45
C PRO L 186 -38.72 53.46 50.59
N GLN L 187 -38.15 53.51 51.79
CA GLN L 187 -38.83 53.81 53.05
C GLN L 187 -38.91 52.59 53.95
N SER L 188 -39.58 51.60 53.37
CA SER L 188 -39.88 50.34 54.02
C SER L 188 -38.68 49.34 54.16
N LYS L 189 -38.06 49.26 55.33
CA LYS L 189 -36.86 48.38 55.51
C LYS L 189 -37.27 46.99 56.08
N GLN L 190 -36.29 46.08 56.19
CA GLN L 190 -36.49 44.70 56.72
C GLN L 190 -35.92 44.62 58.24
N ARG L 191 -36.49 43.79 59.24
CA ARG L 191 -36.12 43.59 60.72
C ARG L 191 -35.97 42.08 61.02
N LEU L 192 -34.78 41.52 61.46
CA LEU L 192 -34.63 40.09 61.76
C LEU L 192 -34.18 39.99 63.22
N LYS L 193 -35.09 39.59 64.11
CA LYS L 193 -34.76 39.50 65.53
C LYS L 193 -34.33 38.10 65.89
N LEU L 194 -33.16 38.01 66.51
CA LEU L 194 -32.61 36.73 66.94
C LEU L 194 -32.50 36.70 68.46
N GLU L 195 -33.16 35.73 69.10
CA GLU L 195 -33.09 35.60 70.55
C GLU L 195 -32.29 34.32 70.82
N PHE L 196 -31.08 34.50 71.35
CA PHE L 196 -30.17 33.39 71.61
C PHE L 196 -30.32 32.69 72.96
N ALA L 197 -29.74 31.50 73.03
CA ALA L 197 -29.73 30.75 74.28
C ALA L 197 -28.82 31.51 75.26
N ASN L 198 -28.97 31.25 76.56
CA ASN L 198 -28.11 31.82 77.58
C ASN L 198 -27.88 30.71 78.60
N ASN L 199 -27.16 30.99 79.68
CA ASN L 199 -26.90 29.93 80.66
C ASN L 199 -28.15 29.29 81.26
N ASN L 200 -29.25 30.05 81.30
CA ASN L 200 -30.50 29.55 81.87
C ASN L 200 -31.22 28.55 80.98
N THR L 201 -31.27 28.83 79.68
CA THR L 201 -31.92 27.94 78.72
C THR L 201 -31.08 26.80 78.19
N ALA L 202 -29.77 27.00 78.10
CA ALA L 202 -28.91 25.98 77.48
C ALA L 202 -28.55 24.75 78.29
N PHE L 203 -28.61 24.84 79.61
CA PHE L 203 -28.19 23.73 80.46
C PHE L 203 -29.29 23.19 81.38
N ALA L 204 -29.61 21.92 81.23
CA ALA L 204 -30.65 21.29 82.05
C ALA L 204 -30.08 20.30 83.05
N ALA L 205 -30.54 20.40 84.30
CA ALA L 205 -30.08 19.49 85.34
C ALA L 205 -30.72 18.13 85.07
N VAL L 206 -30.18 17.08 85.70
CA VAL L 206 -30.75 15.74 85.53
C VAL L 206 -32.20 15.82 86.02
N GLY L 207 -33.13 15.22 85.28
CA GLY L 207 -34.51 15.27 85.72
C GLY L 207 -35.30 16.49 85.28
N ALA L 208 -34.60 17.52 84.79
CA ALA L 208 -35.29 18.72 84.32
C ALA L 208 -35.70 18.50 82.85
N ASN L 209 -36.63 19.30 82.35
CA ASN L 209 -37.10 19.17 80.96
C ASN L 209 -36.00 19.63 79.99
N PRO L 210 -35.51 18.74 79.09
CA PRO L 210 -34.46 19.13 78.14
C PRO L 210 -34.91 19.80 76.84
N LEU L 211 -36.21 20.02 76.69
CA LEU L 211 -36.76 20.61 75.46
C LEU L 211 -36.00 21.76 74.80
N GLU L 212 -35.69 22.79 75.59
CA GLU L 212 -35.05 24.01 75.10
C GLU L 212 -33.55 24.07 75.33
N ALA L 213 -33.03 23.04 75.98
CA ALA L 213 -31.62 22.99 76.33
C ALA L 213 -30.70 22.39 75.27
N ILE L 214 -29.42 22.70 75.39
CA ILE L 214 -28.40 22.19 74.47
C ILE L 214 -27.69 21.01 75.12
N TYR L 215 -27.41 21.13 76.43
CA TYR L 215 -26.74 20.05 77.17
C TYR L 215 -27.50 19.76 78.48
N GLN L 216 -27.48 18.50 78.88
CA GLN L 216 -28.14 18.08 80.12
C GLN L 216 -27.21 17.09 80.83
N GLY L 217 -27.14 17.19 82.16
CA GLY L 217 -26.28 16.29 82.90
C GLY L 217 -26.02 16.78 84.31
N ALA L 218 -25.37 15.95 85.11
CA ALA L 218 -25.08 16.27 86.50
C ALA L 218 -24.14 17.48 86.67
N GLY L 219 -23.51 17.92 85.59
CA GLY L 219 -22.63 19.07 85.69
C GLY L 219 -23.26 20.37 85.22
N ALA L 220 -24.54 20.32 84.87
CA ALA L 220 -25.28 21.48 84.33
C ALA L 220 -25.18 22.82 85.08
N ALA L 221 -25.36 22.78 86.41
CA ALA L 221 -25.31 24.00 87.21
C ALA L 221 -24.03 24.81 87.02
N ASP L 222 -22.93 24.16 86.70
CA ASP L 222 -21.65 24.85 86.53
C ASP L 222 -21.22 25.07 85.07
N CYS L 223 -22.16 24.92 84.14
CA CYS L 223 -21.86 25.14 82.74
C CYS L 223 -22.14 26.60 82.41
N GLU L 224 -21.31 27.17 81.55
CA GLU L 224 -21.45 28.55 81.13
C GLU L 224 -21.00 28.74 79.68
N PHE L 225 -21.70 29.60 78.95
CA PHE L 225 -21.25 29.95 77.61
C PHE L 225 -20.04 30.85 77.86
N GLU L 226 -19.04 30.80 76.96
CA GLU L 226 -17.89 31.68 77.04
C GLU L 226 -18.20 32.77 76.03
N GLU L 227 -18.83 32.37 74.92
CA GLU L 227 -19.19 33.32 73.89
C GLU L 227 -20.07 32.66 72.83
N ILE L 228 -20.78 33.51 72.09
CA ILE L 228 -21.61 33.07 70.97
C ILE L 228 -21.30 34.09 69.88
N SER L 229 -21.27 33.64 68.64
CA SER L 229 -21.03 34.54 67.52
C SER L 229 -22.04 34.19 66.44
N TYR L 230 -22.50 35.20 65.69
CA TYR L 230 -23.43 34.94 64.60
C TYR L 230 -23.00 35.78 63.43
N THR L 231 -23.34 35.29 62.25
CA THR L 231 -23.08 35.99 60.99
C THR L 231 -24.31 35.73 60.18
N VAL L 232 -24.97 36.80 59.75
CA VAL L 232 -26.17 36.69 58.96
C VAL L 232 -25.84 37.00 57.51
N TYR L 233 -26.22 36.09 56.62
CA TYR L 233 -26.03 36.25 55.18
C TYR L 233 -27.41 36.44 54.58
N GLN L 234 -27.57 37.47 53.76
CA GLN L 234 -28.84 37.74 53.10
C GLN L 234 -28.80 37.21 51.67
N SER L 235 -29.89 36.51 51.24
CA SER L 235 -29.87 35.83 49.91
C SER L 235 -30.48 36.54 48.71
N TYR L 236 -29.60 36.74 47.67
CA TYR L 236 -30.19 37.42 46.54
C TYR L 236 -29.76 37.26 45.09
N LEU L 237 -30.93 36.93 44.55
CA LEU L 237 -31.32 36.78 43.21
C LEU L 237 -30.96 38.19 42.75
N ASP L 238 -29.80 38.30 42.13
CA ASP L 238 -29.28 39.59 41.69
C ASP L 238 -29.44 39.77 40.17
N GLN L 239 -29.19 40.99 39.69
CA GLN L 239 -29.30 41.28 38.27
C GLN L 239 -30.70 40.95 37.77
N LEU L 240 -31.67 41.52 38.40
CA LEU L 240 -33.00 41.29 37.99
C LEU L 240 -33.14 41.69 36.53
N PRO L 241 -34.02 40.94 35.81
CA PRO L 241 -34.34 41.32 34.42
C PRO L 241 -35.25 42.54 34.33
N VAL L 242 -34.92 43.43 33.39
CA VAL L 242 -35.70 44.65 33.18
C VAL L 242 -36.35 44.60 31.81
N GLY L 243 -37.60 45.04 31.73
CA GLY L 243 -38.31 45.04 30.46
C GLY L 243 -39.00 46.36 30.19
N GLN L 244 -40.01 46.65 29.44
CA GLN L 244 -40.46 48.04 29.25
C GLN L 244 -41.25 48.63 30.38
N ASN L 245 -41.66 47.86 31.32
CA ASN L 245 -42.38 48.25 32.50
C ASN L 245 -41.52 48.26 33.76
N GLY L 246 -40.07 48.44 33.54
CA GLY L 246 -39.15 48.25 34.64
C GLY L 246 -38.91 46.77 34.88
N TYR L 247 -38.68 46.41 36.14
CA TYR L 247 -38.43 45.03 36.52
C TYR L 247 -39.55 44.07 36.15
N ILE L 248 -39.17 42.92 35.59
CA ILE L 248 -40.12 41.88 35.25
C ILE L 248 -40.22 41.08 36.56
N LEU L 249 -41.34 41.21 37.25
CA LEU L 249 -41.52 40.56 38.54
C LEU L 249 -42.82 39.76 38.70
N PRO L 250 -42.75 38.58 39.35
CA PRO L 250 -43.94 37.76 39.57
C PRO L 250 -44.73 38.41 40.71
N LEU L 251 -45.70 39.24 40.36
CA LEU L 251 -46.50 39.97 41.34
C LEU L 251 -47.26 39.13 42.36
N ILE L 252 -47.78 37.98 41.94
CA ILE L 252 -48.49 37.13 42.90
C ILE L 252 -47.45 36.53 43.87
N ASP L 253 -46.36 36.01 43.33
CA ASP L 253 -45.31 35.41 44.15
C ASP L 253 -44.88 36.37 45.28
N LEU L 254 -44.51 37.59 44.89
CA LEU L 254 -44.02 38.61 45.82
C LEU L 254 -45.03 39.26 46.77
N SER L 255 -46.32 38.98 46.59
CA SER L 255 -47.33 39.55 47.47
C SER L 255 -48.01 38.43 48.25
N THR L 256 -47.39 37.26 48.24
CA THR L 256 -47.91 36.12 48.98
C THR L 256 -46.90 35.84 50.09
N LEU L 257 -47.39 35.45 51.26
CA LEU L 257 -46.50 35.13 52.37
C LEU L 257 -46.44 33.62 52.50
N TYR L 258 -45.13 33.44 53.59
CA TYR L 258 -44.78 32.05 53.81
C TYR L 258 -44.16 32.13 55.19
N ASN L 259 -44.86 31.59 56.19
CA ASN L 259 -44.42 31.66 57.58
C ASN L 259 -44.34 30.35 58.35
N LEU L 260 -43.52 30.37 59.40
CA LEU L 260 -43.41 29.26 60.33
C LEU L 260 -43.82 29.86 61.66
N GLU L 261 -44.58 29.10 62.45
CA GLU L 261 -45.02 29.51 63.79
C GLU L 261 -45.20 28.26 64.62
N ASN L 262 -45.14 28.40 65.93
CA ASN L 262 -45.34 27.26 66.79
C ASN L 262 -46.17 27.65 68.00
N SER L 263 -46.77 26.67 68.65
CA SER L 263 -47.59 26.93 69.83
C SER L 263 -47.59 25.68 70.69
N ALA L 264 -48.13 25.78 71.90
CA ALA L 264 -48.18 24.64 72.80
C ALA L 264 -49.63 24.36 73.18
N GLN L 265 -49.99 23.08 73.15
CA GLN L 265 -51.34 22.66 73.49
C GLN L 265 -51.28 21.63 74.62
N ALA L 266 -52.18 21.76 75.59
CA ALA L 266 -52.22 20.83 76.72
C ALA L 266 -53.64 20.29 76.88
N GLY L 267 -53.78 19.25 77.70
CA GLY L 267 -55.08 18.65 77.93
C GLY L 267 -55.18 17.20 77.47
N LEU L 268 -54.05 16.50 77.45
CA LEU L 268 -54.02 15.12 77.02
C LEU L 268 -54.38 14.13 78.12
N THR L 269 -55.13 13.10 77.76
CA THR L 269 -55.52 12.06 78.71
C THR L 269 -55.44 10.73 77.96
N PRO L 270 -54.95 9.68 78.62
CA PRO L 270 -54.80 8.35 78.04
C PRO L 270 -55.99 7.79 77.25
N ASN L 271 -55.68 7.28 76.07
CA ASN L 271 -56.65 6.65 75.18
C ASN L 271 -57.75 7.54 74.65
N VAL L 272 -57.59 8.85 74.81
CA VAL L 272 -58.58 9.78 74.30
C VAL L 272 -57.94 10.60 73.18
N ASP L 273 -58.69 10.82 72.11
CA ASP L 273 -58.18 11.60 70.98
C ASP L 273 -57.95 13.04 71.37
N PHE L 274 -56.70 13.50 71.25
CA PHE L 274 -56.35 14.88 71.53
C PHE L 274 -56.34 15.52 70.15
N VAL L 275 -57.25 16.47 69.92
CA VAL L 275 -57.35 17.10 68.62
C VAL L 275 -56.95 18.57 68.61
N VAL L 276 -55.99 18.92 67.76
CA VAL L 276 -55.52 20.28 67.61
C VAL L 276 -56.07 20.80 66.29
N GLN L 277 -57.10 21.65 66.37
CA GLN L 277 -57.72 22.19 65.16
C GLN L 277 -56.81 23.12 64.38
N TYR L 278 -56.86 23.01 63.04
CA TYR L 278 -56.07 23.89 62.21
C TYR L 278 -56.81 25.23 62.19
N ALA L 279 -56.08 26.30 62.51
CA ALA L 279 -56.60 27.66 62.61
C ALA L 279 -57.02 28.35 61.31
N ASN L 280 -58.07 28.04 60.69
CA ASN L 280 -58.66 27.93 59.34
C ASN L 280 -58.33 29.16 58.58
N LEU L 281 -58.20 29.27 57.19
CA LEU L 281 -57.76 30.28 56.25
C LEU L 281 -56.32 30.12 55.79
N TYR L 282 -55.44 29.62 56.66
CA TYR L 282 -54.03 29.41 56.29
C TYR L 282 -53.96 28.16 55.42
N ARG L 283 -52.96 28.09 54.56
CA ARG L 283 -52.76 26.91 53.73
C ARG L 283 -51.54 26.24 54.38
N TYR L 284 -51.81 25.25 55.23
CA TYR L 284 -50.77 24.53 55.97
C TYR L 284 -50.01 23.49 55.16
N LEU L 285 -48.75 23.80 54.89
CA LEU L 285 -47.85 22.94 54.11
C LEU L 285 -47.26 21.78 54.91
N SER L 286 -46.98 22.01 56.20
CA SER L 286 -46.47 20.94 57.04
C SER L 286 -46.83 21.20 58.49
N THR L 287 -46.84 20.13 59.26
CA THR L 287 -47.14 20.16 60.67
C THR L 287 -46.14 19.31 61.42
N ILE L 288 -45.61 19.85 62.50
CA ILE L 288 -44.70 19.13 63.35
C ILE L 288 -45.36 19.11 64.72
N ALA L 289 -45.39 17.94 65.34
CA ALA L 289 -45.97 17.78 66.67
C ALA L 289 -44.91 17.15 67.56
N VAL L 290 -44.56 17.83 68.64
CA VAL L 290 -43.57 17.31 69.58
C VAL L 290 -44.31 16.93 70.85
N PHE L 291 -44.25 15.64 71.21
CA PHE L 291 -44.91 15.19 72.41
C PHE L 291 -43.97 15.32 73.62
N ASP L 292 -44.02 16.48 74.25
CA ASP L 292 -43.22 16.73 75.45
C ASP L 292 -44.06 16.13 76.56
N ASN L 293 -43.80 14.85 76.84
CA ASN L 293 -44.54 14.13 77.87
C ASN L 293 -43.98 14.43 79.26
N GLY L 294 -44.23 15.64 79.73
CA GLY L 294 -43.72 16.03 81.05
C GLY L 294 -42.22 15.98 81.17
N GLY L 295 -41.52 16.36 80.11
CA GLY L 295 -40.06 16.35 80.14
C GLY L 295 -39.49 15.07 79.59
N SER L 296 -40.35 14.10 79.32
CA SER L 296 -39.89 12.84 78.75
C SER L 296 -40.21 12.84 77.26
N PHE L 297 -39.24 12.40 76.46
CA PHE L 297 -39.41 12.32 75.01
C PHE L 297 -39.20 10.87 74.63
N ASN L 298 -40.28 10.23 74.20
CA ASN L 298 -40.28 8.82 73.86
C ASN L 298 -40.40 8.51 72.39
N ALA L 299 -39.79 7.39 71.99
CA ALA L 299 -39.85 6.94 70.60
C ALA L 299 -41.16 6.21 70.29
N GLY L 300 -42.25 6.97 70.26
CA GLY L 300 -43.56 6.43 69.93
C GLY L 300 -44.28 5.54 70.92
N THR L 301 -43.55 5.00 71.90
CA THR L 301 -44.14 4.09 72.87
C THR L 301 -45.24 4.66 73.77
N ASP L 302 -45.37 5.98 73.81
CA ASP L 302 -46.42 6.60 74.62
C ASP L 302 -47.61 7.06 73.78
N ILE L 303 -47.67 6.60 72.53
CA ILE L 303 -48.74 6.96 71.61
C ILE L 303 -49.42 5.75 70.96
N ASN L 304 -50.74 5.78 70.87
CA ASN L 304 -51.49 4.69 70.22
C ASN L 304 -51.48 4.95 68.71
N TYR L 305 -51.81 6.17 68.32
CA TYR L 305 -51.80 6.56 66.91
C TYR L 305 -51.84 8.07 66.74
N LEU L 306 -51.56 8.52 65.51
CA LEU L 306 -51.60 9.93 65.15
C LEU L 306 -52.44 9.99 63.88
N SER L 307 -53.00 11.15 63.59
CA SER L 307 -53.82 11.25 62.38
C SER L 307 -54.15 12.69 62.03
N GLN L 308 -54.72 12.86 60.85
CA GLN L 308 -55.22 14.15 60.39
C GLN L 308 -56.66 13.77 60.12
N ARG L 309 -57.59 14.55 60.66
CA ARG L 309 -59.01 14.25 60.54
C ARG L 309 -59.80 15.47 60.14
N THR L 310 -60.82 15.27 59.30
CA THR L 310 -61.65 16.38 58.86
C THR L 310 -63.02 16.31 59.51
N ALA L 311 -63.78 17.39 59.37
CA ALA L 311 -65.12 17.45 59.92
C ALA L 311 -65.92 16.33 59.25
N ASN L 312 -65.90 15.43 59.91
CA ASN L 312 -66.64 14.25 59.57
C ASN L 312 -66.04 13.26 60.46
N PHE L 313 -65.32 12.86 60.89
CA PHE L 313 -64.67 11.95 61.79
C PHE L 313 -63.81 10.97 61.06
N SER L 314 -63.67 11.55 59.72
CA SER L 314 -63.02 10.75 58.69
C SER L 314 -61.51 11.02 58.69
N ASP L 315 -60.73 9.99 58.99
CA ASP L 315 -59.27 10.08 59.04
C ASP L 315 -58.63 9.80 57.68
N THR L 316 -57.72 10.66 57.23
CA THR L 316 -57.03 10.48 55.95
C THR L 316 -55.71 9.72 56.12
N ARG L 317 -55.24 9.61 57.36
CA ARG L 317 -54.01 8.90 57.65
C ARG L 317 -53.84 8.56 59.12
N LYS L 318 -54.75 7.75 59.65
CA LYS L 318 -54.69 7.32 61.04
C LYS L 318 -53.70 6.17 61.12
N LEU L 319 -52.51 6.46 61.65
CA LEU L 319 -51.43 5.48 61.71
C LEU L 319 -50.79 5.24 63.07
N ASP L 320 -50.34 4.01 63.29
CA ASP L 320 -49.64 3.65 64.51
C ASP L 320 -48.33 4.43 64.38
N PRO L 321 -47.63 4.69 65.50
CA PRO L 321 -46.39 5.46 65.44
C PRO L 321 -45.29 4.98 64.49
N LYS L 322 -45.04 3.69 64.40
CA LYS L 322 -43.98 3.24 63.49
C LYS L 322 -44.34 3.47 62.02
N THR L 323 -45.61 3.31 61.68
CA THR L 323 -46.02 3.50 60.30
C THR L 323 -46.01 4.97 59.98
N TRP L 324 -46.34 5.80 60.96
CA TRP L 324 -46.28 7.25 60.78
C TRP L 324 -44.81 7.60 60.51
N ALA L 325 -43.91 7.04 61.32
CA ALA L 325 -42.46 7.26 61.17
C ALA L 325 -41.98 6.79 59.78
N ALA L 326 -42.56 5.71 59.29
CA ALA L 326 -42.19 5.19 57.98
C ALA L 326 -42.42 6.27 56.92
N GLN L 327 -43.56 6.95 56.98
CA GLN L 327 -43.84 8.01 55.99
C GLN L 327 -42.79 9.11 56.08
N THR L 328 -42.37 9.43 57.30
CA THR L 328 -41.36 10.46 57.48
C THR L 328 -40.01 9.98 56.95
N ARG L 329 -39.69 8.70 57.11
CA ARG L 329 -38.41 8.21 56.60
C ARG L 329 -38.33 8.38 55.08
N ARG L 330 -39.48 8.39 54.41
CA ARG L 330 -39.53 8.58 52.96
C ARG L 330 -39.25 10.03 52.61
N ARG L 331 -39.48 10.91 53.58
CA ARG L 331 -39.28 12.34 53.36
C ARG L 331 -37.90 12.87 53.73
N ILE L 332 -37.33 12.42 54.85
CA ILE L 332 -36.01 12.91 55.27
C ILE L 332 -34.91 11.85 55.43
N ALA L 333 -35.20 10.65 54.93
CA ALA L 333 -34.25 9.54 54.93
C ALA L 333 -33.79 9.05 56.29
N THR L 334 -34.53 9.41 57.33
CA THR L 334 -34.20 9.01 58.70
C THR L 334 -35.36 9.44 59.60
N ASP L 335 -35.26 9.27 60.91
CA ASP L 335 -36.33 9.69 61.81
C ASP L 335 -35.96 11.00 62.48
N PHE L 336 -36.98 11.80 62.83
CA PHE L 336 -36.74 13.03 63.60
C PHE L 336 -36.46 12.51 65.03
N PRO L 337 -35.91 13.37 65.91
CA PRO L 337 -35.61 12.93 67.30
C PRO L 337 -36.82 12.42 68.06
N LYS L 338 -36.55 11.69 69.15
CA LYS L 338 -37.62 11.12 69.98
C LYS L 338 -38.74 12.09 70.30
N GLY L 339 -39.98 11.65 70.06
CA GLY L 339 -41.11 12.49 70.36
C GLY L 339 -41.46 13.55 69.34
N VAL L 340 -40.69 13.64 68.26
CA VAL L 340 -40.96 14.62 67.21
C VAL L 340 -41.63 13.94 66.01
N TYR L 341 -42.82 14.39 65.66
CA TYR L 341 -43.56 13.81 64.56
C TYR L 341 -43.83 14.83 63.49
N TYR L 342 -43.66 14.41 62.24
CA TYR L 342 -43.79 15.28 61.08
C TYR L 342 -44.90 14.81 60.14
N CYS L 343 -45.53 15.78 59.49
CA CYS L 343 -46.59 15.51 58.52
C CYS L 343 -46.45 16.45 57.33
N ASP L 344 -46.25 15.88 56.14
CA ASP L 344 -46.09 16.64 54.89
C ASP L 344 -47.44 16.83 54.19
N ASN L 345 -47.83 18.07 53.92
CA ASN L 345 -49.08 18.38 53.21
C ASN L 345 -48.75 19.40 52.12
N ARG L 346 -47.52 19.34 51.61
CA ARG L 346 -47.07 20.30 50.61
C ARG L 346 -47.85 20.35 49.30
N ASP L 347 -48.13 19.19 48.72
CA ASP L 347 -48.85 19.13 47.46
C ASP L 347 -50.34 19.45 47.59
N LYS L 348 -50.91 19.16 48.76
CA LYS L 348 -52.31 19.45 49.03
C LYS L 348 -52.40 20.02 50.45
N PRO L 349 -52.03 21.30 50.61
CA PRO L 349 -52.04 22.00 51.91
C PRO L 349 -53.37 21.90 52.63
N ILE L 350 -53.32 21.77 53.96
CA ILE L 350 -54.54 21.70 54.74
C ILE L 350 -55.15 23.09 54.64
N TYR L 351 -56.40 23.17 54.20
CA TYR L 351 -57.05 24.47 54.03
C TYR L 351 -58.53 24.37 54.34
N THR L 352 -58.91 24.73 55.57
CA THR L 352 -60.31 24.68 55.97
C THR L 352 -60.97 25.68 55.03
N LEU L 353 -62.24 25.43 54.73
CA LEU L 353 -63.02 26.26 53.80
C LEU L 353 -62.95 25.55 52.45
N GLN L 354 -62.15 24.49 52.41
CA GLN L 354 -62.00 23.67 51.21
C GLN L 354 -62.65 22.32 51.55
N TYR L 355 -62.67 21.99 52.84
CA TYR L 355 -63.25 20.74 53.31
C TYR L 355 -63.47 20.72 54.81
N GLY L 356 -64.26 21.67 55.31
CA GLY L 356 -64.56 21.73 56.73
C GLY L 356 -63.34 21.82 57.61
N ASN L 357 -63.57 21.91 58.92
CA ASN L 357 -62.50 22.01 59.88
C ASN L 357 -61.65 20.72 59.85
N VAL L 358 -60.34 20.88 59.99
CA VAL L 358 -59.46 19.73 60.01
C VAL L 358 -58.68 19.82 61.31
N GLY L 359 -58.25 18.67 61.81
CA GLY L 359 -57.49 18.69 63.03
C GLY L 359 -56.34 17.70 63.00
N PHE L 360 -55.29 17.96 63.78
CA PHE L 360 -54.17 17.05 63.86
C PHE L 360 -54.50 16.26 65.12
N VAL L 361 -54.42 14.94 65.04
CA VAL L 361 -54.79 14.12 66.19
C VAL L 361 -53.70 13.23 66.78
N VAL L 362 -53.66 13.18 68.10
CA VAL L 362 -52.75 12.30 68.82
C VAL L 362 -53.55 11.60 69.90
N ASN L 363 -53.54 10.27 69.90
CA ASN L 363 -54.23 9.50 70.93
C ASN L 363 -53.10 8.89 71.74
N PRO L 364 -52.80 9.47 72.91
CA PRO L 364 -51.73 9.01 73.79
C PRO L 364 -52.00 7.75 74.60
N LYS L 365 -50.97 6.90 74.71
CA LYS L 365 -51.08 5.67 75.48
C LYS L 365 -50.71 5.94 76.93
N THR L 366 -49.82 6.91 77.13
CA THR L 366 -49.37 7.29 78.46
C THR L 366 -49.26 8.79 78.54
N VAL L 367 -49.70 9.38 79.65
CA VAL L 367 -49.66 10.82 79.82
C VAL L 367 -49.12 11.18 81.20
N ASN L 368 -47.90 11.74 81.23
CA ASN L 368 -47.27 12.15 82.47
C ASN L 368 -47.76 13.55 82.85
N GLN L 369 -47.40 13.98 84.06
CA GLN L 369 -47.78 15.30 84.55
C GLN L 369 -47.09 16.37 83.71
N ASN L 370 -47.83 17.42 83.37
CA ASN L 370 -47.29 18.52 82.58
C ASN L 370 -47.03 18.13 81.12
N ALA L 371 -47.82 17.18 80.62
CA ALA L 371 -47.68 16.73 79.25
C ALA L 371 -48.29 17.78 78.31
N ARG L 372 -47.73 17.91 77.11
CA ARG L 372 -48.24 18.87 76.15
C ARG L 372 -47.71 18.59 74.76
N LEU L 373 -48.41 19.11 73.76
CA LEU L 373 -47.98 18.95 72.37
C LEU L 373 -47.51 20.31 71.89
N LEU L 374 -46.28 20.35 71.40
CA LEU L 374 -45.73 21.58 70.86
C LEU L 374 -45.94 21.45 69.36
N MET L 375 -46.76 22.32 68.81
CA MET L 375 -47.10 22.30 67.39
C MET L 375 -46.31 23.31 66.58
N GLY L 376 -45.78 22.85 65.46
CA GLY L 376 -45.03 23.73 64.57
C GLY L 376 -45.70 23.69 63.20
N TYR L 377 -46.01 24.86 62.66
CA TYR L 377 -46.65 24.92 61.35
C TYR L 377 -45.87 25.72 60.34
N GLU L 378 -46.02 25.30 59.09
CA GLU L 378 -45.39 25.92 57.94
C GLU L 378 -46.64 26.25 57.08
N TYR L 379 -46.84 27.52 56.70
CA TYR L 379 -48.04 27.84 55.94
C TYR L 379 -47.94 29.06 55.05
N PHE L 380 -48.91 29.19 54.13
CA PHE L 380 -49.01 30.34 53.23
C PHE L 380 -50.29 31.06 53.66
N THR L 381 -50.27 32.39 53.59
CA THR L 381 -51.47 33.17 53.88
C THR L 381 -51.36 34.49 53.13
N SER L 382 -52.31 33.91 51.53
CA SER L 382 -52.44 34.50 50.19
C SER L 382 -53.55 35.51 50.17
N ARG L 383 -54.00 35.95 48.98
CA ARG L 383 -55.03 36.98 48.81
C ARG L 383 -56.23 36.90 49.71
N THR L 384 -56.73 35.71 49.90
CA THR L 384 -57.89 35.55 50.75
C THR L 384 -57.69 36.33 52.05
N ALA M 1 -6.77 -25.87 -46.12
CA ALA M 1 -6.02 -26.88 -46.85
C ALA M 1 -5.02 -26.30 -47.86
N LEU M 2 -3.80 -26.80 -47.78
CA LEU M 2 -2.86 -26.64 -48.89
C LEU M 2 -2.46 -27.86 -49.68
N ILE M 3 -2.58 -27.76 -50.99
CA ILE M 3 -2.07 -28.80 -51.88
C ILE M 3 -0.79 -28.34 -52.58
N ASN M 4 0.25 -29.27 -52.57
CA ASN M 4 1.51 -28.85 -53.13
C ASN M 4 1.99 -29.67 -54.30
N PRO M 5 2.21 -29.11 -55.41
CA PRO M 5 2.63 -29.75 -56.65
C PRO M 5 4.08 -29.60 -56.77
N GLN M 6 4.82 -30.65 -57.10
CA GLN M 6 4.36 -31.94 -57.43
C GLN M 6 4.00 -32.94 -56.36
N PHE M 7 4.14 -32.68 -54.97
CA PHE M 7 3.63 -33.67 -54.23
C PHE M 7 2.22 -33.32 -53.96
N PRO M 8 1.34 -33.84 -54.62
CA PRO M 8 -0.04 -33.54 -54.45
C PRO M 8 -0.67 -34.48 -53.41
N TYR M 9 -1.62 -33.95 -52.67
CA TYR M 9 -2.46 -34.71 -51.78
C TYR M 9 -3.35 -35.57 -52.59
N ALA M 10 -3.50 -37.10 -52.20
CA ALA M 10 -4.06 -37.99 -52.95
C ALA M 10 -5.38 -37.36 -53.23
N GLY M 11 -6.00 -37.65 -54.31
CA GLY M 11 -7.29 -37.08 -54.65
C GLY M 11 -8.41 -37.80 -54.00
N PRO M 12 -8.32 -38.39 -52.97
CA PRO M 12 -9.29 -39.17 -52.27
C PRO M 12 -8.56 -40.03 -51.45
N VAL M 13 -9.23 -40.67 -50.45
CA VAL M 13 -8.99 -41.99 -49.78
C VAL M 13 -9.69 -42.87 -50.80
N PRO M 14 -8.91 -43.81 -51.34
CA PRO M 14 -9.39 -44.68 -52.41
C PRO M 14 -9.88 -46.07 -51.91
N ILE M 15 -10.07 -46.89 -52.90
CA ILE M 15 -10.67 -48.18 -52.83
C ILE M 15 -10.08 -49.28 -52.16
N PRO M 16 -8.94 -49.17 -51.53
CA PRO M 16 -8.11 -50.05 -50.77
C PRO M 16 -8.58 -49.97 -49.34
N GLY M 17 -9.54 -49.25 -49.02
CA GLY M 17 -9.98 -49.24 -47.61
C GLY M 17 -10.54 -50.61 -47.12
N PRO M 18 -10.29 -50.96 -45.83
CA PRO M 18 -10.70 -52.26 -45.16
C PRO M 18 -11.98 -52.06 -44.43
N ALA M 19 -13.12 -52.68 -45.08
CA ALA M 19 -14.44 -52.55 -44.47
C ALA M 19 -14.33 -53.52 -43.32
N PRO M 20 -14.41 -53.07 -42.13
CA PRO M 20 -14.19 -53.94 -40.98
C PRO M 20 -15.32 -54.68 -40.38
N THR M 21 -16.49 -54.25 -40.72
CA THR M 21 -17.62 -54.87 -40.02
C THR M 21 -18.84 -54.55 -40.77
N GLU M 22 -20.09 -55.37 -40.44
CA GLU M 22 -21.31 -55.05 -40.93
C GLU M 22 -22.21 -54.65 -39.77
N THR M 23 -21.65 -54.53 -38.61
CA THR M 23 -22.32 -54.14 -37.37
C THR M 23 -22.65 -52.68 -37.44
N MET M 24 -23.72 -52.42 -37.99
CA MET M 24 -24.17 -51.11 -38.26
C MET M 24 -25.36 -50.89 -37.87
N PRO M 25 -26.04 -52.10 -37.20
CA PRO M 25 -27.48 -52.07 -37.00
C PRO M 25 -27.86 -51.84 -35.57
N LEU M 26 -28.75 -50.95 -35.48
CA LEU M 26 -29.36 -50.60 -34.19
C LEU M 26 -30.72 -51.30 -34.29
N LEU M 27 -30.86 -52.21 -33.39
CA LEU M 27 -32.19 -52.93 -33.46
C LEU M 27 -33.21 -52.06 -32.73
N ASN M 28 -34.30 -51.65 -33.42
CA ASN M 28 -35.38 -50.89 -32.86
C ASN M 28 -35.86 -51.57 -31.62
N TYR M 29 -36.21 -50.76 -30.69
CA TYR M 29 -36.65 -51.22 -29.38
C TYR M 29 -38.12 -51.34 -29.40
N ARG M 30 -38.67 -52.43 -28.98
CA ARG M 30 -40.14 -52.49 -28.93
C ARG M 30 -40.48 -52.71 -27.44
N VAL M 31 -41.40 -51.92 -26.76
CA VAL M 31 -41.65 -52.17 -25.32
C VAL M 31 -43.04 -51.74 -24.84
N GLU M 32 -43.56 -52.30 -23.80
CA GLU M 32 -44.85 -51.92 -23.17
C GLU M 32 -44.58 -51.56 -21.70
N GLY M 33 -44.91 -50.37 -21.29
CA GLY M 33 -44.51 -49.93 -19.95
C GLY M 33 -45.71 -49.48 -19.15
N ARG M 34 -45.82 -50.10 -17.97
CA ARG M 34 -46.97 -49.94 -17.07
C ARG M 34 -46.54 -49.54 -15.64
N ILE M 35 -46.94 -48.35 -15.23
CA ILE M 35 -46.59 -47.84 -13.84
C ILE M 35 -47.92 -47.68 -13.06
N ALA M 36 -48.45 -48.85 -12.58
CA ALA M 36 -49.85 -48.85 -11.98
C ALA M 36 -50.31 -49.13 -10.67
N GLY M 37 -49.63 -48.96 -9.66
CA GLY M 37 -49.72 -49.15 -8.24
C GLY M 37 -50.91 -48.30 -7.79
N ILE M 38 -51.63 -48.77 -6.86
CA ILE M 38 -52.76 -48.06 -6.29
C ILE M 38 -52.23 -46.74 -5.68
N GLN M 39 -52.92 -45.66 -5.97
CA GLN M 39 -52.52 -44.33 -5.40
C GLN M 39 -53.37 -44.02 -4.24
N GLN M 40 -53.07 -43.68 -3.01
CA GLN M 40 -54.01 -43.19 -1.97
C GLN M 40 -54.07 -41.69 -1.87
N ALA M 41 -55.21 -41.14 -1.84
CA ALA M 41 -55.33 -39.62 -1.85
C ALA M 41 -54.80 -38.96 -0.66
N ARG M 42 -53.72 -38.88 -0.25
CA ARG M 42 -53.26 -38.09 0.91
C ARG M 42 -51.80 -38.31 1.16
N GLN M 43 -51.14 -37.37 1.75
CA GLN M 43 -49.70 -37.41 2.15
C GLN M 43 -49.63 -36.79 3.50
N PHE M 44 -48.82 -37.21 4.37
CA PHE M 44 -48.75 -36.51 5.62
C PHE M 44 -47.67 -35.51 5.66
N MET M 45 -47.80 -34.31 6.22
CA MET M 45 -46.68 -33.36 6.39
C MET M 45 -46.68 -32.87 7.76
N PRO M 46 -45.66 -32.11 8.40
CA PRO M 46 -45.68 -31.42 9.41
C PRO M 46 -46.54 -30.26 9.14
N PHE M 47 -46.41 -29.45 8.39
CA PHE M 47 -47.27 -28.36 8.08
C PHE M 47 -47.30 -27.94 6.76
N LEU M 48 -48.36 -27.81 6.10
CA LEU M 48 -48.45 -27.21 4.79
C LEU M 48 -49.40 -26.08 4.86
N GLN M 49 -49.54 -24.96 3.99
CA GLN M 49 -50.33 -24.01 3.97
C GLN M 49 -50.50 -23.04 5.14
N GLY M 50 -49.73 -23.04 6.11
CA GLY M 50 -49.91 -22.07 7.23
C GLY M 50 -49.05 -20.85 7.08
N PRO M 51 -49.53 -19.69 7.44
CA PRO M 51 -48.76 -18.46 7.42
C PRO M 51 -48.63 -17.92 8.85
N HIS M 52 -47.72 -18.53 9.54
CA HIS M 52 -47.57 -18.41 10.96
C HIS M 52 -47.33 -16.99 11.45
N ARG M 53 -47.84 -16.70 12.62
CA ARG M 53 -47.66 -15.32 13.13
C ARG M 53 -46.23 -15.12 13.61
N ALA M 54 -45.59 -14.03 13.17
CA ALA M 54 -44.24 -13.66 13.60
C ALA M 54 -44.33 -12.88 14.92
N VAL M 55 -45.40 -12.19 15.07
CA VAL M 55 -45.67 -11.48 16.36
C VAL M 55 -47.12 -11.37 16.37
N ALA M 56 -47.78 -11.49 17.46
CA ALA M 56 -49.19 -11.21 17.45
C ALA M 56 -49.34 -9.77 17.99
N GLU M 57 -50.52 -9.27 17.93
CA GLU M 57 -50.80 -7.99 18.53
C GLU M 57 -51.14 -8.37 19.93
N GLN M 58 -51.24 -7.38 20.71
CA GLN M 58 -51.79 -7.61 22.08
C GLN M 58 -53.31 -7.74 21.91
N THR M 59 -53.98 -8.55 22.56
CA THR M 59 -55.43 -8.85 22.52
C THR M 59 -56.03 -8.82 23.93
N TYR M 60 -57.33 -8.57 24.05
CA TYR M 60 -57.96 -8.42 25.39
C TYR M 60 -59.39 -8.66 25.44
N HIS M 61 -60.09 -8.83 26.55
CA HIS M 61 -61.48 -8.89 26.88
C HIS M 61 -61.78 -7.67 27.77
N ALA M 62 -63.02 -7.40 28.13
CA ALA M 62 -63.42 -6.23 28.88
C ALA M 62 -64.57 -6.41 29.86
N ILE M 63 -64.48 -5.68 30.95
CA ILE M 63 -65.47 -5.69 32.00
C ILE M 63 -65.59 -4.38 32.74
N GLY M 64 -66.66 -3.99 33.29
CA GLY M 64 -66.82 -2.93 34.17
C GLY M 64 -67.75 -3.16 35.12
N THR M 65 -67.99 -2.87 36.14
CA THR M 65 -69.05 -2.86 36.96
C THR M 65 -69.12 -2.19 38.17
N GLY M 66 -70.17 -1.58 38.56
CA GLY M 66 -70.27 -1.02 39.86
C GLY M 66 -71.28 -0.24 40.18
N ILE M 67 -71.40 0.81 41.15
CA ILE M 67 -72.30 1.73 41.22
C ILE M 67 -71.77 3.13 41.44
N GLN M 68 -72.49 4.08 41.62
CA GLN M 68 -72.18 5.50 41.82
C GLN M 68 -72.35 5.80 43.27
N MET M 69 -71.35 5.82 44.02
CA MET M 69 -71.46 6.09 45.45
C MET M 69 -70.45 7.07 45.88
N GLY M 70 -70.67 7.93 46.85
CA GLY M 70 -69.68 8.91 47.36
C GLY M 70 -69.75 9.58 48.76
N GLN M 71 -68.63 9.87 49.36
CA GLN M 71 -68.55 10.58 50.71
C GLN M 71 -67.94 11.93 50.29
N THR M 72 -68.55 13.07 50.65
CA THR M 72 -68.07 14.44 50.22
C THR M 72 -68.02 15.39 51.40
N PHE M 73 -67.13 16.32 51.27
CA PHE M 73 -66.77 17.50 52.13
C PHE M 73 -66.74 18.68 51.09
N ASN M 74 -67.44 19.80 51.49
CA ASN M 74 -67.68 21.04 50.77
C ASN M 74 -66.92 22.24 51.44
N GLN M 75 -66.66 23.20 50.53
CA GLN M 75 -66.03 24.52 50.97
C GLN M 75 -67.19 25.31 51.72
N PRO M 76 -66.70 26.03 52.65
CA PRO M 76 -67.48 26.87 53.49
C PRO M 76 -68.02 28.03 52.56
N LEU M 77 -69.16 28.54 53.26
CA LEU M 77 -69.73 29.77 52.65
C LEU M 77 -68.81 31.01 52.73
N ILE M 78 -68.77 31.93 51.89
CA ILE M 78 -67.94 33.13 51.90
C ILE M 78 -68.76 34.35 51.60
N ASN M 79 -68.24 35.52 52.10
CA ASN M 79 -68.94 36.81 51.72
C ASN M 79 -68.85 37.03 50.24
N THR M 80 -69.94 37.42 49.63
CA THR M 80 -69.94 37.75 48.22
C THR M 80 -69.45 39.16 48.00
N GLN M 81 -68.46 39.29 47.18
CA GLN M 81 -67.79 40.52 46.81
C GLN M 81 -68.73 41.58 46.21
N GLU M 82 -69.04 41.40 44.97
CA GLU M 82 -69.68 42.43 44.17
C GLU M 82 -70.90 41.82 43.50
N GLY M 83 -71.61 42.67 42.80
CA GLY M 83 -72.78 42.26 42.01
C GLY M 83 -74.05 42.38 42.83
N ASN N 5 -26.94 46.89 60.83
CA ASN N 5 -25.86 47.87 61.03
C ASN N 5 -26.37 48.99 61.91
N PRO N 6 -25.47 49.57 62.67
CA PRO N 6 -25.82 50.72 63.52
C PRO N 6 -26.64 50.35 64.74
N ASN N 7 -26.54 49.06 65.10
CA ASN N 7 -27.24 48.51 66.28
C ASN N 7 -26.55 49.11 67.53
N GLN N 8 -27.22 49.02 68.65
CA GLN N 8 -28.47 48.35 68.92
C GLN N 8 -29.70 49.06 68.41
N MET N 9 -30.69 48.30 68.03
CA MET N 9 -31.99 48.82 67.69
C MET N 9 -33.11 47.94 68.19
N THR N 10 -34.32 48.51 68.26
CA THR N 10 -35.53 47.71 68.48
C THR N 10 -36.66 48.19 67.59
N VAL N 11 -37.38 47.27 67.08
CA VAL N 11 -38.48 47.37 66.12
C VAL N 11 -39.67 46.66 66.72
N THR N 12 -40.77 47.28 66.87
CA THR N 12 -41.95 46.74 67.56
C THR N 12 -43.19 46.83 66.67
N PRO N 13 -44.17 46.03 67.03
CA PRO N 13 -45.46 45.98 66.39
C PRO N 13 -46.60 45.97 67.44
N VAL N 14 -47.79 46.54 67.00
CA VAL N 14 -48.88 46.53 67.98
C VAL N 14 -50.28 46.70 67.25
N TYR N 15 -51.18 46.03 67.87
CA TYR N 15 -52.62 46.05 67.53
C TYR N 15 -53.19 47.22 68.31
N ASN N 16 -52.39 47.80 69.19
CA ASN N 16 -52.94 48.99 69.95
C ASN N 16 -53.38 50.05 69.01
N GLY N 17 -54.89 50.51 69.28
CA GLY N 17 -55.51 51.27 68.41
C GLY N 17 -56.51 50.73 67.41
N CYS N 18 -56.72 49.78 66.95
CA CYS N 18 -57.76 49.32 66.00
C CYS N 18 -58.60 48.31 66.53
N ASP N 19 -59.71 48.01 66.21
CA ASP N 19 -60.45 46.95 66.83
C ASP N 19 -61.34 46.29 66.03
N SER N 20 -61.09 45.26 65.16
CA SER N 20 -62.07 44.79 64.25
C SER N 20 -63.21 44.03 64.88
N GLY N 21 -63.12 43.56 66.16
CA GLY N 21 -64.31 42.97 66.83
C GLY N 21 -64.15 43.18 68.33
N GLU N 22 -65.06 43.84 69.03
CA GLU N 22 -64.78 43.86 70.51
C GLU N 22 -64.87 42.47 71.16
N GLY N 23 -63.95 42.16 72.23
CA GLY N 23 -64.13 40.87 72.88
C GLY N 23 -63.61 40.90 74.38
N PRO N 24 -63.86 39.86 75.13
CA PRO N 24 -63.29 39.62 76.49
C PRO N 24 -62.54 38.29 76.49
N GLN N 25 -61.46 38.15 77.25
CA GLN N 25 -60.86 36.74 77.38
C GLN N 25 -60.75 36.34 78.81
N SER N 26 -60.84 35.08 79.56
CA SER N 26 -60.57 34.64 80.87
C SER N 26 -59.83 33.65 81.42
N VAL N 27 -59.30 33.14 82.41
CA VAL N 27 -58.71 32.36 83.26
C VAL N 27 -57.53 32.07 83.88
N ARG N 28 -56.79 31.89 84.71
CA ARG N 28 -55.48 31.51 85.13
C ARG N 28 -54.63 31.57 86.29
N GLY N 29 -54.31 30.43 87.00
CA GLY N 29 -53.58 30.41 88.30
C GLY N 29 -52.33 29.57 88.53
N TYR N 30 -51.43 29.94 89.38
CA TYR N 30 -50.18 29.17 89.64
C TYR N 30 -49.44 29.61 90.88
N PHE N 31 -48.48 28.81 91.32
CA PHE N 31 -47.74 29.14 92.52
C PHE N 31 -46.29 29.38 92.35
N ASP N 32 -45.39 28.53 92.27
CA ASP N 32 -43.93 28.76 92.23
C ASP N 32 -43.21 28.67 90.89
N ALA N 33 -43.84 28.16 89.87
CA ALA N 33 -43.16 28.01 88.56
C ALA N 33 -43.48 29.05 87.58
N VAL N 34 -42.89 29.17 86.46
CA VAL N 34 -43.16 30.17 85.43
C VAL N 34 -44.37 29.69 84.61
N ALA N 35 -45.43 30.50 84.49
CA ALA N 35 -46.67 30.26 83.75
C ALA N 35 -46.64 30.98 82.45
N GLY N 36 -47.13 30.31 81.45
CA GLY N 36 -47.05 30.77 80.11
C GLY N 36 -48.38 30.86 79.45
N GLU N 37 -48.51 31.89 78.68
CA GLU N 37 -49.72 32.14 77.99
C GLU N 37 -49.32 32.13 76.53
N ASN N 38 -49.79 31.07 75.85
CA ASN N 38 -49.57 30.96 74.37
C ASN N 38 -50.78 31.32 73.62
N VAL N 39 -50.77 32.18 72.69
CA VAL N 39 -52.03 32.41 71.99
C VAL N 39 -52.05 31.82 70.61
N LYS N 40 -52.97 30.94 70.22
CA LYS N 40 -53.18 30.44 68.85
C LYS N 40 -54.53 31.11 68.44
N TYR N 41 -54.76 32.12 67.78
CA TYR N 41 -55.81 33.05 67.58
C TYR N 41 -56.11 33.46 66.16
N ASP N 42 -55.81 32.67 65.20
CA ASP N 42 -56.11 32.99 63.79
C ASP N 42 -57.62 33.02 63.45
N LEU N 43 -58.46 32.24 64.10
CA LEU N 43 -59.91 32.20 63.78
C LEU N 43 -60.78 33.22 64.51
N THR N 44 -60.72 33.51 65.81
CA THR N 44 -61.29 34.38 66.47
C THR N 44 -60.61 35.52 67.16
N TYR N 45 -59.40 35.83 66.93
CA TYR N 45 -58.68 36.77 67.73
C TYR N 45 -58.32 38.14 67.27
N LEU N 46 -57.96 38.89 68.29
CA LEU N 46 -57.51 40.28 68.33
C LEU N 46 -56.43 40.46 69.49
N ALA N 47 -55.58 41.46 69.48
CA ALA N 47 -54.55 41.87 70.50
C ALA N 47 -55.14 43.08 71.16
N ASP N 48 -55.02 43.11 72.50
CA ASP N 48 -55.65 44.10 73.30
C ASP N 48 -54.92 44.40 74.60
N THR N 49 -55.49 45.36 75.31
CA THR N 49 -54.93 45.70 76.63
C THR N 49 -55.44 44.65 77.67
N GLN N 50 -54.54 44.35 78.68
CA GLN N 50 -54.92 43.31 79.67
C GLN N 50 -55.17 43.93 81.03
N GLY N 51 -56.10 43.36 81.74
CA GLY N 51 -56.47 43.90 83.05
C GLY N 51 -56.19 42.85 84.11
N PHE N 52 -55.33 43.20 85.02
CA PHE N 52 -54.88 42.22 85.98
C PHE N 52 -55.29 42.65 87.37
N THR N 53 -56.03 41.74 87.99
CA THR N 53 -56.60 41.96 89.34
C THR N 53 -56.00 40.96 90.29
N GLY N 54 -55.40 41.40 91.37
CA GLY N 54 -54.73 40.50 92.32
C GLY N 54 -55.45 40.31 93.56
N VAL N 55 -56.59 40.58 93.82
CA VAL N 55 -57.42 40.27 94.92
C VAL N 55 -56.72 39.98 96.21
N GLN N 56 -56.93 38.49 96.90
CA GLN N 56 -56.39 38.20 97.95
C GLN N 56 -54.96 37.87 97.88
N CYS N 57 -54.42 37.80 96.68
CA CYS N 57 -53.03 37.52 96.43
C CYS N 57 -52.28 38.85 96.40
N ILE N 58 -51.68 39.30 97.10
CA ILE N 58 -50.79 40.46 97.22
C ILE N 58 -49.25 40.26 96.96
N TYR N 59 -48.81 39.18 96.33
CA TYR N 59 -47.56 38.91 95.71
C TYR N 59 -47.52 39.79 94.46
N ILE N 60 -46.48 39.79 93.72
CA ILE N 60 -46.45 40.65 92.52
C ILE N 60 -47.39 40.14 91.38
N ASP N 61 -47.97 41.07 90.59
CA ASP N 61 -48.73 40.77 89.37
C ASP N 61 -47.65 40.79 88.34
N ASN N 62 -47.45 39.98 87.41
CA ASN N 62 -46.38 40.06 86.39
C ASN N 62 -47.00 40.12 85.00
N ALA N 63 -46.60 41.02 84.10
CA ALA N 63 -47.09 41.04 82.73
C ALA N 63 -45.87 40.95 81.81
N GLU N 64 -45.85 40.03 80.84
CA GLU N 64 -44.76 39.84 79.88
C GLU N 64 -45.27 40.01 78.43
N ASN N 65 -45.02 41.05 77.67
CA ASN N 65 -45.19 41.20 76.41
C ASN N 65 -44.33 40.34 75.63
N ASP N 66 -44.44 40.00 74.59
CA ASP N 66 -43.60 39.21 73.72
C ASP N 66 -42.25 39.84 73.32
N GLY N 67 -41.45 39.20 72.68
CA GLY N 67 -40.15 39.62 72.19
C GLY N 67 -40.12 40.89 71.39
N ALA N 68 -41.34 41.36 70.63
CA ALA N 68 -41.44 42.48 70.15
C ALA N 68 -41.83 43.68 70.95
N PHE N 69 -42.38 43.48 72.08
CA PHE N 69 -42.57 44.64 72.97
C PHE N 69 -42.21 44.25 74.35
N GLU N 70 -41.07 44.67 74.88
CA GLU N 70 -40.62 44.21 76.16
C GLU N 70 -41.05 45.11 77.30
N ILE N 71 -42.34 44.96 77.59
CA ILE N 71 -43.05 45.53 78.69
C ILE N 71 -43.00 44.61 79.90
N ASP N 72 -42.67 45.20 81.02
CA ASP N 72 -42.65 44.52 82.31
C ASP N 72 -43.87 45.09 83.07
N VAL N 73 -44.82 44.24 83.27
CA VAL N 73 -46.05 44.68 84.03
C VAL N 73 -45.76 44.53 85.52
N GLU N 74 -45.82 45.62 86.27
CA GLU N 74 -45.54 45.64 87.77
C GLU N 74 -46.84 45.90 88.39
N GLU N 75 -47.14 45.00 89.30
CA GLU N 75 -48.32 44.97 90.05
C GLU N 75 -48.15 44.72 91.54
N THR N 76 -48.97 45.25 92.40
CA THR N 76 -48.99 44.91 93.80
C THR N 76 -50.29 45.37 94.35
N GLY N 77 -51.06 44.39 95.15
CA GLY N 77 -52.33 44.88 95.69
C GLY N 77 -53.53 44.60 94.79
N GLN N 78 -54.55 45.40 94.99
CA GLN N 78 -55.78 45.34 94.24
C GLN N 78 -55.62 45.74 92.81
N ARG N 79 -56.46 45.24 91.97
CA ARG N 79 -56.41 45.40 90.52
C ARG N 79 -56.62 46.72 90.06
N ILE N 80 -56.39 46.87 88.60
CA ILE N 80 -56.43 48.16 87.81
C ILE N 80 -56.67 47.91 86.30
N LYS N 81 -56.68 48.99 85.43
CA LYS N 81 -56.81 48.73 83.96
C LYS N 81 -55.54 49.21 83.23
N CYS N 82 -55.01 48.30 82.62
CA CYS N 82 -53.73 48.30 82.00
C CYS N 82 -53.84 48.09 80.55
N PRO N 83 -52.90 48.71 79.92
CA PRO N 83 -52.74 48.64 78.46
C PRO N 83 -51.44 47.92 78.16
N ALA N 84 -51.42 46.79 77.59
CA ALA N 84 -50.14 46.12 77.28
C ALA N 84 -49.73 46.67 75.96
N GLY N 85 -48.55 46.57 75.61
CA GLY N 85 -47.94 46.85 74.34
C GLY N 85 -47.49 45.46 73.85
N LYS N 86 -48.47 44.82 73.14
CA LYS N 86 -48.29 43.60 72.65
C LYS N 86 -47.69 43.66 71.27
N GLN N 87 -47.14 42.53 71.06
CA GLN N 87 -46.60 42.21 69.77
C GLN N 87 -47.73 41.75 68.89
N GLY N 88 -47.55 41.92 67.61
CA GLY N 88 -48.53 41.45 66.66
C GLY N 88 -48.41 39.94 66.54
N TYR N 89 -47.17 39.37 66.50
CA TYR N 89 -46.87 37.92 66.55
C TYR N 89 -47.41 37.54 67.86
N PHE N 90 -48.00 36.45 68.09
CA PHE N 90 -48.76 36.30 69.35
C PHE N 90 -47.87 35.98 70.49
N PRO N 91 -48.02 36.64 71.66
CA PRO N 91 -47.30 36.12 72.78
C PRO N 91 -48.01 36.49 74.06
N LEU N 92 -47.68 35.74 75.11
CA LEU N 92 -48.18 35.94 76.43
C LEU N 92 -47.18 35.46 77.48
N LEU N 93 -46.85 36.28 78.43
CA LEU N 93 -45.97 35.84 79.54
C LEU N 93 -46.55 36.23 80.82
N VAL N 94 -46.53 35.40 81.81
CA VAL N 94 -47.06 35.83 83.10
C VAL N 94 -46.28 35.28 84.25
N PRO N 95 -46.06 36.05 85.32
CA PRO N 95 -45.40 35.47 86.43
C PRO N 95 -45.89 36.02 87.68
N GLY N 96 -46.12 35.15 88.64
CA GLY N 96 -46.52 35.58 89.99
C GLY N 96 -45.42 35.26 90.99
N ARG N 97 -45.09 36.22 91.82
CA ARG N 97 -44.04 36.11 92.87
C ARG N 97 -44.56 35.58 94.17
N ALA N 98 -45.89 35.50 94.33
CA ALA N 98 -46.38 34.92 95.50
C ALA N 98 -46.66 33.44 95.31
N LYS N 99 -46.86 32.75 96.39
CA LYS N 99 -47.25 31.33 96.27
C LYS N 99 -48.75 31.25 96.23
N PHE N 100 -49.27 30.21 95.64
CA PHE N 100 -50.70 29.89 95.65
C PHE N 100 -51.61 31.01 95.49
N VAL N 101 -51.78 31.29 94.14
CA VAL N 101 -52.48 32.44 93.71
C VAL N 101 -53.50 32.15 92.63
N ALA N 102 -54.38 33.09 92.62
CA ALA N 102 -55.43 33.18 91.69
C ALA N 102 -55.08 34.35 90.83
N ARG N 103 -54.97 34.11 89.56
CA ARG N 103 -54.74 35.18 88.65
C ARG N 103 -56.04 35.24 87.83
N HIS N 104 -56.56 36.39 87.73
CA HIS N 104 -57.76 36.55 86.97
C HIS N 104 -57.54 37.79 86.22
N LEU N 105 -57.05 37.51 85.06
CA LEU N 105 -56.69 38.55 84.18
C LEU N 105 -57.75 38.80 83.21
N GLY N 106 -57.77 39.97 82.75
CA GLY N 106 -58.76 40.23 81.73
C GLY N 106 -58.00 40.48 80.42
N SER N 107 -58.16 39.57 79.47
CA SER N 107 -57.54 39.90 78.16
C SER N 107 -58.56 40.64 77.33
N GLY N 108 -58.33 41.93 77.07
CA GLY N 108 -59.28 42.77 76.33
C GLY N 108 -58.91 42.86 74.89
N LYS N 109 -59.88 42.82 74.01
CA LYS N 109 -59.57 42.88 72.61
C LYS N 109 -59.52 44.36 72.20
N LYS N 110 -60.21 45.31 72.81
CA LYS N 110 -60.40 46.69 72.78
C LYS N 110 -59.65 47.76 73.57
N SER N 111 -58.86 48.56 73.09
CA SER N 111 -58.00 49.65 73.57
C SER N 111 -58.07 50.09 74.92
N VAL N 112 -58.49 50.10 75.82
CA VAL N 112 -58.68 50.07 77.23
C VAL N 112 -58.35 51.20 78.09
N PRO N 113 -58.84 51.00 79.52
CA PRO N 113 -58.41 51.91 80.62
C PRO N 113 -56.92 51.89 80.86
N LEU N 114 -56.39 53.12 80.77
CA LEU N 114 -54.92 53.35 80.78
C LEU N 114 -54.47 53.59 82.21
N PHE N 115 -55.24 53.66 83.27
CA PHE N 115 -54.84 53.85 84.60
C PHE N 115 -54.90 52.65 85.41
N PHE N 116 -54.59 53.02 86.72
CA PHE N 116 -54.55 51.90 87.72
C PHE N 116 -55.38 52.21 88.90
N LEU N 117 -56.24 51.33 89.46
CA LEU N 117 -57.29 51.61 90.43
C LEU N 117 -57.06 50.62 91.55
N ASN N 118 -57.55 50.80 92.71
CA ASN N 118 -57.39 49.86 93.78
C ASN N 118 -58.59 49.09 93.83
N MET O 1 -104.10 53.94 2.67
CA MET O 1 -102.87 53.32 3.19
C MET O 1 -101.73 53.30 2.22
N ASP O 2 -102.06 53.38 0.96
CA ASP O 2 -101.11 53.29 -0.15
C ASP O 2 -100.24 52.01 -0.16
N LYS O 3 -100.86 50.93 -0.28
CA LYS O 3 -100.19 49.64 -0.29
C LYS O 3 -100.04 49.13 -1.70
N LYS O 4 -98.68 48.95 -2.17
CA LYS O 4 -98.72 48.45 -3.31
C LYS O 4 -99.30 47.06 -3.42
N LYS O 5 -99.39 46.65 -4.53
CA LYS O 5 -99.81 45.35 -4.89
C LYS O 5 -98.65 44.39 -4.99
N LEU O 6 -97.49 44.44 -4.59
CA LEU O 6 -96.37 43.61 -4.82
C LEU O 6 -95.79 42.98 -3.67
N LEU O 7 -94.47 43.13 -3.57
CA LEU O 7 -93.64 42.51 -2.57
C LEU O 7 -94.21 42.42 -1.16
N TYR O 8 -94.78 43.52 -0.68
CA TYR O 8 -95.30 43.71 0.68
C TYR O 8 -96.44 42.76 1.02
N TRP O 9 -97.34 42.52 0.20
CA TRP O 9 -98.25 41.40 0.55
C TRP O 9 -97.41 40.06 0.86
N VAL O 10 -96.31 39.71 0.12
CA VAL O 10 -95.31 38.66 0.36
C VAL O 10 -94.68 38.91 1.75
N GLY O 11 -94.48 40.19 1.99
CA GLY O 11 -93.86 40.67 3.23
C GLY O 11 -94.75 40.44 4.43
N GLY O 12 -96.05 40.63 4.22
CA GLY O 12 -96.98 40.38 5.32
C GLY O 12 -96.94 38.89 5.69
N GLY O 13 -96.91 38.02 4.67
CA GLY O 13 -96.84 36.57 4.94
C GLY O 13 -95.55 36.27 5.70
N LEU O 14 -94.46 36.88 5.23
CA LEU O 14 -93.13 36.69 5.81
C LEU O 14 -93.09 37.10 7.27
N VAL O 15 -93.72 38.21 7.58
CA VAL O 15 -93.83 38.72 8.95
C VAL O 15 -94.61 37.69 9.80
N LEU O 16 -95.74 37.24 9.26
CA LEU O 16 -96.59 36.33 10.03
C LEU O 16 -95.79 35.07 10.28
N ILE O 17 -95.13 34.62 9.22
CA ILE O 17 -94.35 33.37 9.26
C ILE O 17 -93.22 33.48 10.29
N LEU O 18 -92.55 34.62 10.29
CA LEU O 18 -91.44 34.87 11.21
C LEU O 18 -91.89 34.87 12.66
N ILE O 19 -93.05 35.51 12.91
CA ILE O 19 -93.60 35.59 14.26
C ILE O 19 -94.05 34.23 14.74
N TRP O 20 -94.71 33.45 13.87
CA TRP O 20 -95.14 32.11 14.26
C TRP O 20 -93.90 31.27 14.62
N LEU O 21 -92.87 31.39 13.82
CA LEU O 21 -91.62 30.64 14.08
C LEU O 21 -91.03 31.02 15.44
N TRP O 22 -91.00 32.33 15.68
CA TRP O 22 -90.45 32.79 16.96
C TRP O 22 -91.23 32.23 18.12
N PHE O 23 -92.58 32.33 18.07
CA PHE O 23 -93.39 31.79 19.15
C PHE O 23 -93.14 30.30 19.34
N ARG O 24 -93.13 29.57 18.24
CA ARG O 24 -92.92 28.08 18.38
C ARG O 24 -91.60 27.82 19.06
N ASN O 25 -90.56 28.55 18.60
CA ASN O 25 -89.18 28.39 19.12
C ASN O 25 -89.18 28.58 20.65
N ARG O 26 -89.84 29.68 21.03
CA ARG O 26 -90.01 30.13 22.44
C ARG O 26 -90.74 29.04 23.21
N PRO O 27 -91.78 28.44 22.64
CA PRO O 27 -92.57 27.44 23.33
C PRO O 27 -92.13 26.07 22.91
N ALA O 28 -91.12 26.06 21.82
CA ALA O 28 -90.89 24.78 21.32
C ALA O 28 -89.93 23.99 22.03
N ALA O 29 -89.42 24.33 23.10
CA ALA O 29 -88.42 23.58 23.84
C ALA O 29 -89.16 22.71 24.77
N GLN O 30 -88.76 21.52 24.77
CA GLN O 30 -89.47 20.59 25.54
C GLN O 30 -89.34 20.89 26.98
N VAL O 31 -90.43 20.79 27.69
CA VAL O 31 -90.38 21.05 29.06
C VAL O 31 -89.51 20.16 29.60
N ALA O 32 -88.42 19.88 29.73
CA ALA O 32 -87.52 19.08 30.12
C ALA O 32 -86.28 19.21 30.66
N SER O 33 -85.30 18.62 30.80
CA SER O 33 -84.07 18.44 31.39
C SER O 33 -82.90 19.15 30.87
N ASN O 34 -82.95 19.97 30.02
CA ASN O 34 -81.87 20.65 29.39
C ASN O 34 -80.89 21.38 30.31
N TRP O 35 -81.23 21.61 31.56
CA TRP O 35 -80.33 22.26 32.54
C TRP O 35 -79.11 21.39 32.86
N GLU O 36 -79.18 20.11 32.55
CA GLU O 36 -78.01 19.21 32.75
C GLU O 36 -77.82 18.69 33.89
N GLY O 37 -76.70 18.30 34.66
CA GLY O 37 -76.39 17.49 35.75
C GLY O 37 -77.11 16.17 35.71
N PRO O 38 -77.07 15.49 34.60
CA PRO O 38 -77.77 14.23 34.46
C PRO O 38 -77.04 13.03 34.97
N PRO O 39 -76.29 13.13 35.99
CA PRO O 39 -75.56 12.11 36.72
C PRO O 39 -76.37 11.95 38.04
N TYR O 40 -77.16 10.91 38.09
CA TYR O 40 -78.08 10.70 39.13
C TYR O 40 -77.46 10.62 40.50
N MET O 41 -76.18 10.41 40.64
CA MET O 41 -75.53 10.35 41.95
C MET O 41 -74.88 11.62 42.44
N THR O 42 -75.32 12.74 42.16
CA THR O 42 -74.70 14.03 42.26
C THR O 42 -75.11 14.88 43.44
N TYR O 43 -75.34 14.20 44.75
CA TYR O 43 -75.70 14.98 45.89
C TYR O 43 -74.61 15.92 46.43
N ASN O 44 -73.37 15.53 46.21
CA ASN O 44 -72.29 16.44 46.66
C ASN O 44 -72.11 17.58 45.67
N GLN O 45 -71.73 17.29 44.47
CA GLN O 45 -71.60 18.20 43.35
C GLN O 45 -71.12 19.53 43.46
N PRO O 46 -69.58 19.69 43.19
CA PRO O 46 -68.83 20.96 43.22
C PRO O 46 -67.79 20.93 42.12
N GLN O 47 -68.20 21.52 41.06
CA GLN O 47 -67.46 21.44 39.86
C GLN O 47 -66.36 22.41 39.82
N ALA O 48 -66.28 23.42 40.63
CA ALA O 48 -65.18 24.42 40.44
C ALA O 48 -64.29 24.52 41.53
N GLY O 49 -64.27 25.88 42.14
CA GLY O 49 -63.56 25.96 43.30
C GLY O 49 -64.13 26.29 44.53
N SER O 50 -63.79 25.76 45.61
CA SER O 50 -64.05 26.09 46.88
C SER O 50 -64.51 27.40 47.30
N VAL O 51 -65.28 27.50 48.29
CA VAL O 51 -66.01 28.62 48.68
C VAL O 51 -67.01 29.00 47.60
N THR O 52 -68.30 28.61 47.79
CA THR O 52 -69.43 28.85 46.88
C THR O 52 -70.64 29.28 47.70
N LEU O 53 -71.70 29.63 47.02
CA LEU O 53 -72.91 30.10 47.75
C LEU O 53 -74.13 29.78 46.94
N PRO O 54 -75.28 29.77 47.66
CA PRO O 54 -76.55 29.49 46.98
C PRO O 54 -77.46 30.63 47.08
N VAL O 55 -77.46 31.51 47.97
CA VAL O 55 -78.33 32.77 47.75
C VAL O 55 -77.53 33.92 48.20
N ALA O 56 -77.88 35.13 47.72
CA ALA O 56 -77.00 36.27 48.19
C ALA O 56 -77.15 36.41 49.69
N ASP O 94 -78.72 36.60 55.60
CA ASP O 94 -79.57 37.80 55.71
C ASP O 94 -80.60 37.76 54.57
N SER O 95 -81.88 38.02 54.80
CA SER O 95 -82.86 38.04 53.71
C SER O 95 -82.91 39.41 53.11
N ILE O 96 -83.00 39.48 51.67
CA ILE O 96 -83.04 40.75 50.93
C ILE O 96 -84.38 40.84 50.24
N THR O 97 -85.17 41.77 50.55
CA THR O 97 -86.52 41.82 49.99
C THR O 97 -86.74 42.60 48.69
N SER O 98 -85.92 43.56 48.38
CA SER O 98 -86.24 44.42 47.24
C SER O 98 -85.80 44.06 45.89
N GLN O 99 -84.59 43.47 45.80
CA GLN O 99 -84.00 43.06 44.52
C GLN O 99 -83.56 41.63 44.40
N LEU O 100 -83.30 40.90 45.36
CA LEU O 100 -82.73 39.60 45.38
C LEU O 100 -83.65 38.43 45.33
N ASN O 101 -84.79 38.49 45.75
CA ASN O 101 -85.66 37.31 45.66
C ASN O 101 -85.67 36.53 44.32
N ASP O 102 -85.57 37.02 43.11
CA ASP O 102 -85.60 36.36 41.82
C ASP O 102 -84.52 35.29 41.65
N TYR O 103 -83.28 35.71 41.85
CA TYR O 103 -82.13 34.82 41.75
C TYR O 103 -82.31 33.57 42.66
N ALA O 104 -82.68 33.71 43.90
CA ALA O 104 -82.86 32.55 44.81
C ALA O 104 -83.94 31.58 44.26
N SER O 105 -85.05 32.11 43.75
CA SER O 105 -86.15 31.28 43.22
C SER O 105 -85.67 30.55 41.97
N SER O 106 -84.90 31.14 41.09
CA SER O 106 -84.39 30.46 39.92
C SER O 106 -83.44 29.35 40.28
N LEU O 107 -82.62 29.56 41.28
CA LEU O 107 -81.63 28.57 41.77
C LEU O 107 -82.33 27.34 42.33
N ASN O 108 -83.39 27.57 43.09
CA ASN O 108 -84.21 26.52 43.71
C ASN O 108 -84.94 25.75 42.59
N ASP O 109 -85.53 26.48 41.66
CA ASP O 109 -86.27 25.86 40.54
C ASP O 109 -85.35 24.95 39.76
N TYR O 110 -84.11 25.40 39.47
CA TYR O 110 -83.15 24.56 38.73
C TYR O 110 -82.78 23.30 39.54
N LEU O 111 -82.52 23.50 40.84
CA LEU O 111 -82.15 22.32 41.67
C LEU O 111 -83.32 21.32 41.65
N ALA O 112 -84.56 21.79 41.81
CA ALA O 112 -85.74 20.89 41.75
C ALA O 112 -85.86 20.22 40.40
N SER O 113 -85.58 20.97 39.32
CA SER O 113 -85.61 20.40 37.99
C SER O 113 -84.54 19.32 37.86
N GLN O 114 -83.27 19.59 38.26
CA GLN O 114 -82.21 18.62 38.06
C GLN O 114 -82.38 17.38 38.96
N ALA O 115 -83.07 17.51 40.09
CA ALA O 115 -83.24 16.38 40.98
C ALA O 115 -84.36 15.40 40.66
N GLY O 116 -84.89 15.27 39.44
CA GLY O 116 -85.92 14.25 39.16
C GLY O 116 -85.60 13.66 37.83
N VAL O 117 -85.91 12.48 37.62
#